data_6XEY
#
_entry.id   6XEY
#
loop_
_entity.id
_entity.type
_entity.pdbx_description
1 polymer 'Spike glycoprotein'
2 polymer '2-4 Heavy Chain'
3 polymer '2-4 Light Chain'
4 branched 2-acetamido-2-deoxy-beta-D-glucopyranose-(1-4)-2-acetamido-2-deoxy-beta-D-glucopyranose
5 branched beta-D-mannopyranose-(1-4)-2-acetamido-2-deoxy-beta-D-glucopyranose-(1-4)-2-acetamido-2-deoxy-beta-D-glucopyranose
6 branched beta-D-mannopyranose-(1-4)-2-acetamido-2-deoxy-beta-D-glucopyranose
7 non-polymer 2-acetamido-2-deoxy-beta-D-glucopyranose
#
loop_
_entity_poly.entity_id
_entity_poly.type
_entity_poly.pdbx_seq_one_letter_code
_entity_poly.pdbx_strand_id
1 'polypeptide(L)'
;MFVFLVLLPLVSSQCVNLTTRTQLPPAYTNSFTRGVYYPDKVFRSSVLHSTQDLFLPFFSNVTWFHAIHVSGTNGTKRFD
NPVLPFNDGVYFASTEKSNIIRGWIFGTTLDSKTQSLLIVNNATNVVIKVCEFQFCNDPFLGVYYHKNNKSWMESEFRVY
SSANNCTFEYVSQPFLMDLEGKQGNFKNLREFVFKNIDGYFKIYSKHTPINLVRDLPQGFSALEPLVDLPIGINITRFQT
LLALHRSYLTPGDSSSGWTAGAAAYYVGYLQPRTFLLKYNENGTITDAVDCALDPLSETKCTLKSFTVEKGIYQTSNFRV
QPTESIVRFPNITNLCPFGEVFNATRFASVYAWNRKRISNCVADYSVLYNSASFSTFKCYGVSPTKLNDLCFTNVYADSF
VIRGDEVRQIAPGQTGKIADYNYKLPDDFTGCVIAWNSNNLDSKVGGNYNYLYRLFRKSNLKPFERDISTEIYQAGSTPC
NGVEGFNCYFPLQSYGFQPTNGVGYQPYRVVVLSFELLHAPATVCGPKKSTNLVKNKCVNFNFNGLTGTGVLTESNKKFL
PFQQFGRDIADTTDAVRDPQTLEILDITPCSFGGVSVITPGTNTSNQVAVLYQDVNCTEVPVAIHADQLTPTWRVYSTGS
NVFQTRAGCLIGAEHVNNSYECDIPIGAGICASYQTQTNSPGSASSVASQSIIAYTMSLGAENSVAYSNNSIAIPTNFTI
SVTTEILPVSMTKTSVDCTMYICGDSTECSNLLLQYGSFCTQLNRALTGIAVEQDKNTQEVFAQVKQIYKTPPIKDFGGF
NFSQILPDPSKPSKRSFIEDLLFNKVTLADAGFIKQYGDCLGDIAARDLICAQKFNGLTVLPPLLTDEMIAQYTSALLAG
TITSGWTFGAGAALQIPFAMQMAYRFNGIGVTQNVLYENQKLIANQFNSAIGKIQDSLSSTASALGKLQDVVNQNAQALN
TLVKQLSSNFGAISSVLNDILSRLDPPEAEVQIDRLITGRLQSLQTYVTQQLIRAAEIRASANLAATKMSECVLGQSKRV
DFCGKGYHLMSFPQSAPHGVVFLHVTYVPAQEKNFTTAPAICHDGKAHFPREGVFVSNGTHWFVTQRNFYEPQIITTDNT
FVSGNCDVVIGIVNNTVYDPLQPELDSFKEELDKYFKNHTSPDVDLGDISGINASVVNIQKEIDRLNEVAKNLNESLIDL
QELGKYEQGSGYIPEAPRDGQAYVRKDGEWVLLSTFLGRSLEVLFQGPGHHHHHHHHSAWSHPQFEKGGGSGGGGSGGSA
WSHPQFEK
;
A,B,C
2 'polypeptide(L)'
;QVQLVQSGAEVKKPGASVKVSCKASGYTFTGYYMHWVRQAPGQGLEWMGWINPNSGGTNYTQMFQGRVTMTRDTSISTAY
MEVSRLRSDDTAVYYCARDRSWAVVYYYMDVWGKGTTVTVSS
;
F,H,J
3 'polypeptide(L)'
;QSALTQPPSASGSPGQSVTISCTGTSSDVGGYNYVSWYQQHPGKAPKLMIYEVSKRPSGVPDRFSGSKSGNTASLTVSGL
QAEDEADYYCSSYAGSNNLVFGGGTKLTVL
;
G,K,L
#
loop_
_chem_comp.id
_chem_comp.type
_chem_comp.name
_chem_comp.formula
BMA D-saccharide, beta linking beta-D-mannopyranose 'C6 H12 O6'
NAG D-saccharide, beta linking 2-acetamido-2-deoxy-beta-D-glucopyranose 'C8 H15 N O6'
#
# COMPACT_ATOMS: atom_id res chain seq x y z
N ALA A 27 -19.22 53.03 17.09
CA ALA A 27 -20.43 52.58 16.42
C ALA A 27 -20.23 51.21 15.81
N TYR A 28 -21.27 50.68 15.16
CA TYR A 28 -21.19 49.40 14.49
C TYR A 28 -22.12 49.37 13.28
N THR A 29 -21.61 48.82 12.19
CA THR A 29 -22.42 48.43 11.05
C THR A 29 -22.01 47.02 10.66
N ASN A 30 -22.74 46.44 9.72
CA ASN A 30 -22.45 45.07 9.31
C ASN A 30 -21.69 45.04 8.00
N SER A 31 -21.03 43.92 7.73
CA SER A 31 -20.19 43.80 6.55
C SER A 31 -20.84 43.27 5.29
N PHE A 32 -22.14 42.97 5.37
CA PHE A 32 -22.90 42.46 4.24
C PHE A 32 -22.21 41.32 3.50
N THR A 33 -21.49 41.67 2.44
CA THR A 33 -20.77 40.69 1.63
C THR A 33 -19.35 41.12 1.31
N ARG A 34 -18.91 42.25 1.85
CA ARG A 34 -17.67 42.86 1.41
C ARG A 34 -16.45 42.07 1.89
N GLY A 35 -15.31 42.37 1.29
CA GLY A 35 -14.04 41.90 1.82
C GLY A 35 -13.43 40.70 1.15
N VAL A 36 -14.03 40.20 0.06
CA VAL A 36 -13.44 39.05 -0.62
C VAL A 36 -12.33 39.53 -1.57
N TYR A 37 -11.35 38.66 -1.79
CA TYR A 37 -10.20 39.03 -2.61
C TYR A 37 -9.76 37.82 -3.42
N TYR A 38 -8.92 38.07 -4.42
CA TYR A 38 -8.34 37.00 -5.20
C TYR A 38 -7.21 36.35 -4.39
N PRO A 39 -7.33 35.10 -4.04
CA PRO A 39 -6.37 34.52 -3.07
C PRO A 39 -5.01 34.15 -3.64
N ASP A 40 -4.96 33.62 -4.86
CA ASP A 40 -3.78 32.87 -5.26
C ASP A 40 -3.23 33.18 -6.64
N LYS A 41 -3.65 34.28 -7.27
CA LYS A 41 -3.11 34.76 -8.55
C LYS A 41 -3.24 33.74 -9.67
N VAL A 42 -4.32 32.96 -9.67
CA VAL A 42 -4.54 31.93 -10.68
C VAL A 42 -5.86 32.22 -11.37
N PHE A 43 -5.84 32.35 -12.70
CA PHE A 43 -7.04 32.60 -13.46
C PHE A 43 -7.93 31.35 -13.49
N ARG A 44 -9.21 31.56 -13.24
CA ARG A 44 -10.23 30.53 -13.44
C ARG A 44 -11.44 31.18 -14.06
N SER A 45 -12.14 30.43 -14.92
CA SER A 45 -13.32 30.96 -15.57
C SER A 45 -14.46 29.96 -15.44
N SER A 46 -15.62 30.46 -15.02
CA SER A 46 -16.84 29.67 -14.82
C SER A 46 -16.61 28.49 -13.88
N VAL A 47 -15.83 28.74 -12.83
CA VAL A 47 -15.42 27.69 -11.91
C VAL A 47 -15.77 28.12 -10.49
N LEU A 48 -16.49 27.25 -9.77
CA LEU A 48 -16.78 27.44 -8.37
C LEU A 48 -15.65 26.77 -7.58
N HIS A 49 -14.68 27.57 -7.18
CA HIS A 49 -13.47 27.07 -6.52
C HIS A 49 -13.63 27.22 -5.02
N SER A 50 -13.40 26.13 -4.29
CA SER A 50 -13.53 26.12 -2.83
C SER A 50 -12.21 26.58 -2.23
N THR A 51 -12.22 27.81 -1.73
CA THR A 51 -11.01 28.43 -1.22
C THR A 51 -11.03 28.49 0.31
N GLN A 52 -9.87 28.21 0.91
CA GLN A 52 -9.68 28.34 2.35
C GLN A 52 -8.56 29.36 2.59
N ASP A 53 -8.93 30.52 3.13
CA ASP A 53 -7.98 31.58 3.43
C ASP A 53 -8.59 32.51 4.46
N LEU A 54 -7.78 33.46 4.93
CA LEU A 54 -8.22 34.42 5.94
C LEU A 54 -9.07 35.48 5.27
N PHE A 55 -10.33 35.13 5.00
CA PHE A 55 -11.28 36.09 4.47
C PHE A 55 -12.00 36.80 5.61
N LEU A 56 -12.71 37.87 5.26
CA LEU A 56 -13.60 38.49 6.22
C LEU A 56 -14.86 37.64 6.29
N PRO A 57 -15.23 37.14 7.47
CA PRO A 57 -16.50 36.43 7.60
C PRO A 57 -17.67 37.35 7.32
N PHE A 58 -18.67 36.82 6.63
CA PHE A 58 -19.80 37.63 6.20
C PHE A 58 -20.64 38.09 7.37
N PHE A 59 -21.20 39.29 7.22
CA PHE A 59 -22.12 39.93 8.17
C PHE A 59 -21.50 40.15 9.55
N SER A 60 -20.18 40.27 9.64
CA SER A 60 -19.56 40.59 10.90
C SER A 60 -19.69 42.07 11.20
N ASN A 61 -19.33 42.44 12.42
CA ASN A 61 -19.42 43.84 12.83
C ASN A 61 -18.12 44.56 12.51
N VAL A 62 -18.22 45.80 12.04
CA VAL A 62 -17.08 46.65 11.76
C VAL A 62 -17.17 47.89 12.62
N THR A 63 -16.03 48.27 13.21
CA THR A 63 -15.99 49.35 14.19
C THR A 63 -15.81 50.70 13.49
N TRP A 64 -16.92 51.20 12.95
CA TRP A 64 -16.92 52.49 12.27
C TRP A 64 -16.58 53.62 13.23
N PHE A 65 -15.83 54.60 12.76
CA PHE A 65 -15.30 55.64 13.62
C PHE A 65 -15.69 57.03 13.13
N HIS A 66 -16.22 57.85 14.05
CA HIS A 66 -16.26 59.30 13.88
C HIS A 66 -14.89 59.84 14.22
N ALA A 67 -13.97 59.81 13.25
CA ALA A 67 -12.57 60.11 13.53
C ALA A 67 -12.21 61.57 13.34
N ILE A 68 -13.18 62.44 13.09
CA ILE A 68 -12.88 63.87 12.96
C ILE A 68 -12.36 64.44 14.26
N HIS A 69 -12.92 63.99 15.40
CA HIS A 69 -12.44 64.23 16.77
C HIS A 69 -12.16 65.71 17.07
N VAL A 70 -13.04 66.60 16.60
CA VAL A 70 -13.00 67.98 17.07
C VAL A 70 -13.29 68.02 18.56
N SER A 71 -14.20 67.17 19.03
CA SER A 71 -14.40 66.92 20.44
C SER A 71 -14.34 65.42 20.69
N GLY A 72 -13.88 65.05 21.88
CA GLY A 72 -13.77 63.63 22.21
C GLY A 72 -12.41 63.02 21.99
N THR A 73 -11.36 63.63 22.54
CA THR A 73 -10.00 63.10 22.44
C THR A 73 -9.86 61.73 23.09
N ASP A 80 -10.17 60.87 19.78
CA ASP A 80 -9.08 60.96 18.82
C ASP A 80 -9.03 59.68 17.99
N ASN A 81 -8.06 59.59 17.10
CA ASN A 81 -7.92 58.40 16.27
C ASN A 81 -7.36 57.26 17.12
N PRO A 82 -8.07 56.14 17.21
CA PRO A 82 -7.65 55.07 18.13
C PRO A 82 -6.66 54.12 17.47
N VAL A 83 -5.94 53.40 18.31
CA VAL A 83 -5.03 52.35 17.87
C VAL A 83 -5.75 51.01 17.97
N LEU A 84 -5.78 50.28 16.87
CA LEU A 84 -6.54 49.04 16.77
C LEU A 84 -5.61 47.85 16.66
N PRO A 85 -6.04 46.68 17.11
CA PRO A 85 -5.19 45.48 16.98
C PRO A 85 -5.23 44.90 15.57
N PHE A 86 -4.29 44.01 15.32
CA PHE A 86 -4.04 43.39 14.02
C PHE A 86 -4.04 41.87 14.21
N ASN A 87 -5.13 41.36 14.81
CA ASN A 87 -5.15 40.01 15.38
C ASN A 87 -4.72 38.93 14.39
N ASP A 88 -5.32 38.91 13.20
CA ASP A 88 -4.89 37.93 12.20
C ASP A 88 -4.94 38.56 10.81
N GLY A 89 -4.67 39.85 10.70
CA GLY A 89 -4.90 40.57 9.46
C GLY A 89 -6.31 41.12 9.40
N VAL A 90 -6.42 42.35 8.92
CA VAL A 90 -7.65 43.11 9.04
C VAL A 90 -8.19 43.50 7.68
N TYR A 91 -9.36 44.12 7.71
CA TYR A 91 -10.01 44.71 6.56
C TYR A 91 -10.21 46.19 6.85
N PHE A 92 -10.01 47.02 5.84
CA PHE A 92 -10.09 48.46 6.02
C PHE A 92 -10.87 49.05 4.86
N ALA A 93 -11.71 50.04 5.16
CA ALA A 93 -12.47 50.75 4.15
C ALA A 93 -12.70 52.16 4.62
N SER A 94 -12.97 53.06 3.67
CA SER A 94 -13.29 54.44 3.98
C SER A 94 -14.21 54.99 2.91
N THR A 95 -14.92 56.06 3.24
CA THR A 95 -15.85 56.67 2.29
C THR A 95 -15.88 58.18 2.52
N GLU A 96 -15.08 58.89 1.72
CA GLU A 96 -14.90 60.33 1.93
C GLU A 96 -14.27 60.93 0.68
N LYS A 97 -14.69 62.15 0.33
CA LYS A 97 -14.00 62.91 -0.69
C LYS A 97 -12.87 63.76 -0.13
N SER A 98 -12.76 63.86 1.20
CA SER A 98 -11.76 64.72 1.82
C SER A 98 -10.35 64.13 1.72
N ASN A 99 -10.24 62.82 1.45
CA ASN A 99 -8.96 62.12 1.25
C ASN A 99 -8.03 62.26 2.45
N ILE A 100 -8.60 62.25 3.65
CA ILE A 100 -7.79 62.46 4.85
C ILE A 100 -7.06 61.18 5.24
N ILE A 101 -7.60 60.02 4.88
CA ILE A 101 -6.92 58.76 5.16
C ILE A 101 -5.71 58.68 4.23
N ARG A 102 -4.52 58.90 4.79
CA ARG A 102 -3.33 59.08 3.98
C ARG A 102 -2.31 57.98 4.20
N GLY A 103 -2.62 56.96 4.98
CA GLY A 103 -1.69 55.88 5.17
C GLY A 103 -1.95 55.15 6.48
N TRP A 104 -1.03 54.25 6.80
CA TRP A 104 -1.15 53.41 7.98
C TRP A 104 0.23 53.22 8.58
N ILE A 105 0.25 52.90 9.87
CA ILE A 105 1.47 52.47 10.55
C ILE A 105 1.19 51.11 11.16
N PHE A 106 2.24 50.34 11.37
CA PHE A 106 2.11 48.99 11.91
C PHE A 106 3.24 48.75 12.89
N GLY A 107 3.19 47.60 13.55
CA GLY A 107 4.27 47.22 14.44
C GLY A 107 3.77 46.38 15.60
N THR A 108 4.72 45.73 16.27
CA THR A 108 4.42 44.92 17.44
C THR A 108 4.10 45.76 18.66
N THR A 109 4.83 46.86 18.87
CA THR A 109 4.57 47.74 20.01
C THR A 109 4.59 49.19 19.57
N LEU A 110 4.88 49.42 18.29
CA LEU A 110 4.89 50.75 17.66
C LEU A 110 5.82 51.71 18.39
N ASP A 111 6.98 51.21 18.81
CA ASP A 111 7.96 52.00 19.52
C ASP A 111 9.33 51.82 18.87
N SER A 112 10.29 52.62 19.32
CA SER A 112 11.63 52.58 18.76
C SER A 112 12.37 51.29 19.08
N LYS A 113 11.94 50.54 20.09
CA LYS A 113 12.61 49.30 20.44
C LYS A 113 12.35 48.17 19.46
N THR A 114 11.11 48.01 18.99
CA THR A 114 10.77 46.87 18.15
C THR A 114 10.45 47.35 16.75
N GLN A 115 10.32 46.39 15.84
CA GLN A 115 10.14 46.68 14.42
C GLN A 115 8.78 47.32 14.17
N SER A 116 8.68 47.99 13.02
CA SER A 116 7.47 48.71 12.67
C SER A 116 7.38 48.85 11.17
N LEU A 117 6.27 49.42 10.72
CA LEU A 117 6.03 49.69 9.31
C LEU A 117 5.32 51.02 9.20
N LEU A 118 5.68 51.81 8.19
CA LEU A 118 4.93 53.01 7.85
C LEU A 118 4.53 52.94 6.39
N ILE A 119 3.28 53.29 6.12
CA ILE A 119 2.79 53.46 4.76
C ILE A 119 2.20 54.86 4.69
N VAL A 120 2.63 55.62 3.69
CA VAL A 120 2.06 56.94 3.41
C VAL A 120 1.66 56.95 1.95
N ASN A 121 0.47 57.46 1.65
CA ASN A 121 -0.06 57.40 0.29
C ASN A 121 -0.29 58.80 -0.25
N ASN A 122 0.70 59.67 -0.11
CA ASN A 122 0.60 61.04 -0.57
C ASN A 122 0.42 61.11 -2.09
N ALA A 123 0.11 62.32 -2.58
CA ALA A 123 -0.28 62.50 -3.98
C ALA A 123 0.84 62.18 -4.96
N THR A 124 2.09 62.16 -4.50
CA THR A 124 3.20 61.84 -5.39
C THR A 124 3.49 60.34 -5.42
N ASN A 125 3.87 59.75 -4.29
CA ASN A 125 4.30 58.37 -4.24
C ASN A 125 3.89 57.75 -2.92
N VAL A 126 3.81 56.42 -2.91
CA VAL A 126 3.76 55.69 -1.65
C VAL A 126 5.18 55.42 -1.17
N VAL A 127 5.41 55.60 0.12
CA VAL A 127 6.70 55.36 0.73
C VAL A 127 6.50 54.31 1.83
N ILE A 128 6.75 53.06 1.50
CA ILE A 128 6.57 51.94 2.42
C ILE A 128 7.91 51.68 3.08
N LYS A 129 7.98 51.90 4.39
CA LYS A 129 9.25 51.80 5.11
C LYS A 129 9.10 50.94 6.35
N VAL A 130 10.04 50.02 6.52
CA VAL A 130 10.20 49.25 7.76
C VAL A 130 11.36 49.87 8.52
N CYS A 131 11.07 50.44 9.69
CA CYS A 131 12.04 51.33 10.33
C CYS A 131 12.39 50.99 11.77
N GLU A 132 11.50 50.35 12.54
CA GLU A 132 11.59 50.29 14.00
C GLU A 132 11.74 51.70 14.57
N PHE A 133 10.93 52.62 14.03
CA PHE A 133 11.03 54.03 14.37
C PHE A 133 10.29 54.32 15.68
N GLN A 134 10.42 55.56 16.13
CA GLN A 134 9.67 56.05 17.28
C GLN A 134 8.49 56.87 16.78
N PHE A 135 7.28 56.42 17.11
CA PHE A 135 6.08 57.03 16.57
C PHE A 135 5.56 58.13 17.51
N CYS A 136 4.61 58.90 16.98
CA CYS A 136 4.04 60.00 17.74
C CYS A 136 3.05 59.47 18.78
N ASN A 137 2.65 60.36 19.69
CA ASN A 137 1.49 60.08 20.53
C ASN A 137 0.23 59.97 19.67
N ASP A 138 0.08 60.87 18.71
CA ASP A 138 -0.97 60.83 17.71
C ASP A 138 -0.38 61.24 16.37
N PRO A 139 -0.18 60.30 15.45
CA PRO A 139 0.57 60.59 14.23
C PRO A 139 -0.21 61.47 13.27
N PHE A 140 0.53 62.12 12.39
CA PHE A 140 -0.03 63.11 11.48
C PHE A 140 1.00 63.35 10.39
N LEU A 141 0.57 63.96 9.28
CA LEU A 141 1.49 64.31 8.21
C LEU A 141 1.52 65.82 8.06
N GLY A 142 0.38 66.46 7.80
CA GLY A 142 0.32 67.90 7.64
C GLY A 142 1.14 68.47 6.49
N VAL A 143 1.13 67.79 5.35
CA VAL A 143 1.94 68.20 4.22
C VAL A 143 1.28 69.38 3.49
N PHE A 157 4.22 66.24 6.29
CA PHE A 157 5.54 66.74 6.62
C PHE A 157 6.38 65.66 7.29
N ARG A 158 5.96 64.40 7.10
CA ARG A 158 6.60 63.22 7.69
C ARG A 158 6.74 63.33 9.21
N VAL A 159 5.69 63.83 9.87
CA VAL A 159 5.73 64.04 11.32
C VAL A 159 5.73 62.71 12.06
N TYR A 160 5.16 61.66 11.45
CA TYR A 160 4.83 60.43 12.17
C TYR A 160 6.05 59.74 12.74
N SER A 161 7.16 59.73 12.00
CA SER A 161 8.39 59.10 12.46
C SER A 161 9.30 60.16 13.08
N SER A 162 9.68 59.94 14.35
CA SER A 162 10.57 60.88 15.00
C SER A 162 12.03 60.58 14.69
N ALA A 163 12.44 59.32 14.79
CA ALA A 163 13.82 58.93 14.51
C ALA A 163 13.81 57.66 13.66
N ASN A 164 14.70 57.62 12.68
CA ASN A 164 14.69 56.55 11.70
C ASN A 164 16.11 56.07 11.41
N ASN A 165 16.30 54.76 11.49
CA ASN A 165 17.49 54.09 10.93
C ASN A 165 17.00 52.82 10.21
N CYS A 166 16.04 53.03 9.31
CA CYS A 166 15.27 51.99 8.65
C CYS A 166 16.14 50.99 7.88
N THR A 167 15.49 49.88 7.50
CA THR A 167 16.15 48.81 6.75
C THR A 167 15.56 48.58 5.37
N PHE A 168 14.23 48.59 5.23
CA PHE A 168 13.57 48.31 3.96
C PHE A 168 12.73 49.50 3.53
N GLU A 169 12.82 49.85 2.26
CA GLU A 169 12.04 50.94 1.69
C GLU A 169 11.46 50.50 0.35
N TYR A 170 10.44 51.22 -0.09
CA TYR A 170 9.74 50.87 -1.31
C TYR A 170 8.97 52.10 -1.78
N VAL A 171 9.05 52.37 -3.08
CA VAL A 171 8.33 53.48 -3.70
C VAL A 171 7.69 52.96 -4.98
N SER A 172 6.41 53.28 -5.16
CA SER A 172 5.70 52.97 -6.39
C SER A 172 4.62 54.02 -6.60
N GLN A 173 3.68 53.72 -7.48
CA GLN A 173 2.58 54.64 -7.76
C GLN A 173 1.68 54.74 -6.52
N PRO A 174 1.04 55.88 -6.29
CA PRO A 174 0.22 56.05 -5.08
C PRO A 174 -1.10 55.27 -5.17
N PHE A 175 -1.91 55.45 -4.13
CA PHE A 175 -3.13 54.68 -3.95
C PHE A 175 -4.39 55.48 -4.29
N LEU A 176 -4.26 56.66 -4.87
CA LEU A 176 -5.42 57.50 -5.17
C LEU A 176 -6.20 56.95 -6.36
N LYS A 187 -18.55 60.20 -2.36
CA LYS A 187 -19.24 58.92 -2.52
C LYS A 187 -18.28 57.81 -2.92
N ASN A 188 -16.97 58.11 -2.87
CA ASN A 188 -15.97 57.14 -3.23
C ASN A 188 -15.68 56.22 -2.04
N LEU A 189 -15.71 54.92 -2.31
CA LEU A 189 -15.51 53.89 -1.29
C LEU A 189 -14.24 53.11 -1.59
N ARG A 190 -13.20 53.33 -0.81
CA ARG A 190 -11.98 52.54 -0.90
C ARG A 190 -12.13 51.31 0.00
N GLU A 191 -11.42 50.24 -0.35
CA GLU A 191 -11.41 49.02 0.44
C GLU A 191 -10.01 48.41 0.42
N PHE A 192 -9.65 47.75 1.51
CA PHE A 192 -8.38 47.06 1.62
C PHE A 192 -8.54 45.86 2.52
N VAL A 193 -7.65 44.88 2.35
CA VAL A 193 -7.34 43.92 3.39
C VAL A 193 -5.82 43.82 3.49
N PHE A 194 -5.33 43.57 4.70
CA PHE A 194 -3.90 43.55 4.98
C PHE A 194 -3.56 42.20 5.58
N LYS A 195 -3.02 41.30 4.78
CA LYS A 195 -2.61 40.00 5.29
C LYS A 195 -1.11 39.99 5.55
N ASN A 196 -0.75 39.58 6.76
CA ASN A 196 0.64 39.43 7.17
C ASN A 196 0.88 37.95 7.44
N ILE A 197 1.22 37.21 6.39
CA ILE A 197 1.44 35.78 6.48
C ILE A 197 2.87 35.48 6.07
N ASP A 198 3.52 34.59 6.84
CA ASP A 198 4.83 33.94 6.62
C ASP A 198 5.88 34.80 5.93
N GLY A 199 6.05 36.03 6.41
CA GLY A 199 7.06 36.91 5.86
C GLY A 199 6.64 37.71 4.65
N TYR A 200 5.41 37.55 4.18
CA TYR A 200 4.90 38.30 3.05
C TYR A 200 3.73 39.15 3.50
N PHE A 201 3.92 40.46 3.50
CA PHE A 201 2.86 41.41 3.84
C PHE A 201 2.08 41.69 2.56
N LYS A 202 0.82 41.29 2.54
CA LYS A 202 0.00 41.35 1.34
C LYS A 202 -1.08 42.40 1.50
N ILE A 203 -1.13 43.34 0.57
CA ILE A 203 -2.15 44.38 0.56
C ILE A 203 -3.01 44.16 -0.68
N TYR A 204 -4.32 44.10 -0.49
CA TYR A 204 -5.27 43.99 -1.56
C TYR A 204 -6.04 45.30 -1.62
N SER A 205 -6.66 45.58 -2.76
CA SER A 205 -7.29 46.88 -2.91
C SER A 205 -8.43 46.82 -3.90
N LYS A 206 -9.35 47.76 -3.72
CA LYS A 206 -10.42 48.09 -4.66
C LYS A 206 -11.06 49.38 -4.18
N HIS A 207 -11.39 50.24 -5.13
CA HIS A 207 -12.19 51.41 -4.79
C HIS A 207 -13.29 51.60 -5.84
N THR A 208 -14.52 51.66 -5.34
CA THR A 208 -15.74 51.65 -6.11
C THR A 208 -16.55 52.88 -5.77
N PRO A 209 -17.15 53.55 -6.76
CA PRO A 209 -18.00 54.70 -6.46
C PRO A 209 -19.34 54.30 -5.86
N ILE A 210 -19.36 54.11 -4.53
CA ILE A 210 -20.58 53.66 -3.86
C ILE A 210 -21.64 54.76 -3.86
N ASN A 211 -22.87 54.37 -3.56
CA ASN A 211 -24.07 55.20 -3.67
C ASN A 211 -24.40 55.97 -2.39
N LEU A 212 -23.41 56.24 -1.52
CA LEU A 212 -23.59 57.07 -0.33
C LEU A 212 -24.66 56.52 0.60
N VAL A 213 -24.43 55.30 1.11
CA VAL A 213 -25.36 54.68 2.06
C VAL A 213 -24.94 54.87 3.51
N ARG A 214 -23.83 55.57 3.77
CA ARG A 214 -23.25 55.84 5.07
C ARG A 214 -22.83 54.57 5.82
N ASP A 215 -22.76 53.43 5.13
CA ASP A 215 -22.19 52.20 5.68
C ASP A 215 -21.67 51.37 4.52
N LEU A 216 -21.30 50.13 4.82
CA LEU A 216 -20.87 49.23 3.77
C LEU A 216 -22.08 48.85 2.91
N PRO A 217 -22.01 49.05 1.60
CA PRO A 217 -23.14 48.70 0.74
C PRO A 217 -23.35 47.21 0.64
N GLN A 218 -24.58 46.83 0.30
CA GLN A 218 -24.95 45.43 0.21
C GLN A 218 -24.42 44.77 -1.07
N GLY A 219 -23.75 45.52 -1.94
CA GLY A 219 -23.24 44.95 -3.16
C GLY A 219 -22.04 44.05 -2.93
N PHE A 220 -21.47 43.58 -4.03
CA PHE A 220 -20.37 42.62 -4.00
C PHE A 220 -19.21 43.13 -4.84
N SER A 221 -18.01 43.05 -4.28
CA SER A 221 -16.81 43.48 -4.98
C SER A 221 -15.65 42.60 -4.54
N ALA A 222 -14.78 42.28 -5.49
CA ALA A 222 -13.61 41.43 -5.23
C ALA A 222 -12.37 42.30 -5.22
N LEU A 223 -11.54 42.13 -4.19
CA LEU A 223 -10.36 42.96 -4.04
C LEU A 223 -9.20 42.39 -4.85
N GLU A 224 -8.70 43.18 -5.78
CA GLU A 224 -7.54 42.76 -6.56
C GLU A 224 -6.27 42.92 -5.75
N PRO A 225 -5.34 41.97 -5.83
CA PRO A 225 -4.06 42.12 -5.12
C PRO A 225 -3.23 43.23 -5.73
N LEU A 226 -2.61 44.02 -4.86
CA LEU A 226 -1.93 45.23 -5.28
C LEU A 226 -0.45 45.23 -4.97
N VAL A 227 -0.07 44.99 -3.72
CA VAL A 227 1.33 45.03 -3.32
C VAL A 227 1.61 43.81 -2.45
N ASP A 228 2.68 43.09 -2.78
CA ASP A 228 3.25 42.09 -1.90
C ASP A 228 4.57 42.63 -1.37
N LEU A 229 4.66 42.78 -0.05
CA LEU A 229 5.91 43.19 0.58
C LEU A 229 6.66 41.98 1.08
N PRO A 230 7.88 41.73 0.62
CA PRO A 230 8.62 40.56 1.09
C PRO A 230 9.37 40.82 2.38
N ILE A 231 8.70 41.41 3.38
CA ILE A 231 9.30 41.73 4.66
C ILE A 231 8.55 40.96 5.74
N GLY A 232 9.30 40.29 6.60
CA GLY A 232 8.71 39.62 7.74
C GLY A 232 8.92 40.37 9.04
N ILE A 233 7.90 41.10 9.50
CA ILE A 233 7.95 41.78 10.77
C ILE A 233 6.71 41.41 11.57
N ASN A 234 6.91 41.15 12.86
CA ASN A 234 5.83 40.76 13.75
C ASN A 234 4.93 41.97 14.01
N ILE A 235 3.70 41.92 13.49
CA ILE A 235 2.76 43.03 13.58
C ILE A 235 1.54 42.56 14.36
N THR A 236 1.20 43.30 15.41
CA THR A 236 0.01 43.02 16.21
C THR A 236 -0.94 44.19 16.37
N ARG A 237 -0.53 45.41 16.06
CA ARG A 237 -1.38 46.59 16.20
C ARG A 237 -1.16 47.50 15.00
N PHE A 238 -2.15 48.33 14.70
CA PHE A 238 -1.94 49.35 13.67
C PHE A 238 -2.75 50.58 14.05
N GLN A 239 -2.53 51.65 13.29
CA GLN A 239 -3.23 52.89 13.47
C GLN A 239 -3.24 53.61 12.13
N THR A 240 -4.39 54.18 11.77
CA THR A 240 -4.44 54.88 10.51
C THR A 240 -3.84 56.28 10.65
N LEU A 241 -3.50 56.86 9.50
CA LEU A 241 -2.82 58.17 9.46
C LEU A 241 -3.75 59.19 8.82
N LEU A 242 -4.01 60.27 9.54
CA LEU A 242 -4.85 61.36 9.06
C LEU A 242 -3.96 62.57 8.80
N ALA A 243 -4.38 63.41 7.86
CA ALA A 243 -3.60 64.58 7.48
C ALA A 243 -4.51 65.64 6.88
N LEU A 244 -4.70 66.73 7.62
CA LEU A 244 -5.12 67.99 7.02
C LEU A 244 -3.94 68.57 6.26
N HIS A 245 -4.24 69.51 5.34
CA HIS A 245 -3.22 69.98 4.41
C HIS A 245 -2.16 70.85 5.10
N ARG A 246 -2.42 71.34 6.31
CA ARG A 246 -1.43 72.06 7.09
C ARG A 246 -1.82 72.02 8.56
N SER A 247 -0.89 71.60 9.40
CA SER A 247 -1.07 71.61 10.85
C SER A 247 0.32 71.50 11.49
N TYR A 248 0.34 71.26 12.80
CA TYR A 248 1.57 71.27 13.56
C TYR A 248 2.41 70.03 13.28
N LEU A 249 3.73 70.18 13.39
CA LEU A 249 4.68 69.08 13.24
C LEU A 249 5.28 68.63 14.56
N THR A 250 4.74 69.09 15.68
CA THR A 250 5.22 68.66 16.99
C THR A 250 4.62 67.29 17.31
N PRO A 251 5.43 66.29 17.64
CA PRO A 251 4.90 64.94 17.85
C PRO A 251 4.20 64.73 19.20
N GLY A 252 3.90 65.78 19.94
CA GLY A 252 3.27 65.64 21.25
C GLY A 252 1.81 66.05 21.35
N ASP A 253 1.21 66.56 20.28
CA ASP A 253 -0.15 67.08 20.34
C ASP A 253 -1.17 66.01 19.97
N SER A 254 -2.42 66.24 20.38
CA SER A 254 -3.48 65.29 20.08
C SER A 254 -4.67 65.95 19.40
N SER A 255 -5.06 67.13 19.86
CA SER A 255 -6.29 67.79 19.40
C SER A 255 -6.07 69.27 19.19
N SER A 256 -4.97 69.64 18.53
CA SER A 256 -4.66 71.04 18.32
C SER A 256 -3.90 71.22 17.01
N GLY A 257 -3.90 72.45 16.52
CA GLY A 257 -3.15 72.82 15.33
C GLY A 257 -4.01 73.15 14.13
N TRP A 258 -5.03 72.35 13.86
CA TRP A 258 -5.91 72.58 12.72
C TRP A 258 -7.18 71.76 12.90
N THR A 259 -8.20 72.13 12.12
CA THR A 259 -9.45 71.38 12.03
C THR A 259 -9.52 70.78 10.63
N ALA A 260 -9.42 69.46 10.55
CA ALA A 260 -9.47 68.78 9.27
C ALA A 260 -10.92 68.56 8.84
N GLY A 261 -11.07 67.91 7.69
CA GLY A 261 -12.40 67.63 7.17
C GLY A 261 -13.05 66.46 7.88
N ALA A 262 -14.27 66.15 7.44
CA ALA A 262 -15.02 65.04 8.02
C ALA A 262 -14.39 63.72 7.64
N ALA A 263 -14.31 62.81 8.61
CA ALA A 263 -13.62 61.54 8.41
C ALA A 263 -14.53 60.39 8.80
N ALA A 264 -14.37 59.27 8.11
CA ALA A 264 -15.17 58.07 8.35
C ALA A 264 -14.42 56.89 7.77
N TYR A 265 -14.11 55.90 8.60
CA TYR A 265 -13.48 54.69 8.11
C TYR A 265 -13.93 53.50 8.94
N TYR A 266 -13.50 52.32 8.51
CA TYR A 266 -13.99 51.06 9.04
C TYR A 266 -12.81 50.16 9.36
N VAL A 267 -13.09 49.11 10.12
CA VAL A 267 -12.11 48.08 10.42
C VAL A 267 -12.82 46.77 10.71
N GLY A 268 -12.34 45.70 10.09
CA GLY A 268 -12.83 44.38 10.40
C GLY A 268 -11.65 43.52 10.84
N TYR A 269 -11.91 42.23 10.97
CA TYR A 269 -10.86 41.26 11.23
C TYR A 269 -11.11 40.01 10.41
N LEU A 270 -10.05 39.48 9.82
CA LEU A 270 -10.18 38.29 8.99
C LEU A 270 -10.11 37.05 9.86
N GLN A 271 -10.88 36.04 9.47
CA GLN A 271 -10.93 34.77 10.16
C GLN A 271 -10.69 33.67 9.15
N PRO A 272 -10.09 32.55 9.57
CA PRO A 272 -9.92 31.42 8.63
C PRO A 272 -11.25 30.79 8.28
N ARG A 273 -11.71 31.03 7.06
CA ARG A 273 -13.02 30.59 6.61
C ARG A 273 -12.91 29.93 5.26
N THR A 274 -13.75 28.94 5.02
CA THR A 274 -13.85 28.34 3.70
C THR A 274 -14.84 29.14 2.87
N PHE A 275 -14.51 29.37 1.60
CA PHE A 275 -15.33 30.15 0.70
C PHE A 275 -15.52 29.40 -0.60
N LEU A 276 -16.65 29.63 -1.24
CA LEU A 276 -16.91 29.08 -2.57
C LEU A 276 -16.97 30.24 -3.55
N LEU A 277 -15.85 30.54 -4.19
CA LEU A 277 -15.71 31.72 -5.02
C LEU A 277 -16.24 31.42 -6.42
N LYS A 278 -17.09 32.29 -6.92
CA LYS A 278 -17.70 32.13 -8.24
C LYS A 278 -16.96 33.02 -9.22
N TYR A 279 -16.00 32.44 -9.95
CA TYR A 279 -15.38 33.13 -11.07
C TYR A 279 -16.34 33.12 -12.25
N ASN A 280 -16.51 34.26 -12.89
CA ASN A 280 -17.44 34.38 -14.00
C ASN A 280 -16.76 33.93 -15.30
N GLU A 281 -17.41 34.25 -16.43
CA GLU A 281 -16.83 33.98 -17.74
C GLU A 281 -15.51 34.71 -17.95
N ASN A 282 -15.42 35.99 -17.58
CA ASN A 282 -14.23 36.78 -17.79
C ASN A 282 -13.11 36.45 -16.81
N GLY A 283 -13.40 35.71 -15.75
CA GLY A 283 -12.36 35.36 -14.80
C GLY A 283 -12.27 36.25 -13.59
N THR A 284 -13.34 36.96 -13.26
CA THR A 284 -13.39 37.81 -12.07
C THR A 284 -14.47 37.30 -11.13
N ILE A 285 -14.29 37.53 -9.83
CA ILE A 285 -15.20 37.01 -8.83
C ILE A 285 -16.43 37.88 -8.76
N THR A 286 -17.61 37.27 -8.86
CA THR A 286 -18.87 37.98 -8.79
C THR A 286 -19.74 37.59 -7.61
N ASP A 287 -19.49 36.46 -6.98
CA ASP A 287 -20.28 36.03 -5.83
C ASP A 287 -19.46 35.07 -5.00
N ALA A 288 -19.87 34.90 -3.74
CA ALA A 288 -19.16 34.01 -2.82
C ALA A 288 -20.13 33.47 -1.78
N VAL A 289 -19.78 32.31 -1.22
CA VAL A 289 -20.55 31.65 -0.18
C VAL A 289 -19.63 31.36 0.99
N ASP A 290 -19.97 31.87 2.17
CA ASP A 290 -19.18 31.64 3.37
C ASP A 290 -19.70 30.38 4.06
N CYS A 291 -18.87 29.33 4.06
CA CYS A 291 -19.33 28.00 4.46
C CYS A 291 -19.67 27.86 5.93
N ALA A 292 -19.24 28.79 6.79
CA ALA A 292 -19.52 28.67 8.21
C ALA A 292 -20.65 29.56 8.68
N LEU A 293 -21.19 30.42 7.81
CA LEU A 293 -22.18 31.40 8.24
C LEU A 293 -23.53 30.76 8.53
N ASP A 294 -23.97 29.84 7.69
CA ASP A 294 -25.38 29.45 7.67
C ASP A 294 -25.46 28.02 7.15
N PRO A 295 -26.38 27.20 7.69
CA PRO A 295 -26.60 25.86 7.11
C PRO A 295 -26.92 25.84 5.63
N LEU A 296 -27.64 26.85 5.12
CA LEU A 296 -27.83 26.94 3.67
C LEU A 296 -26.50 27.19 2.96
N SER A 297 -25.67 28.06 3.53
CA SER A 297 -24.36 28.32 2.93
C SER A 297 -23.46 27.11 3.05
N GLU A 298 -23.57 26.36 4.14
CA GLU A 298 -22.80 25.14 4.28
C GLU A 298 -23.25 24.08 3.27
N THR A 299 -24.55 24.04 2.98
CA THR A 299 -25.05 23.15 1.93
C THR A 299 -24.57 23.57 0.57
N LYS A 300 -24.51 24.88 0.32
CA LYS A 300 -23.98 25.39 -0.95
C LYS A 300 -22.51 25.01 -1.12
N CYS A 301 -21.74 25.09 -0.04
CA CYS A 301 -20.34 24.68 -0.11
C CYS A 301 -20.20 23.17 -0.28
N THR A 302 -21.09 22.40 0.34
CA THR A 302 -20.97 20.94 0.25
C THR A 302 -21.31 20.44 -1.15
N LEU A 303 -22.37 20.97 -1.76
CA LEU A 303 -22.74 20.59 -3.11
C LEU A 303 -21.88 21.25 -4.17
N LYS A 304 -21.08 22.25 -3.79
CA LYS A 304 -20.31 23.09 -4.71
C LYS A 304 -21.23 23.70 -5.78
N SER A 305 -22.34 24.27 -5.31
CA SER A 305 -23.31 24.90 -6.19
C SER A 305 -23.96 26.06 -5.46
N PHE A 306 -24.42 27.04 -6.22
CA PHE A 306 -25.01 28.23 -5.63
C PHE A 306 -26.52 28.15 -5.49
N THR A 307 -27.16 27.13 -6.05
CA THR A 307 -28.61 26.97 -5.97
C THR A 307 -28.90 25.57 -5.44
N VAL A 308 -29.15 25.47 -4.13
CA VAL A 308 -29.52 24.21 -3.52
C VAL A 308 -30.97 23.92 -3.82
N GLU A 309 -31.25 22.72 -4.33
CA GLU A 309 -32.58 22.38 -4.77
C GLU A 309 -33.41 21.79 -3.61
N LYS A 310 -34.64 21.43 -3.94
CA LYS A 310 -35.59 20.84 -3.00
C LYS A 310 -35.12 19.47 -2.55
N GLY A 311 -34.77 19.33 -1.28
CA GLY A 311 -34.42 18.02 -0.76
C GLY A 311 -33.65 18.13 0.54
N ILE A 312 -33.29 16.95 1.05
CA ILE A 312 -32.46 16.80 2.24
C ILE A 312 -31.02 16.56 1.80
N TYR A 313 -30.08 17.20 2.47
CA TYR A 313 -28.67 17.09 2.10
C TYR A 313 -27.82 16.95 3.35
N GLN A 314 -27.05 15.88 3.42
CA GLN A 314 -26.06 15.76 4.49
C GLN A 314 -24.95 16.77 4.26
N THR A 315 -24.63 17.52 5.30
CA THR A 315 -23.69 18.63 5.14
C THR A 315 -22.41 18.47 5.94
N SER A 316 -22.44 17.83 7.11
CA SER A 316 -21.25 17.57 7.90
C SER A 316 -21.57 16.50 8.92
N ASN A 317 -20.60 16.24 9.80
CA ASN A 317 -20.76 15.28 10.87
C ASN A 317 -20.64 15.98 12.21
N PHE A 318 -21.52 15.62 13.14
CA PHE A 318 -21.55 16.22 14.46
C PHE A 318 -21.01 15.23 15.48
N ARG A 319 -20.02 15.66 16.26
CA ARG A 319 -19.45 14.85 17.32
C ARG A 319 -19.19 15.72 18.54
N VAL A 320 -19.57 15.23 19.71
CA VAL A 320 -19.40 16.01 20.93
C VAL A 320 -17.93 15.98 21.34
N GLN A 321 -17.34 17.16 21.47
CA GLN A 321 -15.98 17.24 21.97
C GLN A 321 -15.95 16.89 23.45
N PRO A 322 -14.90 16.23 23.92
CA PRO A 322 -14.80 15.91 25.35
C PRO A 322 -14.72 17.16 26.21
N THR A 323 -15.56 17.22 27.25
CA THR A 323 -15.64 18.40 28.08
C THR A 323 -14.39 18.58 28.93
N GLU A 324 -13.85 17.49 29.48
CA GLU A 324 -12.68 17.56 30.33
C GLU A 324 -11.87 16.28 30.14
N SER A 325 -10.69 16.26 30.75
CA SER A 325 -9.80 15.11 30.71
C SER A 325 -9.46 14.68 32.12
N ILE A 326 -9.56 13.38 32.38
CA ILE A 326 -9.24 12.83 33.69
C ILE A 326 -8.14 11.80 33.54
N VAL A 327 -7.31 11.71 34.58
CA VAL A 327 -6.28 10.70 34.70
C VAL A 327 -6.56 9.93 35.98
N ARG A 328 -6.55 8.61 35.90
CA ARG A 328 -6.99 7.77 37.00
C ARG A 328 -6.00 6.61 37.16
N PHE A 329 -5.19 6.68 38.20
CA PHE A 329 -4.18 5.70 38.54
C PHE A 329 -4.46 5.16 39.94
N PRO A 330 -3.95 3.98 40.28
CA PRO A 330 -4.11 3.47 41.65
C PRO A 330 -3.36 4.28 42.70
N ASN A 331 -3.44 3.83 43.96
CA ASN A 331 -2.84 4.56 45.07
C ASN A 331 -1.34 4.36 45.18
N ILE A 332 -0.70 3.71 44.20
CA ILE A 332 0.73 3.44 44.21
C ILE A 332 1.50 4.76 44.19
N THR A 333 2.42 4.92 45.14
CA THR A 333 3.24 6.11 45.21
C THR A 333 4.73 5.78 45.32
N ASN A 334 5.08 4.59 45.81
CA ASN A 334 6.47 4.17 45.91
C ASN A 334 7.14 4.09 44.55
N LEU A 335 8.36 4.60 44.46
CA LEU A 335 9.02 4.80 43.18
C LEU A 335 9.82 3.56 42.79
N CYS A 336 9.99 3.38 41.49
CA CYS A 336 10.72 2.23 40.98
C CYS A 336 12.21 2.39 41.26
N PRO A 337 12.92 1.29 41.54
CA PRO A 337 14.34 1.41 41.87
C PRO A 337 15.25 1.55 40.66
N PHE A 338 14.88 2.45 39.75
CA PHE A 338 15.83 2.90 38.73
C PHE A 338 17.03 3.56 39.38
N GLY A 339 16.82 4.26 40.49
CA GLY A 339 17.92 4.79 41.27
C GLY A 339 18.83 3.73 41.84
N GLU A 340 18.33 2.50 42.01
CA GLU A 340 19.19 1.41 42.44
C GLU A 340 19.92 0.79 41.26
N VAL A 341 19.21 0.53 40.17
CA VAL A 341 19.84 -0.20 39.06
C VAL A 341 20.80 0.69 38.28
N PHE A 342 20.60 2.02 38.32
CA PHE A 342 21.50 2.93 37.63
C PHE A 342 22.58 3.49 38.55
N ASN A 343 22.59 3.11 39.83
CA ASN A 343 23.62 3.58 40.73
C ASN A 343 24.14 2.43 41.58
N ALA A 344 24.03 1.20 41.08
CA ALA A 344 24.60 0.06 41.77
C ALA A 344 26.12 0.13 41.71
N THR A 345 26.78 -0.33 42.77
CA THR A 345 28.22 -0.12 42.88
C THR A 345 29.00 -1.05 41.96
N ARG A 346 28.40 -2.14 41.50
CA ARG A 346 29.08 -3.06 40.59
C ARG A 346 28.07 -3.79 39.74
N PHE A 347 28.44 -4.01 38.48
CA PHE A 347 27.58 -4.67 37.51
C PHE A 347 28.02 -6.11 37.30
N ALA A 348 27.09 -6.93 36.82
CA ALA A 348 27.44 -8.27 36.38
C ALA A 348 28.04 -8.21 34.99
N SER A 349 28.74 -9.30 34.62
CA SER A 349 29.31 -9.39 33.29
C SER A 349 28.20 -9.66 32.27
N VAL A 350 28.52 -9.45 31.00
CA VAL A 350 27.56 -9.75 29.95
C VAL A 350 27.35 -11.25 29.82
N TYR A 351 28.34 -12.04 30.23
CA TYR A 351 28.10 -13.43 30.58
C TYR A 351 27.30 -13.48 31.86
N ALA A 352 26.14 -14.15 31.80
CA ALA A 352 25.18 -14.23 32.91
C ALA A 352 24.77 -12.83 33.39
N TRP A 353 24.15 -12.07 32.50
CA TRP A 353 23.78 -10.69 32.79
C TRP A 353 22.72 -10.62 33.87
N ASN A 354 22.82 -9.59 34.71
CA ASN A 354 21.87 -9.40 35.79
C ASN A 354 20.52 -8.94 35.24
N ARG A 355 19.46 -9.51 35.78
CA ARG A 355 18.11 -9.15 35.36
C ARG A 355 17.31 -8.77 36.58
N LYS A 356 16.78 -7.55 36.59
CA LYS A 356 15.94 -7.07 37.67
C LYS A 356 14.56 -6.77 37.14
N ARG A 357 13.55 -7.41 37.71
CA ARG A 357 12.18 -7.18 37.30
C ARG A 357 11.57 -6.04 38.08
N ILE A 358 11.04 -5.05 37.38
CA ILE A 358 10.48 -3.86 38.00
C ILE A 358 8.97 -3.89 37.83
N SER A 359 8.25 -3.95 38.94
CA SER A 359 6.79 -4.02 38.88
C SER A 359 6.22 -3.42 40.16
N ASN A 360 4.96 -2.98 40.06
CA ASN A 360 4.21 -2.35 41.14
C ASN A 360 4.96 -1.17 41.74
N CYS A 361 5.21 -0.17 40.90
CA CYS A 361 5.79 1.09 41.32
C CYS A 361 5.54 2.14 40.25
N VAL A 362 5.44 3.39 40.69
CA VAL A 362 5.30 4.53 39.79
C VAL A 362 6.70 4.97 39.38
N ALA A 363 6.96 4.93 38.08
CA ALA A 363 8.29 5.25 37.57
C ALA A 363 8.43 6.75 37.31
N ASP A 364 9.68 7.18 37.17
CA ASP A 364 9.98 8.57 36.82
C ASP A 364 11.17 8.53 35.86
N TYR A 365 10.87 8.49 34.56
CA TYR A 365 11.94 8.41 33.56
C TYR A 365 12.62 9.74 33.33
N SER A 366 11.99 10.86 33.72
CA SER A 366 12.57 12.18 33.51
C SER A 366 13.85 12.39 34.32
N VAL A 367 14.07 11.60 35.36
CA VAL A 367 15.33 11.64 36.10
C VAL A 367 16.48 11.21 35.20
N LEU A 368 16.26 10.22 34.34
CA LEU A 368 17.31 9.69 33.49
C LEU A 368 17.18 10.05 32.02
N TYR A 369 15.96 10.28 31.53
CA TYR A 369 15.77 10.62 30.12
C TYR A 369 16.36 11.98 29.76
N ASN A 370 16.58 12.86 30.74
CA ASN A 370 17.23 14.13 30.50
C ASN A 370 18.55 14.21 31.26
N SER A 371 19.04 13.08 31.75
CA SER A 371 20.33 13.01 32.40
C SER A 371 21.43 13.02 31.35
N ALA A 372 22.36 13.95 31.48
CA ALA A 372 23.37 14.14 30.45
C ALA A 372 24.48 13.10 30.50
N SER A 373 24.51 12.26 31.53
CA SER A 373 25.62 11.33 31.74
C SER A 373 25.64 10.18 30.75
N PHE A 374 24.59 9.99 29.97
CA PHE A 374 24.48 8.79 29.14
C PHE A 374 25.03 9.02 27.75
N SER A 375 25.70 8.01 27.20
CA SER A 375 26.33 8.13 25.89
C SER A 375 25.35 8.01 24.74
N THR A 376 24.71 6.85 24.57
CA THR A 376 23.65 6.70 23.58
C THR A 376 22.38 6.28 24.28
N PHE A 377 21.30 7.02 24.02
CA PHE A 377 20.00 6.72 24.61
C PHE A 377 19.09 6.42 23.43
N LYS A 378 19.10 5.16 22.99
CA LYS A 378 18.36 4.76 21.80
C LYS A 378 17.18 3.91 22.21
N CYS A 379 15.98 4.40 21.96
CA CYS A 379 14.77 3.68 22.28
C CYS A 379 14.17 3.10 21.00
N TYR A 380 13.57 1.92 21.13
CA TYR A 380 12.96 1.23 20.01
C TYR A 380 11.49 1.01 20.33
N GLY A 381 10.61 1.42 19.42
CA GLY A 381 9.19 1.22 19.60
C GLY A 381 8.58 2.20 20.58
N VAL A 382 9.38 3.18 21.03
CA VAL A 382 8.92 4.22 21.93
C VAL A 382 9.87 5.40 21.77
N SER A 383 9.37 6.59 21.99
CA SER A 383 10.24 7.75 21.96
C SER A 383 10.63 8.15 23.37
N PRO A 384 11.88 8.59 23.58
CA PRO A 384 12.35 8.89 24.95
C PRO A 384 11.59 10.01 25.65
N THR A 385 11.02 10.95 24.89
CA THR A 385 10.31 12.06 25.53
C THR A 385 8.89 11.70 25.94
N LYS A 386 8.35 10.59 25.45
CA LYS A 386 7.00 10.17 25.80
C LYS A 386 6.97 9.06 26.85
N LEU A 387 8.11 8.74 27.47
CA LEU A 387 8.18 7.60 28.38
C LEU A 387 7.38 7.84 29.65
N ASN A 388 7.29 9.07 30.12
CA ASN A 388 6.59 9.36 31.38
C ASN A 388 5.08 9.34 31.24
N ASP A 389 4.55 9.26 30.02
CA ASP A 389 3.11 9.29 29.81
C ASP A 389 2.48 7.93 29.61
N LEU A 390 3.25 6.85 29.75
CA LEU A 390 2.77 5.52 29.43
C LEU A 390 2.76 4.64 30.67
N CYS A 391 1.96 3.59 30.59
CA CYS A 391 1.96 2.51 31.56
C CYS A 391 2.53 1.25 30.92
N PHE A 392 3.16 0.42 31.73
CA PHE A 392 3.89 -0.73 31.23
C PHE A 392 3.46 -1.97 32.00
N THR A 393 3.20 -3.06 31.28
CA THR A 393 2.71 -4.29 31.89
C THR A 393 3.77 -5.02 32.68
N ASN A 394 5.00 -5.05 32.21
CA ASN A 394 6.12 -5.60 32.95
C ASN A 394 7.40 -4.89 32.52
N VAL A 395 8.29 -4.67 33.48
CA VAL A 395 9.54 -3.99 33.17
C VAL A 395 10.71 -4.86 33.60
N TYR A 396 11.35 -5.51 32.65
CA TYR A 396 12.61 -6.20 32.91
C TYR A 396 13.75 -5.22 32.69
N ALA A 397 14.44 -4.89 33.77
CA ALA A 397 15.64 -4.05 33.68
C ALA A 397 16.86 -4.96 33.77
N ASP A 398 17.72 -4.89 32.76
CA ASP A 398 18.92 -5.69 32.69
C ASP A 398 20.14 -4.77 32.72
N SER A 399 21.29 -5.32 33.05
CA SER A 399 22.49 -4.51 33.21
C SER A 399 23.73 -5.36 33.02
N PHE A 400 24.71 -4.81 32.31
CA PHE A 400 25.95 -5.49 32.03
C PHE A 400 27.00 -4.46 31.62
N VAL A 401 28.25 -4.90 31.55
CA VAL A 401 29.36 -4.07 31.14
C VAL A 401 30.05 -4.70 29.95
N ILE A 402 30.16 -3.93 28.86
CA ILE A 402 30.76 -4.41 27.62
C ILE A 402 31.81 -3.42 27.16
N ARG A 403 32.52 -3.78 26.08
CA ARG A 403 33.53 -2.92 25.52
C ARG A 403 32.91 -1.73 24.81
N GLY A 404 33.74 -0.72 24.53
CA GLY A 404 33.24 0.50 23.92
C GLY A 404 32.71 0.30 22.52
N ASP A 405 33.46 -0.45 21.70
CA ASP A 405 33.01 -0.73 20.34
C ASP A 405 31.91 -1.77 20.29
N GLU A 406 31.62 -2.44 21.39
CA GLU A 406 30.60 -3.47 21.42
C GLU A 406 29.19 -2.94 21.68
N VAL A 407 29.04 -1.62 21.92
CA VAL A 407 27.72 -1.08 22.18
C VAL A 407 26.90 -0.99 20.91
N ARG A 408 27.55 -1.07 19.74
CA ARG A 408 26.81 -1.14 18.50
C ARG A 408 26.10 -2.48 18.35
N GLN A 409 26.62 -3.53 19.01
CA GLN A 409 26.05 -4.85 18.89
C GLN A 409 24.75 -4.99 19.67
N ILE A 410 24.54 -4.21 20.73
CA ILE A 410 23.33 -4.35 21.51
C ILE A 410 22.24 -3.54 20.81
N ALA A 411 21.59 -4.17 19.85
CA ALA A 411 20.51 -3.59 19.06
C ALA A 411 19.80 -4.76 18.39
N PRO A 412 18.52 -4.62 18.07
CA PRO A 412 17.83 -5.72 17.38
C PRO A 412 18.41 -6.00 16.01
N GLY A 413 18.63 -7.28 15.72
CA GLY A 413 19.10 -7.70 14.42
C GLY A 413 20.59 -7.58 14.18
N GLN A 414 21.36 -7.15 15.17
CA GLN A 414 22.80 -7.00 14.97
C GLN A 414 23.50 -8.35 15.02
N THR A 415 24.76 -8.36 14.61
CA THR A 415 25.58 -9.55 14.64
C THR A 415 26.94 -9.20 15.23
N GLY A 416 27.53 -10.17 15.92
CA GLY A 416 28.79 -9.98 16.60
C GLY A 416 28.89 -10.97 17.76
N LYS A 417 30.06 -10.95 18.41
CA LYS A 417 30.31 -11.89 19.50
C LYS A 417 29.36 -11.68 20.67
N ILE A 418 29.15 -10.43 21.07
CA ILE A 418 28.25 -10.14 22.18
C ILE A 418 26.81 -10.43 21.80
N ALA A 419 26.44 -10.12 20.55
CA ALA A 419 25.07 -10.37 20.11
C ALA A 419 24.77 -11.85 19.95
N ASP A 420 25.74 -12.63 19.45
CA ASP A 420 25.48 -14.03 19.21
C ASP A 420 25.63 -14.88 20.48
N TYR A 421 26.66 -14.59 21.30
CA TYR A 421 26.99 -15.47 22.40
C TYR A 421 26.81 -14.88 23.78
N ASN A 422 26.43 -13.61 23.90
CA ASN A 422 26.30 -13.06 25.25
C ASN A 422 24.91 -12.55 25.56
N TYR A 423 24.33 -11.74 24.66
CA TYR A 423 23.03 -11.13 24.93
C TYR A 423 22.39 -10.79 23.59
N LYS A 424 21.29 -11.46 23.26
CA LYS A 424 20.62 -11.28 21.98
C LYS A 424 19.29 -10.57 22.18
N LEU A 425 19.20 -9.33 21.69
CA LEU A 425 17.88 -8.73 21.68
C LEU A 425 17.08 -9.27 20.50
N PRO A 426 15.79 -9.54 20.69
CA PRO A 426 14.98 -10.07 19.59
C PRO A 426 14.69 -9.01 18.54
N ASP A 427 14.21 -9.47 17.39
CA ASP A 427 13.89 -8.57 16.29
C ASP A 427 12.70 -7.68 16.62
N ASP A 428 11.74 -8.19 17.40
CA ASP A 428 10.55 -7.44 17.77
C ASP A 428 10.71 -6.72 19.10
N PHE A 429 11.93 -6.32 19.44
CA PHE A 429 12.19 -5.71 20.74
C PHE A 429 11.64 -4.29 20.80
N THR A 430 10.89 -4.02 21.87
CA THR A 430 10.47 -2.67 22.19
C THR A 430 11.01 -2.31 23.56
N GLY A 431 11.52 -1.10 23.69
CA GLY A 431 12.18 -0.68 24.90
C GLY A 431 13.30 0.30 24.57
N CYS A 432 14.24 0.41 25.49
CA CYS A 432 15.31 1.40 25.36
C CYS A 432 16.64 0.76 25.75
N VAL A 433 17.68 1.10 25.00
CA VAL A 433 19.05 0.77 25.37
C VAL A 433 19.72 2.06 25.82
N ILE A 434 20.56 1.96 26.86
CA ILE A 434 21.25 3.11 27.43
C ILE A 434 22.72 2.75 27.57
N ALA A 435 23.56 3.37 26.74
CA ALA A 435 25.00 3.25 26.87
C ALA A 435 25.49 4.34 27.81
N TRP A 436 26.52 4.00 28.59
CA TRP A 436 26.89 4.83 29.72
C TRP A 436 28.36 4.52 30.04
N ASN A 437 29.24 5.48 29.75
CA ASN A 437 30.67 5.25 29.91
C ASN A 437 31.03 5.12 31.38
N SER A 438 31.89 4.13 31.67
CA SER A 438 32.35 3.88 33.04
C SER A 438 33.85 3.59 33.07
N ASN A 439 34.64 4.32 32.30
CA ASN A 439 36.09 4.10 32.29
C ASN A 439 36.73 4.47 33.61
N ASN A 440 36.23 5.49 34.29
CA ASN A 440 36.82 5.91 35.56
C ASN A 440 36.31 5.09 36.73
N LEU A 441 35.37 4.17 36.52
CA LEU A 441 34.80 3.38 37.61
C LEU A 441 35.05 1.90 37.47
N ASP A 442 34.94 1.34 36.25
CA ASP A 442 35.06 -0.09 36.05
C ASP A 442 36.42 -0.50 35.50
N SER A 443 37.43 0.36 35.62
CA SER A 443 38.76 0.02 35.13
C SER A 443 39.78 0.23 36.23
N LYS A 444 40.79 -0.62 36.25
CA LYS A 444 41.87 -0.54 37.22
C LYS A 444 43.18 -0.42 36.47
N VAL A 445 44.17 0.21 37.13
CA VAL A 445 45.41 0.63 36.48
C VAL A 445 46.19 -0.55 35.92
N GLY A 446 46.07 -1.72 36.54
CA GLY A 446 46.63 -2.93 35.99
C GLY A 446 45.71 -4.10 36.19
N GLY A 447 44.42 -3.81 36.39
CA GLY A 447 43.47 -4.85 36.73
C GLY A 447 42.12 -4.74 36.03
N ASN A 448 41.06 -4.82 36.83
CA ASN A 448 39.67 -4.92 36.35
C ASN A 448 39.51 -6.11 35.41
N TYR A 449 39.81 -7.30 35.93
CA TYR A 449 39.61 -8.53 35.19
C TYR A 449 38.35 -9.28 35.61
N ASN A 450 37.48 -8.66 36.41
CA ASN A 450 36.25 -9.33 36.83
C ASN A 450 35.29 -9.48 35.67
N TYR A 451 35.28 -8.51 34.75
CA TYR A 451 34.27 -8.46 33.70
C TYR A 451 34.62 -9.47 32.61
N LEU A 452 33.82 -10.51 32.52
CA LEU A 452 34.02 -11.57 31.53
C LEU A 452 33.04 -11.42 30.38
N TYR A 453 33.29 -12.18 29.32
CA TYR A 453 32.35 -12.29 28.21
C TYR A 453 32.57 -13.61 27.50
N ARG A 454 31.47 -14.22 27.05
CA ARG A 454 31.54 -15.52 26.41
C ARG A 454 32.11 -15.37 25.00
N LEU A 455 33.07 -16.22 24.66
CA LEU A 455 33.77 -16.13 23.39
C LEU A 455 33.36 -17.21 22.41
N PHE A 456 33.28 -18.46 22.84
CA PHE A 456 32.89 -19.56 21.96
C PHE A 456 31.63 -20.22 22.50
N ARG A 457 30.70 -20.53 21.60
CA ARG A 457 29.51 -21.28 21.95
C ARG A 457 29.17 -22.19 20.79
N LYS A 458 28.50 -23.31 21.11
CA LYS A 458 28.14 -24.27 20.08
C LYS A 458 27.12 -23.72 19.10
N SER A 459 26.21 -22.85 19.55
CA SER A 459 25.19 -22.30 18.69
C SER A 459 24.81 -20.91 19.18
N ASN A 460 24.22 -20.13 18.29
CA ASN A 460 23.83 -18.76 18.62
C ASN A 460 22.67 -18.76 19.60
N LEU A 461 22.63 -17.71 20.43
CA LEU A 461 21.68 -17.66 21.53
C LEU A 461 20.26 -17.41 21.04
N LYS A 462 19.30 -17.91 21.81
CA LYS A 462 17.92 -17.46 21.70
C LYS A 462 17.82 -16.06 22.28
N PRO A 463 16.79 -15.29 21.90
CA PRO A 463 16.59 -13.97 22.51
C PRO A 463 16.39 -14.05 24.02
N PHE A 464 17.01 -13.10 24.71
CA PHE A 464 17.00 -12.99 26.19
C PHE A 464 17.50 -14.25 26.87
N GLU A 465 18.42 -14.98 26.25
CA GLU A 465 18.98 -16.16 26.87
C GLU A 465 20.10 -15.77 27.83
N ARG A 466 20.30 -16.61 28.85
CA ARG A 466 21.32 -16.39 29.87
C ARG A 466 22.06 -17.71 30.05
N ASP A 467 23.15 -17.87 29.31
CA ASP A 467 23.94 -19.10 29.34
C ASP A 467 24.98 -18.96 30.43
N ILE A 468 24.63 -19.36 31.66
CA ILE A 468 25.55 -19.27 32.79
C ILE A 468 26.55 -20.41 32.83
N SER A 469 26.40 -21.41 31.97
CA SER A 469 27.24 -22.60 32.05
C SER A 469 28.61 -22.34 31.45
N THR A 470 29.65 -22.74 32.19
CA THR A 470 31.01 -22.72 31.70
C THR A 470 31.41 -24.06 31.09
N GLU A 471 30.46 -24.78 30.49
CA GLU A 471 30.74 -26.06 29.86
C GLU A 471 31.72 -25.88 28.71
N ILE A 472 32.65 -26.83 28.61
CA ILE A 472 33.77 -26.68 27.68
C ILE A 472 33.30 -26.85 26.24
N TYR A 473 33.81 -26.00 25.37
CA TYR A 473 33.42 -25.95 23.96
C TYR A 473 33.77 -27.24 23.24
N GLN A 474 33.08 -27.50 22.14
CA GLN A 474 33.27 -28.75 21.41
C GLN A 474 34.46 -28.65 20.45
N ALA A 475 35.25 -29.73 20.38
CA ALA A 475 36.43 -29.73 19.53
C ALA A 475 36.09 -29.80 18.05
N GLY A 476 35.16 -30.67 17.66
CA GLY A 476 35.05 -31.12 16.30
C GLY A 476 35.57 -32.53 16.22
N SER A 477 36.58 -32.82 17.05
CA SER A 477 37.07 -34.16 17.26
C SER A 477 36.32 -34.79 18.44
N THR A 478 36.89 -35.88 18.95
CA THR A 478 36.32 -36.58 20.10
C THR A 478 36.25 -35.65 21.31
N PRO A 479 35.21 -35.75 22.14
CA PRO A 479 34.98 -34.73 23.16
C PRO A 479 35.98 -34.77 24.30
N CYS A 480 36.05 -33.65 25.02
CA CYS A 480 37.02 -33.47 26.08
C CYS A 480 36.23 -33.37 27.38
N ASN A 481 36.14 -34.45 28.14
CA ASN A 481 35.12 -34.51 29.18
C ASN A 481 35.63 -33.84 30.48
N GLY A 482 36.05 -32.59 30.32
CA GLY A 482 36.46 -31.77 31.43
C GLY A 482 37.92 -31.36 31.46
N VAL A 483 38.60 -31.36 30.32
CA VAL A 483 40.01 -30.98 30.26
C VAL A 483 40.21 -29.96 29.15
N GLU A 484 40.99 -28.93 29.45
CA GLU A 484 41.30 -27.91 28.45
C GLU A 484 42.59 -28.25 27.72
N GLY A 485 42.86 -27.49 26.66
CA GLY A 485 44.09 -27.65 25.92
C GLY A 485 43.86 -27.41 24.45
N PHE A 486 44.76 -27.96 23.63
CA PHE A 486 44.39 -28.34 22.28
C PHE A 486 43.08 -29.11 22.34
N ASN A 487 42.12 -28.56 21.59
CA ASN A 487 40.73 -28.99 21.47
C ASN A 487 39.83 -28.69 22.68
N CYS A 488 38.53 -28.47 22.43
CA CYS A 488 37.55 -28.19 23.49
C CYS A 488 38.04 -27.09 24.45
N TYR A 489 38.21 -25.88 23.92
CA TYR A 489 38.71 -24.75 24.70
C TYR A 489 37.74 -24.18 25.71
N PHE A 490 38.22 -23.24 26.50
CA PHE A 490 37.39 -22.65 27.55
C PHE A 490 36.51 -21.55 26.95
N PRO A 491 35.21 -21.53 27.26
CA PRO A 491 34.30 -20.63 26.53
C PRO A 491 34.37 -19.17 26.94
N LEU A 492 34.72 -18.85 28.17
CA LEU A 492 34.70 -17.47 28.61
C LEU A 492 36.02 -16.77 28.32
N GLN A 493 36.04 -15.47 28.54
CA GLN A 493 37.21 -14.63 28.28
C GLN A 493 37.05 -13.33 29.02
N SER A 494 38.12 -12.90 29.69
CA SER A 494 38.12 -11.67 30.48
C SER A 494 38.45 -10.49 29.59
N TYR A 495 37.77 -9.37 29.83
CA TYR A 495 37.98 -8.19 28.99
C TYR A 495 39.33 -7.56 29.22
N GLY A 496 39.71 -7.34 30.48
CA GLY A 496 40.94 -6.63 30.78
C GLY A 496 40.83 -5.14 30.48
N PHE A 497 40.03 -4.43 31.27
CA PHE A 497 39.78 -3.00 31.05
C PHE A 497 40.92 -2.19 31.69
N GLN A 498 41.82 -1.72 30.85
CA GLN A 498 42.87 -0.82 31.32
C GLN A 498 42.48 0.63 31.03
N PRO A 499 42.89 1.58 31.89
CA PRO A 499 42.53 2.98 31.64
C PRO A 499 43.22 3.60 30.45
N THR A 500 44.32 3.01 29.98
CA THR A 500 45.04 3.57 28.84
C THR A 500 44.38 3.23 27.52
N ASN A 501 43.36 2.36 27.53
CA ASN A 501 42.69 1.96 26.30
C ASN A 501 41.92 3.13 25.72
N GLY A 502 41.63 3.05 24.42
CA GLY A 502 40.82 4.06 23.78
C GLY A 502 39.37 3.95 24.17
N VAL A 503 38.58 4.92 23.69
CA VAL A 503 37.15 4.96 24.00
C VAL A 503 36.41 3.78 23.38
N GLY A 504 36.96 3.21 22.30
CA GLY A 504 36.37 2.02 21.71
C GLY A 504 36.60 0.76 22.51
N TYR A 505 37.50 0.79 23.49
CA TYR A 505 37.75 -0.36 24.35
C TYR A 505 37.60 -0.03 25.82
N GLN A 506 37.15 1.18 26.16
CA GLN A 506 36.88 1.53 27.54
C GLN A 506 35.64 0.79 28.03
N PRO A 507 35.57 0.47 29.32
CA PRO A 507 34.40 -0.24 29.84
C PRO A 507 33.17 0.65 29.84
N TYR A 508 32.14 0.20 29.13
CA TYR A 508 30.85 0.89 29.08
C TYR A 508 29.83 0.08 29.85
N ARG A 509 29.25 0.68 30.88
CA ARG A 509 28.08 0.09 31.51
C ARG A 509 26.88 0.33 30.63
N VAL A 510 26.12 -0.74 30.37
CA VAL A 510 24.95 -0.66 29.50
C VAL A 510 23.75 -1.21 30.25
N VAL A 511 22.68 -0.42 30.29
CA VAL A 511 21.42 -0.82 30.90
C VAL A 511 20.36 -0.83 29.82
N VAL A 512 19.66 -1.96 29.69
CA VAL A 512 18.62 -2.12 28.69
C VAL A 512 17.29 -2.36 29.41
N LEU A 513 16.29 -1.55 29.06
CA LEU A 513 14.97 -1.65 29.64
C LEU A 513 14.04 -2.31 28.64
N SER A 514 13.62 -3.53 28.94
CA SER A 514 12.65 -4.25 28.12
C SER A 514 11.30 -4.17 28.80
N PHE A 515 10.30 -3.67 28.08
CA PHE A 515 8.97 -3.57 28.62
C PHE A 515 7.93 -3.80 27.54
N GLU A 516 6.83 -4.44 27.93
CA GLU A 516 5.73 -4.76 27.02
C GLU A 516 4.65 -3.69 27.19
N LEU A 517 4.13 -3.19 26.06
CA LEU A 517 3.27 -2.02 26.05
C LEU A 517 1.80 -2.37 25.83
N LEU A 518 1.33 -3.47 26.42
CA LEU A 518 -0.08 -3.80 26.36
C LEU A 518 -0.88 -2.89 27.29
N HIS A 519 -2.18 -3.14 27.37
CA HIS A 519 -3.07 -2.38 28.23
C HIS A 519 -3.05 -2.95 29.65
N ALA A 520 -4.02 -2.50 30.46
CA ALA A 520 -4.18 -2.79 31.89
C ALA A 520 -4.03 -4.27 32.22
N PRO A 521 -3.47 -4.64 33.39
CA PRO A 521 -3.04 -3.82 34.53
C PRO A 521 -1.75 -3.05 34.31
N ALA A 522 -1.67 -1.88 34.91
CA ALA A 522 -0.44 -1.09 34.89
C ALA A 522 0.40 -1.51 36.09
N THR A 523 1.32 -2.44 35.90
CA THR A 523 2.31 -2.70 36.93
C THR A 523 3.20 -1.49 37.14
N VAL A 524 3.68 -0.90 36.06
CA VAL A 524 4.52 0.29 36.11
C VAL A 524 3.91 1.33 35.20
N CYS A 525 3.69 2.53 35.74
CA CYS A 525 3.19 3.62 34.93
C CYS A 525 3.86 4.91 35.33
N GLY A 526 3.43 6.01 34.70
CA GLY A 526 4.09 7.27 34.84
C GLY A 526 3.69 8.00 36.10
N PRO A 527 4.29 9.19 36.30
CA PRO A 527 4.05 9.95 37.53
C PRO A 527 2.88 10.91 37.46
N LYS A 528 1.97 10.76 36.51
CA LYS A 528 0.87 11.70 36.37
C LYS A 528 -0.08 11.61 37.55
N LYS A 529 -0.53 12.78 38.02
CA LYS A 529 -1.39 12.83 39.19
C LYS A 529 -2.79 12.34 38.85
N SER A 530 -3.33 11.48 39.72
CA SER A 530 -4.68 10.98 39.53
C SER A 530 -5.69 12.03 39.95
N THR A 531 -6.66 12.28 39.08
CA THR A 531 -7.67 13.31 39.31
C THR A 531 -8.98 12.70 39.74
N ASN A 532 -9.95 13.56 39.99
CA ASN A 532 -11.27 13.11 40.42
C ASN A 532 -12.03 12.50 39.26
N LEU A 533 -13.15 11.86 39.60
CA LEU A 533 -13.95 11.11 38.64
C LEU A 533 -15.25 11.85 38.33
N VAL A 534 -15.56 11.97 37.04
CA VAL A 534 -16.80 12.58 36.59
C VAL A 534 -17.61 11.51 35.87
N LYS A 535 -18.93 11.68 35.93
CA LYS A 535 -19.85 10.72 35.31
C LYS A 535 -20.88 11.46 34.48
N ASN A 536 -21.50 10.71 33.56
CA ASN A 536 -22.61 11.16 32.73
C ASN A 536 -22.26 12.35 31.86
N LYS A 537 -20.99 12.49 31.50
CA LYS A 537 -20.57 13.50 30.56
C LYS A 537 -19.37 13.00 29.77
N CYS A 538 -19.22 13.52 28.55
CA CYS A 538 -18.18 13.06 27.64
C CYS A 538 -16.82 13.51 28.14
N VAL A 539 -16.00 12.56 28.56
CA VAL A 539 -14.73 12.85 29.22
C VAL A 539 -13.65 11.94 28.65
N ASN A 540 -12.50 12.54 28.32
CA ASN A 540 -11.32 11.80 27.92
C ASN A 540 -10.67 11.23 29.17
N PHE A 541 -10.34 9.94 29.14
CA PHE A 541 -9.84 9.27 30.34
C PHE A 541 -8.52 8.57 30.07
N ASN A 542 -7.81 8.28 31.17
CA ASN A 542 -6.60 7.45 31.16
C ASN A 542 -6.70 6.56 32.40
N PHE A 543 -7.32 5.39 32.24
CA PHE A 543 -7.50 4.45 33.33
C PHE A 543 -6.34 3.47 33.34
N ASN A 544 -5.24 3.88 34.00
CA ASN A 544 -3.95 3.15 34.08
C ASN A 544 -3.58 2.48 32.76
N GLY A 545 -3.49 3.30 31.73
CA GLY A 545 -3.56 2.83 30.37
C GLY A 545 -4.98 3.07 29.88
N LEU A 546 -5.45 2.25 28.93
CA LEU A 546 -6.84 2.27 28.47
C LEU A 546 -7.27 3.64 27.97
N THR A 547 -6.38 4.33 27.26
CA THR A 547 -6.66 5.69 26.84
C THR A 547 -7.78 5.73 25.81
N GLY A 548 -8.75 6.60 26.04
CA GLY A 548 -9.86 6.72 25.13
C GLY A 548 -10.79 7.82 25.58
N THR A 549 -11.78 8.11 24.73
CA THR A 549 -12.77 9.14 25.00
C THR A 549 -14.16 8.52 24.99
N GLY A 550 -14.93 8.84 26.02
CA GLY A 550 -16.27 8.31 26.15
C GLY A 550 -16.90 8.77 27.42
N VAL A 551 -18.21 8.57 27.51
CA VAL A 551 -18.97 8.96 28.69
C VAL A 551 -18.93 7.83 29.71
N LEU A 552 -18.68 8.18 30.96
CA LEU A 552 -18.58 7.23 32.04
C LEU A 552 -19.88 7.18 32.83
N THR A 553 -20.45 5.98 32.94
CA THR A 553 -21.62 5.77 33.78
C THR A 553 -21.33 4.64 34.74
N GLU A 554 -21.99 4.68 35.90
CA GLU A 554 -21.94 3.55 36.81
C GLU A 554 -22.66 2.37 36.18
N SER A 555 -22.13 1.18 36.42
CA SER A 555 -22.56 0.00 35.68
C SER A 555 -23.09 -1.06 36.63
N ASN A 556 -24.02 -1.87 36.11
CA ASN A 556 -24.54 -3.00 36.84
C ASN A 556 -23.84 -4.31 36.47
N LYS A 557 -22.76 -4.24 35.71
CA LYS A 557 -22.02 -5.43 35.29
C LYS A 557 -21.40 -6.13 36.49
N LYS A 558 -21.75 -7.40 36.69
CA LYS A 558 -21.24 -8.19 37.81
C LYS A 558 -19.87 -8.75 37.44
N PHE A 559 -18.84 -7.93 37.68
CA PHE A 559 -17.48 -8.37 37.45
C PHE A 559 -17.08 -9.46 38.44
N LEU A 560 -16.23 -10.36 37.97
CA LEU A 560 -15.51 -11.23 38.90
C LEU A 560 -14.36 -10.43 39.53
N PRO A 561 -13.98 -10.77 40.77
CA PRO A 561 -13.06 -9.89 41.51
C PRO A 561 -11.68 -9.74 40.90
N PHE A 562 -11.26 -10.66 40.03
CA PHE A 562 -9.95 -10.51 39.41
C PHE A 562 -9.99 -9.67 38.14
N GLN A 563 -11.15 -9.56 37.50
CA GLN A 563 -11.24 -8.90 36.20
C GLN A 563 -11.08 -7.40 36.35
N GLN A 564 -10.24 -6.81 35.51
CA GLN A 564 -9.93 -5.39 35.60
C GLN A 564 -10.76 -4.52 34.65
N PHE A 565 -11.12 -5.03 33.48
CA PHE A 565 -11.96 -4.28 32.56
C PHE A 565 -12.69 -5.26 31.65
N GLY A 566 -13.71 -4.76 30.99
CA GLY A 566 -14.57 -5.61 30.20
C GLY A 566 -14.63 -5.18 28.75
N ARG A 567 -14.99 -6.13 27.90
CA ARG A 567 -15.17 -5.89 26.48
C ARG A 567 -16.46 -6.53 26.02
N ASP A 568 -17.02 -5.96 24.96
CA ASP A 568 -18.28 -6.40 24.40
C ASP A 568 -18.03 -7.23 23.15
N ILE A 569 -19.08 -7.47 22.37
CA ILE A 569 -18.92 -8.09 21.06
C ILE A 569 -18.08 -7.18 20.18
N ALA A 570 -17.36 -7.80 19.24
CA ALA A 570 -16.37 -7.17 18.36
C ALA A 570 -15.20 -6.56 19.11
N ASP A 571 -15.01 -6.96 20.39
CA ASP A 571 -13.82 -6.65 21.19
C ASP A 571 -13.57 -5.15 21.34
N THR A 572 -14.62 -4.40 21.63
CA THR A 572 -14.45 -3.00 22.02
C THR A 572 -14.59 -2.87 23.52
N THR A 573 -13.79 -1.97 24.10
CA THR A 573 -13.83 -1.74 25.54
C THR A 573 -15.17 -1.16 25.95
N ASP A 574 -15.80 -1.76 26.96
CA ASP A 574 -17.14 -1.39 27.36
C ASP A 574 -17.26 -1.03 28.83
N ALA A 575 -16.45 -1.61 29.71
CA ALA A 575 -16.49 -1.25 31.12
C ALA A 575 -15.11 -1.39 31.70
N VAL A 576 -14.77 -0.51 32.64
CA VAL A 576 -13.52 -0.59 33.36
C VAL A 576 -13.81 -0.62 34.85
N ARG A 577 -12.87 -1.14 35.62
CA ARG A 577 -12.91 -1.02 37.06
C ARG A 577 -12.08 0.17 37.49
N ASP A 578 -12.63 0.96 38.40
CA ASP A 578 -11.95 2.16 38.86
C ASP A 578 -10.79 1.72 39.74
N PRO A 579 -9.54 2.06 39.39
CA PRO A 579 -8.40 1.62 40.21
C PRO A 579 -8.31 2.28 41.57
N GLN A 580 -9.07 3.34 41.83
CA GLN A 580 -9.00 4.03 43.11
C GLN A 580 -10.18 3.72 44.02
N THR A 581 -11.33 3.34 43.46
CA THR A 581 -12.51 3.05 44.28
C THR A 581 -13.11 1.68 44.02
N LEU A 582 -12.53 0.86 43.14
CA LEU A 582 -13.03 -0.47 42.76
C LEU A 582 -14.46 -0.42 42.23
N GLU A 583 -14.81 0.63 41.50
CA GLU A 583 -16.14 0.75 40.94
C GLU A 583 -16.14 0.40 39.45
N ILE A 584 -17.11 -0.39 39.04
CA ILE A 584 -17.24 -0.86 37.67
C ILE A 584 -17.95 0.22 36.88
N LEU A 585 -17.19 0.97 36.07
CA LEU A 585 -17.72 2.07 35.29
C LEU A 585 -17.86 1.65 33.84
N ASP A 586 -19.08 1.73 33.32
CA ASP A 586 -19.32 1.46 31.91
C ASP A 586 -18.92 2.67 31.07
N ILE A 587 -18.26 2.42 29.94
CA ILE A 587 -17.93 3.47 28.98
C ILE A 587 -18.83 3.30 27.77
N THR A 588 -19.22 4.43 27.19
CA THR A 588 -20.07 4.49 26.02
C THR A 588 -19.51 5.60 25.13
N PRO A 589 -19.43 5.38 23.82
CA PRO A 589 -18.92 6.43 22.92
C PRO A 589 -19.80 7.67 22.98
N CYS A 590 -19.14 8.83 22.92
CA CYS A 590 -19.85 10.09 23.01
C CYS A 590 -20.77 10.25 21.81
N SER A 591 -21.91 10.92 22.04
CA SER A 591 -22.98 10.95 21.06
C SER A 591 -22.52 11.65 19.78
N PHE A 592 -22.84 11.04 18.64
CA PHE A 592 -22.38 11.55 17.37
C PHE A 592 -23.36 11.13 16.29
N GLY A 593 -23.34 11.88 15.19
CA GLY A 593 -24.19 11.56 14.06
C GLY A 593 -24.09 12.65 13.03
N GLY A 594 -24.45 12.30 11.80
CA GLY A 594 -24.44 13.28 10.73
C GLY A 594 -25.57 14.28 10.88
N VAL A 595 -25.31 15.49 10.41
CA VAL A 595 -26.30 16.56 10.41
C VAL A 595 -26.70 16.85 8.97
N SER A 596 -28.00 16.94 8.73
CA SER A 596 -28.53 17.14 7.40
C SER A 596 -29.49 18.32 7.40
N VAL A 597 -29.44 19.09 6.35
CA VAL A 597 -30.29 20.27 6.21
C VAL A 597 -31.58 19.88 5.52
N ILE A 598 -32.60 20.70 5.72
CA ILE A 598 -33.85 20.61 4.98
C ILE A 598 -34.00 21.92 4.22
N THR A 599 -34.01 21.83 2.88
CA THR A 599 -34.07 23.01 2.06
C THR A 599 -35.26 22.91 1.11
N PRO A 600 -36.15 23.89 1.07
CA PRO A 600 -37.26 23.86 0.13
C PRO A 600 -36.88 24.39 -1.24
N GLY A 601 -35.59 24.51 -1.50
CA GLY A 601 -35.11 25.11 -2.73
C GLY A 601 -34.56 26.49 -2.48
N THR A 602 -33.42 26.82 -3.10
CA THR A 602 -32.81 28.13 -2.88
C THR A 602 -33.69 29.24 -3.43
N ASN A 603 -34.22 29.06 -4.64
CA ASN A 603 -35.02 30.11 -5.25
C ASN A 603 -36.43 30.20 -4.69
N THR A 604 -36.83 29.27 -3.81
CA THR A 604 -38.10 29.43 -3.11
C THR A 604 -37.93 30.26 -1.86
N SER A 605 -37.00 29.87 -0.98
CA SER A 605 -36.74 30.60 0.26
C SER A 605 -35.36 30.23 0.78
N ASN A 606 -34.86 31.06 1.69
CA ASN A 606 -33.61 30.77 2.36
C ASN A 606 -33.80 30.04 3.69
N GLN A 607 -35.04 29.69 4.03
CA GLN A 607 -35.31 29.01 5.30
C GLN A 607 -34.74 27.60 5.28
N VAL A 608 -33.99 27.25 6.33
CA VAL A 608 -33.39 25.93 6.46
C VAL A 608 -33.61 25.43 7.87
N ALA A 609 -34.08 24.18 7.98
CA ALA A 609 -34.10 23.46 9.24
C ALA A 609 -33.11 22.31 9.16
N VAL A 610 -32.39 22.08 10.25
CA VAL A 610 -31.31 21.08 10.29
C VAL A 610 -31.81 19.87 11.07
N LEU A 611 -31.19 18.72 10.81
CA LEU A 611 -31.55 17.46 11.45
C LEU A 611 -30.28 16.78 11.93
N TYR A 612 -30.11 16.68 13.24
CA TYR A 612 -28.96 15.98 13.82
C TYR A 612 -29.37 14.53 14.03
N GLN A 613 -28.81 13.63 13.23
CA GLN A 613 -29.24 12.24 13.26
C GLN A 613 -28.75 11.54 14.52
N ASP A 614 -29.66 10.80 15.16
CA ASP A 614 -29.41 9.97 16.33
C ASP A 614 -28.82 10.75 17.50
N VAL A 615 -29.23 12.01 17.65
CA VAL A 615 -28.77 12.82 18.76
C VAL A 615 -29.96 13.20 19.64
N ASN A 616 -29.81 13.03 20.95
CA ASN A 616 -30.76 13.53 21.93
C ASN A 616 -30.62 15.04 21.99
N CYS A 617 -31.74 15.75 22.10
CA CYS A 617 -31.73 17.21 22.11
C CYS A 617 -31.23 17.80 23.41
N THR A 618 -30.71 17.03 24.37
CA THR A 618 -30.05 17.62 25.53
C THR A 618 -28.81 18.40 25.15
N GLU A 619 -28.02 17.90 24.20
CA GLU A 619 -26.92 18.64 23.61
C GLU A 619 -27.37 19.21 22.28
N VAL A 620 -26.81 20.36 21.92
CA VAL A 620 -27.22 21.09 20.72
C VAL A 620 -26.86 20.31 19.47
N SER A 640 -35.29 28.13 16.87
CA SER A 640 -36.39 28.61 17.70
C SER A 640 -37.32 27.46 18.09
N ASN A 641 -37.42 26.47 17.21
CA ASN A 641 -38.28 25.32 17.43
C ASN A 641 -37.43 24.06 17.43
N VAL A 642 -37.51 23.31 18.53
CA VAL A 642 -36.74 22.07 18.70
C VAL A 642 -37.73 20.93 18.79
N PHE A 643 -37.81 20.11 17.75
CA PHE A 643 -38.74 18.99 17.69
C PHE A 643 -37.93 17.70 17.68
N GLN A 644 -38.25 16.80 18.60
CA GLN A 644 -37.56 15.52 18.70
C GLN A 644 -38.31 14.50 17.85
N THR A 645 -37.74 14.17 16.70
CA THR A 645 -38.30 13.12 15.86
C THR A 645 -37.83 11.75 16.34
N ARG A 646 -38.23 10.72 15.59
CA ARG A 646 -37.68 9.39 15.83
C ARG A 646 -36.38 9.18 15.08
N ALA A 647 -35.93 10.17 14.31
CA ALA A 647 -34.64 10.10 13.63
C ALA A 647 -33.58 10.95 14.30
N GLY A 648 -33.97 12.04 14.95
CA GLY A 648 -33.03 12.89 15.64
C GLY A 648 -33.62 14.26 15.89
N CYS A 649 -32.76 15.15 16.39
CA CYS A 649 -33.17 16.52 16.71
C CYS A 649 -33.38 17.28 15.42
N LEU A 650 -34.63 17.64 15.14
CA LEU A 650 -34.96 18.47 13.98
C LEU A 650 -35.15 19.89 14.46
N ILE A 651 -34.14 20.73 14.25
CA ILE A 651 -34.09 22.08 14.77
C ILE A 651 -34.50 23.04 13.66
N GLY A 652 -35.48 23.89 13.94
CA GLY A 652 -35.94 24.87 12.99
C GLY A 652 -37.26 24.55 12.32
N ALA A 653 -37.76 23.32 12.45
CA ALA A 653 -39.02 22.98 11.82
C ALA A 653 -40.16 23.06 12.82
N GLU A 654 -41.36 23.30 12.31
CA GLU A 654 -42.56 23.46 13.10
C GLU A 654 -43.39 22.19 13.02
N HIS A 655 -43.72 21.61 14.17
CA HIS A 655 -44.50 20.38 14.18
C HIS A 655 -45.96 20.67 13.91
N VAL A 656 -46.57 19.88 13.04
CA VAL A 656 -47.96 20.06 12.63
C VAL A 656 -48.68 18.73 12.76
N ASN A 657 -49.83 18.74 13.42
CA ASN A 657 -50.59 17.51 13.66
C ASN A 657 -51.26 16.97 12.42
N ASN A 658 -51.33 17.73 11.33
CA ASN A 658 -51.96 17.27 10.12
C ASN A 658 -51.07 16.25 9.41
N SER A 659 -51.55 15.76 8.27
CA SER A 659 -50.79 14.79 7.49
C SER A 659 -51.00 15.09 6.02
N TYR A 660 -49.90 15.13 5.27
CA TYR A 660 -49.96 15.42 3.85
C TYR A 660 -49.05 14.46 3.11
N GLU A 661 -48.82 14.75 1.83
CA GLU A 661 -47.88 13.96 1.05
C GLU A 661 -46.45 14.27 1.47
N CYS A 662 -45.54 13.38 1.10
CA CYS A 662 -44.14 13.51 1.51
C CYS A 662 -43.40 14.39 0.51
N ASP A 663 -43.11 15.64 0.91
CA ASP A 663 -42.32 16.51 0.06
C ASP A 663 -40.83 16.24 0.23
N ILE A 664 -40.31 16.44 1.44
CA ILE A 664 -38.91 16.15 1.72
C ILE A 664 -38.84 15.07 2.80
N PRO A 665 -38.32 13.89 2.49
CA PRO A 665 -38.28 12.80 3.49
C PRO A 665 -37.26 13.09 4.58
N ILE A 666 -37.57 12.64 5.80
CA ILE A 666 -36.64 12.73 6.91
C ILE A 666 -36.29 11.36 7.48
N GLY A 667 -37.28 10.52 7.76
CA GLY A 667 -37.03 9.22 8.33
C GLY A 667 -38.04 8.88 9.42
N ALA A 668 -38.31 7.58 9.52
CA ALA A 668 -39.27 7.01 10.48
C ALA A 668 -40.64 7.64 10.34
N GLY A 669 -41.07 7.87 9.11
CA GLY A 669 -42.42 8.28 8.84
C GLY A 669 -42.69 9.77 8.95
N ILE A 670 -41.66 10.60 8.97
CA ILE A 670 -41.81 12.05 9.06
C ILE A 670 -41.26 12.69 7.81
N CYS A 671 -42.05 13.56 7.20
CA CYS A 671 -41.63 14.29 6.01
C CYS A 671 -41.86 15.78 6.24
N ALA A 672 -41.07 16.59 5.55
CA ALA A 672 -41.08 18.04 5.73
C ALA A 672 -41.47 18.71 4.43
N SER A 673 -42.09 19.89 4.54
CA SER A 673 -42.52 20.64 3.35
C SER A 673 -42.42 22.14 3.60
N TYR A 674 -42.92 22.92 2.65
CA TYR A 674 -42.95 24.37 2.81
C TYR A 674 -44.38 24.76 3.12
N GLN A 675 -44.62 25.25 4.33
CA GLN A 675 -45.96 25.61 4.76
C GLN A 675 -46.61 26.73 3.94
N THR A 676 -45.82 27.73 3.59
CA THR A 676 -46.30 28.87 2.81
C THR A 676 -47.57 29.48 3.39
N GLN A 690 -43.53 30.35 3.60
CA GLN A 690 -43.76 31.12 4.82
C GLN A 690 -43.17 30.41 6.03
N SER A 691 -43.17 29.09 6.02
CA SER A 691 -42.63 28.31 7.13
C SER A 691 -42.28 26.88 6.74
N ILE A 692 -41.39 26.29 7.53
CA ILE A 692 -40.93 24.92 7.32
C ILE A 692 -41.65 24.02 8.32
N ILE A 693 -42.51 23.14 7.83
CA ILE A 693 -43.25 22.28 8.74
C ILE A 693 -42.71 20.87 8.69
N ALA A 694 -42.98 20.11 9.76
CA ALA A 694 -42.65 18.69 9.83
C ALA A 694 -43.90 17.95 10.29
N TYR A 695 -44.23 16.88 9.59
CA TYR A 695 -45.47 16.17 9.85
C TYR A 695 -45.26 14.68 9.64
N THR A 696 -46.15 13.89 10.20
CA THR A 696 -46.22 12.48 9.86
C THR A 696 -46.83 12.33 8.49
N MET A 697 -46.18 11.55 7.62
CA MET A 697 -46.62 11.44 6.24
C MET A 697 -47.95 10.70 6.12
N SER A 698 -48.70 11.07 5.09
CA SER A 698 -49.96 10.39 4.78
C SER A 698 -49.75 9.45 3.61
N LEU A 699 -50.47 8.33 3.64
CA LEU A 699 -50.39 7.34 2.57
C LEU A 699 -51.48 7.52 1.53
N GLY A 700 -51.97 8.74 1.34
CA GLY A 700 -53.06 9.00 0.44
C GLY A 700 -54.37 9.17 1.18
N ALA A 701 -55.41 9.53 0.43
CA ALA A 701 -56.73 9.69 1.02
C ALA A 701 -57.29 8.33 1.43
N GLU A 702 -58.12 8.35 2.47
CA GLU A 702 -58.74 7.13 2.98
C GLU A 702 -60.20 7.09 2.57
N ASN A 703 -60.57 6.04 1.83
CA ASN A 703 -61.96 5.85 1.44
C ASN A 703 -62.29 4.37 1.53
N SER A 704 -63.51 4.10 2.00
CA SER A 704 -63.99 2.74 2.16
C SER A 704 -64.91 2.40 1.00
N VAL A 705 -64.61 1.30 0.31
CA VAL A 705 -65.40 0.90 -0.84
C VAL A 705 -66.73 0.36 -0.35
N ALA A 706 -67.82 0.83 -0.96
CA ALA A 706 -69.17 0.48 -0.53
C ALA A 706 -69.50 -0.96 -0.93
N TYR A 707 -68.88 -1.91 -0.23
CA TYR A 707 -69.04 -3.31 -0.55
C TYR A 707 -70.38 -3.83 -0.06
N SER A 708 -70.95 -4.74 -0.84
CA SER A 708 -72.11 -5.51 -0.43
C SER A 708 -72.08 -6.80 -1.23
N ASN A 709 -72.89 -7.78 -0.79
CA ASN A 709 -72.88 -9.05 -1.47
C ASN A 709 -73.66 -9.05 -2.77
N ASN A 710 -74.31 -7.93 -3.13
CA ASN A 710 -75.03 -7.89 -4.40
C ASN A 710 -74.90 -6.57 -5.15
N SER A 711 -73.85 -5.78 -4.94
CA SER A 711 -73.72 -4.50 -5.60
C SER A 711 -72.43 -4.46 -6.42
N ILE A 712 -72.53 -3.94 -7.64
CA ILE A 712 -71.37 -3.75 -8.49
C ILE A 712 -71.37 -2.30 -8.97
N ALA A 713 -70.20 -1.84 -9.38
CA ALA A 713 -70.06 -0.56 -10.05
C ALA A 713 -69.41 -0.78 -11.41
N ILE A 714 -70.11 -0.42 -12.48
CA ILE A 714 -69.61 -0.55 -13.84
C ILE A 714 -69.41 0.85 -14.40
N PRO A 715 -68.24 1.16 -14.95
CA PRO A 715 -68.02 2.49 -15.54
C PRO A 715 -68.86 2.66 -16.79
N THR A 716 -69.53 3.80 -16.88
CA THR A 716 -70.29 4.13 -18.07
C THR A 716 -69.49 4.95 -19.06
N ASN A 717 -68.21 5.17 -18.80
CA ASN A 717 -67.38 6.04 -19.62
C ASN A 717 -65.92 5.69 -19.39
N PHE A 718 -65.04 6.38 -20.10
CA PHE A 718 -63.61 6.11 -20.02
C PHE A 718 -62.83 7.39 -20.25
N THR A 719 -61.57 7.36 -19.84
CA THR A 719 -60.63 8.44 -20.09
C THR A 719 -59.35 7.83 -20.63
N ILE A 720 -59.19 7.85 -21.95
CA ILE A 720 -57.96 7.34 -22.54
C ILE A 720 -56.83 8.32 -22.25
N SER A 721 -55.69 7.78 -21.80
CA SER A 721 -54.64 8.61 -21.25
C SER A 721 -53.29 8.20 -21.84
N VAL A 722 -52.37 9.15 -21.87
CA VAL A 722 -51.01 8.92 -22.34
C VAL A 722 -50.07 9.18 -21.18
N THR A 723 -49.29 8.17 -20.81
CA THR A 723 -48.41 8.23 -19.65
C THR A 723 -46.98 7.98 -20.11
N THR A 724 -46.06 8.89 -19.75
CA THR A 724 -44.67 8.74 -20.11
C THR A 724 -44.00 7.75 -19.17
N GLU A 725 -42.89 7.18 -19.63
CA GLU A 725 -42.06 6.28 -18.82
C GLU A 725 -40.64 6.33 -19.35
N ILE A 726 -39.73 6.90 -18.55
CA ILE A 726 -38.39 7.22 -18.99
C ILE A 726 -37.43 6.17 -18.45
N LEU A 727 -36.66 5.55 -19.34
CA LEU A 727 -35.69 4.56 -18.96
C LEU A 727 -34.34 4.90 -19.57
N PRO A 728 -33.25 4.61 -18.89
CA PRO A 728 -31.92 4.73 -19.50
C PRO A 728 -31.52 3.43 -20.18
N VAL A 729 -30.80 3.57 -21.29
CA VAL A 729 -30.34 2.40 -22.03
C VAL A 729 -28.83 2.32 -22.15
N SER A 730 -28.07 3.42 -22.04
CA SER A 730 -26.65 3.36 -22.30
C SER A 730 -25.93 4.50 -21.57
N MET A 731 -24.71 4.20 -21.15
CA MET A 731 -23.82 5.21 -20.61
C MET A 731 -22.94 5.76 -21.74
N THR A 732 -22.12 6.75 -21.41
CA THR A 732 -21.13 7.22 -22.37
C THR A 732 -19.98 6.24 -22.43
N LYS A 733 -19.59 5.86 -23.64
CA LYS A 733 -18.55 4.84 -23.84
C LYS A 733 -17.20 5.46 -23.51
N THR A 734 -16.85 5.42 -22.23
CA THR A 734 -15.58 5.95 -21.78
C THR A 734 -14.48 4.91 -21.86
N SER A 735 -13.24 5.39 -21.86
CA SER A 735 -12.08 4.52 -21.87
C SER A 735 -10.90 5.31 -21.33
N VAL A 736 -10.10 4.66 -20.49
CA VAL A 736 -9.01 5.32 -19.79
C VAL A 736 -7.71 4.59 -20.11
N ASP A 737 -6.77 5.31 -20.73
CA ASP A 737 -5.44 4.77 -20.94
C ASP A 737 -4.74 4.68 -19.60
N CYS A 738 -4.48 3.46 -19.13
CA CYS A 738 -4.00 3.26 -17.76
C CYS A 738 -2.59 3.81 -17.58
N THR A 739 -1.70 3.53 -18.52
CA THR A 739 -0.31 3.97 -18.37
C THR A 739 -0.15 5.46 -18.63
N MET A 740 -1.10 6.09 -19.31
CA MET A 740 -1.06 7.55 -19.46
C MET A 740 -1.78 8.26 -18.32
N TYR A 741 -2.47 7.54 -17.46
CA TYR A 741 -3.09 8.14 -16.30
C TYR A 741 -2.21 7.99 -15.07
N ILE A 742 -1.70 6.78 -14.84
CA ILE A 742 -0.89 6.53 -13.65
C ILE A 742 0.45 7.24 -13.77
N CYS A 743 1.07 7.18 -14.94
CA CYS A 743 2.42 7.70 -15.12
C CYS A 743 2.49 8.90 -16.04
N GLY A 744 1.56 9.01 -16.99
CA GLY A 744 1.53 10.12 -17.91
C GLY A 744 2.47 9.97 -19.08
N ASP A 745 3.76 10.26 -18.89
CA ASP A 745 4.71 10.10 -19.99
C ASP A 745 6.04 9.51 -19.54
N SER A 746 6.30 9.50 -18.24
CA SER A 746 7.64 9.21 -17.73
C SER A 746 7.93 7.73 -17.82
N THR A 747 9.04 7.38 -18.48
CA THR A 747 9.47 5.99 -18.56
C THR A 747 9.97 5.48 -17.23
N GLU A 748 10.52 6.37 -16.39
CA GLU A 748 10.92 5.98 -15.04
C GLU A 748 9.73 5.60 -14.19
N CYS A 749 8.54 6.07 -14.54
CA CYS A 749 7.32 5.63 -13.88
C CYS A 749 6.78 4.35 -14.51
N SER A 750 6.87 4.22 -15.84
CA SER A 750 6.26 3.09 -16.51
C SER A 750 7.02 1.80 -16.26
N ASN A 751 8.35 1.88 -16.29
CA ASN A 751 9.16 0.71 -15.97
C ASN A 751 8.99 0.27 -14.53
N LEU A 752 8.66 1.20 -13.63
CA LEU A 752 8.35 0.88 -12.25
C LEU A 752 6.93 0.36 -12.10
N LEU A 753 6.03 0.78 -12.99
CA LEU A 753 4.65 0.30 -12.99
C LEU A 753 4.57 -1.13 -13.48
N LEU A 754 5.48 -1.53 -14.38
CA LEU A 754 5.45 -2.89 -14.93
C LEU A 754 5.68 -3.97 -13.89
N GLN A 755 6.20 -3.61 -12.71
CA GLN A 755 6.31 -4.58 -11.63
C GLN A 755 4.95 -5.01 -11.10
N TYR A 756 3.91 -4.21 -11.29
CA TYR A 756 2.58 -4.52 -10.79
C TYR A 756 1.81 -5.46 -11.69
N GLY A 757 2.38 -5.87 -12.82
CA GLY A 757 1.73 -6.89 -13.60
C GLY A 757 0.71 -6.32 -14.57
N SER A 758 -0.33 -7.09 -14.81
CA SER A 758 -1.36 -6.83 -15.81
C SER A 758 -2.52 -6.00 -15.29
N PHE A 759 -2.32 -5.15 -14.27
CA PHE A 759 -3.41 -4.34 -13.75
C PHE A 759 -3.97 -3.40 -14.80
N CYS A 760 -3.08 -2.74 -15.56
CA CYS A 760 -3.52 -1.84 -16.62
C CYS A 760 -4.29 -2.59 -17.71
N THR A 761 -3.83 -3.80 -18.04
CA THR A 761 -4.53 -4.62 -19.03
C THR A 761 -5.92 -5.00 -18.54
N GLN A 762 -6.04 -5.39 -17.27
CA GLN A 762 -7.34 -5.75 -16.72
C GLN A 762 -8.30 -4.56 -16.74
N LEU A 763 -7.81 -3.39 -16.33
CA LEU A 763 -8.69 -2.23 -16.26
C LEU A 763 -9.12 -1.78 -17.66
N ASN A 764 -8.18 -1.77 -18.61
CA ASN A 764 -8.51 -1.38 -19.97
C ASN A 764 -9.46 -2.38 -20.61
N ARG A 765 -9.29 -3.68 -20.31
CA ARG A 765 -10.18 -4.70 -20.83
C ARG A 765 -11.58 -4.56 -20.28
N ALA A 766 -11.70 -4.27 -18.98
CA ALA A 766 -13.02 -4.09 -18.38
C ALA A 766 -13.74 -2.87 -18.95
N LEU A 767 -12.99 -1.77 -19.12
CA LEU A 767 -13.60 -0.57 -19.69
C LEU A 767 -14.02 -0.78 -21.15
N THR A 768 -13.20 -1.52 -21.92
CA THR A 768 -13.57 -1.84 -23.30
C THR A 768 -14.80 -2.74 -23.33
N GLY A 769 -14.91 -3.65 -22.36
CA GLY A 769 -16.07 -4.51 -22.28
C GLY A 769 -17.35 -3.74 -22.03
N ILE A 770 -17.32 -2.80 -21.08
CA ILE A 770 -18.54 -2.03 -20.85
C ILE A 770 -18.81 -1.06 -22.00
N ALA A 771 -17.76 -0.59 -22.69
CA ALA A 771 -17.95 0.26 -23.86
C ALA A 771 -18.66 -0.48 -24.98
N VAL A 772 -18.28 -1.75 -25.20
CA VAL A 772 -19.00 -2.57 -26.18
C VAL A 772 -20.42 -2.84 -25.71
N GLU A 773 -20.59 -3.09 -24.40
CA GLU A 773 -21.90 -3.43 -23.87
C GLU A 773 -22.89 -2.28 -23.99
N GLN A 774 -22.42 -1.03 -23.98
CA GLN A 774 -23.35 0.09 -24.18
C GLN A 774 -24.01 0.06 -25.56
N ASP A 775 -23.21 -0.12 -26.63
CA ASP A 775 -23.79 -0.21 -27.96
C ASP A 775 -24.60 -1.49 -28.12
N LYS A 776 -24.21 -2.55 -27.42
CA LYS A 776 -25.00 -3.78 -27.42
C LYS A 776 -26.38 -3.51 -26.82
N ASN A 777 -26.44 -2.72 -25.75
CA ASN A 777 -27.72 -2.38 -25.13
C ASN A 777 -28.58 -1.54 -26.04
N THR A 778 -27.97 -0.55 -26.70
CA THR A 778 -28.74 0.31 -27.60
C THR A 778 -29.28 -0.48 -28.79
N GLN A 779 -28.48 -1.41 -29.32
CA GLN A 779 -28.94 -2.24 -30.42
C GLN A 779 -30.02 -3.23 -29.96
N GLU A 780 -29.90 -3.74 -28.73
CA GLU A 780 -30.93 -4.62 -28.20
C GLU A 780 -32.25 -3.90 -28.00
N VAL A 781 -32.20 -2.64 -27.56
CA VAL A 781 -33.44 -1.90 -27.33
C VAL A 781 -34.07 -1.48 -28.65
N PHE A 782 -33.35 -0.72 -29.47
CA PHE A 782 -33.99 -0.08 -30.60
C PHE A 782 -34.06 -0.94 -31.86
N ALA A 783 -33.01 -1.69 -32.18
CA ALA A 783 -32.97 -2.43 -33.43
C ALA A 783 -33.78 -3.73 -33.40
N GLN A 784 -35.09 -3.64 -33.19
CA GLN A 784 -35.96 -4.79 -33.20
C GLN A 784 -36.87 -4.84 -34.42
N VAL A 785 -36.57 -4.04 -35.45
CA VAL A 785 -37.25 -4.11 -36.73
C VAL A 785 -36.25 -4.54 -37.79
N LYS A 786 -36.67 -5.45 -38.66
CA LYS A 786 -35.80 -5.91 -39.74
C LYS A 786 -35.71 -4.91 -40.87
N GLN A 787 -36.57 -3.89 -40.88
CA GLN A 787 -36.65 -2.97 -42.00
C GLN A 787 -37.31 -1.68 -41.55
N ILE A 788 -37.04 -0.61 -42.28
CA ILE A 788 -37.49 0.73 -41.90
C ILE A 788 -38.84 0.98 -42.55
N TYR A 789 -39.86 1.23 -41.74
CA TYR A 789 -41.19 1.52 -42.25
C TYR A 789 -41.41 3.02 -42.33
N LYS A 790 -42.09 3.44 -43.38
CA LYS A 790 -42.38 4.85 -43.61
C LYS A 790 -43.88 5.07 -43.49
N THR A 791 -44.27 6.11 -42.76
CA THR A 791 -45.66 6.49 -42.67
C THR A 791 -46.14 7.01 -44.03
N PRO A 792 -47.40 6.81 -44.38
CA PRO A 792 -47.92 7.35 -45.65
C PRO A 792 -47.91 8.86 -45.64
N PRO A 793 -47.77 9.49 -46.81
CA PRO A 793 -47.74 10.95 -46.86
C PRO A 793 -49.05 11.61 -46.45
N ILE A 794 -50.17 10.93 -46.64
CA ILE A 794 -51.48 11.44 -46.22
C ILE A 794 -51.84 10.76 -44.91
N LYS A 795 -51.86 11.54 -43.83
CA LYS A 795 -52.05 11.01 -42.49
C LYS A 795 -53.51 10.94 -42.09
N ASP A 796 -54.27 10.05 -42.74
CA ASP A 796 -55.67 9.85 -42.42
C ASP A 796 -55.87 8.72 -41.42
N PHE A 797 -55.42 8.92 -40.18
CA PHE A 797 -55.47 7.85 -39.19
C PHE A 797 -56.71 7.92 -38.32
N GLY A 798 -57.89 7.91 -38.96
CA GLY A 798 -59.14 7.86 -38.21
C GLY A 798 -59.43 9.06 -37.35
N GLY A 799 -58.80 10.20 -37.62
CA GLY A 799 -58.94 11.38 -36.81
C GLY A 799 -57.86 11.54 -35.75
N PHE A 800 -57.07 10.50 -35.50
CA PHE A 800 -55.99 10.62 -34.54
C PHE A 800 -54.86 11.44 -35.15
N ASN A 801 -54.19 12.23 -34.32
CA ASN A 801 -53.21 13.20 -34.79
C ASN A 801 -51.84 12.83 -34.20
N PHE A 802 -50.99 12.25 -35.03
CA PHE A 802 -49.64 11.88 -34.63
C PHE A 802 -48.58 12.88 -35.08
N SER A 803 -48.93 14.16 -35.24
CA SER A 803 -47.96 15.11 -35.76
C SER A 803 -46.85 15.40 -34.75
N GLN A 804 -47.13 15.25 -33.46
CA GLN A 804 -46.13 15.53 -32.44
C GLN A 804 -45.09 14.43 -32.30
N ILE A 805 -45.45 13.18 -32.58
CA ILE A 805 -44.54 12.06 -32.36
C ILE A 805 -43.92 11.55 -33.65
N LEU A 806 -44.55 11.75 -34.80
CA LEU A 806 -43.95 11.38 -36.06
C LEU A 806 -42.86 12.40 -36.42
N PRO A 807 -41.86 11.99 -37.18
CA PRO A 807 -40.76 12.92 -37.51
C PRO A 807 -41.22 14.08 -38.39
N ASP A 808 -40.59 15.23 -38.18
CA ASP A 808 -40.86 16.42 -38.96
C ASP A 808 -39.69 16.70 -39.88
N PRO A 809 -39.91 16.97 -41.16
CA PRO A 809 -38.79 17.18 -42.09
C PRO A 809 -37.95 18.42 -41.81
N SER A 810 -38.50 19.42 -41.10
CA SER A 810 -37.77 20.65 -40.84
C SER A 810 -36.58 20.45 -39.90
N LYS A 811 -36.70 19.57 -38.93
CA LYS A 811 -35.66 19.21 -37.97
C LYS A 811 -34.66 18.27 -38.63
N PRO A 812 -33.61 17.80 -37.91
CA PRO A 812 -32.97 16.53 -38.33
C PRO A 812 -34.02 15.48 -38.57
N SER A 813 -34.07 14.97 -39.81
CA SER A 813 -35.29 14.46 -40.43
C SER A 813 -35.93 13.30 -39.68
N LYS A 814 -35.17 12.58 -38.85
CA LYS A 814 -35.76 11.52 -38.05
C LYS A 814 -36.19 11.97 -36.66
N ARG A 815 -35.92 13.22 -36.28
CA ARG A 815 -36.22 13.70 -34.95
C ARG A 815 -37.59 14.35 -34.93
N SER A 816 -38.41 13.99 -33.94
CA SER A 816 -39.77 14.49 -33.85
C SER A 816 -39.84 15.70 -32.93
N PHE A 817 -41.07 16.18 -32.74
CA PHE A 817 -41.30 17.33 -31.85
C PHE A 817 -41.02 16.98 -30.40
N ILE A 818 -41.59 15.87 -29.93
CA ILE A 818 -41.41 15.46 -28.55
C ILE A 818 -39.96 15.03 -28.31
N GLU A 819 -39.34 14.39 -29.30
CA GLU A 819 -37.92 14.05 -29.20
C GLU A 819 -37.05 15.31 -29.15
N ASP A 820 -37.47 16.36 -29.86
CA ASP A 820 -36.78 17.64 -29.75
C ASP A 820 -36.94 18.28 -28.37
N LEU A 821 -38.11 18.10 -27.75
CA LEU A 821 -38.26 18.56 -26.36
C LEU A 821 -37.37 17.76 -25.42
N LEU A 822 -37.26 16.46 -25.66
CA LEU A 822 -36.45 15.60 -24.80
C LEU A 822 -34.97 15.93 -24.92
N PHE A 823 -34.49 16.19 -26.13
CA PHE A 823 -33.09 16.51 -26.32
C PHE A 823 -32.71 17.88 -25.77
N ASN A 824 -33.69 18.75 -25.54
CA ASN A 824 -33.40 20.08 -25.01
C ASN A 824 -33.65 20.16 -23.51
N LYS A 825 -34.50 19.30 -22.97
CA LYS A 825 -34.81 19.34 -21.54
C LYS A 825 -33.70 18.79 -20.67
N VAL A 826 -32.69 18.14 -21.25
CA VAL A 826 -31.54 17.64 -20.50
C VAL A 826 -30.26 18.17 -21.13
N THR A 827 -29.31 18.55 -20.29
CA THR A 827 -28.03 19.08 -20.73
C THR A 827 -26.93 18.48 -19.86
N LEU A 828 -25.69 18.83 -20.19
CA LEU A 828 -24.54 18.40 -19.41
C LEU A 828 -24.51 19.10 -18.05
N LYS A 854 -9.73 16.41 -24.74
CA LYS A 854 -10.01 15.75 -23.47
C LYS A 854 -8.83 15.86 -22.53
N PHE A 855 -9.00 15.32 -21.32
CA PHE A 855 -7.93 15.36 -20.34
C PHE A 855 -6.95 14.21 -20.59
N ASN A 856 -6.02 14.06 -19.65
CA ASN A 856 -5.00 13.03 -19.78
C ASN A 856 -5.59 11.64 -19.59
N GLY A 857 -5.19 10.71 -20.45
CA GLY A 857 -5.64 9.33 -20.35
C GLY A 857 -7.05 9.07 -20.82
N LEU A 858 -7.99 9.91 -20.39
CA LEU A 858 -9.40 9.72 -20.67
C LEU A 858 -9.69 9.88 -22.15
N THR A 859 -10.69 9.14 -22.62
CA THR A 859 -11.29 9.37 -23.93
C THR A 859 -12.75 8.96 -23.85
N VAL A 860 -13.54 9.53 -24.74
CA VAL A 860 -14.97 9.24 -24.79
C VAL A 860 -15.28 8.73 -26.19
N LEU A 861 -15.41 7.42 -26.31
CA LEU A 861 -15.73 6.82 -27.60
C LEU A 861 -17.15 7.17 -27.99
N PRO A 862 -17.37 7.53 -29.26
CA PRO A 862 -18.73 7.81 -29.71
C PRO A 862 -19.54 6.53 -29.78
N PRO A 863 -20.85 6.62 -29.58
CA PRO A 863 -21.69 5.42 -29.73
C PRO A 863 -21.78 5.00 -31.18
N LEU A 864 -22.02 3.70 -31.38
CA LEU A 864 -22.10 3.17 -32.75
C LEU A 864 -23.32 3.73 -33.48
N LEU A 865 -24.47 3.75 -32.82
CA LEU A 865 -25.69 4.32 -33.40
C LEU A 865 -25.76 5.79 -33.01
N THR A 866 -25.73 6.67 -34.01
CA THR A 866 -25.87 8.09 -33.73
C THR A 866 -27.30 8.43 -33.33
N ASP A 867 -27.49 9.67 -32.87
CA ASP A 867 -28.81 10.10 -32.41
C ASP A 867 -29.82 10.12 -33.54
N GLU A 868 -29.41 10.54 -34.73
CA GLU A 868 -30.32 10.52 -35.87
C GLU A 868 -30.69 9.10 -36.27
N MET A 869 -29.76 8.16 -36.14
CA MET A 869 -30.03 6.76 -36.46
C MET A 869 -30.99 6.11 -35.45
N ILE A 870 -30.82 6.42 -34.16
CA ILE A 870 -31.76 5.96 -33.15
C ILE A 870 -33.14 6.58 -33.40
N ALA A 871 -33.16 7.85 -33.80
CA ALA A 871 -34.42 8.50 -34.12
C ALA A 871 -35.08 7.85 -35.33
N GLN A 872 -34.27 7.35 -36.27
CA GLN A 872 -34.82 6.65 -37.42
C GLN A 872 -35.41 5.30 -37.04
N TYR A 873 -34.76 4.57 -36.12
CA TYR A 873 -35.42 3.39 -35.55
C TYR A 873 -36.72 3.72 -34.84
N THR A 874 -36.77 4.82 -34.07
CA THR A 874 -38.01 5.17 -33.41
C THR A 874 -39.09 5.52 -34.42
N SER A 875 -38.71 6.19 -35.51
CA SER A 875 -39.64 6.47 -36.59
C SER A 875 -40.14 5.20 -37.25
N ALA A 876 -39.26 4.22 -37.44
CA ALA A 876 -39.69 2.94 -38.03
C ALA A 876 -40.66 2.21 -37.11
N LEU A 877 -40.37 2.20 -35.81
CA LEU A 877 -41.27 1.55 -34.86
C LEU A 877 -42.63 2.25 -34.80
N LEU A 878 -42.61 3.58 -34.83
CA LEU A 878 -43.86 4.34 -34.84
C LEU A 878 -44.66 4.07 -36.10
N ALA A 879 -44.00 4.02 -37.26
CA ALA A 879 -44.70 3.74 -38.50
C ALA A 879 -45.28 2.33 -38.50
N GLY A 880 -44.53 1.36 -37.98
CA GLY A 880 -45.03 0.01 -37.86
C GLY A 880 -46.24 -0.11 -36.94
N THR A 881 -46.20 0.56 -35.79
CA THR A 881 -47.34 0.46 -34.87
C THR A 881 -48.55 1.22 -35.38
N ILE A 882 -48.34 2.36 -36.03
CA ILE A 882 -49.45 3.13 -36.57
C ILE A 882 -50.11 2.43 -37.75
N THR A 883 -49.33 1.94 -38.70
CA THR A 883 -49.88 1.30 -39.89
C THR A 883 -50.31 -0.14 -39.67
N SER A 884 -49.46 -0.98 -39.06
CA SER A 884 -49.70 -2.41 -39.13
C SER A 884 -50.06 -3.06 -37.79
N GLY A 885 -50.17 -2.31 -36.70
CA GLY A 885 -50.51 -2.94 -35.44
C GLY A 885 -49.37 -3.76 -34.89
N TRP A 886 -49.72 -4.90 -34.28
CA TRP A 886 -48.70 -5.80 -33.75
C TRP A 886 -48.15 -6.76 -34.78
N THR A 887 -48.66 -6.71 -36.01
CA THR A 887 -48.29 -7.71 -37.01
C THR A 887 -46.84 -7.57 -37.44
N PHE A 888 -46.32 -6.34 -37.47
CA PHE A 888 -44.96 -6.14 -37.97
C PHE A 888 -43.90 -6.62 -36.99
N GLY A 889 -44.25 -6.85 -35.73
CA GLY A 889 -43.31 -7.42 -34.79
C GLY A 889 -43.28 -8.93 -34.85
N ALA A 890 -44.36 -9.51 -35.39
CA ALA A 890 -44.46 -10.97 -35.46
C ALA A 890 -43.95 -11.50 -36.79
N GLY A 891 -44.40 -10.93 -37.89
CA GLY A 891 -43.97 -11.34 -39.21
C GLY A 891 -43.85 -10.15 -40.12
N ALA A 892 -44.29 -10.31 -41.36
CA ALA A 892 -44.30 -9.18 -42.29
C ALA A 892 -45.33 -8.16 -41.84
N ALA A 893 -45.09 -6.90 -42.20
CA ALA A 893 -46.01 -5.84 -41.82
C ALA A 893 -47.28 -5.93 -42.66
N LEU A 894 -48.41 -6.06 -41.98
CA LEU A 894 -49.70 -6.19 -42.64
C LEU A 894 -50.52 -4.94 -42.31
N GLN A 895 -50.80 -4.13 -43.31
CA GLN A 895 -51.48 -2.87 -43.08
C GLN A 895 -52.91 -3.13 -42.64
N ILE A 896 -53.44 -2.19 -41.86
CA ILE A 896 -54.80 -2.26 -41.36
C ILE A 896 -55.19 -0.82 -41.03
N PRO A 897 -56.40 -0.37 -41.34
CA PRO A 897 -56.80 0.98 -40.95
C PRO A 897 -56.81 1.13 -39.44
N PHE A 898 -56.46 2.33 -38.99
CA PHE A 898 -56.09 2.53 -37.60
C PHE A 898 -57.27 2.40 -36.65
N ALA A 899 -58.46 2.75 -37.11
CA ALA A 899 -59.66 2.56 -36.30
C ALA A 899 -59.88 1.08 -36.02
N MET A 900 -59.65 0.22 -37.01
CA MET A 900 -59.82 -1.21 -36.78
C MET A 900 -58.72 -1.75 -35.88
N GLN A 901 -57.56 -1.10 -35.86
CA GLN A 901 -56.51 -1.51 -34.93
C GLN A 901 -56.88 -1.16 -33.49
N MET A 902 -57.47 0.02 -33.28
CA MET A 902 -58.00 0.31 -31.95
C MET A 902 -59.17 -0.59 -31.59
N ALA A 903 -59.95 -1.04 -32.58
CA ALA A 903 -61.00 -2.00 -32.28
C ALA A 903 -60.41 -3.33 -31.83
N TYR A 904 -59.31 -3.74 -32.46
CA TYR A 904 -58.62 -4.95 -32.04
C TYR A 904 -58.09 -4.82 -30.61
N ARG A 905 -57.52 -3.66 -30.28
CA ARG A 905 -56.95 -3.49 -28.94
C ARG A 905 -58.03 -3.37 -27.88
N PHE A 906 -59.13 -2.69 -28.21
CA PHE A 906 -60.27 -2.63 -27.31
C PHE A 906 -60.84 -4.02 -27.05
N ASN A 907 -60.95 -4.82 -28.12
CA ASN A 907 -61.41 -6.20 -27.96
C ASN A 907 -60.40 -7.01 -27.16
N GLY A 908 -59.13 -6.65 -27.24
CA GLY A 908 -58.12 -7.31 -26.42
C GLY A 908 -58.29 -7.02 -24.94
N ILE A 909 -58.71 -5.80 -24.60
CA ILE A 909 -58.84 -5.47 -23.18
C ILE A 909 -60.25 -5.73 -22.69
N GLY A 910 -61.04 -6.49 -23.44
CA GLY A 910 -62.33 -6.93 -22.96
C GLY A 910 -63.46 -5.94 -23.12
N VAL A 911 -63.32 -4.98 -24.02
CA VAL A 911 -64.37 -4.01 -24.32
C VAL A 911 -64.75 -4.18 -25.78
N THR A 912 -66.05 -4.29 -26.07
CA THR A 912 -66.49 -4.63 -27.41
C THR A 912 -66.16 -3.52 -28.39
N GLN A 913 -66.10 -3.90 -29.68
CA GLN A 913 -65.62 -2.99 -30.72
C GLN A 913 -66.59 -1.83 -30.94
N ASN A 914 -67.88 -2.06 -30.67
CA ASN A 914 -68.86 -1.01 -30.89
C ASN A 914 -68.69 0.15 -29.93
N VAL A 915 -68.07 -0.08 -28.77
CA VAL A 915 -67.74 1.02 -27.88
C VAL A 915 -66.74 1.97 -28.52
N LEU A 916 -65.76 1.46 -29.26
CA LEU A 916 -64.86 2.32 -30.01
C LEU A 916 -65.56 2.98 -31.18
N TYR A 917 -66.32 2.20 -31.96
CA TYR A 917 -66.86 2.75 -33.20
C TYR A 917 -67.96 3.77 -32.94
N GLU A 918 -68.70 3.63 -31.84
CA GLU A 918 -69.70 4.63 -31.51
C GLU A 918 -69.12 5.84 -30.83
N ASN A 919 -67.87 5.79 -30.35
CA ASN A 919 -67.26 6.90 -29.65
C ASN A 919 -65.92 7.30 -30.26
N GLN A 920 -65.72 7.03 -31.55
CA GLN A 920 -64.43 7.28 -32.21
C GLN A 920 -64.03 8.74 -32.16
N LYS A 921 -64.98 9.66 -32.39
CA LYS A 921 -64.64 11.08 -32.37
C LYS A 921 -64.21 11.53 -30.98
N LEU A 922 -64.92 11.08 -29.95
CA LEU A 922 -64.55 11.41 -28.58
C LEU A 922 -63.19 10.81 -28.21
N ILE A 923 -62.94 9.59 -28.66
CA ILE A 923 -61.67 8.93 -28.33
C ILE A 923 -60.50 9.62 -29.03
N ALA A 924 -60.71 10.02 -30.29
CA ALA A 924 -59.66 10.75 -31.00
C ALA A 924 -59.38 12.10 -30.37
N ASN A 925 -60.44 12.81 -29.95
CA ASN A 925 -60.26 14.10 -29.30
C ASN A 925 -59.54 13.95 -27.96
N GLN A 926 -59.90 12.92 -27.20
CA GLN A 926 -59.24 12.69 -25.92
C GLN A 926 -57.78 12.31 -26.10
N PHE A 927 -57.47 11.51 -27.13
CA PHE A 927 -56.09 11.13 -27.39
C PHE A 927 -55.25 12.33 -27.82
N ASN A 928 -55.81 13.19 -28.67
CA ASN A 928 -55.09 14.39 -29.10
C ASN A 928 -54.87 15.33 -27.92
N SER A 929 -55.87 15.48 -27.05
CA SER A 929 -55.70 16.31 -25.87
C SER A 929 -54.67 15.71 -24.91
N ALA A 930 -54.61 14.39 -24.81
CA ALA A 930 -53.61 13.76 -23.95
C ALA A 930 -52.20 13.95 -24.51
N ILE A 931 -52.06 13.87 -25.83
CA ILE A 931 -50.76 14.12 -26.47
C ILE A 931 -50.33 15.56 -26.24
N GLY A 932 -51.27 16.50 -26.37
CA GLY A 932 -50.96 17.90 -26.10
C GLY A 932 -50.56 18.15 -24.65
N LYS A 933 -51.25 17.49 -23.72
CA LYS A 933 -50.91 17.64 -22.31
C LYS A 933 -49.53 17.06 -22.01
N ILE A 934 -49.18 15.93 -22.65
CA ILE A 934 -47.85 15.36 -22.50
C ILE A 934 -46.79 16.31 -23.04
N GLN A 935 -47.07 16.92 -24.20
CA GLN A 935 -46.15 17.89 -24.78
C GLN A 935 -45.94 19.09 -23.85
N ASP A 936 -47.03 19.59 -23.27
CA ASP A 936 -46.93 20.73 -22.36
C ASP A 936 -46.17 20.35 -21.08
N SER A 937 -46.41 19.15 -20.57
CA SER A 937 -45.71 18.70 -19.36
C SER A 937 -44.22 18.54 -19.59
N LEU A 938 -43.84 18.03 -20.77
CA LEU A 938 -42.43 17.91 -21.09
C LEU A 938 -41.80 19.27 -21.35
N SER A 939 -42.57 20.20 -21.93
CA SER A 939 -42.03 21.52 -22.25
C SER A 939 -41.85 22.37 -21.00
N SER A 940 -42.73 22.23 -20.01
CA SER A 940 -42.71 23.12 -18.85
C SER A 940 -41.80 22.58 -17.74
N THR A 941 -42.09 21.39 -17.23
CA THR A 941 -41.33 20.83 -16.12
C THR A 941 -40.22 19.93 -16.64
N ALA A 942 -38.99 20.46 -16.53
CA ALA A 942 -37.82 19.71 -16.96
C ALA A 942 -37.40 18.65 -15.96
N SER A 943 -38.02 18.63 -14.77
CA SER A 943 -37.63 17.68 -13.74
C SER A 943 -38.15 16.28 -13.99
N ALA A 944 -38.99 16.09 -15.03
CA ALA A 944 -39.54 14.77 -15.30
C ALA A 944 -38.49 13.80 -15.81
N LEU A 945 -37.41 14.30 -16.39
CA LEU A 945 -36.35 13.48 -16.96
C LEU A 945 -35.21 13.23 -15.98
N GLY A 946 -35.50 13.18 -14.68
CA GLY A 946 -34.44 12.98 -13.70
C GLY A 946 -33.79 11.62 -13.78
N LYS A 947 -34.59 10.58 -14.05
CA LYS A 947 -34.07 9.22 -14.14
C LYS A 947 -33.15 9.04 -15.33
N LEU A 948 -33.19 9.95 -16.29
CA LEU A 948 -32.27 9.97 -17.42
C LEU A 948 -31.16 10.98 -17.26
N GLN A 949 -31.37 12.04 -16.49
CA GLN A 949 -30.31 13.00 -16.21
C GLN A 949 -29.29 12.40 -15.25
N ASP A 950 -29.74 11.48 -14.38
CA ASP A 950 -28.87 10.98 -13.33
C ASP A 950 -27.73 10.13 -13.86
N VAL A 951 -27.92 9.45 -14.99
CA VAL A 951 -26.81 8.65 -15.53
C VAL A 951 -25.70 9.56 -16.06
N VAL A 952 -26.08 10.67 -16.71
CA VAL A 952 -25.10 11.64 -17.17
C VAL A 952 -24.41 12.30 -15.98
N ASN A 953 -25.19 12.65 -14.95
CA ASN A 953 -24.61 13.29 -13.78
C ASN A 953 -23.65 12.36 -13.06
N GLN A 954 -24.01 11.09 -12.91
CA GLN A 954 -23.15 10.14 -12.22
C GLN A 954 -21.88 9.86 -13.01
N ASN A 955 -21.99 9.71 -14.34
CA ASN A 955 -20.81 9.45 -15.14
C ASN A 955 -19.87 10.65 -15.13
N ALA A 956 -20.42 11.86 -15.25
CA ALA A 956 -19.61 13.06 -15.19
C ALA A 956 -18.97 13.24 -13.82
N GLN A 957 -19.69 12.87 -12.76
CA GLN A 957 -19.14 12.98 -11.41
C GLN A 957 -18.00 11.98 -11.19
N ALA A 958 -18.16 10.76 -11.70
CA ALA A 958 -17.11 9.76 -11.57
C ALA A 958 -15.86 10.16 -12.34
N LEU A 959 -16.04 10.66 -13.56
CA LEU A 959 -14.88 11.13 -14.33
C LEU A 959 -14.24 12.34 -13.67
N ASN A 960 -15.05 13.24 -13.11
CA ASN A 960 -14.52 14.44 -12.48
C ASN A 960 -13.71 14.09 -11.24
N THR A 961 -14.21 13.16 -10.42
CA THR A 961 -13.43 12.80 -9.24
C THR A 961 -12.22 11.95 -9.60
N LEU A 962 -12.28 11.19 -10.70
CA LEU A 962 -11.10 10.48 -11.16
C LEU A 962 -10.01 11.44 -11.63
N VAL A 963 -10.40 12.52 -12.28
CA VAL A 963 -9.42 13.53 -12.68
C VAL A 963 -8.90 14.28 -11.45
N LYS A 964 -9.78 14.60 -10.51
CA LYS A 964 -9.35 15.34 -9.33
C LYS A 964 -8.49 14.49 -8.41
N GLN A 965 -8.52 13.17 -8.57
CA GLN A 965 -7.65 12.30 -7.80
C GLN A 965 -6.18 12.42 -8.21
N LEU A 966 -5.88 13.07 -9.33
CA LEU A 966 -4.50 13.21 -9.76
C LEU A 966 -3.73 14.15 -8.86
N SER A 967 -4.42 15.10 -8.22
CA SER A 967 -3.76 16.03 -7.33
C SER A 967 -3.83 15.61 -5.86
N SER A 968 -4.03 14.33 -5.59
CA SER A 968 -4.22 13.86 -4.23
C SER A 968 -2.93 13.80 -3.42
N ASN A 969 -1.79 13.60 -4.07
CA ASN A 969 -0.42 13.65 -3.54
C ASN A 969 -0.06 12.42 -2.69
N PHE A 970 -1.07 11.66 -2.26
CA PHE A 970 -1.00 10.29 -1.74
C PHE A 970 0.14 10.05 -0.74
N GLY A 971 0.54 11.05 0.03
CA GLY A 971 1.65 10.89 0.93
C GLY A 971 3.01 11.17 0.34
N ALA A 972 3.10 11.40 -0.97
CA ALA A 972 4.37 11.78 -1.57
C ALA A 972 4.66 13.25 -1.26
N ILE A 973 5.73 13.76 -1.87
CA ILE A 973 6.09 15.15 -1.62
C ILE A 973 5.40 16.11 -2.57
N SER A 974 4.98 15.67 -3.75
CA SER A 974 4.14 16.48 -4.63
C SER A 974 3.39 15.57 -5.57
N SER A 975 2.19 16.01 -5.95
CA SER A 975 1.36 15.26 -6.87
C SER A 975 1.79 15.42 -8.32
N VAL A 976 2.70 16.33 -8.61
CA VAL A 976 3.22 16.52 -9.96
C VAL A 976 4.37 15.53 -10.12
N LEU A 977 4.20 14.55 -11.01
CA LEU A 977 5.17 13.47 -11.10
C LEU A 977 6.47 13.95 -11.75
N ASN A 978 6.36 14.88 -12.69
CA ASN A 978 7.57 15.45 -13.30
C ASN A 978 8.26 16.43 -12.38
N ASP A 979 7.63 16.84 -11.27
CA ASP A 979 8.31 17.67 -10.29
C ASP A 979 9.12 16.82 -9.32
N ILE A 980 8.53 15.75 -8.82
CA ILE A 980 9.26 14.88 -7.90
C ILE A 980 10.25 14.01 -8.65
N LEU A 981 10.08 13.89 -9.98
CA LEU A 981 11.09 13.22 -10.77
C LEU A 981 12.28 14.12 -11.00
N SER A 982 12.06 15.43 -11.09
CA SER A 982 13.14 16.38 -11.33
C SER A 982 13.90 16.71 -10.05
N ARG A 983 13.20 16.81 -8.92
CA ARG A 983 13.86 17.26 -7.70
C ARG A 983 14.75 16.20 -7.07
N LEU A 984 14.51 14.93 -7.31
CA LEU A 984 15.19 13.88 -6.57
C LEU A 984 15.95 12.96 -7.51
N ASP A 985 17.01 12.37 -6.97
CA ASP A 985 17.70 11.28 -7.62
C ASP A 985 16.80 10.05 -7.66
N PRO A 986 16.99 9.17 -8.64
CA PRO A 986 16.13 7.96 -8.76
C PRO A 986 16.13 7.06 -7.54
N PRO A 987 17.23 6.88 -6.78
CA PRO A 987 17.12 6.03 -5.57
C PRO A 987 16.11 6.49 -4.54
N GLU A 988 15.87 7.80 -4.41
CA GLU A 988 14.84 8.26 -3.49
C GLU A 988 13.59 8.77 -4.18
N ALA A 989 13.66 9.05 -5.49
CA ALA A 989 12.45 9.37 -6.22
C ALA A 989 11.63 8.13 -6.52
N GLU A 990 12.28 6.95 -6.49
CA GLU A 990 11.56 5.70 -6.74
C GLU A 990 10.50 5.45 -5.68
N VAL A 991 10.82 5.76 -4.42
CA VAL A 991 9.86 5.56 -3.33
C VAL A 991 8.65 6.47 -3.47
N GLN A 992 8.87 7.72 -3.84
CA GLN A 992 7.77 8.68 -4.00
C GLN A 992 6.91 8.34 -5.21
N ILE A 993 7.56 7.97 -6.33
CA ILE A 993 6.82 7.58 -7.52
C ILE A 993 6.01 6.32 -7.26
N ASP A 994 6.56 5.39 -6.46
CA ASP A 994 5.81 4.22 -6.07
C ASP A 994 4.60 4.55 -5.22
N ARG A 995 4.70 5.57 -4.36
CA ARG A 995 3.55 5.99 -3.56
C ARG A 995 2.45 6.56 -4.45
N LEU A 996 2.85 7.40 -5.41
CA LEU A 996 1.86 7.95 -6.34
C LEU A 996 1.22 6.87 -7.21
N ILE A 997 2.01 5.88 -7.63
CA ILE A 997 1.48 4.78 -8.42
C ILE A 997 0.47 3.97 -7.60
N THR A 998 0.83 3.67 -6.35
CA THR A 998 -0.05 2.90 -5.48
C THR A 998 -1.35 3.63 -5.22
N GLY A 999 -1.29 4.96 -5.09
CA GLY A 999 -2.52 5.71 -4.91
C GLY A 999 -3.40 5.81 -6.15
N ARG A 1000 -2.78 6.16 -7.28
CA ARG A 1000 -3.55 6.35 -8.51
C ARG A 1000 -4.12 5.03 -9.01
N LEU A 1001 -3.43 3.92 -8.77
CA LEU A 1001 -3.95 2.62 -9.17
C LEU A 1001 -5.18 2.26 -8.34
N GLN A 1002 -5.17 2.58 -7.05
CA GLN A 1002 -6.35 2.34 -6.23
C GLN A 1002 -7.53 3.20 -6.66
N SER A 1003 -7.25 4.47 -7.02
CA SER A 1003 -8.31 5.33 -7.54
C SER A 1003 -8.89 4.78 -8.83
N LEU A 1004 -8.02 4.26 -9.71
CA LEU A 1004 -8.48 3.68 -10.96
C LEU A 1004 -9.28 2.40 -10.75
N GLN A 1005 -8.84 1.57 -9.80
CA GLN A 1005 -9.62 0.38 -9.42
C GLN A 1005 -11.01 0.76 -8.94
N THR A 1006 -11.10 1.77 -8.07
CA THR A 1006 -12.38 2.19 -7.54
C THR A 1006 -13.27 2.72 -8.64
N TYR A 1007 -12.70 3.52 -9.56
CA TYR A 1007 -13.49 4.07 -10.66
C TYR A 1007 -14.02 2.98 -11.57
N VAL A 1008 -13.18 2.01 -11.91
CA VAL A 1008 -13.59 0.96 -12.83
C VAL A 1008 -14.62 0.05 -12.17
N THR A 1009 -14.49 -0.21 -10.87
CA THR A 1009 -15.49 -1.01 -10.17
C THR A 1009 -16.83 -0.29 -10.12
N GLN A 1010 -16.83 1.02 -9.87
CA GLN A 1010 -18.07 1.78 -9.91
C GLN A 1010 -18.67 1.78 -11.30
N GLN A 1011 -17.83 1.86 -12.33
CA GLN A 1011 -18.32 1.81 -13.71
C GLN A 1011 -18.95 0.47 -14.03
N LEU A 1012 -18.33 -0.62 -13.53
CA LEU A 1012 -18.88 -1.96 -13.77
C LEU A 1012 -20.23 -2.12 -13.09
N ILE A 1013 -20.36 -1.63 -11.85
CA ILE A 1013 -21.62 -1.76 -11.13
C ILE A 1013 -22.71 -0.92 -11.79
N ARG A 1014 -22.37 0.31 -12.18
CA ARG A 1014 -23.35 1.16 -12.85
C ARG A 1014 -23.71 0.61 -14.22
N ALA A 1015 -22.76 -0.04 -14.89
CA ALA A 1015 -23.05 -0.66 -16.17
C ALA A 1015 -23.96 -1.87 -16.01
N ALA A 1016 -23.82 -2.59 -14.90
CA ALA A 1016 -24.75 -3.67 -14.62
C ALA A 1016 -26.16 -3.14 -14.38
N GLU A 1017 -26.28 -2.03 -13.64
CA GLU A 1017 -27.59 -1.41 -13.43
C GLU A 1017 -28.20 -0.93 -14.73
N ILE A 1018 -27.40 -0.29 -15.58
CA ILE A 1018 -27.88 0.18 -16.88
C ILE A 1018 -28.24 -0.99 -17.78
N ARG A 1019 -27.51 -2.10 -17.67
CA ARG A 1019 -27.85 -3.30 -18.43
C ARG A 1019 -29.20 -3.87 -17.99
N ALA A 1020 -29.46 -3.86 -16.69
CA ALA A 1020 -30.77 -4.29 -16.20
C ALA A 1020 -31.88 -3.37 -16.72
N SER A 1021 -31.64 -2.06 -16.70
CA SER A 1021 -32.64 -1.13 -17.19
C SER A 1021 -32.82 -1.23 -18.70
N ALA A 1022 -31.75 -1.57 -19.43
CA ALA A 1022 -31.86 -1.70 -20.88
C ALA A 1022 -32.57 -2.99 -21.26
N ASN A 1023 -32.36 -4.06 -20.50
CA ASN A 1023 -33.15 -5.28 -20.72
C ASN A 1023 -34.61 -5.02 -20.41
N LEU A 1024 -34.90 -4.26 -19.36
CA LEU A 1024 -36.29 -3.90 -19.07
C LEU A 1024 -36.88 -3.02 -20.17
N ALA A 1025 -36.07 -2.13 -20.76
CA ALA A 1025 -36.55 -1.29 -21.85
C ALA A 1025 -36.80 -2.12 -23.11
N ALA A 1026 -35.94 -3.09 -23.40
CA ALA A 1026 -36.16 -3.96 -24.54
C ALA A 1026 -37.40 -4.82 -24.36
N THR A 1027 -37.62 -5.32 -23.14
CA THR A 1027 -38.83 -6.09 -22.85
C THR A 1027 -40.07 -5.22 -22.98
N LYS A 1028 -40.00 -3.97 -22.49
CA LYS A 1028 -41.13 -3.06 -22.62
C LYS A 1028 -41.40 -2.74 -24.07
N MET A 1029 -40.36 -2.55 -24.88
CA MET A 1029 -40.54 -2.29 -26.29
C MET A 1029 -41.22 -3.47 -26.98
N SER A 1030 -40.71 -4.69 -26.74
CA SER A 1030 -41.23 -5.85 -27.44
C SER A 1030 -42.64 -6.20 -26.99
N GLU A 1031 -42.98 -5.92 -25.74
CA GLU A 1031 -44.28 -6.32 -25.22
C GLU A 1031 -45.32 -5.22 -25.22
N CYS A 1032 -44.93 -3.97 -25.51
CA CYS A 1032 -45.90 -2.88 -25.52
C CYS A 1032 -45.92 -2.10 -26.81
N VAL A 1033 -44.76 -1.91 -27.45
CA VAL A 1033 -44.71 -1.26 -28.75
C VAL A 1033 -45.19 -2.27 -29.78
N LEU A 1034 -44.49 -3.40 -29.89
CA LEU A 1034 -44.78 -4.42 -30.87
C LEU A 1034 -46.00 -5.25 -30.54
N GLY A 1035 -46.79 -4.95 -29.52
CA GLY A 1035 -47.94 -5.78 -29.20
C GLY A 1035 -48.85 -5.11 -28.21
N GLN A 1036 -49.44 -5.91 -27.33
CA GLN A 1036 -50.31 -5.41 -26.29
C GLN A 1036 -50.00 -6.14 -25.00
N SER A 1037 -49.92 -5.40 -23.90
CA SER A 1037 -49.41 -5.93 -22.64
C SER A 1037 -50.59 -6.28 -21.75
N LYS A 1038 -50.86 -7.58 -21.61
CA LYS A 1038 -51.96 -8.02 -20.76
C LYS A 1038 -51.60 -7.95 -19.28
N ARG A 1039 -50.31 -7.92 -18.96
CA ARG A 1039 -49.89 -7.80 -17.57
C ARG A 1039 -50.14 -6.37 -17.10
N VAL A 1040 -50.88 -6.23 -16.00
CA VAL A 1040 -51.72 -5.05 -15.78
C VAL A 1040 -50.94 -3.80 -15.36
N ASP A 1041 -50.13 -3.87 -14.32
CA ASP A 1041 -49.40 -2.68 -13.93
C ASP A 1041 -47.97 -2.67 -14.46
N PHE A 1042 -47.84 -3.02 -15.74
CA PHE A 1042 -46.58 -2.98 -16.49
C PHE A 1042 -46.56 -1.66 -17.24
N CYS A 1043 -46.71 -1.71 -18.57
CA CYS A 1043 -46.77 -0.54 -19.42
C CYS A 1043 -47.94 0.40 -19.32
N GLY A 1044 -47.79 1.40 -18.46
CA GLY A 1044 -48.81 2.41 -18.28
C GLY A 1044 -49.95 1.95 -17.41
N LYS A 1045 -50.03 2.50 -16.21
CA LYS A 1045 -51.13 2.11 -15.34
C LYS A 1045 -52.49 2.39 -15.96
N GLY A 1046 -53.37 1.41 -15.86
CA GLY A 1046 -54.63 1.35 -16.57
C GLY A 1046 -54.60 0.16 -17.51
N TYR A 1047 -55.70 -0.03 -18.24
CA TYR A 1047 -55.75 -1.09 -19.23
C TYR A 1047 -54.94 -0.66 -20.45
N HIS A 1048 -53.96 -1.47 -20.82
CA HIS A 1048 -53.01 -1.06 -21.84
C HIS A 1048 -53.56 -1.32 -23.23
N LEU A 1049 -53.49 -0.30 -24.08
CA LEU A 1049 -53.84 -0.44 -25.49
C LEU A 1049 -52.59 -0.61 -26.34
N MET A 1050 -51.69 0.37 -26.28
CA MET A 1050 -50.52 0.43 -27.13
C MET A 1050 -49.58 1.48 -26.57
N SER A 1051 -48.32 1.44 -27.00
CA SER A 1051 -47.32 2.39 -26.56
C SER A 1051 -46.55 2.90 -27.75
N PHE A 1052 -46.00 4.11 -27.61
CA PHE A 1052 -45.21 4.73 -28.66
C PHE A 1052 -43.80 4.99 -28.16
N PRO A 1053 -42.78 4.55 -28.89
CA PRO A 1053 -41.41 4.88 -28.50
C PRO A 1053 -41.00 6.27 -28.95
N GLN A 1054 -40.13 6.88 -28.14
CA GLN A 1054 -39.50 8.14 -28.50
C GLN A 1054 -38.02 8.06 -28.16
N SER A 1055 -37.20 8.64 -29.02
CA SER A 1055 -35.76 8.66 -28.79
C SER A 1055 -35.42 9.62 -27.66
N ALA A 1056 -34.37 9.28 -26.93
CA ALA A 1056 -33.87 10.08 -25.82
C ALA A 1056 -32.35 10.02 -25.88
N PRO A 1057 -31.65 11.03 -25.35
CA PRO A 1057 -30.18 11.09 -25.54
C PRO A 1057 -29.40 9.91 -24.97
N HIS A 1058 -29.83 9.36 -23.84
CA HIS A 1058 -29.21 8.15 -23.31
C HIS A 1058 -30.24 7.12 -22.89
N GLY A 1059 -31.39 7.10 -23.55
CA GLY A 1059 -32.44 6.19 -23.16
C GLY A 1059 -33.57 6.17 -24.15
N VAL A 1060 -34.73 5.75 -23.68
CA VAL A 1060 -35.94 5.71 -24.48
C VAL A 1060 -37.11 6.13 -23.60
N VAL A 1061 -38.03 6.89 -24.18
CA VAL A 1061 -39.21 7.38 -23.48
C VAL A 1061 -40.44 6.81 -24.17
N PHE A 1062 -41.26 6.09 -23.42
CA PHE A 1062 -42.44 5.43 -23.96
C PHE A 1062 -43.67 6.29 -23.73
N LEU A 1063 -44.55 6.34 -24.72
CA LEU A 1063 -45.85 6.99 -24.57
C LEU A 1063 -46.91 5.90 -24.51
N HIS A 1064 -47.16 5.38 -23.31
CA HIS A 1064 -48.16 4.34 -23.13
C HIS A 1064 -49.54 4.93 -23.26
N VAL A 1065 -50.38 4.33 -24.10
CA VAL A 1065 -51.76 4.75 -24.28
C VAL A 1065 -52.64 3.79 -23.50
N THR A 1066 -53.29 4.31 -22.47
CA THR A 1066 -53.96 3.48 -21.46
C THR A 1066 -55.44 3.80 -21.42
N TYR A 1067 -56.26 2.76 -21.42
CA TYR A 1067 -57.70 2.91 -21.25
C TYR A 1067 -58.00 2.91 -19.75
N VAL A 1068 -58.38 4.07 -19.23
CA VAL A 1068 -58.67 4.23 -17.82
C VAL A 1068 -60.16 4.54 -17.68
N PRO A 1069 -60.95 3.63 -17.14
CA PRO A 1069 -62.40 3.85 -17.06
C PRO A 1069 -62.77 4.80 -15.93
N ALA A 1070 -63.92 5.45 -16.09
CA ALA A 1070 -64.40 6.43 -15.12
C ALA A 1070 -65.90 6.54 -15.23
N GLN A 1071 -66.47 7.40 -14.37
CA GLN A 1071 -67.91 7.65 -14.26
C GLN A 1071 -68.68 6.36 -13.98
N GLU A 1072 -68.39 5.78 -12.82
CA GLU A 1072 -69.02 4.54 -12.40
C GLU A 1072 -70.42 4.79 -11.85
N LYS A 1073 -71.23 3.74 -11.84
CA LYS A 1073 -72.60 3.81 -11.36
C LYS A 1073 -72.93 2.55 -10.55
N ASN A 1074 -73.68 2.74 -9.47
CA ASN A 1074 -74.12 1.62 -8.64
C ASN A 1074 -75.13 0.75 -9.40
N PHE A 1075 -75.07 -0.55 -9.14
CA PHE A 1075 -76.03 -1.50 -9.69
C PHE A 1075 -76.23 -2.64 -8.71
N THR A 1076 -77.33 -3.36 -8.89
CA THR A 1076 -77.61 -4.56 -8.12
C THR A 1076 -77.46 -5.80 -9.00
N THR A 1077 -76.72 -6.78 -8.52
CA THR A 1077 -76.37 -7.93 -9.34
C THR A 1077 -76.93 -9.21 -8.77
N ALA A 1078 -76.65 -10.29 -9.50
CA ALA A 1078 -76.89 -11.66 -9.10
C ALA A 1078 -76.04 -12.56 -9.97
N PRO A 1079 -75.51 -13.64 -9.42
CA PRO A 1079 -74.67 -14.54 -10.22
C PRO A 1079 -75.40 -15.22 -11.37
N ALA A 1080 -76.69 -15.49 -11.22
CA ALA A 1080 -77.41 -16.21 -12.26
C ALA A 1080 -78.88 -15.84 -12.21
N ILE A 1081 -79.63 -16.32 -13.19
CA ILE A 1081 -81.05 -16.02 -13.33
C ILE A 1081 -81.81 -17.34 -13.36
N CYS A 1082 -82.78 -17.48 -12.46
CA CYS A 1082 -83.59 -18.69 -12.37
C CYS A 1082 -84.80 -18.56 -13.29
N HIS A 1083 -84.72 -19.17 -14.47
CA HIS A 1083 -85.83 -19.22 -15.41
C HIS A 1083 -86.19 -20.65 -15.74
N ASP A 1084 -87.47 -20.98 -15.58
CA ASP A 1084 -88.06 -22.27 -15.97
C ASP A 1084 -87.36 -23.43 -15.27
N GLY A 1085 -86.94 -23.18 -14.02
CA GLY A 1085 -86.23 -24.18 -13.26
C GLY A 1085 -84.75 -24.25 -13.55
N LYS A 1086 -84.34 -23.78 -14.73
CA LYS A 1086 -82.93 -23.75 -15.09
C LYS A 1086 -82.25 -22.53 -14.48
N ALA A 1087 -80.93 -22.54 -14.51
CA ALA A 1087 -80.13 -21.43 -14.00
C ALA A 1087 -79.25 -20.90 -15.13
N HIS A 1088 -79.59 -19.72 -15.65
CA HIS A 1088 -78.85 -19.11 -16.74
C HIS A 1088 -77.71 -18.27 -16.20
N PHE A 1089 -76.51 -18.52 -16.71
CA PHE A 1089 -75.30 -17.82 -16.35
C PHE A 1089 -74.87 -16.90 -17.48
N PRO A 1090 -74.24 -15.77 -17.19
CA PRO A 1090 -73.90 -14.83 -18.28
C PRO A 1090 -72.73 -15.33 -19.10
N ARG A 1091 -72.89 -15.27 -20.42
CA ARG A 1091 -71.83 -15.71 -21.32
C ARG A 1091 -70.62 -14.78 -21.23
N GLU A 1092 -70.85 -13.48 -21.38
CA GLU A 1092 -69.81 -12.47 -21.19
C GLU A 1092 -70.38 -11.37 -20.33
N GLY A 1093 -69.63 -10.97 -19.32
CA GLY A 1093 -70.11 -9.88 -18.49
C GLY A 1093 -70.97 -10.35 -17.33
N VAL A 1094 -71.78 -9.42 -16.82
CA VAL A 1094 -72.47 -9.61 -15.55
C VAL A 1094 -73.94 -9.26 -15.69
N PHE A 1095 -74.75 -9.81 -14.79
CA PHE A 1095 -76.13 -9.38 -14.64
C PHE A 1095 -76.19 -8.14 -13.77
N VAL A 1096 -76.94 -7.13 -14.23
CA VAL A 1096 -77.12 -5.91 -13.46
C VAL A 1096 -78.59 -5.54 -13.44
N SER A 1097 -78.95 -4.73 -12.46
CA SER A 1097 -80.30 -4.23 -12.31
C SER A 1097 -80.25 -2.73 -12.09
N ASN A 1098 -81.06 -1.99 -12.86
CA ASN A 1098 -81.19 -0.57 -12.58
C ASN A 1098 -82.22 -0.29 -11.49
N GLY A 1099 -82.83 -1.34 -10.94
CA GLY A 1099 -83.81 -1.21 -9.88
C GLY A 1099 -85.07 -2.02 -10.08
N THR A 1100 -85.52 -2.23 -11.31
CA THR A 1100 -86.75 -2.96 -11.54
C THR A 1100 -86.65 -3.92 -12.71
N HIS A 1101 -85.59 -3.82 -13.50
CA HIS A 1101 -85.32 -4.75 -14.58
C HIS A 1101 -83.96 -5.41 -14.41
N TRP A 1102 -83.60 -6.23 -15.39
CA TRP A 1102 -82.33 -6.94 -15.37
C TRP A 1102 -81.72 -6.92 -16.76
N PHE A 1103 -80.39 -6.79 -16.82
CA PHE A 1103 -79.69 -6.67 -18.09
C PHE A 1103 -78.35 -7.37 -18.00
N VAL A 1104 -77.82 -7.72 -19.17
CA VAL A 1104 -76.45 -8.17 -19.32
C VAL A 1104 -75.61 -7.00 -19.82
N THR A 1105 -74.53 -6.71 -19.12
CA THR A 1105 -73.59 -5.68 -19.55
C THR A 1105 -72.20 -6.30 -19.62
N GLN A 1106 -71.37 -5.78 -20.51
CA GLN A 1106 -69.98 -6.21 -20.51
C GLN A 1106 -69.27 -5.63 -19.29
N ARG A 1107 -68.08 -6.17 -19.02
CA ARG A 1107 -67.44 -5.96 -17.72
C ARG A 1107 -66.99 -4.52 -17.51
N ASN A 1108 -66.58 -3.84 -18.58
CA ASN A 1108 -65.88 -2.56 -18.44
C ASN A 1108 -66.61 -1.39 -19.07
N PHE A 1109 -67.83 -1.60 -19.57
CA PHE A 1109 -68.59 -0.49 -20.13
C PHE A 1109 -70.07 -0.83 -19.99
N TYR A 1110 -70.85 0.10 -19.46
CA TYR A 1110 -72.27 -0.16 -19.24
C TYR A 1110 -73.01 -0.04 -20.56
N GLU A 1111 -73.24 -1.16 -21.22
CA GLU A 1111 -74.03 -1.23 -22.44
C GLU A 1111 -75.12 -2.26 -22.23
N PRO A 1112 -76.26 -1.88 -21.66
CA PRO A 1112 -77.26 -2.87 -21.25
C PRO A 1112 -77.96 -3.52 -22.42
N GLN A 1113 -78.14 -4.83 -22.31
CA GLN A 1113 -78.85 -5.64 -23.29
C GLN A 1113 -79.89 -6.46 -22.56
N ILE A 1114 -80.96 -6.84 -23.27
CA ILE A 1114 -81.97 -7.66 -22.65
C ILE A 1114 -81.43 -9.08 -22.45
N ILE A 1115 -81.98 -9.78 -21.47
CA ILE A 1115 -81.51 -11.13 -21.15
C ILE A 1115 -82.01 -12.07 -22.24
N THR A 1116 -81.08 -12.69 -22.96
CA THR A 1116 -81.44 -13.62 -24.01
C THR A 1116 -80.67 -14.92 -23.83
N THR A 1117 -81.07 -15.93 -24.60
CA THR A 1117 -80.33 -17.18 -24.59
C THR A 1117 -79.19 -17.18 -25.57
N ASP A 1118 -78.79 -16.02 -26.09
CA ASP A 1118 -77.60 -15.90 -26.91
C ASP A 1118 -76.43 -15.26 -26.20
N ASN A 1119 -76.70 -14.50 -25.13
CA ASN A 1119 -75.65 -13.98 -24.26
C ASN A 1119 -75.69 -14.60 -22.87
N THR A 1120 -76.48 -15.66 -22.69
CA THR A 1120 -76.48 -16.44 -21.46
C THR A 1120 -76.38 -17.92 -21.81
N PHE A 1121 -75.74 -18.67 -20.94
CA PHE A 1121 -75.60 -20.11 -21.11
C PHE A 1121 -76.09 -20.81 -19.84
N VAL A 1122 -76.64 -22.00 -20.02
CA VAL A 1122 -77.43 -22.66 -18.99
C VAL A 1122 -76.64 -23.83 -18.42
N SER A 1123 -76.70 -23.98 -17.09
CA SER A 1123 -76.15 -25.14 -16.42
C SER A 1123 -76.81 -25.30 -15.06
N GLY A 1124 -77.10 -26.54 -14.70
CA GLY A 1124 -77.59 -26.80 -13.37
C GLY A 1124 -79.07 -26.46 -13.20
N ASN A 1125 -79.43 -26.16 -11.95
CA ASN A 1125 -80.77 -25.71 -11.61
C ASN A 1125 -80.67 -24.66 -10.51
N CYS A 1126 -81.83 -24.11 -10.14
CA CYS A 1126 -81.87 -22.87 -9.38
C CYS A 1126 -81.38 -23.01 -7.95
N ASP A 1127 -81.28 -24.24 -7.43
CA ASP A 1127 -81.06 -24.39 -5.99
C ASP A 1127 -79.61 -24.28 -5.58
N VAL A 1128 -78.66 -24.74 -6.41
CA VAL A 1128 -77.29 -24.90 -5.95
C VAL A 1128 -76.48 -23.61 -5.95
N VAL A 1129 -77.01 -22.53 -6.50
CA VAL A 1129 -76.30 -21.26 -6.59
C VAL A 1129 -76.88 -20.31 -5.56
N ILE A 1130 -76.02 -19.75 -4.72
CA ILE A 1130 -76.47 -18.76 -3.75
C ILE A 1130 -76.54 -17.40 -4.42
N GLY A 1131 -77.55 -16.62 -4.05
CA GLY A 1131 -77.72 -15.29 -4.62
C GLY A 1131 -78.42 -15.26 -5.95
N ILE A 1132 -79.00 -16.36 -6.40
CA ILE A 1132 -79.71 -16.42 -7.67
C ILE A 1132 -81.00 -15.63 -7.52
N VAL A 1133 -81.59 -15.18 -8.64
CA VAL A 1133 -82.73 -14.26 -8.59
C VAL A 1133 -83.77 -14.72 -9.60
N ASN A 1134 -85.05 -14.54 -9.25
CA ASN A 1134 -86.13 -14.73 -10.20
C ASN A 1134 -85.99 -13.70 -11.31
N ASN A 1135 -86.02 -14.15 -12.56
CA ASN A 1135 -86.10 -13.26 -13.72
C ASN A 1135 -86.42 -14.09 -14.95
N THR A 1136 -87.00 -13.43 -15.95
CA THR A 1136 -87.25 -14.10 -17.21
C THR A 1136 -86.05 -14.00 -18.13
N VAL A 1137 -86.04 -14.84 -19.15
CA VAL A 1137 -85.02 -14.83 -20.20
C VAL A 1137 -85.73 -14.94 -21.54
N TYR A 1138 -85.66 -13.88 -22.34
CA TYR A 1138 -86.33 -13.89 -23.64
C TYR A 1138 -85.60 -14.82 -24.61
N ASP A 1139 -86.36 -15.48 -25.47
CA ASP A 1139 -85.80 -16.42 -26.43
C ASP A 1139 -85.99 -15.86 -27.83
N PRO A 1140 -84.92 -15.56 -28.58
CA PRO A 1140 -85.09 -14.93 -29.89
C PRO A 1140 -85.75 -15.83 -30.93
N LEU A 1141 -85.79 -17.14 -30.73
CA LEU A 1141 -86.50 -18.02 -31.67
C LEU A 1141 -87.98 -18.13 -31.37
N GLN A 1142 -88.45 -17.50 -30.28
CA GLN A 1142 -89.87 -17.59 -29.94
C GLN A 1142 -90.75 -16.64 -30.74
N PRO A 1143 -90.39 -15.36 -30.99
CA PRO A 1143 -91.23 -14.53 -31.87
C PRO A 1143 -91.33 -15.05 -33.29
N GLU A 1144 -90.29 -15.70 -33.81
CA GLU A 1144 -90.29 -16.20 -35.17
C GLU A 1144 -90.79 -17.63 -35.29
N LEU A 1145 -91.66 -18.07 -34.36
CA LEU A 1145 -92.29 -19.38 -34.48
C LEU A 1145 -93.20 -19.45 -35.70
N ASP A 1146 -93.92 -18.37 -35.98
CA ASP A 1146 -94.79 -18.30 -37.15
C ASP A 1146 -94.45 -17.11 -38.02
N ALA B 27 -1.86 -45.87 37.48
CA ALA B 27 -3.26 -46.08 37.13
C ALA B 27 -3.74 -45.03 36.13
N TYR B 28 -4.97 -45.15 35.68
CA TYR B 28 -5.52 -44.23 34.69
C TYR B 28 -7.00 -43.98 34.91
N THR B 29 -7.40 -42.74 34.67
CA THR B 29 -8.77 -42.37 34.34
C THR B 29 -8.70 -41.58 33.05
N ASN B 30 -9.81 -40.99 32.65
CA ASN B 30 -9.79 -40.08 31.52
C ASN B 30 -10.43 -38.75 31.89
N SER B 31 -9.94 -37.69 31.25
CA SER B 31 -10.49 -36.37 31.50
C SER B 31 -11.78 -36.18 30.74
N PHE B 32 -12.39 -35.03 30.98
CA PHE B 32 -13.63 -34.62 30.32
C PHE B 32 -13.52 -33.14 30.03
N THR B 33 -14.65 -32.46 29.83
CA THR B 33 -14.67 -31.04 29.55
C THR B 33 -14.11 -30.16 30.68
N ARG B 34 -13.69 -30.75 31.80
CA ARG B 34 -13.07 -30.01 32.88
C ARG B 34 -11.70 -29.49 32.47
N GLY B 35 -11.24 -28.45 33.17
CA GLY B 35 -9.89 -27.98 33.04
C GLY B 35 -9.72 -26.62 32.40
N VAL B 36 -10.78 -26.01 31.89
CA VAL B 36 -10.64 -24.73 31.24
C VAL B 36 -10.73 -23.61 32.27
N TYR B 37 -10.09 -22.48 31.97
CA TYR B 37 -9.93 -21.40 32.92
C TYR B 37 -10.20 -20.08 32.24
N TYR B 38 -10.16 -19.00 33.03
CA TYR B 38 -10.25 -17.66 32.48
C TYR B 38 -8.89 -17.24 31.96
N PRO B 39 -8.71 -17.03 30.68
CA PRO B 39 -7.35 -16.82 30.15
C PRO B 39 -6.80 -15.42 30.31
N ASP B 40 -7.64 -14.40 30.19
CA ASP B 40 -7.12 -13.08 29.87
C ASP B 40 -7.57 -11.96 30.80
N LYS B 41 -8.27 -12.26 31.90
CA LYS B 41 -8.67 -11.32 32.93
C LYS B 41 -9.55 -10.19 32.39
N VAL B 42 -10.29 -10.43 31.32
CA VAL B 42 -11.15 -9.43 30.71
C VAL B 42 -12.59 -9.93 30.74
N PHE B 43 -13.48 -9.11 31.28
CA PHE B 43 -14.89 -9.46 31.38
C PHE B 43 -15.55 -9.49 30.01
N ARG B 44 -16.32 -10.54 29.77
CA ARG B 44 -17.13 -10.67 28.56
C ARG B 44 -18.45 -11.31 28.95
N SER B 45 -19.50 -10.96 28.22
CA SER B 45 -20.83 -11.46 28.56
C SER B 45 -21.62 -11.74 27.28
N SER B 46 -22.26 -12.92 27.26
CA SER B 46 -23.16 -13.35 26.19
C SER B 46 -22.46 -13.37 24.83
N VAL B 47 -21.17 -13.68 24.83
CA VAL B 47 -20.39 -13.75 23.60
C VAL B 47 -19.63 -15.07 23.57
N LEU B 48 -19.18 -15.43 22.38
CA LEU B 48 -18.32 -16.58 22.16
C LEU B 48 -16.96 -16.07 21.70
N HIS B 49 -15.92 -16.34 22.49
CA HIS B 49 -14.59 -15.81 22.23
C HIS B 49 -13.68 -16.96 21.84
N SER B 50 -13.00 -16.82 20.71
CA SER B 50 -12.07 -17.83 20.22
C SER B 50 -10.73 -17.60 20.91
N THR B 51 -10.43 -18.44 21.89
CA THR B 51 -9.24 -18.25 22.71
C THR B 51 -8.15 -19.26 22.35
N GLN B 52 -6.94 -18.76 22.14
CA GLN B 52 -5.75 -19.59 21.96
C GLN B 52 -4.89 -19.47 23.21
N ASP B 53 -4.75 -20.58 23.95
CA ASP B 53 -3.92 -20.62 25.15
C ASP B 53 -3.65 -22.07 25.48
N LEU B 54 -2.78 -22.27 26.47
CA LEU B 54 -2.45 -23.61 26.94
C LEU B 54 -3.59 -24.11 27.82
N PHE B 55 -4.52 -24.85 27.23
CA PHE B 55 -5.58 -25.51 27.97
C PHE B 55 -5.31 -27.01 28.04
N LEU B 56 -6.08 -27.68 28.89
CA LEU B 56 -6.08 -29.13 28.85
C LEU B 56 -6.95 -29.56 27.68
N PRO B 57 -6.41 -30.30 26.71
CA PRO B 57 -7.24 -30.80 25.63
C PRO B 57 -8.27 -31.79 26.16
N PHE B 58 -9.46 -31.74 25.58
CA PHE B 58 -10.60 -32.45 26.15
C PHE B 58 -10.43 -33.95 25.97
N PHE B 59 -10.95 -34.69 26.94
CA PHE B 59 -10.96 -36.16 27.00
C PHE B 59 -9.55 -36.76 26.94
N SER B 60 -8.55 -36.04 27.46
CA SER B 60 -7.20 -36.55 27.42
C SER B 60 -6.93 -37.52 28.57
N ASN B 61 -5.80 -38.20 28.50
CA ASN B 61 -5.40 -39.11 29.56
C ASN B 61 -4.96 -38.34 30.79
N VAL B 62 -5.41 -38.78 31.96
CA VAL B 62 -5.05 -38.17 33.23
C VAL B 62 -4.48 -39.25 34.13
N THR B 63 -3.21 -39.10 34.49
CA THR B 63 -2.56 -40.09 35.33
C THR B 63 -3.06 -39.95 36.76
N TRP B 64 -3.49 -41.07 37.34
CA TRP B 64 -4.17 -41.06 38.62
C TRP B 64 -3.46 -42.03 39.55
N PHE B 65 -3.46 -41.73 40.85
CA PHE B 65 -2.54 -42.40 41.76
C PHE B 65 -3.26 -42.92 42.99
N HIS B 66 -2.95 -44.16 43.35
CA HIS B 66 -3.21 -44.65 44.70
C HIS B 66 -2.13 -44.03 45.57
N ALA B 67 -2.41 -42.82 46.08
CA ALA B 67 -1.36 -41.87 46.45
C ALA B 67 -0.54 -42.32 47.64
N ILE B 68 -1.19 -42.90 48.66
CA ILE B 68 -0.51 -43.13 49.93
C ILE B 68 0.60 -44.17 49.80
N HIS B 69 0.30 -45.31 49.17
CA HIS B 69 1.27 -46.36 48.83
C HIS B 69 2.02 -46.87 50.07
N VAL B 70 1.27 -47.53 50.96
CA VAL B 70 1.88 -48.22 52.08
C VAL B 70 2.79 -49.33 51.59
N SER B 71 2.41 -50.01 50.50
CA SER B 71 3.26 -50.96 49.85
C SER B 71 3.16 -50.77 48.33
N GLY B 72 4.20 -51.21 47.64
CA GLY B 72 4.23 -51.11 46.19
C GLY B 72 4.87 -49.83 45.70
N THR B 73 5.32 -49.88 44.44
CA THR B 73 5.99 -48.74 43.82
C THR B 73 4.97 -47.72 43.33
N ASN B 81 4.79 -42.06 46.21
CA ASN B 81 4.44 -40.81 45.55
C ASN B 81 5.53 -40.42 44.55
N PRO B 82 5.18 -40.34 43.27
CA PRO B 82 6.18 -40.12 42.24
C PRO B 82 6.43 -38.64 41.98
N VAL B 83 7.56 -38.38 41.33
CA VAL B 83 7.94 -37.04 40.92
C VAL B 83 7.66 -36.91 39.43
N LEU B 84 6.64 -36.12 39.09
CA LEU B 84 6.12 -36.03 37.75
C LEU B 84 6.76 -34.89 36.98
N PRO B 85 6.84 -34.98 35.66
CA PRO B 85 7.40 -33.87 34.87
C PRO B 85 6.37 -32.75 34.69
N PHE B 86 6.89 -31.60 34.26
CA PHE B 86 6.10 -30.38 34.06
C PHE B 86 6.48 -29.89 32.66
N ASN B 87 5.76 -30.39 31.64
CA ASN B 87 6.19 -30.15 30.27
C ASN B 87 5.85 -28.74 29.80
N ASP B 88 4.57 -28.33 29.92
CA ASP B 88 4.19 -26.97 29.53
C ASP B 88 3.16 -26.38 30.49
N GLY B 89 2.98 -26.96 31.67
CA GLY B 89 1.88 -26.61 32.52
C GLY B 89 0.94 -27.79 32.71
N VAL B 90 0.43 -27.91 33.93
CA VAL B 90 -0.28 -29.11 34.32
C VAL B 90 -1.69 -28.76 34.78
N TYR B 91 -2.52 -29.79 34.89
CA TYR B 91 -3.81 -29.71 35.53
C TYR B 91 -3.82 -30.66 36.71
N PHE B 92 -3.95 -30.12 37.91
CA PHE B 92 -3.92 -30.90 39.13
C PHE B 92 -5.32 -30.95 39.70
N ALA B 93 -5.73 -32.13 40.18
CA ALA B 93 -7.01 -32.29 40.83
C ALA B 93 -6.83 -33.21 42.03
N SER B 94 -7.81 -33.20 42.93
CA SER B 94 -7.73 -34.03 44.11
C SER B 94 -9.14 -34.24 44.66
N THR B 95 -9.29 -35.30 45.44
CA THR B 95 -10.56 -35.62 46.08
C THR B 95 -10.44 -35.78 47.59
N GLU B 96 -9.22 -35.82 48.13
CA GLU B 96 -9.04 -36.01 49.56
C GLU B 96 -9.37 -34.73 50.32
N LYS B 97 -9.86 -34.89 51.55
CA LYS B 97 -10.21 -33.76 52.39
C LYS B 97 -9.14 -33.54 53.46
N SER B 98 -9.33 -32.46 54.22
CA SER B 98 -8.54 -32.13 55.42
C SER B 98 -7.05 -31.94 55.12
N ASN B 99 -6.76 -31.25 54.01
CA ASN B 99 -5.41 -30.76 53.67
C ASN B 99 -4.38 -31.89 53.58
N ILE B 100 -4.78 -33.04 53.03
CA ILE B 100 -3.79 -34.09 52.77
C ILE B 100 -2.82 -33.65 51.70
N ILE B 101 -3.33 -33.05 50.62
CA ILE B 101 -2.48 -32.50 49.56
C ILE B 101 -2.08 -31.11 50.04
N ARG B 102 -0.99 -31.03 50.79
CA ARG B 102 -0.61 -29.81 51.49
C ARG B 102 0.16 -28.83 50.61
N GLY B 103 0.51 -29.21 49.38
CA GLY B 103 1.18 -28.25 48.52
C GLY B 103 1.96 -28.96 47.44
N TRP B 104 2.94 -28.23 46.90
CA TRP B 104 3.70 -28.69 45.74
C TRP B 104 5.13 -28.18 45.87
N ILE B 105 6.02 -28.78 45.10
CA ILE B 105 7.36 -28.27 44.88
C ILE B 105 7.62 -28.31 43.38
N PHE B 106 8.44 -27.39 42.89
CA PHE B 106 8.74 -27.31 41.47
C PHE B 106 10.23 -27.09 41.29
N GLY B 107 10.65 -27.08 40.03
CA GLY B 107 12.02 -26.76 39.70
C GLY B 107 12.58 -27.75 38.68
N THR B 108 13.75 -27.41 38.15
CA THR B 108 14.49 -28.27 37.24
C THR B 108 15.61 -28.93 38.02
N THR B 109 15.57 -30.26 38.09
CA THR B 109 16.48 -31.06 38.92
C THR B 109 16.48 -30.56 40.36
N LEU B 110 15.35 -30.74 41.03
CA LEU B 110 15.16 -30.26 42.40
C LEU B 110 16.09 -30.93 43.39
N ASP B 111 16.19 -30.35 44.58
CA ASP B 111 17.09 -30.71 45.69
C ASP B 111 18.54 -30.42 45.37
N SER B 112 18.80 -29.75 44.25
CA SER B 112 20.15 -29.35 43.88
C SER B 112 20.29 -27.83 44.00
N LYS B 113 21.44 -27.32 43.57
CA LYS B 113 21.70 -25.88 43.59
C LYS B 113 20.88 -25.11 42.54
N THR B 114 20.21 -25.81 41.64
CA THR B 114 19.38 -25.15 40.64
C THR B 114 18.11 -24.61 41.32
N GLN B 115 17.58 -23.52 40.78
CA GLN B 115 16.45 -22.82 41.39
C GLN B 115 15.21 -23.70 41.45
N SER B 116 14.42 -23.51 42.50
CA SER B 116 13.26 -24.34 42.74
C SER B 116 12.15 -23.51 43.37
N LEU B 117 10.94 -24.05 43.32
CA LEU B 117 9.76 -23.41 43.87
C LEU B 117 9.14 -24.33 44.92
N LEU B 118 8.59 -23.75 45.97
CA LEU B 118 7.90 -24.50 46.99
C LEU B 118 6.59 -23.80 47.33
N ILE B 119 5.54 -24.58 47.53
CA ILE B 119 4.24 -24.09 47.94
C ILE B 119 3.73 -25.00 49.06
N VAL B 120 3.27 -24.41 50.15
CA VAL B 120 2.59 -25.14 51.21
C VAL B 120 1.21 -24.55 51.39
N ASN B 121 0.31 -25.32 51.99
CA ASN B 121 -1.07 -24.89 52.16
C ASN B 121 -1.52 -25.17 53.59
N ASN B 122 -0.74 -24.68 54.57
CA ASN B 122 -1.06 -24.84 55.99
C ASN B 122 -2.41 -24.24 56.35
N ALA B 123 -2.92 -24.58 57.54
CA ALA B 123 -4.26 -24.17 57.94
C ALA B 123 -4.39 -22.66 58.11
N THR B 124 -3.27 -21.96 58.26
CA THR B 124 -3.30 -20.50 58.41
C THR B 124 -2.70 -19.76 57.23
N ASN B 125 -1.65 -20.30 56.59
CA ASN B 125 -0.93 -19.53 55.59
C ASN B 125 -0.54 -20.43 54.43
N VAL B 126 -0.32 -19.81 53.27
CA VAL B 126 0.48 -20.38 52.20
C VAL B 126 1.82 -19.65 52.18
N VAL B 127 2.90 -20.41 52.05
CA VAL B 127 4.24 -19.86 51.96
C VAL B 127 4.84 -20.29 50.63
N ILE B 128 5.07 -19.33 49.76
CA ILE B 128 5.66 -19.58 48.45
C ILE B 128 7.09 -19.06 48.50
N LYS B 129 8.05 -19.91 48.17
CA LYS B 129 9.45 -19.52 48.20
C LYS B 129 10.13 -19.86 46.88
N VAL B 130 11.24 -19.20 46.61
CA VAL B 130 12.13 -19.57 45.53
C VAL B 130 13.52 -19.72 46.13
N CYS B 131 13.99 -20.96 46.23
CA CYS B 131 15.22 -21.27 46.93
C CYS B 131 16.00 -22.31 46.14
N GLU B 132 17.31 -22.32 46.34
CA GLU B 132 18.16 -23.38 45.78
C GLU B 132 18.23 -24.53 46.78
N PHE B 133 17.09 -25.13 47.09
CA PHE B 133 16.94 -25.99 48.26
C PHE B 133 17.61 -27.36 48.09
N GLN B 134 17.45 -28.22 49.10
CA GLN B 134 18.09 -29.51 49.19
C GLN B 134 17.02 -30.54 49.61
N PHE B 135 15.91 -30.55 48.86
CA PHE B 135 14.73 -31.35 49.17
C PHE B 135 15.05 -32.80 49.46
N CYS B 136 14.23 -33.40 50.32
CA CYS B 136 14.42 -34.80 50.69
C CYS B 136 14.10 -35.70 49.51
N ASN B 137 14.56 -36.96 49.62
CA ASN B 137 14.17 -37.98 48.65
C ASN B 137 12.66 -38.19 48.67
N ASP B 138 12.06 -38.15 49.86
CA ASP B 138 10.60 -38.13 50.00
C ASP B 138 10.22 -36.87 50.77
N PRO B 139 9.47 -35.99 50.11
CA PRO B 139 9.02 -34.74 50.74
C PRO B 139 7.83 -34.97 51.66
N PHE B 140 7.90 -34.40 52.86
CA PHE B 140 6.84 -34.47 53.85
C PHE B 140 6.33 -35.84 54.31
N LEU B 141 5.23 -36.30 53.71
CA LEU B 141 4.57 -37.55 54.10
C LEU B 141 4.32 -37.61 55.60
N GLY B 142 3.96 -36.46 56.18
CA GLY B 142 3.84 -36.36 57.62
C GLY B 142 3.87 -34.90 58.04
N VAL B 143 3.61 -34.68 59.33
CA VAL B 143 3.50 -33.35 59.96
C VAL B 143 2.48 -32.47 59.21
N ARG B 158 7.94 -30.26 59.84
CA ARG B 158 7.81 -29.17 58.87
C ARG B 158 9.08 -29.01 58.05
N VAL B 159 9.91 -30.06 58.04
CA VAL B 159 11.17 -30.05 57.31
C VAL B 159 11.01 -30.77 55.97
N TYR B 160 10.85 -30.00 54.90
CA TYR B 160 10.84 -30.56 53.56
C TYR B 160 12.22 -30.56 52.92
N SER B 161 13.14 -29.75 53.42
CA SER B 161 14.42 -29.54 52.79
C SER B 161 15.43 -29.03 53.82
N SER B 162 16.69 -29.05 53.43
CA SER B 162 17.73 -28.43 54.23
C SER B 162 17.77 -26.93 53.96
N ALA B 163 18.71 -26.25 54.63
CA ALA B 163 18.82 -24.81 54.48
C ALA B 163 19.45 -24.45 53.15
N ASN B 164 19.05 -23.29 52.62
CA ASN B 164 19.60 -22.76 51.38
C ASN B 164 19.26 -21.27 51.30
N ASN B 165 19.99 -20.56 50.45
CA ASN B 165 19.66 -19.17 50.22
C ASN B 165 18.43 -19.05 49.34
N CYS B 166 17.71 -17.95 49.49
CA CYS B 166 16.44 -17.77 48.81
C CYS B 166 16.38 -16.36 48.22
N THR B 167 15.55 -16.21 47.19
CA THR B 167 15.41 -14.93 46.49
C THR B 167 14.03 -14.30 46.64
N PHE B 168 12.97 -15.08 46.77
CA PHE B 168 11.62 -14.54 46.79
C PHE B 168 10.77 -15.32 47.77
N GLU B 169 9.92 -14.60 48.51
CA GLU B 169 8.98 -15.22 49.42
C GLU B 169 7.64 -14.51 49.28
N TYR B 170 6.59 -15.20 49.72
CA TYR B 170 5.24 -14.71 49.52
C TYR B 170 4.33 -15.41 50.52
N VAL B 171 3.49 -14.64 51.19
CA VAL B 171 2.50 -15.16 52.12
C VAL B 171 1.16 -14.48 51.82
N SER B 172 0.10 -15.28 51.75
CA SER B 172 -1.25 -14.77 51.56
C SER B 172 -2.22 -15.71 52.26
N GLN B 173 -3.49 -15.57 51.92
CA GLN B 173 -4.56 -16.40 52.46
C GLN B 173 -4.41 -17.84 51.99
N PRO B 174 -4.80 -18.82 52.79
CA PRO B 174 -4.61 -20.22 52.39
C PRO B 174 -5.56 -20.63 51.27
N PHE B 175 -5.25 -21.80 50.68
CA PHE B 175 -6.00 -22.29 49.53
C PHE B 175 -7.15 -23.20 49.92
N LEU B 176 -7.35 -23.46 51.20
CA LEU B 176 -8.40 -24.37 51.65
C LEU B 176 -9.79 -23.75 51.49
N LYS B 187 -15.66 -36.54 47.82
CA LYS B 187 -16.76 -35.66 48.18
C LYS B 187 -16.47 -34.21 47.79
N ASN B 188 -15.21 -33.80 47.94
CA ASN B 188 -14.81 -32.44 47.61
C ASN B 188 -13.71 -32.51 46.56
N LEU B 189 -13.90 -31.79 45.45
CA LEU B 189 -12.95 -31.73 44.35
C LEU B 189 -12.25 -30.39 44.38
N ARG B 190 -10.93 -30.40 44.43
CA ARG B 190 -10.13 -29.19 44.30
C ARG B 190 -9.32 -29.29 43.01
N GLU B 191 -9.46 -28.30 42.15
CA GLU B 191 -8.80 -28.29 40.86
C GLU B 191 -7.80 -27.15 40.79
N PHE B 192 -6.71 -27.39 40.06
CA PHE B 192 -5.68 -26.39 39.87
C PHE B 192 -5.10 -26.51 38.47
N VAL B 193 -4.73 -25.36 37.91
CA VAL B 193 -4.00 -25.31 36.65
C VAL B 193 -2.78 -24.42 36.86
N PHE B 194 -1.60 -24.97 36.64
CA PHE B 194 -0.35 -24.25 36.80
C PHE B 194 0.20 -23.94 35.42
N LYS B 195 0.63 -22.70 35.22
CA LYS B 195 1.29 -22.30 33.98
C LYS B 195 2.56 -21.54 34.31
N ASN B 196 3.58 -21.76 33.50
CA ASN B 196 4.86 -21.06 33.61
C ASN B 196 5.15 -20.44 32.25
N ILE B 197 4.62 -19.25 32.03
CA ILE B 197 4.75 -18.54 30.76
C ILE B 197 5.48 -17.22 31.03
N ASP B 198 6.36 -16.84 30.09
CA ASP B 198 7.01 -15.52 29.92
C ASP B 198 7.33 -14.81 31.24
N GLY B 199 7.88 -15.56 32.20
CA GLY B 199 8.25 -14.97 33.47
C GLY B 199 7.15 -14.94 34.51
N TYR B 200 5.95 -15.41 34.19
CA TYR B 200 4.85 -15.47 35.14
C TYR B 200 4.59 -16.91 35.53
N PHE B 201 4.42 -17.16 36.81
CA PHE B 201 3.90 -18.44 37.30
C PHE B 201 2.47 -18.21 37.75
N LYS B 202 1.53 -18.83 37.05
CA LYS B 202 0.11 -18.53 37.21
C LYS B 202 -0.62 -19.76 37.71
N ILE B 203 -1.26 -19.63 38.87
CA ILE B 203 -2.06 -20.69 39.46
C ILE B 203 -3.51 -20.33 39.29
N TYR B 204 -4.25 -21.19 38.62
CA TYR B 204 -5.69 -21.05 38.49
C TYR B 204 -6.36 -22.05 39.42
N SER B 205 -7.56 -21.73 39.87
CA SER B 205 -8.19 -22.59 40.86
C SER B 205 -9.70 -22.46 40.83
N LYS B 206 -10.36 -23.55 41.19
CA LYS B 206 -11.78 -23.60 41.48
C LYS B 206 -12.05 -24.94 42.14
N HIS B 207 -12.75 -24.90 43.27
CA HIS B 207 -13.08 -26.14 43.97
C HIS B 207 -14.59 -26.24 44.09
N THR B 208 -15.11 -27.41 43.68
CA THR B 208 -16.52 -27.69 43.57
C THR B 208 -16.77 -29.01 44.25
N PRO B 209 -17.83 -29.14 45.04
CA PRO B 209 -18.19 -30.45 45.60
C PRO B 209 -18.54 -31.45 44.50
N ILE B 210 -18.18 -32.71 44.72
CA ILE B 210 -18.38 -33.77 43.75
C ILE B 210 -19.16 -34.90 44.42
N ASN B 211 -20.06 -35.53 43.67
CA ASN B 211 -20.96 -36.53 44.24
C ASN B 211 -20.41 -37.94 44.11
N LEU B 212 -19.17 -38.15 44.56
CA LEU B 212 -18.55 -39.48 44.70
C LEU B 212 -18.53 -40.25 43.39
N VAL B 213 -18.03 -39.59 42.33
CA VAL B 213 -17.98 -40.24 41.02
C VAL B 213 -16.71 -41.05 40.80
N ARG B 214 -15.75 -40.97 41.73
CA ARG B 214 -14.49 -41.71 41.75
C ARG B 214 -13.57 -41.40 40.58
N ASP B 215 -13.86 -40.33 39.82
CA ASP B 215 -12.98 -39.85 38.77
C ASP B 215 -13.24 -38.36 38.59
N LEU B 216 -12.76 -37.82 37.48
CA LEU B 216 -13.09 -36.45 37.15
C LEU B 216 -14.56 -36.36 36.77
N PRO B 217 -15.33 -35.48 37.39
CA PRO B 217 -16.77 -35.40 37.12
C PRO B 217 -17.06 -34.94 35.70
N GLN B 218 -18.24 -35.34 35.21
CA GLN B 218 -18.63 -35.02 33.83
C GLN B 218 -18.98 -33.54 33.68
N GLY B 219 -19.25 -32.85 34.80
CA GLY B 219 -19.73 -31.50 34.72
C GLY B 219 -18.68 -30.51 34.28
N PHE B 220 -19.11 -29.26 34.15
CA PHE B 220 -18.25 -28.20 33.65
C PHE B 220 -17.93 -27.20 34.76
N SER B 221 -16.68 -26.72 34.75
CA SER B 221 -16.26 -25.73 35.72
C SER B 221 -15.11 -24.90 35.16
N ALA B 222 -15.20 -23.58 35.26
CA ALA B 222 -14.16 -22.68 34.82
C ALA B 222 -13.31 -22.28 36.02
N LEU B 223 -11.99 -22.41 35.88
CA LEU B 223 -11.10 -22.11 36.98
C LEU B 223 -10.73 -20.64 37.00
N GLU B 224 -10.83 -20.02 38.17
CA GLU B 224 -10.49 -18.63 38.40
C GLU B 224 -9.01 -18.49 38.74
N PRO B 225 -8.33 -17.45 38.26
CA PRO B 225 -6.92 -17.25 38.64
C PRO B 225 -6.82 -16.84 40.11
N LEU B 226 -5.99 -17.55 40.85
CA LEU B 226 -5.91 -17.37 42.29
C LEU B 226 -4.69 -16.56 42.71
N VAL B 227 -3.59 -16.67 41.97
CA VAL B 227 -2.40 -15.89 42.25
C VAL B 227 -1.61 -15.77 40.96
N ASP B 228 -0.80 -14.73 40.87
CA ASP B 228 0.14 -14.54 39.78
C ASP B 228 1.48 -14.24 40.40
N LEU B 229 2.49 -15.05 40.06
CA LEU B 229 3.81 -14.89 40.63
C LEU B 229 4.75 -14.36 39.56
N PRO B 230 5.51 -13.31 39.84
CA PRO B 230 6.35 -12.69 38.81
C PRO B 230 7.68 -13.38 38.64
N ILE B 231 7.87 -14.51 39.33
CA ILE B 231 9.07 -15.32 39.24
C ILE B 231 9.16 -15.99 37.88
N GLY B 232 10.32 -15.92 37.25
CA GLY B 232 10.51 -16.53 35.95
C GLY B 232 11.44 -17.72 35.98
N ILE B 233 11.40 -18.51 37.06
CA ILE B 233 12.38 -19.58 37.21
C ILE B 233 12.05 -20.73 36.26
N ASN B 234 13.10 -21.39 35.80
CA ASN B 234 12.97 -22.52 34.89
C ASN B 234 12.42 -23.73 35.64
N ILE B 235 11.30 -24.27 35.16
CA ILE B 235 10.63 -25.38 35.81
C ILE B 235 10.29 -26.44 34.78
N THR B 236 10.71 -27.69 35.04
CA THR B 236 10.33 -28.83 34.21
C THR B 236 9.82 -30.03 35.01
N ARG B 237 9.92 -30.03 36.34
CA ARG B 237 9.46 -31.15 37.15
C ARG B 237 8.68 -30.61 38.32
N PHE B 238 7.80 -31.46 38.88
CA PHE B 238 7.15 -31.08 40.13
C PHE B 238 6.84 -32.34 40.92
N GLN B 239 6.34 -32.12 42.14
CA GLN B 239 5.94 -33.21 43.02
C GLN B 239 4.97 -32.66 44.05
N THR B 240 3.93 -33.45 44.34
CA THR B 240 2.99 -33.07 45.38
C THR B 240 3.58 -33.33 46.76
N LEU B 241 2.93 -32.78 47.78
CA LEU B 241 3.42 -32.85 49.16
C LEU B 241 2.30 -33.34 50.06
N LEU B 242 2.23 -34.65 50.25
CA LEU B 242 1.29 -35.21 51.21
C LEU B 242 1.81 -35.00 52.62
N ALA B 243 0.90 -34.91 53.58
CA ALA B 243 1.29 -34.68 54.97
C ALA B 243 0.18 -35.12 55.91
N LEU B 244 0.55 -35.35 57.17
CA LEU B 244 -0.36 -35.72 58.26
C LEU B 244 0.36 -35.56 59.58
N HIS B 245 -0.34 -34.99 60.57
CA HIS B 245 0.29 -34.44 61.76
C HIS B 245 0.95 -35.48 62.66
N ARG B 246 0.63 -36.77 62.51
CA ARG B 246 1.13 -37.77 63.45
C ARG B 246 2.32 -38.57 62.92
N SER B 247 3.15 -37.98 62.06
CA SER B 247 4.40 -38.62 61.64
C SER B 247 5.49 -37.55 61.50
N TYR B 248 6.64 -37.81 62.11
CA TYR B 248 7.73 -36.84 62.10
C TYR B 248 8.48 -36.89 60.77
N LEU B 249 9.33 -35.89 60.56
CA LEU B 249 10.04 -35.71 59.29
C LEU B 249 11.55 -35.73 59.52
N THR B 250 12.24 -36.47 58.66
CA THR B 250 13.68 -36.42 58.51
C THR B 250 14.00 -36.27 57.03
N PRO B 251 15.10 -35.60 56.67
CA PRO B 251 15.47 -35.48 55.25
C PRO B 251 15.85 -36.80 54.60
N GLY B 252 16.08 -37.86 55.37
CA GLY B 252 16.31 -39.18 54.83
C GLY B 252 15.17 -40.15 54.97
N ASP B 253 13.96 -39.67 55.25
CA ASP B 253 12.81 -40.54 55.50
C ASP B 253 12.38 -41.20 54.19
N SER B 254 12.57 -42.50 54.08
CA SER B 254 12.20 -43.26 52.88
C SER B 254 10.81 -43.89 53.04
N SER B 255 9.82 -43.02 53.23
CA SER B 255 8.40 -43.39 53.34
C SER B 255 8.13 -44.37 54.47
N SER B 256 8.84 -44.23 55.60
CA SER B 256 8.66 -45.12 56.73
C SER B 256 7.77 -44.47 57.78
N GLY B 257 7.58 -45.17 58.90
CA GLY B 257 6.74 -44.66 59.96
C GLY B 257 5.26 -44.73 59.63
N TRP B 258 4.51 -43.84 60.26
CA TRP B 258 3.08 -43.79 60.06
C TRP B 258 2.75 -43.10 58.74
N THR B 259 1.61 -43.48 58.15
CA THR B 259 1.17 -42.93 56.88
C THR B 259 -0.21 -42.32 57.03
N ALA B 260 -0.53 -41.38 56.15
CA ALA B 260 -1.78 -40.65 56.23
C ALA B 260 -2.95 -41.54 55.80
N GLY B 261 -4.16 -40.98 55.94
CA GLY B 261 -5.35 -41.66 55.47
C GLY B 261 -5.42 -41.69 53.95
N ALA B 262 -6.36 -42.47 53.44
CA ALA B 262 -6.43 -42.75 52.01
C ALA B 262 -6.73 -41.49 51.22
N ALA B 263 -6.09 -41.37 50.04
CA ALA B 263 -6.16 -40.16 49.25
C ALA B 263 -5.93 -40.51 47.79
N ALA B 264 -6.32 -39.57 46.93
CA ALA B 264 -6.15 -39.72 45.49
C ALA B 264 -5.96 -38.34 44.87
N TYR B 265 -5.09 -38.29 43.85
CA TYR B 265 -4.84 -37.04 43.16
C TYR B 265 -4.53 -37.34 41.70
N TYR B 266 -4.58 -36.29 40.89
CA TYR B 266 -4.58 -36.42 39.44
C TYR B 266 -3.49 -35.54 38.85
N VAL B 267 -3.22 -35.72 37.56
CA VAL B 267 -2.30 -34.86 36.83
C VAL B 267 -2.59 -35.01 35.33
N GLY B 268 -2.56 -33.89 34.62
CA GLY B 268 -2.69 -33.91 33.19
C GLY B 268 -2.07 -32.65 32.62
N TYR B 269 -1.43 -32.80 31.46
CA TYR B 269 -0.58 -31.76 30.92
C TYR B 269 -1.33 -30.94 29.88
N LEU B 270 -1.10 -29.63 29.88
CA LEU B 270 -1.76 -28.75 28.93
C LEU B 270 -1.04 -28.81 27.59
N GLN B 271 -1.76 -28.40 26.55
CA GLN B 271 -1.25 -28.32 25.19
C GLN B 271 -1.77 -27.04 24.57
N PRO B 272 -1.04 -26.46 23.60
CA PRO B 272 -1.55 -25.27 22.92
C PRO B 272 -2.75 -25.62 22.05
N ARG B 273 -3.92 -25.18 22.49
CA ARG B 273 -5.18 -25.53 21.85
C ARG B 273 -6.03 -24.28 21.68
N THR B 274 -6.82 -24.27 20.61
CA THR B 274 -7.80 -23.21 20.43
C THR B 274 -9.12 -23.63 21.05
N PHE B 275 -9.72 -22.73 21.82
CA PHE B 275 -10.98 -22.99 22.49
C PHE B 275 -11.97 -21.90 22.10
N LEU B 276 -13.26 -22.24 22.11
CA LEU B 276 -14.32 -21.27 21.88
C LEU B 276 -15.13 -21.17 23.17
N LEU B 277 -14.82 -20.18 24.00
CA LEU B 277 -15.37 -20.07 25.34
C LEU B 277 -16.70 -19.34 25.30
N LYS B 278 -17.71 -19.93 25.94
CA LYS B 278 -19.04 -19.35 26.00
C LYS B 278 -19.24 -18.65 27.33
N TYR B 279 -19.23 -17.32 27.30
CA TYR B 279 -19.53 -16.52 28.48
C TYR B 279 -21.04 -16.32 28.54
N ASN B 280 -21.62 -16.55 29.72
CA ASN B 280 -23.05 -16.35 29.86
C ASN B 280 -23.36 -14.87 30.12
N GLU B 281 -24.61 -14.60 30.52
CA GLU B 281 -25.02 -13.23 30.80
C GLU B 281 -24.30 -12.65 32.00
N ASN B 282 -23.88 -13.48 32.95
CA ASN B 282 -23.23 -13.00 34.16
C ASN B 282 -21.73 -12.81 33.99
N GLY B 283 -21.14 -13.25 32.89
CA GLY B 283 -19.71 -13.17 32.74
C GLY B 283 -18.96 -14.42 33.11
N THR B 284 -19.67 -15.51 33.39
CA THR B 284 -19.05 -16.76 33.82
C THR B 284 -19.02 -17.75 32.66
N ILE B 285 -17.88 -18.42 32.49
CA ILE B 285 -17.74 -19.39 31.41
C ILE B 285 -18.56 -20.62 31.77
N THR B 286 -19.49 -20.99 30.87
CA THR B 286 -20.41 -22.09 31.12
C THR B 286 -20.26 -23.27 30.18
N ASP B 287 -19.60 -23.09 29.02
CA ASP B 287 -19.29 -24.21 28.15
C ASP B 287 -18.11 -23.82 27.27
N ALA B 288 -17.45 -24.83 26.72
CA ALA B 288 -16.29 -24.61 25.88
C ALA B 288 -16.23 -25.67 24.79
N VAL B 289 -15.68 -25.29 23.65
CA VAL B 289 -15.51 -26.18 22.50
C VAL B 289 -14.03 -26.21 22.14
N ASP B 290 -13.45 -27.42 22.17
CA ASP B 290 -12.04 -27.60 21.86
C ASP B 290 -11.90 -27.79 20.36
N CYS B 291 -11.29 -26.83 19.69
CA CYS B 291 -11.29 -26.73 18.24
C CYS B 291 -10.43 -27.78 17.54
N ALA B 292 -9.89 -28.80 18.20
CA ALA B 292 -9.15 -29.84 17.50
C ALA B 292 -9.54 -31.24 17.93
N LEU B 293 -10.63 -31.40 18.67
CA LEU B 293 -11.00 -32.72 19.17
C LEU B 293 -11.55 -33.61 18.05
N ASP B 294 -12.46 -33.07 17.24
CA ASP B 294 -13.13 -33.83 16.20
C ASP B 294 -13.61 -32.85 15.14
N PRO B 295 -14.05 -33.34 13.97
CA PRO B 295 -14.59 -32.43 12.96
C PRO B 295 -15.77 -31.59 13.41
N LEU B 296 -16.62 -32.10 14.30
CA LEU B 296 -17.76 -31.31 14.77
C LEU B 296 -17.33 -30.10 15.56
N SER B 297 -16.36 -30.27 16.46
CA SER B 297 -15.90 -29.14 17.27
C SER B 297 -15.13 -28.14 16.41
N GLU B 298 -14.41 -28.64 15.41
CA GLU B 298 -13.76 -27.75 14.45
C GLU B 298 -14.78 -26.94 13.66
N THR B 299 -15.90 -27.56 13.32
CA THR B 299 -16.99 -26.85 12.64
C THR B 299 -17.59 -25.80 13.55
N LYS B 300 -17.77 -26.13 14.82
CA LYS B 300 -18.30 -25.18 15.80
C LYS B 300 -17.38 -23.98 15.95
N CYS B 301 -16.08 -24.22 15.96
CA CYS B 301 -15.13 -23.12 16.08
C CYS B 301 -15.07 -22.29 14.80
N THR B 302 -15.20 -22.93 13.65
CA THR B 302 -15.15 -22.18 12.39
C THR B 302 -16.39 -21.33 12.21
N LEU B 303 -17.57 -21.85 12.58
CA LEU B 303 -18.78 -21.05 12.50
C LEU B 303 -18.92 -20.07 13.66
N LYS B 304 -18.09 -20.22 14.70
CA LYS B 304 -18.17 -19.45 15.95
C LYS B 304 -19.57 -19.54 16.56
N SER B 305 -20.07 -20.77 16.63
CA SER B 305 -21.37 -21.04 17.18
C SER B 305 -21.39 -22.45 17.75
N PHE B 306 -22.21 -22.66 18.77
CA PHE B 306 -22.28 -23.97 19.40
C PHE B 306 -23.19 -24.92 18.64
N THR B 307 -24.46 -24.55 18.49
CA THR B 307 -25.37 -25.36 17.71
C THR B 307 -25.11 -25.14 16.22
N VAL B 308 -24.89 -26.23 15.51
CA VAL B 308 -24.56 -26.19 14.08
C VAL B 308 -25.72 -26.79 13.32
N GLU B 309 -26.27 -26.02 12.38
CA GLU B 309 -27.39 -26.48 11.58
C GLU B 309 -26.94 -27.55 10.59
N LYS B 310 -27.91 -28.29 10.07
CA LYS B 310 -27.62 -29.34 9.10
C LYS B 310 -27.13 -28.73 7.79
N GLY B 311 -26.03 -29.26 7.27
CA GLY B 311 -25.49 -28.76 6.02
C GLY B 311 -24.06 -29.22 5.84
N ILE B 312 -23.41 -28.62 4.84
CA ILE B 312 -22.01 -28.86 4.54
C ILE B 312 -21.23 -27.59 4.88
N TYR B 313 -20.08 -27.76 5.52
CA TYR B 313 -19.28 -26.62 5.97
C TYR B 313 -17.81 -26.90 5.73
N GLN B 314 -17.13 -25.92 5.14
CA GLN B 314 -15.68 -25.98 5.04
C GLN B 314 -15.07 -25.54 6.38
N THR B 315 -14.15 -26.35 6.89
CA THR B 315 -13.54 -26.06 8.18
C THR B 315 -12.05 -25.73 8.11
N SER B 316 -11.31 -26.34 7.20
CA SER B 316 -9.88 -26.10 7.10
C SER B 316 -9.43 -26.38 5.68
N ASN B 317 -8.12 -26.47 5.49
CA ASN B 317 -7.53 -26.78 4.19
C ASN B 317 -6.52 -27.90 4.39
N PHE B 318 -6.66 -28.96 3.59
CA PHE B 318 -5.71 -30.06 3.63
C PHE B 318 -4.54 -29.79 2.70
N ARG B 319 -3.34 -30.02 3.19
CA ARG B 319 -2.13 -29.83 2.39
C ARG B 319 -1.08 -30.82 2.87
N VAL B 320 -0.59 -31.66 1.97
CA VAL B 320 0.35 -32.70 2.33
C VAL B 320 1.71 -32.06 2.62
N GLN B 321 2.21 -32.28 3.82
CA GLN B 321 3.53 -31.75 4.14
C GLN B 321 4.61 -32.60 3.49
N PRO B 322 5.69 -31.98 3.01
CA PRO B 322 6.77 -32.76 2.40
C PRO B 322 7.46 -33.67 3.40
N THR B 323 7.84 -34.86 2.94
CA THR B 323 8.43 -35.85 3.83
C THR B 323 9.95 -35.74 3.88
N GLU B 324 10.60 -35.61 2.74
CA GLU B 324 12.06 -35.58 2.68
C GLU B 324 12.51 -34.32 1.96
N SER B 325 13.76 -33.96 2.17
CA SER B 325 14.39 -32.84 1.50
C SER B 325 15.57 -33.33 0.67
N ILE B 326 15.56 -33.02 -0.62
CA ILE B 326 16.61 -33.48 -1.52
C ILE B 326 17.33 -32.27 -2.09
N VAL B 327 18.62 -32.45 -2.33
CA VAL B 327 19.48 -31.41 -2.92
C VAL B 327 20.21 -32.03 -4.10
N ARG B 328 20.12 -31.39 -5.26
CA ARG B 328 20.76 -31.89 -6.48
C ARG B 328 21.62 -30.79 -7.09
N PHE B 329 22.86 -30.72 -6.66
CA PHE B 329 23.91 -30.02 -7.36
C PHE B 329 24.71 -31.02 -8.18
N PRO B 330 25.41 -30.60 -9.23
CA PRO B 330 26.25 -31.54 -9.99
C PRO B 330 27.40 -32.04 -9.15
N ASN B 331 28.06 -33.09 -9.64
CA ASN B 331 29.11 -33.74 -8.86
C ASN B 331 30.45 -33.06 -9.03
N ILE B 332 30.45 -31.80 -9.50
CA ILE B 332 31.68 -31.02 -9.49
C ILE B 332 32.05 -30.65 -8.07
N THR B 333 33.35 -30.55 -7.83
CA THR B 333 33.84 -30.14 -6.52
C THR B 333 35.01 -29.18 -6.61
N ASN B 334 35.41 -28.73 -7.80
CA ASN B 334 36.46 -27.73 -7.93
C ASN B 334 36.01 -26.41 -7.31
N LEU B 335 36.77 -25.94 -6.34
CA LEU B 335 36.35 -24.77 -5.57
C LEU B 335 36.70 -23.48 -6.30
N CYS B 336 35.94 -22.44 -6.00
CA CYS B 336 36.13 -21.16 -6.69
C CYS B 336 37.41 -20.49 -6.19
N PRO B 337 38.18 -19.88 -7.08
CA PRO B 337 39.45 -19.26 -6.70
C PRO B 337 39.30 -17.92 -6.01
N PHE B 338 38.60 -17.91 -4.87
CA PHE B 338 38.57 -16.72 -4.04
C PHE B 338 39.93 -16.45 -3.40
N GLY B 339 40.71 -17.52 -3.19
CA GLY B 339 42.06 -17.34 -2.68
C GLY B 339 42.96 -16.62 -3.67
N GLU B 340 42.74 -16.85 -4.95
CA GLU B 340 43.58 -16.19 -5.94
C GLU B 340 43.07 -14.83 -6.32
N VAL B 341 42.08 -14.28 -5.63
CA VAL B 341 41.72 -12.87 -5.82
C VAL B 341 41.90 -12.13 -4.51
N PHE B 342 41.53 -12.75 -3.39
CA PHE B 342 41.68 -12.09 -2.09
C PHE B 342 43.14 -12.08 -1.64
N ASN B 343 43.84 -13.19 -1.78
CA ASN B 343 45.23 -13.29 -1.37
C ASN B 343 46.18 -13.02 -2.53
N ALA B 344 45.72 -12.25 -3.52
CA ALA B 344 46.60 -11.84 -4.60
C ALA B 344 47.61 -10.81 -4.10
N THR B 345 48.85 -10.95 -4.56
CA THR B 345 49.93 -10.14 -3.98
C THR B 345 50.01 -8.75 -4.60
N ARG B 346 49.42 -8.55 -5.78
CA ARG B 346 49.54 -7.27 -6.49
C ARG B 346 48.15 -6.89 -7.03
N PHE B 347 47.49 -5.99 -6.31
CA PHE B 347 46.17 -5.52 -6.75
C PHE B 347 46.31 -4.41 -7.78
N ALA B 348 45.29 -4.28 -8.62
CA ALA B 348 45.25 -3.20 -9.58
C ALA B 348 44.69 -1.93 -8.94
N SER B 349 44.95 -0.81 -9.58
CA SER B 349 44.41 0.46 -9.10
C SER B 349 42.94 0.58 -9.46
N VAL B 350 42.27 1.55 -8.83
CA VAL B 350 40.84 1.75 -9.10
C VAL B 350 40.65 2.27 -10.52
N TYR B 351 41.62 3.01 -11.05
CA TYR B 351 41.74 3.21 -12.48
C TYR B 351 42.03 1.88 -13.16
N ALA B 352 41.14 1.49 -14.07
CA ALA B 352 41.20 0.19 -14.77
C ALA B 352 41.24 -0.98 -13.78
N TRP B 353 40.16 -1.11 -13.00
CA TRP B 353 40.09 -2.15 -11.98
C TRP B 353 40.05 -3.53 -12.61
N ASN B 354 40.62 -4.50 -11.89
CA ASN B 354 40.76 -5.86 -12.38
C ASN B 354 39.43 -6.58 -12.18
N ARG B 355 38.92 -7.19 -13.25
CA ARG B 355 37.69 -7.95 -13.22
C ARG B 355 37.99 -9.42 -13.43
N LYS B 356 37.63 -10.24 -12.45
CA LYS B 356 37.82 -11.68 -12.55
C LYS B 356 36.47 -12.36 -12.65
N ARG B 357 36.32 -13.21 -13.66
CA ARG B 357 35.09 -13.99 -13.78
C ARG B 357 35.17 -15.22 -12.89
N ILE B 358 34.04 -15.57 -12.29
CA ILE B 358 33.92 -16.77 -11.47
C ILE B 358 32.75 -17.58 -11.98
N SER B 359 33.04 -18.78 -12.49
CA SER B 359 32.00 -19.64 -13.02
C SER B 359 32.48 -21.08 -12.99
N ASN B 360 31.51 -22.00 -12.98
CA ASN B 360 31.74 -23.45 -12.95
C ASN B 360 32.62 -23.86 -11.78
N CYS B 361 32.23 -23.44 -10.56
CA CYS B 361 32.94 -23.85 -9.37
C CYS B 361 32.02 -23.74 -8.16
N VAL B 362 32.34 -24.52 -7.14
CA VAL B 362 31.61 -24.51 -5.88
C VAL B 362 32.23 -23.44 -4.98
N ALA B 363 31.44 -22.44 -4.61
CA ALA B 363 31.96 -21.26 -3.92
C ALA B 363 31.73 -21.39 -2.42
N ASP B 364 32.82 -21.52 -1.67
CA ASP B 364 32.75 -21.57 -0.21
C ASP B 364 32.83 -20.15 0.34
N TYR B 365 31.66 -19.57 0.58
CA TYR B 365 31.61 -18.22 1.16
C TYR B 365 31.78 -18.22 2.67
N SER B 366 31.81 -19.40 3.29
CA SER B 366 31.89 -19.46 4.75
C SER B 366 33.22 -18.91 5.27
N VAL B 367 34.31 -19.19 4.57
CA VAL B 367 35.62 -18.77 5.04
C VAL B 367 35.87 -17.30 4.76
N LEU B 368 34.98 -16.63 4.03
CA LEU B 368 35.12 -15.19 3.79
C LEU B 368 34.33 -14.37 4.80
N TYR B 369 33.02 -14.61 4.88
CA TYR B 369 32.13 -13.78 5.67
C TYR B 369 32.34 -13.92 7.16
N ASN B 370 33.08 -14.93 7.62
CA ASN B 370 33.40 -15.06 9.04
C ASN B 370 34.87 -14.81 9.31
N SER B 371 35.66 -14.53 8.28
CA SER B 371 37.04 -14.13 8.50
C SER B 371 37.09 -12.75 9.13
N ALA B 372 37.85 -12.64 10.22
CA ALA B 372 37.78 -11.43 11.04
C ALA B 372 38.60 -10.28 10.48
N SER B 373 39.39 -10.52 9.42
CA SER B 373 40.29 -9.49 8.92
C SER B 373 39.58 -8.34 8.24
N PHE B 374 38.33 -8.54 7.79
CA PHE B 374 37.69 -7.57 6.93
C PHE B 374 37.10 -6.41 7.74
N SER B 375 37.22 -5.20 7.20
CA SER B 375 36.67 -4.04 7.88
C SER B 375 35.18 -3.88 7.63
N THR B 376 34.77 -3.70 6.39
CA THR B 376 33.36 -3.53 6.06
C THR B 376 32.90 -4.70 5.19
N PHE B 377 31.80 -5.31 5.60
CA PHE B 377 31.19 -6.40 4.87
C PHE B 377 29.72 -6.08 4.62
N LYS B 378 29.47 -4.85 4.17
CA LYS B 378 28.12 -4.47 3.79
C LYS B 378 27.70 -5.18 2.52
N CYS B 379 26.54 -5.81 2.54
CA CYS B 379 26.06 -6.56 1.39
C CYS B 379 24.64 -6.15 1.05
N TYR B 380 24.37 -6.05 -0.25
CA TYR B 380 23.08 -5.60 -0.75
C TYR B 380 22.38 -6.74 -1.48
N GLY B 381 21.16 -7.03 -1.06
CA GLY B 381 20.36 -8.07 -1.70
C GLY B 381 20.58 -9.47 -1.17
N VAL B 382 21.66 -9.70 -0.43
CA VAL B 382 21.90 -10.97 0.24
C VAL B 382 22.28 -10.68 1.68
N SER B 383 21.66 -11.38 2.60
CA SER B 383 22.17 -11.40 3.97
C SER B 383 23.47 -12.21 3.99
N PRO B 384 24.57 -11.66 4.54
CA PRO B 384 25.87 -12.34 4.44
C PRO B 384 25.94 -13.69 5.12
N THR B 385 25.06 -13.96 6.08
CA THR B 385 25.05 -15.27 6.73
C THR B 385 24.47 -16.35 5.83
N LYS B 386 23.63 -15.98 4.86
CA LYS B 386 22.99 -16.94 3.97
C LYS B 386 23.66 -17.05 2.61
N LEU B 387 24.87 -16.52 2.46
CA LEU B 387 25.56 -16.57 1.17
C LEU B 387 25.93 -17.99 0.78
N ASN B 388 26.20 -18.86 1.76
CA ASN B 388 26.67 -20.21 1.46
C ASN B 388 25.56 -21.16 1.06
N ASP B 389 24.32 -20.67 0.95
CA ASP B 389 23.19 -21.53 0.59
C ASP B 389 22.70 -21.35 -0.83
N LEU B 390 23.03 -20.23 -1.47
CA LEU B 390 22.44 -19.87 -2.74
C LEU B 390 23.27 -20.38 -3.91
N CYS B 391 22.68 -20.33 -5.09
CA CYS B 391 23.38 -20.52 -6.34
C CYS B 391 23.34 -19.23 -7.15
N PHE B 392 24.43 -18.95 -7.86
CA PHE B 392 24.61 -17.66 -8.53
C PHE B 392 24.94 -17.90 -9.99
N THR B 393 24.30 -17.14 -10.87
CA THR B 393 24.42 -17.38 -12.30
C THR B 393 25.76 -16.96 -12.88
N ASN B 394 26.27 -15.79 -12.51
CA ASN B 394 27.58 -15.36 -12.94
C ASN B 394 28.15 -14.41 -11.89
N VAL B 395 29.37 -14.70 -11.46
CA VAL B 395 29.99 -13.96 -10.37
C VAL B 395 31.22 -13.24 -10.89
N TYR B 396 31.25 -11.93 -10.72
CA TYR B 396 32.43 -11.12 -11.00
C TYR B 396 33.05 -10.71 -9.68
N ALA B 397 34.37 -10.73 -9.62
CA ALA B 397 35.12 -10.37 -8.43
C ALA B 397 36.05 -9.22 -8.79
N ASP B 398 35.54 -8.00 -8.72
CA ASP B 398 36.35 -6.83 -8.97
C ASP B 398 37.32 -6.62 -7.83
N SER B 399 38.40 -5.89 -8.11
CA SER B 399 39.46 -5.71 -7.13
C SER B 399 40.18 -4.40 -7.40
N PHE B 400 40.38 -3.62 -6.34
CA PHE B 400 41.06 -2.34 -6.45
C PHE B 400 41.51 -1.92 -5.06
N VAL B 401 42.36 -0.90 -5.01
CA VAL B 401 42.85 -0.31 -3.78
C VAL B 401 42.52 1.18 -3.79
N ILE B 402 41.83 1.64 -2.76
CA ILE B 402 41.39 3.02 -2.67
C ILE B 402 41.78 3.60 -1.32
N ARG B 403 41.60 4.91 -1.20
CA ARG B 403 41.93 5.64 0.02
C ARG B 403 40.93 5.28 1.12
N GLY B 404 41.36 5.49 2.37
CA GLY B 404 40.58 5.01 3.50
C GLY B 404 39.24 5.70 3.65
N ASP B 405 39.21 7.03 3.49
CA ASP B 405 37.96 7.76 3.61
C ASP B 405 37.07 7.57 2.38
N GLU B 406 37.57 6.94 1.33
CA GLU B 406 36.81 6.77 0.10
C GLU B 406 36.06 5.44 0.04
N VAL B 407 36.13 4.62 1.08
CA VAL B 407 35.45 3.33 1.03
C VAL B 407 33.95 3.49 1.18
N ARG B 408 33.50 4.62 1.71
CA ARG B 408 32.07 4.88 1.76
C ARG B 408 31.52 5.23 0.39
N GLN B 409 32.38 5.61 -0.55
CA GLN B 409 31.93 5.95 -1.89
C GLN B 409 31.54 4.73 -2.71
N ILE B 410 32.12 3.56 -2.43
CA ILE B 410 31.79 2.36 -3.18
C ILE B 410 30.54 1.76 -2.56
N ALA B 411 29.38 2.26 -3.01
CA ALA B 411 28.06 1.87 -2.57
C ALA B 411 27.12 2.46 -3.59
N PRO B 412 25.98 1.82 -3.86
CA PRO B 412 25.05 2.37 -4.85
C PRO B 412 24.48 3.72 -4.43
N GLY B 413 24.41 4.64 -5.38
CA GLY B 413 23.86 5.94 -5.15
C GLY B 413 24.80 6.97 -4.55
N GLN B 414 26.02 6.58 -4.19
CA GLN B 414 26.96 7.54 -3.63
C GLN B 414 27.56 8.39 -4.74
N THR B 415 28.16 9.51 -4.31
CA THR B 415 28.80 10.44 -5.24
C THR B 415 30.17 10.81 -4.69
N GLY B 416 31.05 11.23 -5.59
CA GLY B 416 32.40 11.58 -5.24
C GLY B 416 33.34 11.37 -6.41
N LYS B 417 34.63 11.53 -6.13
CA LYS B 417 35.62 11.34 -7.18
C LYS B 417 35.70 9.90 -7.64
N ILE B 418 35.81 8.96 -6.69
CA ILE B 418 35.94 7.55 -7.04
C ILE B 418 34.63 7.00 -7.59
N ALA B 419 33.51 7.41 -7.01
CA ALA B 419 32.22 6.87 -7.41
C ALA B 419 31.76 7.37 -8.77
N ASP B 420 32.28 8.50 -9.24
CA ASP B 420 31.87 9.05 -10.52
C ASP B 420 32.93 8.99 -11.60
N TYR B 421 34.22 8.83 -11.25
CA TYR B 421 35.28 8.81 -12.24
C TYR B 421 36.08 7.52 -12.25
N ASN B 422 35.91 6.64 -11.27
CA ASN B 422 36.74 5.45 -11.24
C ASN B 422 35.93 4.16 -11.27
N TYR B 423 34.91 4.04 -10.43
CA TYR B 423 34.16 2.79 -10.30
C TYR B 423 32.77 3.12 -9.78
N LYS B 424 31.76 2.92 -10.62
CA LYS B 424 30.38 3.22 -10.25
C LYS B 424 29.59 1.93 -10.12
N LEU B 425 28.96 1.75 -8.97
CA LEU B 425 28.01 0.66 -8.79
C LEU B 425 26.62 1.14 -9.14
N PRO B 426 25.85 0.37 -9.91
CA PRO B 426 24.50 0.80 -10.25
C PRO B 426 23.57 0.75 -9.05
N ASP B 427 22.45 1.49 -9.16
CA ASP B 427 21.47 1.53 -8.09
C ASP B 427 20.78 0.20 -7.86
N ASP B 428 20.77 -0.68 -8.86
CA ASP B 428 20.18 -2.00 -8.74
C ASP B 428 21.20 -3.08 -8.42
N PHE B 429 22.23 -2.74 -7.65
CA PHE B 429 23.33 -3.67 -7.40
C PHE B 429 22.91 -4.76 -6.41
N THR B 430 23.23 -6.00 -6.75
CA THR B 430 23.01 -7.14 -5.86
C THR B 430 24.33 -7.85 -5.64
N GLY B 431 24.90 -7.67 -4.47
CA GLY B 431 26.19 -8.25 -4.15
C GLY B 431 26.77 -7.59 -2.92
N CYS B 432 27.92 -8.12 -2.50
CA CYS B 432 28.57 -7.67 -1.28
C CYS B 432 29.84 -6.90 -1.62
N VAL B 433 30.06 -5.79 -0.93
CA VAL B 433 31.31 -5.04 -1.03
C VAL B 433 32.15 -5.38 0.19
N ILE B 434 33.38 -5.81 -0.05
CA ILE B 434 34.25 -6.34 1.00
C ILE B 434 35.55 -5.55 0.97
N ALA B 435 35.99 -5.09 2.14
CA ALA B 435 37.18 -4.25 2.23
C ALA B 435 37.92 -4.55 3.52
N TRP B 436 39.23 -4.25 3.52
CA TRP B 436 40.04 -4.33 4.72
C TRP B 436 41.25 -3.42 4.57
N ASN B 437 41.74 -2.93 5.71
CA ASN B 437 42.92 -2.07 5.70
C ASN B 437 44.15 -2.85 5.28
N SER B 438 45.01 -2.21 4.50
CA SER B 438 46.24 -2.81 4.02
C SER B 438 47.40 -1.83 4.13
N ASN B 439 47.45 -1.09 5.23
CA ASN B 439 48.53 -0.11 5.42
C ASN B 439 49.87 -0.79 5.64
N ASN B 440 49.88 -1.92 6.34
CA ASN B 440 51.12 -2.63 6.63
C ASN B 440 51.52 -3.61 5.53
N LEU B 441 50.74 -3.70 4.45
CA LEU B 441 51.06 -4.65 3.40
C LEU B 441 51.04 -4.06 1.99
N ASP B 442 50.68 -2.78 1.82
CA ASP B 442 50.71 -2.19 0.49
C ASP B 442 51.24 -0.75 0.52
N SER B 443 52.04 -0.39 1.51
CA SER B 443 52.55 0.98 1.61
C SER B 443 54.01 0.95 2.00
N LYS B 444 54.72 2.02 1.63
CA LYS B 444 56.13 2.17 1.95
C LYS B 444 56.41 3.64 2.23
N VAL B 445 57.49 3.89 2.96
CA VAL B 445 57.82 5.25 3.38
C VAL B 445 58.34 6.01 2.16
N GLY B 446 57.57 7.02 1.73
CA GLY B 446 57.81 7.64 0.44
C GLY B 446 57.62 6.65 -0.68
N GLY B 447 56.68 5.72 -0.51
CA GLY B 447 56.47 4.62 -1.42
C GLY B 447 55.02 4.47 -1.80
N ASN B 448 54.74 3.34 -2.47
CA ASN B 448 53.43 2.98 -3.01
C ASN B 448 52.88 4.04 -3.95
N TYR B 449 53.68 4.44 -4.95
CA TYR B 449 53.20 5.40 -5.94
C TYR B 449 52.55 4.72 -7.13
N ASN B 450 52.45 3.39 -7.11
CA ASN B 450 51.83 2.68 -8.22
C ASN B 450 50.33 2.91 -8.28
N TYR B 451 49.69 3.08 -7.13
CA TYR B 451 48.23 3.07 -7.05
C TYR B 451 47.70 4.42 -7.50
N LEU B 452 47.15 4.45 -8.71
CA LEU B 452 46.60 5.66 -9.31
C LEU B 452 45.10 5.73 -9.09
N TYR B 453 44.54 6.90 -9.40
CA TYR B 453 43.10 7.08 -9.45
C TYR B 453 42.79 8.23 -10.39
N ARG B 454 41.71 8.08 -11.16
CA ARG B 454 41.34 9.11 -12.13
C ARG B 454 40.75 10.30 -11.40
N LEU B 455 41.24 11.49 -11.74
CA LEU B 455 40.85 12.72 -11.06
C LEU B 455 39.92 13.60 -11.88
N PHE B 456 40.18 13.77 -13.16
CA PHE B 456 39.32 14.58 -14.02
C PHE B 456 38.80 13.73 -15.16
N ARG B 457 37.53 13.92 -15.50
CA ARG B 457 36.91 13.25 -16.63
C ARG B 457 35.89 14.18 -17.24
N LYS B 458 35.64 14.00 -18.54
CA LYS B 458 34.69 14.84 -19.25
C LYS B 458 33.26 14.64 -18.72
N SER B 459 32.90 13.41 -18.41
CA SER B 459 31.55 13.11 -17.95
C SER B 459 31.60 11.94 -16.97
N ASN B 460 30.55 11.84 -16.16
CA ASN B 460 30.48 10.79 -15.14
C ASN B 460 30.33 9.42 -15.79
N LEU B 461 30.87 8.41 -15.10
CA LEU B 461 30.94 7.07 -15.65
C LEU B 461 29.56 6.41 -15.70
N LYS B 462 29.39 5.53 -16.67
CA LYS B 462 28.31 4.55 -16.62
C LYS B 462 28.62 3.53 -15.53
N PRO B 463 27.59 2.87 -14.99
CA PRO B 463 27.85 1.84 -13.97
C PRO B 463 28.67 0.68 -14.54
N PHE B 464 29.53 0.13 -13.70
CA PHE B 464 30.45 -0.96 -14.03
C PHE B 464 31.30 -0.65 -15.25
N GLU B 465 31.76 0.59 -15.39
CA GLU B 465 32.57 0.96 -16.54
C GLU B 465 34.05 1.03 -16.14
N ARG B 466 34.91 0.55 -17.03
CA ARG B 466 36.35 0.64 -16.85
C ARG B 466 36.89 1.56 -17.94
N ASP B 467 37.61 2.60 -17.51
CA ASP B 467 38.17 3.57 -18.43
C ASP B 467 39.69 3.56 -18.29
N ILE B 468 40.38 3.10 -19.32
CA ILE B 468 41.82 2.96 -19.29
C ILE B 468 42.52 4.10 -20.02
N SER B 469 41.81 4.85 -20.86
CA SER B 469 42.42 5.88 -21.68
C SER B 469 42.89 7.05 -20.83
N THR B 470 44.12 7.49 -21.07
CA THR B 470 44.69 8.66 -20.44
C THR B 470 44.63 9.88 -21.33
N GLU B 471 43.56 10.02 -22.11
CA GLU B 471 43.41 11.17 -23.00
C GLU B 471 43.31 12.45 -22.19
N ILE B 472 43.98 13.51 -22.66
CA ILE B 472 44.11 14.73 -21.90
C ILE B 472 42.78 15.47 -21.88
N TYR B 473 42.26 15.71 -20.68
CA TYR B 473 41.00 16.40 -20.52
C TYR B 473 41.18 17.91 -20.66
N GLN B 474 40.35 18.53 -21.48
CA GLN B 474 40.48 19.94 -21.82
C GLN B 474 39.40 20.73 -21.10
N ALA B 475 39.80 21.86 -20.51
CA ALA B 475 38.85 22.75 -19.85
C ALA B 475 38.73 24.04 -20.66
N GLY B 476 37.83 24.02 -21.63
CA GLY B 476 37.50 25.21 -22.38
C GLY B 476 38.33 25.43 -23.64
N SER B 477 39.65 25.35 -23.51
CA SER B 477 40.51 25.57 -24.66
C SER B 477 40.42 24.39 -25.63
N THR B 478 40.49 24.69 -26.92
CA THR B 478 40.42 23.71 -27.98
C THR B 478 41.71 22.94 -28.30
N PRO B 479 42.85 23.58 -28.59
CA PRO B 479 43.89 22.92 -29.37
C PRO B 479 44.79 21.97 -28.60
N CYS B 480 44.40 21.51 -27.40
CA CYS B 480 45.26 20.63 -26.62
C CYS B 480 45.33 19.22 -27.19
N ASN B 481 45.96 19.05 -28.34
CA ASN B 481 45.91 17.76 -29.04
C ASN B 481 47.08 16.88 -28.58
N GLY B 482 47.09 16.59 -27.28
CA GLY B 482 48.02 15.65 -26.72
C GLY B 482 49.20 16.23 -25.97
N VAL B 483 49.18 17.52 -25.64
CA VAL B 483 50.23 18.15 -24.87
C VAL B 483 49.65 18.57 -23.52
N GLU B 484 50.35 18.23 -22.44
CA GLU B 484 49.96 18.70 -21.13
C GLU B 484 50.15 20.21 -21.08
N GLY B 485 49.07 20.93 -20.83
CA GLY B 485 49.09 22.37 -21.03
C GLY B 485 48.21 23.08 -20.03
N PHE B 486 47.97 24.36 -20.31
CA PHE B 486 47.41 25.30 -19.36
C PHE B 486 46.03 24.90 -18.86
N ASN B 487 45.06 24.84 -19.77
CA ASN B 487 43.71 24.46 -19.41
C ASN B 487 43.48 22.97 -19.54
N CYS B 488 44.55 22.19 -19.74
CA CYS B 488 44.42 20.80 -20.14
C CYS B 488 45.23 19.91 -19.21
N TYR B 489 44.54 19.02 -18.52
CA TYR B 489 45.02 18.34 -17.33
C TYR B 489 45.51 16.94 -17.67
N PHE B 490 46.18 16.31 -16.72
CA PHE B 490 46.38 14.88 -16.80
C PHE B 490 45.27 14.17 -16.04
N PRO B 491 44.58 13.20 -16.66
CA PRO B 491 43.39 12.62 -16.01
C PRO B 491 43.68 11.73 -14.83
N LEU B 492 44.90 11.24 -14.66
CA LEU B 492 45.22 10.37 -13.54
C LEU B 492 46.07 11.08 -12.51
N GLN B 493 46.14 10.48 -11.33
CA GLN B 493 46.92 11.01 -10.22
C GLN B 493 47.20 9.90 -9.23
N SER B 494 48.43 9.85 -8.75
CA SER B 494 48.85 8.83 -7.81
C SER B 494 48.38 9.18 -6.41
N TYR B 495 47.99 8.16 -5.65
CA TYR B 495 47.60 8.39 -4.26
C TYR B 495 48.78 8.83 -3.42
N GLY B 496 49.88 8.08 -3.49
CA GLY B 496 51.05 8.42 -2.70
C GLY B 496 50.86 8.29 -1.21
N PHE B 497 50.03 7.34 -0.79
CA PHE B 497 49.84 7.09 0.64
C PHE B 497 51.09 6.48 1.27
N GLN B 498 51.32 6.84 2.54
CA GLN B 498 52.47 6.51 3.35
C GLN B 498 52.04 5.79 4.62
N PRO B 499 52.94 5.03 5.26
CA PRO B 499 52.58 4.39 6.53
C PRO B 499 52.26 5.37 7.65
N THR B 500 52.84 6.57 7.62
CA THR B 500 52.59 7.54 8.69
C THR B 500 51.24 8.22 8.56
N ASN B 501 50.54 8.02 7.45
CA ASN B 501 49.25 8.68 7.24
C ASN B 501 48.19 8.12 8.18
N GLY B 502 47.13 8.90 8.37
CA GLY B 502 46.05 8.45 9.21
C GLY B 502 45.23 7.34 8.58
N VAL B 503 44.35 6.75 9.38
CA VAL B 503 43.53 5.63 8.92
C VAL B 503 42.58 6.02 7.81
N GLY B 504 42.16 7.29 7.75
CA GLY B 504 41.39 7.76 6.64
C GLY B 504 42.17 7.94 5.36
N TYR B 505 43.50 7.98 5.46
CA TYR B 505 44.36 8.05 4.28
C TYR B 505 45.09 6.74 4.01
N GLN B 506 44.98 5.77 4.91
CA GLN B 506 45.63 4.49 4.73
C GLN B 506 44.95 3.73 3.59
N PRO B 507 45.69 2.85 2.91
CA PRO B 507 45.08 2.07 1.82
C PRO B 507 44.09 1.06 2.37
N TYR B 508 42.94 0.97 1.73
CA TYR B 508 41.98 -0.10 2.00
C TYR B 508 41.81 -0.90 0.72
N ARG B 509 42.12 -2.19 0.80
CA ARG B 509 42.10 -3.08 -0.35
C ARG B 509 40.70 -3.68 -0.45
N VAL B 510 39.99 -3.35 -1.52
CA VAL B 510 38.56 -3.60 -1.61
C VAL B 510 38.28 -4.61 -2.71
N VAL B 511 37.44 -5.59 -2.39
CA VAL B 511 36.97 -6.59 -3.34
C VAL B 511 35.45 -6.52 -3.38
N VAL B 512 34.90 -6.42 -4.59
CA VAL B 512 33.47 -6.24 -4.78
C VAL B 512 32.95 -7.42 -5.58
N LEU B 513 32.01 -8.16 -5.00
CA LEU B 513 31.44 -9.34 -5.63
C LEU B 513 30.09 -8.97 -6.23
N SER B 514 29.96 -9.12 -7.54
CA SER B 514 28.72 -8.87 -8.24
C SER B 514 28.18 -10.18 -8.79
N PHE B 515 26.91 -10.48 -8.49
CA PHE B 515 26.32 -11.70 -9.02
C PHE B 515 24.83 -11.50 -9.24
N GLU B 516 24.33 -12.11 -10.31
CA GLU B 516 22.91 -12.12 -10.62
C GLU B 516 22.28 -13.36 -9.98
N LEU B 517 21.20 -13.16 -9.25
CA LEU B 517 20.64 -14.19 -8.38
C LEU B 517 19.41 -14.87 -8.97
N LEU B 518 19.22 -14.84 -10.28
CA LEU B 518 18.10 -15.54 -10.87
C LEU B 518 18.37 -17.04 -10.88
N HIS B 519 17.43 -17.83 -11.42
CA HIS B 519 17.47 -19.27 -11.26
C HIS B 519 18.49 -19.92 -12.21
N ALA B 520 18.38 -21.25 -12.36
CA ALA B 520 19.27 -22.16 -13.06
C ALA B 520 19.66 -21.66 -14.46
N PRO B 521 20.86 -21.97 -14.96
CA PRO B 521 21.95 -22.83 -14.45
C PRO B 521 22.70 -22.28 -13.25
N ALA B 522 23.07 -23.19 -12.33
CA ALA B 522 23.94 -22.85 -11.23
C ALA B 522 25.40 -22.99 -11.65
N THR B 523 25.88 -21.97 -12.37
CA THR B 523 27.30 -21.91 -12.69
C THR B 523 28.12 -21.79 -11.42
N VAL B 524 27.67 -20.99 -10.47
CA VAL B 524 28.29 -20.89 -9.16
C VAL B 524 27.23 -21.20 -8.12
N CYS B 525 27.53 -22.15 -7.24
CA CYS B 525 26.63 -22.43 -6.13
C CYS B 525 27.45 -22.87 -4.92
N GLY B 526 26.89 -22.63 -3.74
CA GLY B 526 27.56 -22.92 -2.50
C GLY B 526 27.64 -24.41 -2.22
N PRO B 527 28.44 -24.78 -1.23
CA PRO B 527 28.62 -26.21 -0.96
C PRO B 527 27.48 -26.78 -0.12
N LYS B 528 27.01 -27.95 -0.54
CA LYS B 528 26.02 -28.70 0.20
C LYS B 528 26.08 -30.14 -0.27
N LYS B 529 25.85 -31.06 0.67
CA LYS B 529 25.90 -32.48 0.37
C LYS B 529 24.69 -32.86 -0.48
N SER B 530 24.93 -33.13 -1.76
CA SER B 530 23.86 -33.56 -2.64
C SER B 530 23.40 -34.96 -2.27
N THR B 531 22.09 -35.15 -2.18
CA THR B 531 21.53 -36.40 -1.70
C THR B 531 20.98 -37.23 -2.85
N ASN B 532 20.34 -38.34 -2.49
CA ASN B 532 19.72 -39.20 -3.48
C ASN B 532 18.39 -38.60 -3.94
N LEU B 533 17.76 -39.27 -4.90
CA LEU B 533 16.56 -38.75 -5.54
C LEU B 533 15.34 -39.53 -5.05
N VAL B 534 14.55 -38.89 -4.18
CA VAL B 534 13.28 -39.47 -3.76
C VAL B 534 12.22 -39.04 -4.76
N LYS B 535 11.67 -40.01 -5.50
CA LYS B 535 10.92 -39.69 -6.69
C LYS B 535 9.46 -39.46 -6.33
N ASN B 536 8.73 -40.47 -5.87
CA ASN B 536 7.28 -40.36 -5.84
C ASN B 536 6.75 -39.82 -4.52
N LYS B 537 7.57 -39.70 -3.50
CA LYS B 537 7.13 -39.02 -2.29
C LYS B 537 7.14 -37.52 -2.51
N CYS B 538 6.15 -36.84 -1.94
CA CYS B 538 6.11 -35.38 -2.02
C CYS B 538 7.28 -34.81 -1.24
N VAL B 539 8.27 -34.28 -1.95
CA VAL B 539 9.52 -33.84 -1.33
C VAL B 539 9.81 -32.40 -1.76
N ASN B 540 10.40 -31.64 -0.84
CA ASN B 540 10.90 -30.32 -1.18
C ASN B 540 12.32 -30.45 -1.69
N PHE B 541 12.63 -29.74 -2.77
CA PHE B 541 13.80 -30.05 -3.57
C PHE B 541 14.64 -28.80 -3.78
N ASN B 542 15.85 -29.02 -4.29
CA ASN B 542 16.77 -27.94 -4.65
C ASN B 542 17.61 -28.44 -5.83
N PHE B 543 17.15 -28.11 -7.04
CA PHE B 543 17.86 -28.45 -8.26
C PHE B 543 18.59 -27.21 -8.76
N ASN B 544 19.89 -27.10 -8.47
CA ASN B 544 20.76 -26.04 -8.98
C ASN B 544 20.25 -24.65 -8.60
N GLY B 545 19.62 -24.54 -7.43
CA GLY B 545 19.01 -23.29 -7.02
C GLY B 545 17.53 -23.18 -7.31
N LEU B 546 17.01 -23.97 -8.25
CA LEU B 546 15.57 -24.01 -8.49
C LEU B 546 14.92 -24.73 -7.32
N THR B 547 14.39 -23.98 -6.36
CA THR B 547 13.84 -24.54 -5.16
C THR B 547 12.33 -24.62 -5.27
N GLY B 548 11.74 -25.58 -4.56
CA GLY B 548 10.30 -25.75 -4.60
C GLY B 548 9.89 -26.97 -3.82
N THR B 549 8.59 -27.26 -3.85
CA THR B 549 8.03 -28.39 -3.13
C THR B 549 6.96 -29.06 -3.99
N GLY B 550 7.14 -30.35 -4.24
CA GLY B 550 6.15 -31.07 -5.03
C GLY B 550 6.59 -32.49 -5.25
N VAL B 551 5.71 -33.26 -5.88
CA VAL B 551 5.96 -34.67 -6.17
C VAL B 551 6.70 -34.73 -7.50
N LEU B 552 7.70 -35.61 -7.57
CA LEU B 552 8.53 -35.76 -8.75
C LEU B 552 8.16 -37.05 -9.46
N THR B 553 8.37 -37.10 -10.77
CA THR B 553 8.15 -38.30 -11.56
C THR B 553 8.96 -38.25 -12.83
N GLU B 554 9.34 -39.41 -13.34
CA GLU B 554 9.94 -39.49 -14.66
C GLU B 554 8.91 -39.10 -15.70
N SER B 555 9.33 -38.33 -16.70
CA SER B 555 8.39 -37.70 -17.61
C SER B 555 8.66 -38.15 -19.04
N ASN B 556 7.64 -38.00 -19.88
CA ASN B 556 7.74 -38.22 -21.31
C ASN B 556 8.07 -36.95 -22.08
N LYS B 557 8.46 -35.89 -21.37
CA LYS B 557 8.82 -34.62 -22.01
C LYS B 557 10.14 -34.79 -22.76
N LYS B 558 10.15 -34.42 -24.04
CA LYS B 558 11.34 -34.54 -24.87
C LYS B 558 12.12 -33.23 -24.88
N PHE B 559 13.06 -33.12 -23.93
CA PHE B 559 13.90 -31.94 -23.86
C PHE B 559 14.88 -31.91 -25.02
N LEU B 560 15.18 -30.70 -25.48
CA LEU B 560 16.35 -30.50 -26.33
C LEU B 560 17.61 -30.53 -25.46
N PRO B 561 18.76 -30.87 -26.05
CA PRO B 561 19.97 -31.08 -25.22
C PRO B 561 20.43 -29.86 -24.44
N PHE B 562 20.17 -28.65 -24.91
CA PHE B 562 20.60 -27.47 -24.17
C PHE B 562 19.67 -27.13 -23.01
N GLN B 563 18.46 -27.68 -23.00
CA GLN B 563 17.45 -27.30 -22.02
C GLN B 563 17.86 -27.70 -20.62
N GLN B 564 17.57 -26.84 -19.64
CA GLN B 564 17.85 -27.14 -18.24
C GLN B 564 16.61 -27.45 -17.44
N PHE B 565 15.49 -26.81 -17.75
CA PHE B 565 14.22 -27.13 -17.11
C PHE B 565 13.11 -26.70 -18.05
N GLY B 566 11.88 -26.65 -17.53
CA GLY B 566 10.76 -26.31 -18.37
C GLY B 566 9.62 -25.72 -17.59
N ARG B 567 8.79 -24.95 -18.29
CA ARG B 567 7.61 -24.33 -17.72
C ARG B 567 6.43 -24.57 -18.64
N ASP B 568 5.27 -24.85 -18.05
CA ASP B 568 4.10 -25.28 -18.84
C ASP B 568 3.28 -24.07 -19.27
N ILE B 569 2.78 -23.30 -18.31
CA ILE B 569 2.00 -22.10 -18.60
C ILE B 569 2.09 -21.19 -17.38
N ALA B 570 2.08 -19.89 -17.63
CA ALA B 570 2.12 -18.85 -16.60
C ALA B 570 3.36 -18.98 -15.71
N ASP B 571 4.48 -19.34 -16.33
CA ASP B 571 5.82 -19.40 -15.74
C ASP B 571 5.92 -20.36 -14.57
N THR B 572 5.01 -21.33 -14.45
CA THR B 572 5.11 -22.34 -13.40
C THR B 572 6.11 -23.40 -13.82
N THR B 573 7.15 -23.60 -13.00
CA THR B 573 8.16 -24.59 -13.33
C THR B 573 7.57 -25.99 -13.22
N ASP B 574 7.67 -26.76 -14.29
CA ASP B 574 7.02 -28.06 -14.38
C ASP B 574 7.98 -29.23 -14.51
N ALA B 575 8.96 -29.17 -15.41
CA ALA B 575 9.87 -30.29 -15.58
C ALA B 575 11.29 -29.78 -15.40
N VAL B 576 12.09 -30.51 -14.63
CA VAL B 576 13.46 -30.13 -14.33
C VAL B 576 14.39 -31.29 -14.69
N ARG B 577 15.45 -30.96 -15.40
CA ARG B 577 16.49 -31.92 -15.75
C ARG B 577 17.46 -32.03 -14.58
N ASP B 578 17.61 -33.23 -14.05
CA ASP B 578 18.47 -33.47 -12.89
C ASP B 578 19.93 -33.34 -13.28
N PRO B 579 20.73 -32.54 -12.58
CA PRO B 579 22.13 -32.37 -12.97
C PRO B 579 22.98 -33.61 -12.80
N GLN B 580 22.61 -34.54 -11.92
CA GLN B 580 23.48 -35.68 -11.63
C GLN B 580 23.24 -36.84 -12.57
N THR B 581 21.99 -37.17 -12.86
CA THR B 581 21.67 -38.32 -13.71
C THR B 581 21.25 -37.93 -15.12
N LEU B 582 21.17 -36.63 -15.42
CA LEU B 582 20.72 -36.06 -16.69
C LEU B 582 19.33 -36.59 -17.08
N GLU B 583 18.38 -36.53 -16.15
CA GLU B 583 17.06 -37.09 -16.38
C GLU B 583 15.99 -36.02 -16.23
N ILE B 584 14.98 -36.08 -17.10
CA ILE B 584 13.90 -35.10 -17.15
C ILE B 584 12.83 -35.53 -16.15
N LEU B 585 12.71 -34.80 -15.05
CA LEU B 585 11.77 -35.13 -13.98
C LEU B 585 10.64 -34.12 -13.98
N ASP B 586 9.41 -34.61 -14.10
CA ASP B 586 8.24 -33.74 -14.03
C ASP B 586 7.92 -33.43 -12.58
N ILE B 587 7.54 -32.18 -12.30
CA ILE B 587 7.21 -31.77 -10.95
C ILE B 587 5.75 -31.34 -10.88
N THR B 588 4.89 -32.26 -10.49
CA THR B 588 3.50 -31.96 -10.19
C THR B 588 3.42 -31.38 -8.78
N PRO B 589 2.64 -30.30 -8.59
CA PRO B 589 2.52 -29.70 -7.25
C PRO B 589 1.91 -30.68 -6.25
N CYS B 590 2.33 -30.56 -5.00
CA CYS B 590 1.91 -31.49 -3.97
C CYS B 590 0.41 -31.37 -3.72
N SER B 591 -0.25 -32.51 -3.51
CA SER B 591 -1.69 -32.57 -3.49
C SER B 591 -2.27 -31.81 -2.29
N PHE B 592 -3.39 -31.14 -2.53
CA PHE B 592 -4.02 -30.30 -1.53
C PHE B 592 -5.49 -30.18 -1.87
N GLY B 593 -6.26 -29.67 -0.91
CA GLY B 593 -7.66 -29.42 -1.14
C GLY B 593 -8.32 -28.98 0.14
N GLY B 594 -9.51 -28.40 -0.02
CA GLY B 594 -10.29 -28.02 1.14
C GLY B 594 -10.93 -29.24 1.79
N VAL B 595 -10.87 -29.28 3.11
CA VAL B 595 -11.53 -30.32 3.88
C VAL B 595 -12.85 -29.74 4.38
N SER B 596 -13.93 -30.52 4.26
CA SER B 596 -15.26 -30.03 4.57
C SER B 596 -16.04 -31.12 5.28
N VAL B 597 -16.82 -30.73 6.25
CA VAL B 597 -17.62 -31.68 7.02
C VAL B 597 -19.02 -31.75 6.43
N ILE B 598 -19.72 -32.83 6.75
CA ILE B 598 -21.17 -32.92 6.55
C ILE B 598 -21.78 -33.36 7.87
N THR B 599 -22.79 -32.61 8.32
CA THR B 599 -23.41 -32.89 9.59
C THR B 599 -24.93 -32.82 9.48
N PRO B 600 -25.66 -33.69 10.18
CA PRO B 600 -27.11 -33.64 10.13
C PRO B 600 -27.71 -32.64 11.10
N GLY B 601 -26.87 -31.75 11.63
CA GLY B 601 -27.31 -30.79 12.62
C GLY B 601 -26.97 -31.25 14.02
N THR B 602 -26.52 -30.33 14.87
CA THR B 602 -26.21 -30.67 16.25
C THR B 602 -27.45 -31.08 17.02
N ASN B 603 -28.60 -30.50 16.66
CA ASN B 603 -29.86 -30.83 17.32
C ASN B 603 -30.27 -32.27 17.03
N THR B 604 -29.84 -32.84 15.91
CA THR B 604 -30.16 -34.23 15.61
C THR B 604 -29.18 -35.18 16.26
N SER B 605 -27.90 -35.08 15.91
CA SER B 605 -26.87 -35.94 16.48
C SER B 605 -25.51 -35.27 16.31
N ASN B 606 -24.56 -35.74 17.09
CA ASN B 606 -23.20 -35.21 17.04
C ASN B 606 -22.32 -35.97 16.06
N GLN B 607 -22.85 -36.97 15.37
CA GLN B 607 -22.05 -37.72 14.40
C GLN B 607 -21.80 -36.90 13.15
N VAL B 608 -20.55 -36.88 12.71
CA VAL B 608 -20.13 -36.07 11.58
C VAL B 608 -19.24 -36.91 10.66
N ALA B 609 -19.56 -36.88 9.37
CA ALA B 609 -18.68 -37.42 8.35
C ALA B 609 -17.93 -36.25 7.71
N VAL B 610 -16.75 -36.53 7.17
CA VAL B 610 -15.85 -35.49 6.70
C VAL B 610 -15.47 -35.79 5.25
N LEU B 611 -15.23 -34.73 4.48
CA LEU B 611 -14.93 -34.82 3.06
C LEU B 611 -13.64 -34.08 2.76
N TYR B 612 -12.75 -34.72 2.00
CA TYR B 612 -11.53 -34.10 1.52
C TYR B 612 -11.71 -33.83 0.03
N GLN B 613 -11.88 -32.57 -0.34
CA GLN B 613 -12.18 -32.23 -1.73
C GLN B 613 -10.95 -32.39 -2.60
N ASP B 614 -11.13 -33.05 -3.75
CA ASP B 614 -10.11 -33.26 -4.79
C ASP B 614 -8.87 -33.96 -4.26
N VAL B 615 -9.04 -34.90 -3.33
CA VAL B 615 -7.93 -35.63 -2.73
C VAL B 615 -8.18 -37.12 -2.88
N ASN B 616 -7.19 -37.85 -3.37
CA ASN B 616 -7.25 -39.30 -3.44
C ASN B 616 -7.26 -39.87 -2.02
N CYS B 617 -8.03 -40.94 -1.82
CA CYS B 617 -8.16 -41.54 -0.49
C CYS B 617 -6.91 -42.27 -0.04
N THR B 618 -5.94 -42.48 -0.94
CA THR B 618 -4.73 -43.21 -0.57
C THR B 618 -3.82 -42.42 0.35
N GLU B 619 -3.99 -41.10 0.44
CA GLU B 619 -3.13 -40.25 1.25
C GLU B 619 -3.93 -39.50 2.32
N VAL B 620 -4.91 -40.17 2.91
CA VAL B 620 -5.76 -39.66 3.99
C VAL B 620 -6.45 -38.34 3.61
N THR B 638 -13.07 -38.62 10.59
CA THR B 638 -13.27 -39.40 11.81
C THR B 638 -12.60 -40.78 11.70
N GLY B 639 -12.46 -41.26 10.47
CA GLY B 639 -11.79 -42.52 10.21
C GLY B 639 -12.65 -43.76 10.31
N SER B 640 -13.97 -43.61 10.45
CA SER B 640 -14.84 -44.78 10.59
C SER B 640 -15.00 -45.56 9.29
N ASN B 641 -15.00 -44.88 8.15
CA ASN B 641 -15.19 -45.53 6.86
C ASN B 641 -14.48 -44.71 5.79
N VAL B 642 -14.24 -45.35 4.65
CA VAL B 642 -13.58 -44.69 3.52
C VAL B 642 -14.40 -44.94 2.27
N PHE B 643 -14.57 -43.90 1.47
CA PHE B 643 -15.37 -43.98 0.25
C PHE B 643 -14.92 -42.89 -0.70
N GLN B 644 -14.79 -43.24 -1.97
CA GLN B 644 -14.29 -42.33 -2.99
C GLN B 644 -15.46 -41.86 -3.85
N THR B 645 -15.60 -40.54 -3.98
CA THR B 645 -16.58 -39.95 -4.86
C THR B 645 -15.90 -39.29 -6.05
N ARG B 646 -16.71 -38.63 -6.88
CA ARG B 646 -16.14 -37.84 -7.96
C ARG B 646 -15.75 -36.45 -7.50
N ALA B 647 -16.09 -36.08 -6.27
CA ALA B 647 -15.72 -34.78 -5.71
C ALA B 647 -14.48 -34.85 -4.85
N GLY B 648 -14.21 -36.00 -4.25
CA GLY B 648 -13.04 -36.15 -3.40
C GLY B 648 -13.22 -37.33 -2.47
N CYS B 649 -12.27 -37.45 -1.55
CA CYS B 649 -12.31 -38.52 -0.57
C CYS B 649 -13.33 -38.21 0.51
N LEU B 650 -14.23 -39.15 0.76
CA LEU B 650 -15.28 -38.98 1.75
C LEU B 650 -15.09 -40.01 2.85
N ILE B 651 -14.89 -39.53 4.08
CA ILE B 651 -14.55 -40.38 5.20
C ILE B 651 -15.61 -40.24 6.27
N GLY B 652 -16.16 -41.38 6.71
CA GLY B 652 -17.15 -41.42 7.74
C GLY B 652 -18.55 -41.74 7.27
N ALA B 653 -18.86 -41.47 6.00
CA ALA B 653 -20.17 -41.77 5.47
C ALA B 653 -20.21 -43.19 4.93
N GLU B 654 -21.41 -43.73 4.81
CA GLU B 654 -21.63 -45.09 4.33
C GLU B 654 -22.32 -45.05 2.98
N HIS B 655 -21.72 -45.70 1.99
CA HIS B 655 -22.30 -45.75 0.66
C HIS B 655 -23.49 -46.69 0.64
N VAL B 656 -24.58 -46.23 0.01
CA VAL B 656 -25.80 -47.03 -0.11
C VAL B 656 -26.23 -46.99 -1.57
N ASN B 657 -26.72 -48.13 -2.07
CA ASN B 657 -26.97 -48.28 -3.49
C ASN B 657 -28.21 -47.55 -3.96
N ASN B 658 -29.30 -47.61 -3.20
CA ASN B 658 -30.54 -46.99 -3.64
C ASN B 658 -30.45 -45.47 -3.52
N SER B 659 -31.41 -44.77 -4.11
CA SER B 659 -31.30 -43.34 -4.31
C SER B 659 -32.44 -42.63 -3.59
N TYR B 660 -32.19 -41.37 -3.27
CA TYR B 660 -33.16 -40.54 -2.56
C TYR B 660 -33.01 -39.09 -3.02
N GLU B 661 -33.77 -38.21 -2.38
CA GLU B 661 -33.61 -36.79 -2.62
C GLU B 661 -32.49 -36.23 -1.76
N CYS B 662 -32.15 -34.97 -2.00
CA CYS B 662 -31.10 -34.33 -1.22
C CYS B 662 -31.56 -33.85 0.15
N ASP B 663 -30.70 -34.09 1.13
CA ASP B 663 -30.70 -33.32 2.37
C ASP B 663 -29.45 -32.45 2.44
N ILE B 664 -28.28 -33.04 2.18
CA ILE B 664 -27.01 -32.33 2.21
C ILE B 664 -26.27 -32.55 0.89
N PRO B 665 -25.97 -31.50 0.13
CA PRO B 665 -25.21 -31.68 -1.11
C PRO B 665 -23.71 -31.80 -0.85
N ILE B 666 -23.05 -32.53 -1.74
CA ILE B 666 -21.60 -32.64 -1.70
C ILE B 666 -21.02 -32.19 -3.03
N GLY B 667 -21.38 -32.87 -4.10
CA GLY B 667 -20.88 -32.55 -5.42
C GLY B 667 -20.92 -33.76 -6.33
N ALA B 668 -21.11 -33.49 -7.62
CA ALA B 668 -21.14 -34.49 -8.69
C ALA B 668 -22.21 -35.56 -8.45
N GLY B 669 -23.34 -35.14 -7.88
CA GLY B 669 -24.48 -36.01 -7.72
C GLY B 669 -24.50 -36.86 -6.47
N ILE B 670 -23.37 -36.98 -5.77
CA ILE B 670 -23.33 -37.74 -4.54
C ILE B 670 -23.86 -36.87 -3.43
N CYS B 671 -25.14 -37.02 -3.10
CA CYS B 671 -25.82 -36.06 -2.23
C CYS B 671 -26.25 -36.72 -0.92
N ALA B 672 -25.42 -36.54 0.11
CA ALA B 672 -25.54 -37.27 1.37
C ALA B 672 -26.74 -36.88 2.21
N SER B 673 -27.15 -37.77 3.10
CA SER B 673 -28.24 -37.52 4.04
C SER B 673 -27.97 -38.34 5.30
N TYR B 674 -28.95 -38.38 6.21
CA TYR B 674 -28.80 -39.03 7.51
C TYR B 674 -29.96 -39.99 7.73
N GLN B 675 -29.79 -41.25 7.31
CA GLN B 675 -30.80 -42.26 7.54
C GLN B 675 -30.70 -42.81 8.96
N THR B 676 -31.81 -43.34 9.46
CA THR B 676 -31.84 -43.90 10.80
C THR B 676 -31.88 -45.42 10.77
N GLN B 690 -28.67 -45.75 13.38
CA GLN B 690 -28.58 -44.49 12.64
C GLN B 690 -27.15 -44.25 12.17
N SER B 691 -27.01 -43.72 10.95
CA SER B 691 -25.69 -43.47 10.39
C SER B 691 -25.81 -42.42 9.29
N ILE B 692 -24.69 -41.80 8.96
CA ILE B 692 -24.65 -40.88 7.83
C ILE B 692 -24.45 -41.66 6.55
N ILE B 693 -25.34 -41.46 5.58
CA ILE B 693 -25.31 -42.19 4.33
C ILE B 693 -25.02 -41.23 3.19
N ALA B 694 -24.36 -41.75 2.16
CA ALA B 694 -24.04 -40.99 0.96
C ALA B 694 -24.51 -41.79 -0.25
N TYR B 695 -25.14 -41.11 -1.20
CA TYR B 695 -25.79 -41.79 -2.30
C TYR B 695 -25.88 -40.85 -3.50
N THR B 696 -26.09 -41.44 -4.67
CA THR B 696 -26.41 -40.64 -5.85
C THR B 696 -27.83 -40.11 -5.73
N MET B 697 -28.02 -38.84 -6.01
CA MET B 697 -29.31 -38.20 -5.81
C MET B 697 -30.35 -38.74 -6.78
N SER B 698 -31.61 -38.70 -6.38
CA SER B 698 -32.70 -39.04 -7.28
C SER B 698 -33.35 -37.77 -7.80
N LEU B 699 -33.79 -37.82 -9.05
CA LEU B 699 -34.38 -36.67 -9.71
C LEU B 699 -35.89 -36.64 -9.58
N GLY B 700 -36.43 -37.23 -8.54
CA GLY B 700 -37.87 -37.37 -8.37
C GLY B 700 -38.36 -38.72 -8.83
N ALA B 701 -39.66 -38.95 -8.62
CA ALA B 701 -40.28 -40.20 -9.03
C ALA B 701 -40.32 -40.30 -10.54
N GLU B 702 -40.02 -41.49 -11.05
CA GLU B 702 -39.99 -41.75 -12.48
C GLU B 702 -41.30 -42.40 -12.89
N ASN B 703 -42.10 -41.69 -13.69
CA ASN B 703 -43.34 -42.24 -14.19
C ASN B 703 -43.46 -41.89 -15.67
N SER B 704 -44.00 -42.84 -16.43
CA SER B 704 -44.26 -42.63 -17.84
C SER B 704 -45.74 -42.31 -18.00
N VAL B 705 -46.02 -41.15 -18.60
CA VAL B 705 -47.41 -40.76 -18.84
C VAL B 705 -48.00 -41.71 -19.86
N ALA B 706 -49.25 -42.14 -19.63
CA ALA B 706 -49.90 -43.04 -20.56
C ALA B 706 -50.33 -42.32 -21.81
N TYR B 707 -49.35 -41.85 -22.60
CA TYR B 707 -49.65 -41.19 -23.85
C TYR B 707 -50.25 -42.19 -24.83
N SER B 708 -51.18 -41.71 -25.63
CA SER B 708 -51.80 -42.59 -26.59
C SER B 708 -52.16 -41.79 -27.83
N ASN B 709 -52.60 -42.53 -28.85
CA ASN B 709 -53.00 -41.95 -30.11
C ASN B 709 -54.28 -41.12 -29.97
N ASN B 710 -55.19 -41.55 -29.11
CA ASN B 710 -56.50 -40.91 -29.00
C ASN B 710 -57.02 -40.82 -27.57
N SER B 711 -56.15 -40.65 -26.58
CA SER B 711 -56.60 -40.59 -25.19
C SER B 711 -56.26 -39.24 -24.59
N ILE B 712 -57.21 -38.72 -23.80
CA ILE B 712 -57.04 -37.45 -23.10
C ILE B 712 -57.50 -37.64 -21.66
N ALA B 713 -56.86 -36.95 -20.73
CA ALA B 713 -57.27 -37.00 -19.33
C ALA B 713 -57.71 -35.61 -18.89
N ILE B 714 -58.99 -35.48 -18.55
CA ILE B 714 -59.56 -34.22 -18.11
C ILE B 714 -59.96 -34.35 -16.65
N PRO B 715 -59.50 -33.46 -15.77
CA PRO B 715 -59.79 -33.59 -14.34
C PRO B 715 -61.27 -33.39 -14.05
N THR B 716 -61.77 -34.17 -13.10
CA THR B 716 -63.15 -34.06 -12.67
C THR B 716 -63.28 -33.28 -11.37
N ASN B 717 -62.21 -32.67 -10.89
CA ASN B 717 -62.21 -32.01 -9.60
C ASN B 717 -61.00 -31.09 -9.53
N PHE B 718 -60.86 -30.39 -8.41
CA PHE B 718 -59.77 -29.44 -8.24
C PHE B 718 -59.44 -29.32 -6.76
N THR B 719 -58.27 -28.75 -6.49
CA THR B 719 -57.87 -28.36 -5.15
C THR B 719 -57.23 -26.98 -5.24
N ILE B 720 -57.86 -25.98 -4.64
CA ILE B 720 -57.26 -24.66 -4.62
C ILE B 720 -56.23 -24.60 -3.51
N SER B 721 -55.00 -24.24 -3.87
CA SER B 721 -53.87 -24.31 -2.96
C SER B 721 -53.22 -22.95 -2.89
N VAL B 722 -52.90 -22.51 -1.68
CA VAL B 722 -52.31 -21.20 -1.45
C VAL B 722 -50.86 -21.42 -1.08
N THR B 723 -49.95 -20.81 -1.84
CA THR B 723 -48.52 -21.01 -1.66
C THR B 723 -47.86 -19.69 -1.31
N THR B 724 -46.97 -19.73 -0.32
CA THR B 724 -46.22 -18.54 0.05
C THR B 724 -45.05 -18.33 -0.88
N GLU B 725 -44.61 -17.08 -0.99
CA GLU B 725 -43.41 -16.72 -1.72
C GLU B 725 -42.76 -15.54 -1.03
N ILE B 726 -41.53 -15.73 -0.56
CA ILE B 726 -40.86 -14.77 0.30
C ILE B 726 -39.78 -14.08 -0.50
N LEU B 727 -39.82 -12.76 -0.56
CA LEU B 727 -38.87 -11.99 -1.33
C LEU B 727 -38.28 -10.89 -0.45
N PRO B 728 -37.01 -10.56 -0.61
CA PRO B 728 -36.47 -9.37 0.05
C PRO B 728 -36.77 -8.12 -0.77
N VAL B 729 -36.97 -7.02 -0.06
CA VAL B 729 -37.27 -5.74 -0.71
C VAL B 729 -36.18 -4.73 -0.40
N SER B 730 -35.78 -4.64 0.86
CA SER B 730 -34.79 -3.64 1.24
C SER B 730 -33.91 -4.18 2.37
N MET B 731 -32.65 -3.79 2.32
CA MET B 731 -31.73 -4.00 3.43
C MET B 731 -31.69 -2.74 4.27
N THR B 732 -31.02 -2.82 5.42
CA THR B 732 -30.99 -1.69 6.33
C THR B 732 -30.09 -0.58 5.79
N LYS B 733 -30.43 0.65 6.14
CA LYS B 733 -29.76 1.84 5.61
C LYS B 733 -28.55 2.19 6.47
N THR B 734 -27.44 1.54 6.15
CA THR B 734 -26.21 1.76 6.90
C THR B 734 -25.41 2.92 6.33
N SER B 735 -24.95 3.81 7.20
CA SER B 735 -24.10 4.92 6.81
C SER B 735 -22.88 4.95 7.72
N VAL B 736 -21.72 5.18 7.12
CA VAL B 736 -20.44 5.13 7.82
C VAL B 736 -19.70 6.44 7.60
N ASP B 737 -19.42 7.15 8.69
CA ASP B 737 -18.59 8.35 8.63
C ASP B 737 -17.15 7.92 8.43
N CYS B 738 -16.47 8.47 7.42
CA CYS B 738 -15.17 7.95 7.03
C CYS B 738 -14.09 8.34 8.01
N THR B 739 -14.08 9.60 8.44
CA THR B 739 -13.00 10.09 9.28
C THR B 739 -13.11 9.53 10.70
N MET B 740 -14.33 9.31 11.18
CA MET B 740 -14.51 8.74 12.50
C MET B 740 -14.14 7.26 12.52
N TYR B 741 -14.13 6.61 11.36
CA TYR B 741 -13.74 5.20 11.30
C TYR B 741 -12.24 5.07 11.09
N ILE B 742 -11.74 5.65 9.99
CA ILE B 742 -10.32 5.51 9.64
C ILE B 742 -9.44 6.22 10.65
N CYS B 743 -9.80 7.44 11.04
CA CYS B 743 -8.89 8.22 11.87
C CYS B 743 -9.38 8.33 13.31
N GLY B 744 -10.68 8.23 13.57
CA GLY B 744 -11.18 8.11 14.92
C GLY B 744 -10.94 9.30 15.83
N ASP B 745 -11.39 10.48 15.40
CA ASP B 745 -11.36 11.71 16.19
C ASP B 745 -9.95 12.12 16.58
N SER B 746 -9.05 12.16 15.61
CA SER B 746 -7.70 12.69 15.80
C SER B 746 -7.41 13.66 14.66
N THR B 747 -6.51 14.61 14.90
CA THR B 747 -6.14 15.53 13.83
C THR B 747 -4.89 15.07 13.10
N GLU B 748 -3.97 14.40 13.81
CA GLU B 748 -2.70 13.98 13.23
C GLU B 748 -2.87 12.96 12.12
N CYS B 749 -3.96 12.19 12.15
CA CYS B 749 -4.27 11.26 11.08
C CYS B 749 -5.32 11.77 10.11
N SER B 750 -6.16 12.72 10.56
CA SER B 750 -7.08 13.38 9.63
C SER B 750 -6.31 14.17 8.58
N ASN B 751 -5.23 14.85 9.00
CA ASN B 751 -4.44 15.60 8.05
C ASN B 751 -3.72 14.70 7.05
N LEU B 752 -3.40 13.45 7.44
CA LEU B 752 -2.86 12.51 6.47
C LEU B 752 -3.95 11.92 5.60
N LEU B 753 -5.16 11.78 6.13
CA LEU B 753 -6.25 11.24 5.33
C LEU B 753 -6.68 12.24 4.25
N LEU B 754 -6.59 13.54 4.54
CA LEU B 754 -6.80 14.55 3.51
C LEU B 754 -5.74 14.46 2.41
N GLN B 755 -4.57 13.92 2.72
CA GLN B 755 -3.56 13.70 1.69
C GLN B 755 -3.83 12.48 0.83
N TYR B 756 -4.98 11.85 0.96
CA TYR B 756 -5.39 10.76 0.09
C TYR B 756 -6.45 11.16 -0.91
N GLY B 757 -6.84 12.42 -0.96
CA GLY B 757 -7.88 12.81 -1.89
C GLY B 757 -9.26 12.53 -1.31
N SER B 758 -10.22 12.26 -2.19
CA SER B 758 -11.61 12.17 -1.80
C SER B 758 -12.15 10.73 -1.75
N PHE B 759 -11.33 9.75 -1.35
CA PHE B 759 -11.81 8.37 -1.26
C PHE B 759 -13.00 8.24 -0.32
N CYS B 760 -12.90 8.79 0.89
CA CYS B 760 -13.92 8.45 1.86
C CYS B 760 -15.17 9.31 1.63
N THR B 761 -15.00 10.48 1.03
CA THR B 761 -16.16 11.24 0.54
C THR B 761 -16.90 10.46 -0.53
N GLN B 762 -16.16 9.84 -1.46
CA GLN B 762 -16.77 8.99 -2.48
C GLN B 762 -17.50 7.81 -1.84
N LEU B 763 -16.88 7.17 -0.84
CA LEU B 763 -17.50 6.03 -0.17
C LEU B 763 -18.77 6.45 0.57
N ASN B 764 -18.73 7.61 1.24
CA ASN B 764 -19.89 8.09 1.97
C ASN B 764 -21.02 8.44 1.02
N ARG B 765 -20.70 9.00 -0.15
CA ARG B 765 -21.75 9.30 -1.13
C ARG B 765 -22.34 8.02 -1.71
N ALA B 766 -21.52 6.98 -1.91
CA ALA B 766 -22.05 5.70 -2.37
C ALA B 766 -22.99 5.07 -1.35
N LEU B 767 -22.61 5.14 -0.07
CA LEU B 767 -23.47 4.59 0.98
C LEU B 767 -24.77 5.38 1.11
N THR B 768 -24.70 6.71 0.95
CA THR B 768 -25.91 7.51 0.94
C THR B 768 -26.80 7.16 -0.24
N GLY B 769 -26.18 6.87 -1.39
CA GLY B 769 -26.94 6.46 -2.56
C GLY B 769 -27.70 5.17 -2.34
N ILE B 770 -27.03 4.16 -1.76
CA ILE B 770 -27.74 2.91 -1.52
C ILE B 770 -28.77 3.07 -0.41
N ALA B 771 -28.52 3.97 0.54
CA ALA B 771 -29.51 4.24 1.58
C ALA B 771 -30.78 4.84 1.00
N VAL B 772 -30.64 5.75 0.03
CA VAL B 772 -31.80 6.29 -0.66
C VAL B 772 -32.47 5.21 -1.51
N GLU B 773 -31.66 4.34 -2.14
CA GLU B 773 -32.20 3.30 -2.99
C GLU B 773 -33.04 2.28 -2.23
N GLN B 774 -32.74 2.05 -0.95
CA GLN B 774 -33.60 1.15 -0.17
C GLN B 774 -35.03 1.69 -0.02
N ASP B 775 -35.17 2.97 0.30
CA ASP B 775 -36.50 3.55 0.40
C ASP B 775 -37.16 3.67 -0.98
N LYS B 776 -36.36 3.85 -2.02
CA LYS B 776 -36.91 3.79 -3.37
C LYS B 776 -37.47 2.41 -3.69
N ASN B 777 -36.78 1.35 -3.24
CA ASN B 777 -37.26 -0.01 -3.42
C ASN B 777 -38.57 -0.23 -2.67
N THR B 778 -38.65 0.23 -1.43
CA THR B 778 -39.86 0.01 -0.64
C THR B 778 -41.03 0.80 -1.21
N GLN B 779 -40.78 2.02 -1.71
CA GLN B 779 -41.84 2.80 -2.32
C GLN B 779 -42.29 2.19 -3.64
N GLU B 780 -41.36 1.60 -4.39
CA GLU B 780 -41.73 0.96 -5.65
C GLU B 780 -42.48 -0.34 -5.43
N VAL B 781 -42.25 -1.01 -4.31
CA VAL B 781 -42.92 -2.28 -4.03
C VAL B 781 -44.29 -2.07 -3.41
N PHE B 782 -44.38 -1.32 -2.31
CA PHE B 782 -45.63 -1.30 -1.56
C PHE B 782 -46.57 -0.17 -1.96
N ALA B 783 -46.04 0.98 -2.34
CA ALA B 783 -46.91 2.13 -2.66
C ALA B 783 -47.45 2.08 -4.08
N GLN B 784 -48.05 0.97 -4.48
CA GLN B 784 -48.68 0.90 -5.80
C GLN B 784 -50.04 1.59 -5.81
N VAL B 785 -50.77 1.52 -4.71
CA VAL B 785 -52.15 1.99 -4.64
C VAL B 785 -52.13 3.47 -4.23
N LYS B 786 -53.09 4.24 -4.75
CA LYS B 786 -53.15 5.66 -4.49
C LYS B 786 -53.94 6.01 -3.23
N GLN B 787 -54.88 5.16 -2.82
CA GLN B 787 -55.68 5.43 -1.63
C GLN B 787 -55.56 4.27 -0.67
N ILE B 788 -55.91 4.53 0.59
CA ILE B 788 -55.93 3.48 1.61
C ILE B 788 -57.36 2.97 1.72
N TYR B 789 -57.61 1.80 1.13
CA TYR B 789 -58.95 1.25 1.09
C TYR B 789 -59.25 0.52 2.38
N LYS B 790 -60.38 0.82 3.00
CA LYS B 790 -60.82 0.07 4.16
C LYS B 790 -61.68 -1.11 3.72
N THR B 791 -61.93 -2.02 4.65
CA THR B 791 -62.84 -3.12 4.42
C THR B 791 -64.10 -2.91 5.25
N PRO B 792 -65.26 -3.35 4.77
CA PRO B 792 -66.49 -3.17 5.53
C PRO B 792 -66.46 -3.94 6.83
N PRO B 793 -67.15 -3.45 7.87
CA PRO B 793 -67.14 -4.18 9.15
C PRO B 793 -67.77 -5.55 9.08
N ILE B 794 -68.78 -5.73 8.23
CA ILE B 794 -69.40 -7.03 8.04
C ILE B 794 -68.60 -7.77 6.97
N LYS B 795 -67.72 -8.67 7.39
CA LYS B 795 -66.84 -9.37 6.45
C LYS B 795 -67.56 -10.56 5.82
N ASP B 796 -68.58 -10.28 5.01
CA ASP B 796 -69.36 -11.33 4.34
C ASP B 796 -68.87 -11.53 2.90
N PHE B 797 -67.71 -12.16 2.78
CA PHE B 797 -67.08 -12.34 1.47
C PHE B 797 -67.40 -13.70 0.86
N GLY B 798 -68.70 -14.02 0.78
CA GLY B 798 -69.14 -15.25 0.15
C GLY B 798 -68.69 -16.52 0.82
N GLY B 799 -68.53 -16.51 2.13
CA GLY B 799 -68.06 -17.68 2.84
C GLY B 799 -66.56 -17.80 2.98
N PHE B 800 -65.81 -16.92 2.33
CA PHE B 800 -64.35 -16.93 2.46
C PHE B 800 -63.97 -16.25 3.77
N ASN B 801 -63.07 -16.85 4.53
CA ASN B 801 -62.68 -16.32 5.83
C ASN B 801 -61.34 -15.63 5.70
N PHE B 802 -61.37 -14.30 5.72
CA PHE B 802 -60.17 -13.50 5.54
C PHE B 802 -59.60 -12.94 6.84
N SER B 803 -60.08 -13.40 7.99
CA SER B 803 -59.69 -12.80 9.26
C SER B 803 -58.24 -13.04 9.63
N GLN B 804 -57.59 -14.02 9.04
CA GLN B 804 -56.19 -14.28 9.36
C GLN B 804 -55.23 -13.53 8.45
N ILE B 805 -55.73 -12.81 7.45
CA ILE B 805 -54.88 -12.08 6.53
C ILE B 805 -55.15 -10.59 6.71
N LEU B 806 -56.42 -10.27 6.99
CA LEU B 806 -56.82 -8.89 7.22
C LEU B 806 -56.25 -8.38 8.55
N PRO B 807 -56.17 -7.06 8.73
CA PRO B 807 -55.66 -6.52 9.99
C PRO B 807 -56.53 -6.90 11.18
N ASP B 808 -55.88 -7.09 12.32
CA ASP B 808 -56.57 -7.42 13.56
C ASP B 808 -57.33 -6.21 14.07
N PRO B 809 -58.63 -6.34 14.40
CA PRO B 809 -59.37 -5.19 14.93
C PRO B 809 -58.88 -4.72 16.29
N SER B 810 -58.35 -5.61 17.13
CA SER B 810 -57.77 -5.19 18.40
C SER B 810 -56.55 -4.31 18.19
N LYS B 811 -55.63 -4.72 17.33
CA LYS B 811 -54.56 -3.88 16.80
C LYS B 811 -53.64 -3.29 17.87
N PRO B 812 -52.77 -4.10 18.48
CA PRO B 812 -51.59 -3.50 19.15
C PRO B 812 -50.75 -2.70 18.18
N SER B 813 -50.58 -3.22 16.97
CA SER B 813 -50.25 -2.45 15.78
C SER B 813 -51.19 -2.91 14.68
N LYS B 814 -51.37 -2.07 13.67
CA LYS B 814 -52.31 -2.42 12.61
C LYS B 814 -51.72 -3.49 11.71
N ARG B 815 -51.62 -4.72 12.23
CA ARG B 815 -50.94 -5.82 11.56
C ARG B 815 -51.77 -7.08 11.67
N SER B 816 -51.57 -7.99 10.73
CA SER B 816 -52.38 -9.18 10.64
C SER B 816 -51.87 -10.26 11.59
N PHE B 817 -52.59 -11.39 11.59
CA PHE B 817 -52.12 -12.57 12.29
C PHE B 817 -50.89 -13.16 11.63
N ILE B 818 -50.92 -13.26 10.29
CA ILE B 818 -49.79 -13.83 9.57
C ILE B 818 -48.59 -12.89 9.64
N GLU B 819 -48.83 -11.57 9.57
CA GLU B 819 -47.74 -10.62 9.76
C GLU B 819 -47.18 -10.66 11.17
N ASP B 820 -48.04 -10.93 12.17
CA ASP B 820 -47.57 -11.16 13.52
C ASP B 820 -46.68 -12.38 13.61
N LEU B 821 -47.01 -13.45 12.89
CA LEU B 821 -46.10 -14.60 12.83
C LEU B 821 -44.79 -14.23 12.13
N LEU B 822 -44.86 -13.46 11.04
CA LEU B 822 -43.69 -13.16 10.24
C LEU B 822 -42.69 -12.30 11.01
N PHE B 823 -43.19 -11.34 11.80
CA PHE B 823 -42.29 -10.51 12.60
C PHE B 823 -41.60 -11.34 13.69
N ASN B 824 -42.32 -12.27 14.30
CA ASN B 824 -41.74 -13.06 15.38
C ASN B 824 -40.78 -14.13 14.85
N LYS B 825 -40.95 -14.56 13.61
CA LYS B 825 -40.12 -15.62 13.07
C LYS B 825 -38.71 -15.17 12.72
N VAL B 826 -38.46 -13.87 12.57
CA VAL B 826 -37.11 -13.41 12.32
C VAL B 826 -36.45 -13.03 13.65
N THR B 827 -35.12 -12.92 13.62
CA THR B 827 -34.38 -12.52 14.79
C THR B 827 -33.12 -11.79 14.35
N LEU B 828 -33.01 -10.53 14.78
CA LEU B 828 -31.87 -9.70 14.41
C LEU B 828 -30.94 -9.50 15.61
N LYS B 854 -24.19 2.15 16.78
CA LYS B 854 -23.79 2.25 18.19
C LYS B 854 -22.28 2.35 18.31
N PHE B 855 -21.57 1.68 17.41
CA PHE B 855 -20.11 1.71 17.41
C PHE B 855 -19.62 2.99 16.75
N ASN B 856 -18.31 3.07 16.55
CA ASN B 856 -17.71 4.25 15.95
C ASN B 856 -18.00 4.31 14.45
N GLY B 857 -18.38 5.49 13.99
CA GLY B 857 -18.62 5.71 12.58
C GLY B 857 -19.94 5.20 12.06
N LEU B 858 -20.32 3.99 12.44
CA LEU B 858 -21.51 3.35 11.92
C LEU B 858 -22.77 4.05 12.43
N THR B 859 -23.67 4.36 11.51
CA THR B 859 -25.00 4.83 11.85
C THR B 859 -26.00 4.03 11.04
N VAL B 860 -27.13 3.70 11.67
CA VAL B 860 -28.19 2.96 11.03
C VAL B 860 -29.37 3.90 10.89
N LEU B 861 -29.55 4.45 9.70
CA LEU B 861 -30.65 5.36 9.44
C LEU B 861 -31.97 4.60 9.47
N PRO B 862 -33.01 5.21 10.06
CA PRO B 862 -34.31 4.56 10.08
C PRO B 862 -34.93 4.60 8.69
N PRO B 863 -35.69 3.58 8.32
CA PRO B 863 -36.37 3.60 7.02
C PRO B 863 -37.47 4.64 7.00
N LEU B 864 -37.75 5.15 5.79
CA LEU B 864 -38.73 6.21 5.64
C LEU B 864 -40.14 5.71 5.94
N LEU B 865 -40.50 4.56 5.37
CA LEU B 865 -41.78 3.92 5.67
C LEU B 865 -41.56 2.92 6.78
N THR B 866 -42.04 3.24 7.98
CA THR B 866 -41.90 2.32 9.09
C THR B 866 -42.87 1.15 8.93
N ASP B 867 -42.76 0.19 9.85
CA ASP B 867 -43.54 -1.05 9.76
C ASP B 867 -45.04 -0.81 9.84
N GLU B 868 -45.45 0.16 10.65
CA GLU B 868 -46.88 0.44 10.80
C GLU B 868 -47.48 1.08 9.55
N MET B 869 -46.66 1.65 8.67
CA MET B 869 -47.16 2.18 7.41
C MET B 869 -47.06 1.17 6.27
N ILE B 870 -46.03 0.33 6.29
CA ILE B 870 -45.97 -0.78 5.34
C ILE B 870 -47.13 -1.72 5.57
N ALA B 871 -47.48 -1.97 6.84
CA ALA B 871 -48.65 -2.76 7.17
C ALA B 871 -49.94 -2.11 6.68
N GLN B 872 -50.05 -0.79 6.78
CA GLN B 872 -51.22 -0.09 6.26
C GLN B 872 -51.29 -0.15 4.74
N TYR B 873 -50.16 -0.09 4.05
CA TYR B 873 -50.17 -0.26 2.60
C TYR B 873 -50.60 -1.67 2.20
N THR B 874 -50.11 -2.69 2.92
CA THR B 874 -50.53 -4.05 2.62
C THR B 874 -52.02 -4.23 2.94
N SER B 875 -52.50 -3.58 3.98
CA SER B 875 -53.93 -3.58 4.27
C SER B 875 -54.73 -2.93 3.16
N ALA B 876 -54.23 -1.83 2.61
CA ALA B 876 -54.91 -1.16 1.51
C ALA B 876 -54.97 -2.04 0.27
N LEU B 877 -53.85 -2.67 -0.08
CA LEU B 877 -53.82 -3.55 -1.25
C LEU B 877 -54.71 -4.77 -1.05
N LEU B 878 -54.67 -5.36 0.15
CA LEU B 878 -55.49 -6.52 0.46
C LEU B 878 -56.97 -6.17 0.43
N ALA B 879 -57.34 -5.00 0.97
CA ALA B 879 -58.74 -4.61 0.94
C ALA B 879 -59.17 -4.22 -0.46
N GLY B 880 -58.24 -3.74 -1.29
CA GLY B 880 -58.55 -3.47 -2.67
C GLY B 880 -58.83 -4.72 -3.47
N THR B 881 -58.03 -5.77 -3.25
CA THR B 881 -58.23 -6.99 -4.02
C THR B 881 -59.46 -7.74 -3.55
N ILE B 882 -59.81 -7.65 -2.26
CA ILE B 882 -60.93 -8.38 -1.73
C ILE B 882 -62.26 -7.85 -2.24
N THR B 883 -62.46 -6.52 -2.23
CA THR B 883 -63.74 -5.95 -2.61
C THR B 883 -63.80 -5.40 -4.02
N SER B 884 -62.68 -5.29 -4.74
CA SER B 884 -62.72 -4.62 -6.02
C SER B 884 -62.02 -5.39 -7.14
N GLY B 885 -61.32 -6.47 -6.85
CA GLY B 885 -60.68 -7.22 -7.91
C GLY B 885 -59.50 -6.47 -8.50
N TRP B 886 -59.40 -6.51 -9.82
CA TRP B 886 -58.32 -5.82 -10.51
C TRP B 886 -58.69 -4.40 -10.91
N THR B 887 -59.91 -3.96 -10.61
CA THR B 887 -60.35 -2.65 -11.07
C THR B 887 -59.61 -1.52 -10.38
N PHE B 888 -59.23 -1.71 -9.11
CA PHE B 888 -58.55 -0.64 -8.39
C PHE B 888 -57.10 -0.50 -8.80
N GLY B 889 -56.53 -1.50 -9.44
CA GLY B 889 -55.19 -1.39 -9.97
C GLY B 889 -55.14 -0.63 -11.27
N ALA B 890 -56.25 -0.65 -12.01
CA ALA B 890 -56.33 0.01 -13.30
C ALA B 890 -56.93 1.40 -13.20
N GLY B 891 -57.96 1.57 -12.39
CA GLY B 891 -58.59 2.88 -12.24
C GLY B 891 -59.24 3.04 -10.89
N ALA B 892 -60.42 3.65 -10.85
CA ALA B 892 -61.15 3.79 -9.61
C ALA B 892 -61.62 2.43 -9.12
N ALA B 893 -61.67 2.27 -7.80
CA ALA B 893 -62.06 1.00 -7.21
C ALA B 893 -63.55 0.78 -7.41
N LEU B 894 -63.89 -0.31 -8.09
CA LEU B 894 -65.28 -0.67 -8.35
C LEU B 894 -65.63 -1.87 -7.48
N GLN B 895 -66.63 -1.70 -6.61
CA GLN B 895 -67.03 -2.81 -5.77
C GLN B 895 -67.67 -3.90 -6.60
N ILE B 896 -67.58 -5.12 -6.10
CA ILE B 896 -68.11 -6.30 -6.77
C ILE B 896 -68.29 -7.35 -5.68
N PRO B 897 -69.32 -8.18 -5.71
CA PRO B 897 -69.39 -9.30 -4.78
C PRO B 897 -68.22 -10.24 -4.99
N PHE B 898 -67.74 -10.81 -3.89
CA PHE B 898 -66.51 -11.59 -3.96
C PHE B 898 -66.70 -12.90 -4.72
N ALA B 899 -67.89 -13.49 -4.64
CA ALA B 899 -68.18 -14.66 -5.45
C ALA B 899 -68.10 -14.35 -6.93
N MET B 900 -68.59 -13.17 -7.32
CA MET B 900 -68.53 -12.80 -8.73
C MET B 900 -67.09 -12.53 -9.17
N GLN B 901 -66.26 -12.03 -8.26
CA GLN B 901 -64.85 -11.83 -8.59
C GLN B 901 -64.13 -13.17 -8.75
N MET B 902 -64.46 -14.14 -7.90
CA MET B 902 -63.91 -15.48 -8.08
C MET B 902 -64.41 -16.13 -9.35
N ALA B 903 -65.63 -15.81 -9.77
CA ALA B 903 -66.12 -16.33 -11.04
C ALA B 903 -65.38 -15.71 -12.21
N TYR B 904 -65.05 -14.42 -12.11
CA TYR B 904 -64.23 -13.78 -13.12
C TYR B 904 -62.84 -14.40 -13.19
N ARG B 905 -62.25 -14.68 -12.03
CA ARG B 905 -60.90 -15.24 -12.01
C ARG B 905 -60.89 -16.70 -12.43
N PHE B 906 -62.01 -17.41 -12.23
CA PHE B 906 -62.15 -18.74 -12.81
C PHE B 906 -62.29 -18.67 -14.31
N ASN B 907 -63.08 -17.72 -14.80
CA ASN B 907 -63.28 -17.56 -16.23
C ASN B 907 -62.02 -17.12 -16.94
N GLY B 908 -61.10 -16.49 -16.22
CA GLY B 908 -59.83 -16.13 -16.82
C GLY B 908 -58.89 -17.28 -17.11
N ILE B 909 -59.10 -18.43 -16.48
CA ILE B 909 -58.17 -19.56 -16.69
C ILE B 909 -58.85 -20.71 -17.41
N GLY B 910 -59.92 -20.40 -18.15
CA GLY B 910 -60.54 -21.38 -19.02
C GLY B 910 -61.63 -22.22 -18.39
N VAL B 911 -61.80 -22.17 -17.08
CA VAL B 911 -62.90 -22.88 -16.42
C VAL B 911 -64.11 -21.95 -16.39
N THR B 912 -65.24 -22.43 -16.91
CA THR B 912 -66.44 -21.61 -16.96
C THR B 912 -66.92 -21.31 -15.55
N GLN B 913 -67.57 -20.14 -15.41
CA GLN B 913 -67.83 -19.58 -14.09
C GLN B 913 -68.90 -20.32 -13.32
N ASN B 914 -69.62 -21.25 -13.95
CA ASN B 914 -70.64 -21.99 -13.22
C ASN B 914 -70.03 -23.02 -12.30
N VAL B 915 -68.80 -23.45 -12.59
CA VAL B 915 -68.08 -24.39 -11.73
C VAL B 915 -67.84 -23.79 -10.36
N LEU B 916 -67.56 -22.50 -10.29
CA LEU B 916 -67.39 -21.83 -9.00
C LEU B 916 -68.70 -21.80 -8.22
N TYR B 917 -69.79 -21.39 -8.87
CA TYR B 917 -71.05 -21.22 -8.13
C TYR B 917 -71.63 -22.56 -7.70
N GLU B 918 -71.43 -23.61 -8.49
CA GLU B 918 -71.94 -24.90 -8.06
C GLU B 918 -71.10 -25.54 -6.97
N ASN B 919 -69.87 -25.07 -6.76
CA ASN B 919 -68.99 -25.66 -5.76
C ASN B 919 -68.46 -24.62 -4.77
N GLN B 920 -69.19 -23.51 -4.57
CA GLN B 920 -68.71 -22.41 -3.75
C GLN B 920 -68.45 -22.79 -2.30
N LYS B 921 -69.29 -23.66 -1.72
CA LYS B 921 -69.05 -24.09 -0.35
C LYS B 921 -67.74 -24.86 -0.22
N LEU B 922 -67.51 -25.77 -1.16
CA LEU B 922 -66.26 -26.53 -1.16
C LEU B 922 -65.05 -25.63 -1.40
N ILE B 923 -65.20 -24.64 -2.28
CA ILE B 923 -64.09 -23.74 -2.58
C ILE B 923 -63.77 -22.88 -1.37
N ALA B 924 -64.80 -22.39 -0.67
CA ALA B 924 -64.57 -21.61 0.54
C ALA B 924 -63.90 -22.45 1.62
N ASN B 925 -64.34 -23.70 1.79
CA ASN B 925 -63.75 -24.55 2.81
C ASN B 925 -62.30 -24.89 2.48
N GLN B 926 -62.01 -25.14 1.20
CA GLN B 926 -60.63 -25.42 0.80
C GLN B 926 -59.73 -24.20 0.99
N PHE B 927 -60.24 -23.01 0.69
CA PHE B 927 -59.45 -21.79 0.89
C PHE B 927 -59.16 -21.56 2.36
N ASN B 928 -60.17 -21.76 3.22
CA ASN B 928 -59.94 -21.60 4.65
C ASN B 928 -58.96 -22.63 5.19
N SER B 929 -59.05 -23.87 4.72
CA SER B 929 -58.12 -24.89 5.18
C SER B 929 -56.70 -24.61 4.69
N ALA B 930 -56.56 -24.06 3.49
CA ALA B 930 -55.23 -23.70 2.99
C ALA B 930 -54.63 -22.54 3.79
N ILE B 931 -55.46 -21.55 4.14
CA ILE B 931 -54.97 -20.44 4.96
C ILE B 931 -54.58 -20.94 6.34
N GLY B 932 -55.36 -21.86 6.91
CA GLY B 932 -54.98 -22.45 8.19
C GLY B 932 -53.69 -23.24 8.12
N LYS B 933 -53.49 -23.97 7.01
CA LYS B 933 -52.24 -24.71 6.84
C LYS B 933 -51.04 -23.79 6.74
N ILE B 934 -51.19 -22.66 6.04
CA ILE B 934 -50.08 -21.70 5.99
C ILE B 934 -49.83 -21.08 7.35
N GLN B 935 -50.90 -20.77 8.09
CA GLN B 935 -50.75 -20.19 9.42
C GLN B 935 -50.03 -21.14 10.36
N ASP B 936 -50.32 -22.43 10.24
CA ASP B 936 -49.60 -23.42 11.04
C ASP B 936 -48.19 -23.68 10.55
N SER B 937 -47.94 -23.59 9.24
CA SER B 937 -46.61 -23.85 8.71
C SER B 937 -45.63 -22.74 9.06
N LEU B 938 -46.10 -21.50 9.07
CA LEU B 938 -45.22 -20.39 9.43
C LEU B 938 -44.92 -20.39 10.92
N SER B 939 -45.82 -20.94 11.72
CA SER B 939 -45.65 -20.94 13.18
C SER B 939 -44.80 -22.08 13.71
N SER B 940 -44.26 -23.00 12.89
CA SER B 940 -43.51 -24.11 13.43
C SER B 940 -42.15 -24.30 12.77
N THR B 941 -42.05 -23.95 11.49
CA THR B 941 -40.81 -24.19 10.75
C THR B 941 -39.97 -22.92 10.71
N ALA B 942 -38.79 -22.98 11.32
CA ALA B 942 -37.91 -21.81 11.37
C ALA B 942 -37.26 -21.54 10.01
N SER B 943 -37.22 -22.54 9.15
CA SER B 943 -36.53 -22.41 7.86
C SER B 943 -37.42 -21.84 6.76
N ALA B 944 -38.61 -21.34 7.10
CA ALA B 944 -39.49 -20.78 6.07
C ALA B 944 -38.99 -19.44 5.56
N LEU B 945 -38.48 -18.59 6.45
CA LEU B 945 -38.13 -17.21 6.11
C LEU B 945 -36.63 -17.03 5.87
N GLY B 946 -35.99 -17.99 5.21
CA GLY B 946 -34.56 -17.89 5.00
C GLY B 946 -34.14 -16.75 4.10
N LYS B 947 -35.03 -16.32 3.19
CA LYS B 947 -34.65 -15.32 2.20
C LYS B 947 -34.71 -13.90 2.74
N LEU B 948 -35.11 -13.72 3.99
CA LEU B 948 -34.94 -12.46 4.71
C LEU B 948 -33.91 -12.57 5.82
N GLN B 949 -33.87 -13.74 6.45
CA GLN B 949 -32.87 -14.01 7.49
C GLN B 949 -31.47 -13.95 6.91
N ASP B 950 -31.28 -14.41 5.68
CA ASP B 950 -29.96 -14.31 5.06
C ASP B 950 -29.57 -12.88 4.75
N VAL B 951 -30.51 -12.02 4.38
CA VAL B 951 -30.20 -10.60 4.18
C VAL B 951 -29.76 -9.96 5.48
N VAL B 952 -30.49 -10.22 6.56
CA VAL B 952 -30.14 -9.66 7.87
C VAL B 952 -28.79 -10.19 8.32
N ASN B 953 -28.56 -11.49 8.15
CA ASN B 953 -27.30 -12.10 8.58
C ASN B 953 -26.13 -11.60 7.75
N GLN B 954 -26.32 -11.41 6.45
CA GLN B 954 -25.23 -10.93 5.60
C GLN B 954 -24.86 -9.50 5.94
N ASN B 955 -25.86 -8.65 6.17
CA ASN B 955 -25.56 -7.27 6.55
C ASN B 955 -24.86 -7.21 7.90
N ALA B 956 -25.36 -7.99 8.87
CA ALA B 956 -24.73 -7.99 10.19
C ALA B 956 -23.33 -8.56 10.14
N GLN B 957 -23.10 -9.55 9.27
CA GLN B 957 -21.78 -10.14 9.16
C GLN B 957 -20.79 -9.20 8.50
N ALA B 958 -21.23 -8.46 7.47
CA ALA B 958 -20.35 -7.48 6.83
C ALA B 958 -20.00 -6.36 7.80
N LEU B 959 -20.99 -5.87 8.55
CA LEU B 959 -20.72 -4.81 9.52
C LEU B 959 -19.80 -5.30 10.64
N ASN B 960 -20.02 -6.54 11.11
CA ASN B 960 -19.20 -7.10 12.17
C ASN B 960 -17.77 -7.33 11.70
N THR B 961 -17.59 -7.77 10.46
CA THR B 961 -16.23 -7.94 9.94
C THR B 961 -15.54 -6.59 9.74
N LEU B 962 -16.31 -5.55 9.41
CA LEU B 962 -15.70 -4.21 9.36
C LEU B 962 -15.23 -3.76 10.73
N VAL B 963 -16.04 -3.99 11.77
CA VAL B 963 -15.60 -3.61 13.11
C VAL B 963 -14.44 -4.49 13.58
N LYS B 964 -14.39 -5.75 13.16
CA LYS B 964 -13.24 -6.59 13.46
C LYS B 964 -11.98 -6.08 12.78
N GLN B 965 -12.10 -5.66 11.51
CA GLN B 965 -10.95 -5.13 10.79
C GLN B 965 -10.51 -3.78 11.31
N LEU B 966 -11.37 -3.09 12.06
CA LEU B 966 -10.93 -1.90 12.77
C LEU B 966 -9.84 -2.23 13.79
N SER B 967 -9.88 -3.43 14.37
CA SER B 967 -8.94 -3.79 15.42
C SER B 967 -7.70 -4.52 14.91
N SER B 968 -7.54 -4.68 13.60
CA SER B 968 -6.37 -5.36 13.07
C SER B 968 -5.18 -4.42 13.04
N ASN B 969 -3.98 -5.00 13.09
CA ASN B 969 -2.75 -4.24 13.27
C ASN B 969 -2.19 -3.67 11.97
N PHE B 970 -2.35 -4.38 10.85
CA PHE B 970 -1.92 -3.98 9.51
C PHE B 970 -0.44 -3.63 9.41
N GLY B 971 0.39 -4.26 10.24
CA GLY B 971 1.81 -4.01 10.18
C GLY B 971 2.29 -2.85 11.02
N ALA B 972 1.40 -2.10 11.63
CA ALA B 972 1.80 -1.02 12.52
C ALA B 972 2.30 -1.61 13.84
N ILE B 973 2.80 -0.71 14.70
CA ILE B 973 3.27 -1.16 16.01
C ILE B 973 2.11 -1.61 16.89
N SER B 974 0.95 -0.97 16.80
CA SER B 974 -0.23 -1.43 17.50
C SER B 974 -1.47 -0.90 16.79
N SER B 975 -2.59 -1.55 17.03
CA SER B 975 -3.84 -1.19 16.35
C SER B 975 -4.61 -0.10 17.07
N VAL B 976 -4.21 0.27 18.29
CA VAL B 976 -4.87 1.35 19.01
C VAL B 976 -4.21 2.64 18.56
N LEU B 977 -4.97 3.51 17.90
CA LEU B 977 -4.38 4.64 17.19
C LEU B 977 -3.91 5.72 18.16
N ASN B 978 -4.69 5.97 19.21
CA ASN B 978 -4.29 6.91 20.24
C ASN B 978 -3.18 6.39 21.13
N ASP B 979 -2.83 5.11 21.01
CA ASP B 979 -1.69 4.56 21.73
C ASP B 979 -0.40 4.72 20.93
N ILE B 980 -0.44 4.45 19.63
CA ILE B 980 0.76 4.63 18.81
C ILE B 980 0.99 6.11 18.54
N LEU B 981 -0.06 6.92 18.66
CA LEU B 981 0.11 8.36 18.56
C LEU B 981 0.77 8.91 19.83
N SER B 982 0.56 8.24 20.96
CA SER B 982 1.10 8.73 22.22
C SER B 982 2.52 8.23 22.46
N ARG B 983 2.80 6.97 22.13
CA ARG B 983 4.08 6.38 22.49
C ARG B 983 5.20 6.70 21.51
N LEU B 984 4.90 7.32 20.37
CA LEU B 984 5.91 7.56 19.35
C LEU B 984 5.96 9.03 18.98
N ASP B 985 7.15 9.49 18.59
CA ASP B 985 7.30 10.83 18.07
C ASP B 985 6.62 10.95 16.71
N PRO B 986 6.08 12.12 16.36
CA PRO B 986 5.31 12.27 15.10
C PRO B 986 6.07 11.90 13.84
N PRO B 987 7.38 12.23 13.67
CA PRO B 987 8.04 11.76 12.44
C PRO B 987 8.12 10.25 12.32
N GLU B 988 8.15 9.53 13.43
CA GLU B 988 8.16 8.07 13.38
C GLU B 988 6.76 7.49 13.49
N ALA B 989 5.84 8.19 14.16
CA ALA B 989 4.47 7.69 14.28
C ALA B 989 3.71 7.87 12.97
N GLU B 990 4.18 8.77 12.11
CA GLU B 990 3.51 9.01 10.84
C GLU B 990 3.53 7.77 9.95
N VAL B 991 4.63 7.02 9.97
CA VAL B 991 4.74 5.83 9.14
C VAL B 991 3.78 4.75 9.60
N GLN B 992 3.64 4.54 10.91
CA GLN B 992 2.71 3.54 11.43
C GLN B 992 1.27 3.96 11.23
N ILE B 993 0.99 5.25 11.42
CA ILE B 993 -0.36 5.78 11.20
C ILE B 993 -0.75 5.64 9.74
N ASP B 994 0.22 5.81 8.83
CA ASP B 994 -0.04 5.58 7.41
C ASP B 994 -0.38 4.13 7.11
N ARG B 995 0.27 3.17 7.76
CA ARG B 995 -0.10 1.77 7.55
C ARG B 995 -1.49 1.48 8.08
N LEU B 996 -1.85 2.03 9.24
CA LEU B 996 -3.20 1.85 9.77
C LEU B 996 -4.24 2.47 8.84
N ILE B 997 -3.94 3.65 8.29
CA ILE B 997 -4.87 4.33 7.41
C ILE B 997 -5.05 3.55 6.11
N THR B 998 -3.95 3.10 5.51
CA THR B 998 -4.05 2.35 4.27
C THR B 998 -4.61 0.94 4.48
N GLY B 999 -4.68 0.46 5.71
CA GLY B 999 -5.39 -0.77 5.94
C GLY B 999 -6.88 -0.58 6.15
N ARG B 1000 -7.23 0.38 7.01
CA ARG B 1000 -8.64 0.63 7.30
C ARG B 1000 -9.38 1.18 6.10
N LEU B 1001 -8.70 1.98 5.27
CA LEU B 1001 -9.31 2.47 4.04
C LEU B 1001 -9.63 1.33 3.09
N GLN B 1002 -8.73 0.36 2.96
CA GLN B 1002 -8.97 -0.78 2.09
C GLN B 1002 -10.11 -1.64 2.61
N SER B 1003 -10.17 -1.83 3.94
CA SER B 1003 -11.27 -2.60 4.51
C SER B 1003 -12.61 -1.90 4.31
N LEU B 1004 -12.64 -0.58 4.50
CA LEU B 1004 -13.88 0.17 4.30
C LEU B 1004 -14.30 0.14 2.85
N GLN B 1005 -13.34 0.24 1.92
CA GLN B 1005 -13.65 0.18 0.50
C GLN B 1005 -14.19 -1.18 0.09
N THR B 1006 -13.61 -2.26 0.64
CA THR B 1006 -14.14 -3.59 0.37
C THR B 1006 -15.56 -3.72 0.91
N TYR B 1007 -15.82 -3.17 2.10
CA TYR B 1007 -17.16 -3.21 2.66
C TYR B 1007 -18.16 -2.45 1.80
N VAL B 1008 -17.75 -1.29 1.29
CA VAL B 1008 -18.64 -0.48 0.44
C VAL B 1008 -18.93 -1.20 -0.88
N THR B 1009 -17.91 -1.87 -1.44
CA THR B 1009 -18.14 -2.64 -2.66
C THR B 1009 -19.09 -3.80 -2.41
N GLN B 1010 -18.95 -4.48 -1.28
CA GLN B 1010 -19.88 -5.56 -0.95
C GLN B 1010 -21.29 -5.04 -0.75
N GLN B 1011 -21.44 -3.87 -0.12
CA GLN B 1011 -22.76 -3.25 0.01
C GLN B 1011 -23.34 -2.87 -1.33
N LEU B 1012 -22.52 -2.37 -2.25
CA LEU B 1012 -23.00 -2.02 -3.58
C LEU B 1012 -23.51 -3.24 -4.33
N ILE B 1013 -22.77 -4.35 -4.23
CA ILE B 1013 -23.17 -5.56 -4.94
C ILE B 1013 -24.43 -6.16 -4.32
N ARG B 1014 -24.50 -6.20 -2.98
CA ARG B 1014 -25.69 -6.73 -2.33
C ARG B 1014 -26.90 -5.83 -2.57
N ALA B 1015 -26.68 -4.51 -2.65
CA ALA B 1015 -27.78 -3.60 -2.95
C ALA B 1015 -28.24 -3.76 -4.38
N ALA B 1016 -27.32 -4.06 -5.30
CA ALA B 1016 -27.71 -4.37 -6.66
C ALA B 1016 -28.50 -5.66 -6.77
N GLU B 1017 -28.21 -6.65 -5.93
CA GLU B 1017 -29.03 -7.85 -5.88
C GLU B 1017 -30.41 -7.59 -5.28
N ILE B 1018 -30.45 -6.82 -4.19
CA ILE B 1018 -31.71 -6.51 -3.54
C ILE B 1018 -32.59 -5.63 -4.41
N ARG B 1019 -31.99 -4.75 -5.22
CA ARG B 1019 -32.78 -3.95 -6.15
C ARG B 1019 -33.41 -4.82 -7.24
N ALA B 1020 -32.70 -5.84 -7.72
CA ALA B 1020 -33.29 -6.76 -8.67
C ALA B 1020 -34.44 -7.56 -8.03
N SER B 1021 -34.23 -8.01 -6.79
CA SER B 1021 -35.30 -8.74 -6.11
C SER B 1021 -36.48 -7.83 -5.79
N ALA B 1022 -36.21 -6.55 -5.55
CA ALA B 1022 -37.29 -5.61 -5.26
C ALA B 1022 -38.07 -5.26 -6.52
N ASN B 1023 -37.40 -5.17 -7.65
CA ASN B 1023 -38.12 -5.01 -8.91
C ASN B 1023 -38.95 -6.24 -9.24
N LEU B 1024 -38.43 -7.42 -8.93
CA LEU B 1024 -39.21 -8.64 -9.12
C LEU B 1024 -40.42 -8.67 -8.19
N ALA B 1025 -40.25 -8.22 -6.95
CA ALA B 1025 -41.37 -8.17 -6.01
C ALA B 1025 -42.39 -7.11 -6.42
N ALA B 1026 -41.92 -5.99 -6.97
CA ALA B 1026 -42.83 -4.97 -7.46
C ALA B 1026 -43.64 -5.47 -8.63
N THR B 1027 -43.00 -6.19 -9.55
CA THR B 1027 -43.74 -6.76 -10.68
C THR B 1027 -44.68 -7.86 -10.22
N LYS B 1028 -44.29 -8.63 -9.21
CA LYS B 1028 -45.18 -9.66 -8.68
C LYS B 1028 -46.40 -9.06 -8.01
N MET B 1029 -46.22 -7.99 -7.23
CA MET B 1029 -47.35 -7.26 -6.69
C MET B 1029 -48.22 -6.70 -7.80
N SER B 1030 -47.59 -6.07 -8.79
CA SER B 1030 -48.29 -5.39 -9.87
C SER B 1030 -49.12 -6.36 -10.70
N GLU B 1031 -48.61 -7.55 -10.95
CA GLU B 1031 -49.33 -8.52 -11.77
C GLU B 1031 -50.28 -9.38 -10.92
N CYS B 1032 -49.73 -10.11 -9.96
CA CYS B 1032 -50.51 -11.12 -9.26
C CYS B 1032 -51.31 -10.57 -8.09
N VAL B 1033 -51.16 -9.30 -7.75
CA VAL B 1033 -52.02 -8.72 -6.72
C VAL B 1033 -53.04 -7.82 -7.39
N LEU B 1034 -52.56 -6.84 -8.16
CA LEU B 1034 -53.45 -5.89 -8.82
C LEU B 1034 -54.19 -6.49 -10.00
N GLY B 1035 -54.00 -7.76 -10.31
CA GLY B 1035 -54.68 -8.38 -11.43
C GLY B 1035 -54.61 -9.89 -11.35
N GLN B 1036 -54.57 -10.52 -12.52
CA GLN B 1036 -54.47 -11.97 -12.62
C GLN B 1036 -53.46 -12.27 -13.72
N SER B 1037 -52.37 -12.94 -13.37
CA SER B 1037 -51.29 -13.16 -14.30
C SER B 1037 -51.45 -14.52 -14.99
N LYS B 1038 -51.51 -14.50 -16.32
CA LYS B 1038 -51.56 -15.73 -17.10
C LYS B 1038 -50.19 -16.30 -17.40
N ARG B 1039 -49.14 -15.77 -16.75
CA ARG B 1039 -47.80 -16.31 -16.91
C ARG B 1039 -47.68 -17.57 -16.09
N VAL B 1040 -47.21 -18.65 -16.73
CA VAL B 1040 -47.52 -20.03 -16.33
C VAL B 1040 -47.06 -20.38 -14.93
N ASP B 1041 -45.82 -20.02 -14.59
CA ASP B 1041 -45.33 -20.30 -13.25
C ASP B 1041 -44.68 -19.06 -12.63
N PHE B 1042 -45.04 -17.86 -13.09
CA PHE B 1042 -44.47 -16.64 -12.55
C PHE B 1042 -44.84 -16.43 -11.10
N CYS B 1043 -46.08 -16.76 -10.72
CA CYS B 1043 -46.50 -16.61 -9.34
C CYS B 1043 -47.49 -17.71 -8.99
N GLY B 1044 -47.09 -18.58 -8.09
CA GLY B 1044 -47.91 -19.71 -7.68
C GLY B 1044 -47.78 -20.90 -8.60
N LYS B 1045 -47.58 -22.08 -8.03
CA LYS B 1045 -47.37 -23.27 -8.84
C LYS B 1045 -48.69 -23.84 -9.33
N GLY B 1046 -49.26 -23.22 -10.36
CA GLY B 1046 -50.49 -23.70 -10.93
C GLY B 1046 -51.15 -22.61 -11.74
N TYR B 1047 -52.41 -22.84 -12.09
CA TYR B 1047 -53.21 -21.78 -12.68
C TYR B 1047 -53.46 -20.72 -11.65
N HIS B 1048 -53.31 -19.45 -12.03
CA HIS B 1048 -53.35 -18.38 -11.05
C HIS B 1048 -54.73 -17.75 -10.98
N LEU B 1049 -55.26 -17.64 -9.76
CA LEU B 1049 -56.50 -16.89 -9.54
C LEU B 1049 -56.19 -15.46 -9.09
N MET B 1050 -55.52 -15.32 -7.95
CA MET B 1050 -55.13 -14.03 -7.41
C MET B 1050 -54.04 -14.27 -6.37
N SER B 1051 -53.71 -13.22 -5.63
CA SER B 1051 -52.76 -13.31 -4.54
C SER B 1051 -52.95 -12.15 -3.58
N PHE B 1052 -52.43 -12.32 -2.38
CA PHE B 1052 -52.49 -11.28 -1.37
C PHE B 1052 -51.08 -10.96 -0.89
N PRO B 1053 -50.78 -9.69 -0.61
CA PRO B 1053 -49.49 -9.37 -0.02
C PRO B 1053 -49.56 -9.39 1.50
N GLN B 1054 -48.41 -9.68 2.11
CA GLN B 1054 -48.25 -9.57 3.54
C GLN B 1054 -46.93 -8.88 3.85
N SER B 1055 -46.97 -7.98 4.82
CA SER B 1055 -45.77 -7.26 5.21
C SER B 1055 -44.79 -8.21 5.89
N ALA B 1056 -43.51 -8.03 5.57
CA ALA B 1056 -42.43 -8.82 6.10
C ALA B 1056 -41.40 -7.86 6.67
N PRO B 1057 -40.55 -8.32 7.60
CA PRO B 1057 -39.59 -7.41 8.25
C PRO B 1057 -38.64 -6.70 7.31
N HIS B 1058 -38.19 -7.35 6.25
CA HIS B 1058 -37.38 -6.67 5.23
C HIS B 1058 -37.80 -7.09 3.82
N GLY B 1059 -39.07 -7.39 3.62
CA GLY B 1059 -39.52 -7.80 2.32
C GLY B 1059 -41.03 -7.83 2.22
N VAL B 1060 -41.52 -8.75 1.40
CA VAL B 1060 -42.95 -8.97 1.22
C VAL B 1060 -43.18 -10.46 1.02
N VAL B 1061 -44.24 -10.98 1.63
CA VAL B 1061 -44.62 -12.38 1.50
C VAL B 1061 -45.96 -12.43 0.80
N PHE B 1062 -46.01 -13.10 -0.35
CA PHE B 1062 -47.21 -13.18 -1.16
C PHE B 1062 -47.94 -14.48 -0.84
N LEU B 1063 -49.27 -14.45 -0.89
CA LEU B 1063 -50.08 -15.64 -0.73
C LEU B 1063 -50.77 -15.92 -2.05
N HIS B 1064 -50.06 -16.61 -2.95
CA HIS B 1064 -50.62 -16.94 -4.26
C HIS B 1064 -51.64 -18.05 -4.10
N VAL B 1065 -52.90 -17.76 -4.37
CA VAL B 1065 -53.88 -18.84 -4.49
C VAL B 1065 -53.77 -19.40 -5.90
N THR B 1066 -53.93 -20.71 -6.02
CA THR B 1066 -53.75 -21.38 -7.30
C THR B 1066 -54.84 -22.42 -7.50
N TYR B 1067 -55.31 -22.54 -8.74
CA TYR B 1067 -56.27 -23.57 -9.10
C TYR B 1067 -55.49 -24.77 -9.62
N VAL B 1068 -55.33 -25.79 -8.79
CA VAL B 1068 -54.56 -26.98 -9.15
C VAL B 1068 -55.54 -28.11 -9.40
N PRO B 1069 -55.67 -28.60 -10.63
CA PRO B 1069 -56.64 -29.66 -10.91
C PRO B 1069 -56.20 -31.01 -10.37
N ALA B 1070 -57.19 -31.89 -10.19
CA ALA B 1070 -56.93 -33.21 -9.65
C ALA B 1070 -58.01 -34.18 -10.14
N GLN B 1071 -57.73 -35.47 -9.95
CA GLN B 1071 -58.64 -36.58 -10.26
C GLN B 1071 -59.03 -36.62 -11.75
N GLU B 1072 -58.04 -36.89 -12.58
CA GLU B 1072 -58.30 -37.14 -14.00
C GLU B 1072 -59.01 -38.47 -14.19
N LYS B 1073 -59.71 -38.60 -15.32
CA LYS B 1073 -60.63 -39.72 -15.50
C LYS B 1073 -60.41 -40.51 -16.79
N ASN B 1074 -59.36 -40.21 -17.56
CA ASN B 1074 -58.77 -41.12 -18.56
C ASN B 1074 -59.76 -41.47 -19.67
N PHE B 1075 -60.18 -40.44 -20.40
CA PHE B 1075 -61.11 -40.62 -21.50
C PHE B 1075 -60.39 -40.89 -22.81
N THR B 1076 -61.15 -41.35 -23.80
CA THR B 1076 -60.62 -41.34 -25.15
C THR B 1076 -61.32 -40.25 -25.98
N THR B 1077 -60.62 -39.78 -27.01
CA THR B 1077 -60.99 -38.52 -27.64
C THR B 1077 -60.82 -38.61 -29.14
N ALA B 1078 -61.28 -37.55 -29.81
CA ALA B 1078 -61.13 -37.38 -31.24
C ALA B 1078 -61.12 -35.89 -31.54
N PRO B 1079 -60.45 -35.45 -32.60
CA PRO B 1079 -60.42 -34.01 -32.88
C PRO B 1079 -61.74 -33.44 -33.39
N ALA B 1080 -62.44 -34.15 -34.26
CA ALA B 1080 -63.64 -33.61 -34.87
C ALA B 1080 -64.69 -34.70 -35.01
N ILE B 1081 -65.93 -34.27 -35.16
CA ILE B 1081 -67.06 -35.17 -35.38
C ILE B 1081 -67.51 -35.02 -36.82
N CYS B 1082 -67.62 -36.14 -37.52
CA CYS B 1082 -68.11 -36.16 -38.89
C CYS B 1082 -69.60 -36.45 -38.87
N HIS B 1083 -70.40 -35.49 -39.33
CA HIS B 1083 -71.85 -35.64 -39.36
C HIS B 1083 -72.38 -35.03 -40.65
N ASP B 1084 -73.25 -35.78 -41.33
CA ASP B 1084 -73.92 -35.34 -42.56
C ASP B 1084 -72.92 -34.98 -43.66
N GLY B 1085 -71.74 -35.58 -43.61
CA GLY B 1085 -70.68 -35.24 -44.53
C GLY B 1085 -69.83 -34.06 -44.12
N LYS B 1086 -70.27 -33.28 -43.15
CA LYS B 1086 -69.51 -32.14 -42.68
C LYS B 1086 -68.53 -32.57 -41.59
N ALA B 1087 -67.73 -31.61 -41.13
CA ALA B 1087 -66.83 -31.82 -40.01
C ALA B 1087 -67.11 -30.76 -38.95
N HIS B 1088 -67.42 -31.21 -37.74
CA HIS B 1088 -67.72 -30.32 -36.63
C HIS B 1088 -66.56 -30.31 -35.65
N PHE B 1089 -66.06 -29.12 -35.35
CA PHE B 1089 -64.95 -28.91 -34.44
C PHE B 1089 -65.48 -28.25 -33.18
N PRO B 1090 -64.89 -28.50 -32.01
CA PRO B 1090 -65.43 -27.92 -30.78
C PRO B 1090 -65.11 -26.43 -30.69
N ARG B 1091 -66.09 -25.65 -30.24
CA ARG B 1091 -65.89 -24.21 -30.18
C ARG B 1091 -65.02 -23.81 -29.00
N GLU B 1092 -65.43 -24.17 -27.79
CA GLU B 1092 -64.61 -23.91 -26.62
C GLU B 1092 -64.56 -25.15 -25.74
N GLY B 1093 -64.33 -26.30 -26.36
CA GLY B 1093 -64.33 -27.54 -25.61
C GLY B 1093 -63.47 -28.60 -26.26
N VAL B 1094 -63.67 -29.84 -25.81
CA VAL B 1094 -62.91 -30.99 -26.26
C VAL B 1094 -63.84 -32.19 -26.32
N PHE B 1095 -63.79 -32.92 -27.43
CA PHE B 1095 -64.59 -34.12 -27.57
C PHE B 1095 -64.04 -35.24 -26.70
N VAL B 1096 -64.85 -35.73 -25.78
CA VAL B 1096 -64.55 -36.92 -25.00
C VAL B 1096 -65.53 -38.00 -25.41
N SER B 1097 -65.18 -39.25 -25.14
CA SER B 1097 -66.04 -40.32 -25.65
C SER B 1097 -66.80 -41.06 -24.58
N ASN B 1098 -66.22 -41.27 -23.40
CA ASN B 1098 -66.89 -41.90 -22.26
C ASN B 1098 -67.42 -43.28 -22.68
N GLY B 1099 -66.52 -44.07 -23.24
CA GLY B 1099 -66.88 -45.37 -23.74
C GLY B 1099 -67.63 -45.35 -25.05
N THR B 1100 -68.90 -44.91 -25.04
CA THR B 1100 -69.75 -45.02 -26.23
C THR B 1100 -70.62 -43.81 -26.50
N HIS B 1101 -70.46 -42.70 -25.78
CA HIS B 1101 -71.35 -41.55 -25.93
C HIS B 1101 -70.52 -40.26 -25.98
N TRP B 1102 -70.27 -39.76 -27.18
CA TRP B 1102 -69.38 -38.62 -27.35
C TRP B 1102 -69.98 -37.35 -26.80
N PHE B 1103 -69.13 -36.52 -26.18
CA PHE B 1103 -69.57 -35.31 -25.51
C PHE B 1103 -68.65 -34.16 -25.86
N VAL B 1104 -68.92 -33.00 -25.27
CA VAL B 1104 -68.04 -31.84 -25.31
C VAL B 1104 -67.85 -31.36 -23.89
N THR B 1105 -66.60 -31.19 -23.47
CA THR B 1105 -66.29 -30.76 -22.12
C THR B 1105 -65.31 -29.60 -22.18
N GLN B 1106 -65.40 -28.71 -21.21
CA GLN B 1106 -64.39 -27.67 -21.08
C GLN B 1106 -63.06 -28.30 -20.70
N ARG B 1107 -61.97 -27.63 -21.08
CA ARG B 1107 -60.68 -28.29 -21.15
C ARG B 1107 -60.07 -28.56 -19.78
N ASN B 1108 -60.57 -27.91 -18.73
CA ASN B 1108 -59.95 -28.03 -17.42
C ASN B 1108 -60.90 -28.54 -16.34
N PHE B 1109 -62.09 -29.02 -16.72
CA PHE B 1109 -63.03 -29.57 -15.74
C PHE B 1109 -63.97 -30.48 -16.52
N TYR B 1110 -64.15 -31.70 -16.04
CA TYR B 1110 -65.04 -32.60 -16.76
C TYR B 1110 -66.49 -32.23 -16.48
N GLU B 1111 -67.18 -31.80 -17.52
CA GLU B 1111 -68.57 -31.38 -17.44
C GLU B 1111 -69.22 -31.67 -18.78
N PRO B 1112 -69.79 -32.85 -18.96
CA PRO B 1112 -70.19 -33.28 -20.31
C PRO B 1112 -71.48 -32.63 -20.78
N GLN B 1113 -71.45 -32.23 -22.03
CA GLN B 1113 -72.62 -31.66 -22.70
C GLN B 1113 -72.74 -32.30 -24.06
N ILE B 1114 -73.97 -32.33 -24.59
CA ILE B 1114 -74.19 -32.96 -25.87
C ILE B 1114 -73.64 -32.09 -26.99
N ILE B 1115 -73.18 -32.73 -28.07
CA ILE B 1115 -72.69 -32.03 -29.25
C ILE B 1115 -73.90 -31.53 -30.01
N THR B 1116 -74.06 -30.20 -30.10
CA THR B 1116 -75.35 -29.63 -30.45
C THR B 1116 -75.34 -28.50 -31.47
N THR B 1117 -74.25 -28.27 -32.20
CA THR B 1117 -74.07 -27.15 -33.14
C THR B 1117 -74.35 -25.78 -32.52
N ASP B 1118 -74.20 -25.64 -31.21
CA ASP B 1118 -74.10 -24.33 -30.59
C ASP B 1118 -72.85 -24.22 -29.75
N ASN B 1119 -72.21 -25.34 -29.43
CA ASN B 1119 -70.87 -25.38 -28.87
C ASN B 1119 -69.86 -26.00 -29.83
N THR B 1120 -70.24 -26.21 -31.08
CA THR B 1120 -69.35 -26.68 -32.12
C THR B 1120 -69.56 -25.84 -33.38
N PHE B 1121 -68.51 -25.75 -34.20
CA PHE B 1121 -68.58 -25.02 -35.44
C PHE B 1121 -68.10 -25.90 -36.58
N VAL B 1122 -68.65 -25.68 -37.76
CA VAL B 1122 -68.43 -26.54 -38.91
C VAL B 1122 -67.42 -25.90 -39.86
N SER B 1123 -66.51 -26.72 -40.37
CA SER B 1123 -65.59 -26.30 -41.41
C SER B 1123 -65.11 -27.52 -42.17
N GLY B 1124 -64.78 -27.31 -43.44
CA GLY B 1124 -64.18 -28.37 -44.23
C GLY B 1124 -65.14 -29.49 -44.53
N ASN B 1125 -64.58 -30.68 -44.73
CA ASN B 1125 -65.39 -31.87 -44.95
C ASN B 1125 -64.77 -33.04 -44.20
N CYS B 1126 -65.37 -34.22 -44.35
CA CYS B 1126 -65.10 -35.34 -43.48
C CYS B 1126 -63.74 -35.99 -43.74
N ASP B 1127 -63.11 -35.71 -44.87
CA ASP B 1127 -61.97 -36.52 -45.30
C ASP B 1127 -60.62 -35.98 -44.88
N VAL B 1128 -60.52 -34.69 -44.57
CA VAL B 1128 -59.20 -34.07 -44.43
C VAL B 1128 -58.61 -34.22 -43.03
N VAL B 1129 -59.44 -34.46 -42.01
CA VAL B 1129 -58.99 -34.48 -40.63
C VAL B 1129 -58.55 -35.89 -40.26
N ILE B 1130 -57.35 -36.01 -39.72
CA ILE B 1130 -56.88 -37.30 -39.24
C ILE B 1130 -57.45 -37.55 -37.85
N GLY B 1131 -58.22 -38.62 -37.71
CA GLY B 1131 -58.82 -38.97 -36.43
C GLY B 1131 -60.26 -38.58 -36.26
N ILE B 1132 -60.94 -38.14 -37.32
CA ILE B 1132 -62.33 -37.74 -37.21
C ILE B 1132 -63.18 -38.98 -37.01
N VAL B 1133 -64.24 -38.86 -36.22
CA VAL B 1133 -65.05 -40.01 -35.83
C VAL B 1133 -66.52 -39.73 -36.13
N ASN B 1134 -67.27 -40.79 -36.37
CA ASN B 1134 -68.67 -40.71 -36.81
C ASN B 1134 -69.69 -40.60 -35.68
N ASN B 1135 -69.59 -39.63 -34.78
CA ASN B 1135 -70.72 -39.39 -33.90
C ASN B 1135 -71.77 -38.56 -34.64
N THR B 1136 -72.95 -38.43 -34.04
CA THR B 1136 -73.94 -37.53 -34.58
C THR B 1136 -74.01 -36.27 -33.73
N VAL B 1137 -74.54 -35.20 -34.31
CA VAL B 1137 -74.57 -33.89 -33.68
C VAL B 1137 -76.02 -33.41 -33.62
N TYR B 1138 -76.46 -33.03 -32.43
CA TYR B 1138 -77.82 -32.57 -32.18
C TYR B 1138 -77.99 -31.17 -32.76
N ASP B 1139 -79.23 -30.69 -32.81
CA ASP B 1139 -79.53 -29.35 -33.31
C ASP B 1139 -80.78 -28.81 -32.61
N PRO B 1140 -80.65 -27.72 -31.84
CA PRO B 1140 -81.77 -27.28 -31.01
C PRO B 1140 -82.94 -26.70 -31.79
N LEU B 1141 -82.73 -26.20 -33.01
CA LEU B 1141 -83.83 -25.69 -33.81
C LEU B 1141 -84.62 -26.79 -34.50
N GLN B 1142 -84.15 -28.03 -34.44
CA GLN B 1142 -84.81 -29.16 -35.06
C GLN B 1142 -86.03 -29.68 -34.30
N PRO B 1143 -86.08 -29.71 -32.95
CA PRO B 1143 -87.35 -30.04 -32.29
C PRO B 1143 -88.48 -29.06 -32.58
N GLU B 1144 -88.25 -27.77 -32.41
CA GLU B 1144 -89.29 -26.77 -32.61
C GLU B 1144 -89.39 -26.40 -34.10
N LEU B 1145 -89.88 -27.36 -34.88
CA LEU B 1145 -90.26 -27.07 -36.26
C LEU B 1145 -91.62 -26.38 -36.32
N ASP B 1146 -92.39 -26.44 -35.24
CA ASP B 1146 -93.71 -25.82 -35.19
C ASP B 1146 -93.61 -24.29 -35.13
N ALA C 27 25.02 -6.67 -53.21
CA ALA C 27 23.66 -6.98 -53.65
C ALA C 27 22.73 -7.15 -52.46
N TYR C 28 21.47 -7.49 -52.71
CA TYR C 28 20.48 -7.56 -51.65
C TYR C 28 19.48 -8.66 -51.95
N THR C 29 19.15 -9.42 -50.89
CA THR C 29 17.92 -10.19 -50.82
C THR C 29 17.24 -9.84 -49.52
N ASN C 30 16.11 -10.47 -49.25
CA ASN C 30 15.47 -10.20 -47.98
C ASN C 30 15.33 -11.48 -47.17
N SER C 31 15.52 -11.33 -45.86
CA SER C 31 15.42 -12.43 -44.90
C SER C 31 13.96 -12.56 -44.50
N PHE C 32 13.27 -13.53 -45.07
CA PHE C 32 11.81 -13.55 -45.07
C PHE C 32 11.23 -13.75 -43.68
N THR C 33 11.51 -14.89 -43.05
CA THR C 33 11.04 -15.16 -41.70
C THR C 33 12.11 -15.82 -40.85
N ARG C 34 13.35 -15.80 -41.31
CA ARG C 34 14.41 -16.57 -40.69
C ARG C 34 15.14 -15.75 -39.64
N GLY C 35 15.99 -16.43 -38.88
CA GLY C 35 16.82 -15.75 -37.89
C GLY C 35 16.23 -15.73 -36.50
N VAL C 36 15.43 -16.72 -36.15
CA VAL C 36 14.79 -16.79 -34.85
C VAL C 36 15.33 -18.00 -34.10
N TYR C 37 15.50 -17.85 -32.79
CA TYR C 37 16.21 -18.84 -32.01
C TYR C 37 15.44 -19.17 -30.75
N TYR C 38 15.98 -20.12 -29.98
CA TYR C 38 15.51 -20.35 -28.63
C TYR C 38 16.22 -19.37 -27.70
N PRO C 39 15.51 -18.48 -27.04
CA PRO C 39 16.19 -17.44 -26.25
C PRO C 39 16.66 -17.86 -24.87
N ASP C 40 15.90 -18.69 -24.16
CA ASP C 40 16.04 -18.73 -22.71
C ASP C 40 16.25 -20.11 -22.10
N LYS C 41 16.44 -21.15 -22.91
CA LYS C 41 16.74 -22.51 -22.45
C LYS C 41 15.68 -23.09 -21.52
N VAL C 42 14.44 -22.65 -21.64
CA VAL C 42 13.34 -23.14 -20.81
C VAL C 42 12.35 -23.85 -21.72
N PHE C 43 12.10 -25.12 -21.44
CA PHE C 43 11.21 -25.93 -22.26
C PHE C 43 9.77 -25.46 -22.14
N ARG C 44 9.09 -25.33 -23.27
CA ARG C 44 7.68 -25.01 -23.29
C ARG C 44 7.01 -25.83 -24.38
N SER C 45 5.77 -26.22 -24.15
CA SER C 45 5.08 -27.07 -25.10
C SER C 45 3.65 -26.58 -25.31
N SER C 46 3.27 -26.47 -26.58
CA SER C 46 1.90 -26.14 -27.02
C SER C 46 1.43 -24.79 -26.47
N VAL C 47 2.34 -23.85 -26.30
CA VAL C 47 2.01 -22.53 -25.77
C VAL C 47 2.67 -21.47 -26.64
N LEU C 48 2.17 -20.25 -26.50
CA LEU C 48 2.72 -19.08 -27.17
C LEU C 48 3.37 -18.18 -26.14
N HIS C 49 4.62 -17.81 -26.37
CA HIS C 49 5.38 -17.00 -25.43
C HIS C 49 5.76 -15.68 -26.08
N SER C 50 5.61 -14.60 -25.32
CA SER C 50 5.95 -13.27 -25.81
C SER C 50 7.36 -12.90 -25.36
N THR C 51 8.32 -13.17 -26.25
CA THR C 51 9.72 -12.94 -25.96
C THR C 51 10.17 -11.61 -26.52
N GLN C 52 10.84 -10.81 -25.70
CA GLN C 52 11.40 -9.52 -26.13
C GLN C 52 12.92 -9.61 -26.07
N ASP C 53 13.53 -9.99 -27.19
CA ASP C 53 14.97 -10.13 -27.24
C ASP C 53 15.48 -9.61 -28.57
N LEU C 54 16.80 -9.63 -28.73
CA LEU C 54 17.43 -9.11 -29.94
C LEU C 54 17.33 -10.10 -31.09
N PHE C 55 16.16 -10.23 -31.69
CA PHE C 55 15.97 -11.08 -32.85
C PHE C 55 16.27 -10.31 -34.13
N LEU C 56 16.30 -11.04 -35.23
CA LEU C 56 16.33 -10.40 -36.53
C LEU C 56 14.92 -9.93 -36.85
N PRO C 57 14.69 -8.64 -37.11
CA PRO C 57 13.37 -8.19 -37.53
C PRO C 57 13.01 -8.79 -38.87
N PHE C 58 11.75 -9.21 -39.01
CA PHE C 58 11.32 -9.96 -40.18
C PHE C 58 11.35 -9.08 -41.43
N PHE C 59 11.61 -9.74 -42.56
CA PHE C 59 11.64 -9.13 -43.89
C PHE C 59 12.63 -7.97 -44.00
N SER C 60 13.70 -8.01 -43.20
CA SER C 60 14.73 -7.00 -43.33
C SER C 60 15.63 -7.31 -44.52
N ASN C 61 16.49 -6.36 -44.85
CA ASN C 61 17.41 -6.55 -45.95
C ASN C 61 18.71 -7.18 -45.47
N VAL C 62 19.21 -8.14 -46.25
CA VAL C 62 20.46 -8.80 -45.95
C VAL C 62 21.41 -8.62 -47.13
N THR C 63 22.67 -8.32 -46.84
CA THR C 63 23.59 -7.84 -47.87
C THR C 63 24.44 -8.97 -48.44
N TRP C 64 23.77 -9.83 -49.21
CA TRP C 64 24.39 -10.99 -49.85
C TRP C 64 25.56 -10.58 -50.74
N PHE C 65 26.68 -11.29 -50.59
CA PHE C 65 27.92 -10.92 -51.28
C PHE C 65 28.32 -11.96 -52.31
N HIS C 66 28.92 -11.47 -53.40
CA HIS C 66 29.73 -12.29 -54.30
C HIS C 66 31.11 -12.41 -53.64
N ALA C 67 31.29 -13.50 -52.90
CA ALA C 67 32.32 -13.56 -51.88
C ALA C 67 33.73 -13.66 -52.47
N ILE C 68 33.93 -14.53 -53.46
CA ILE C 68 35.28 -14.99 -53.79
C ILE C 68 36.14 -13.91 -54.43
N HIS C 69 35.54 -13.05 -55.27
CA HIS C 69 36.19 -11.94 -55.98
C HIS C 69 37.52 -12.37 -56.62
N VAL C 70 37.40 -13.22 -57.64
CA VAL C 70 38.56 -13.82 -58.30
C VAL C 70 39.43 -12.75 -58.93
N SER C 71 38.81 -11.79 -59.62
CA SER C 71 39.55 -10.70 -60.25
C SER C 71 38.67 -9.47 -60.38
N ASP C 80 37.78 -7.59 -52.68
CA ASP C 80 38.12 -7.83 -51.29
C ASP C 80 36.90 -8.27 -50.49
N ASN C 81 37.11 -9.16 -49.54
CA ASN C 81 36.02 -9.58 -48.65
C ASN C 81 35.67 -8.44 -47.71
N PRO C 82 34.44 -7.97 -47.70
CA PRO C 82 34.12 -6.77 -46.93
C PRO C 82 34.01 -7.03 -45.44
N VAL C 83 34.43 -6.03 -44.67
CA VAL C 83 34.42 -6.08 -43.21
C VAL C 83 33.19 -5.37 -42.71
N LEU C 84 32.42 -6.04 -41.86
CA LEU C 84 31.07 -5.60 -41.53
C LEU C 84 30.99 -5.19 -40.06
N PRO C 85 30.13 -4.24 -39.73
CA PRO C 85 30.00 -3.82 -38.33
C PRO C 85 29.08 -4.73 -37.54
N PHE C 86 29.59 -5.20 -36.41
CA PHE C 86 28.82 -5.91 -35.40
C PHE C 86 27.97 -4.91 -34.64
N ASN C 87 26.87 -4.45 -35.26
CA ASN C 87 26.16 -3.28 -34.75
C ASN C 87 25.56 -3.54 -33.38
N ASP C 88 24.65 -4.50 -33.28
CA ASP C 88 24.10 -4.88 -31.98
C ASP C 88 23.91 -6.37 -31.85
N GLY C 89 24.60 -7.17 -32.64
CA GLY C 89 24.28 -8.56 -32.84
C GLY C 89 24.02 -8.87 -34.30
N VAL C 90 24.52 -10.02 -34.73
CA VAL C 90 24.60 -10.35 -36.15
C VAL C 90 23.93 -11.68 -36.41
N TYR C 91 22.98 -11.68 -37.34
CA TYR C 91 22.58 -12.91 -38.02
C TYR C 91 23.52 -13.13 -39.18
N PHE C 92 24.04 -14.34 -39.28
CA PHE C 92 24.94 -14.71 -40.35
C PHE C 92 24.39 -15.97 -41.01
N ALA C 93 24.46 -16.01 -42.33
CA ALA C 93 24.00 -17.17 -43.07
C ALA C 93 24.99 -17.46 -44.18
N SER C 94 24.90 -18.67 -44.73
CA SER C 94 25.76 -19.06 -45.83
C SER C 94 25.06 -20.15 -46.63
N THR C 95 25.51 -20.31 -47.87
CA THR C 95 25.08 -21.43 -48.71
C THR C 95 26.22 -21.76 -49.68
N GLU C 96 27.01 -22.77 -49.31
CA GLU C 96 28.17 -23.12 -50.12
C GLU C 96 28.45 -24.61 -49.95
N LYS C 97 28.80 -25.28 -51.06
CA LYS C 97 29.30 -26.64 -51.00
C LYS C 97 30.81 -26.68 -50.89
N SER C 98 31.49 -25.58 -51.20
CA SER C 98 32.95 -25.54 -51.18
C SER C 98 33.53 -25.32 -49.79
N ASN C 99 32.69 -25.06 -48.79
CA ASN C 99 33.08 -24.96 -47.38
C ASN C 99 34.14 -23.89 -47.15
N ILE C 100 34.01 -22.78 -47.87
CA ILE C 100 35.00 -21.71 -47.81
C ILE C 100 34.99 -20.98 -46.48
N ILE C 101 33.82 -20.77 -45.89
CA ILE C 101 33.71 -19.97 -44.67
C ILE C 101 34.19 -20.81 -43.49
N ARG C 102 35.44 -20.63 -43.09
CA ARG C 102 36.05 -21.39 -42.02
C ARG C 102 35.88 -20.76 -40.66
N GLY C 103 35.30 -19.57 -40.58
CA GLY C 103 35.11 -18.97 -39.27
C GLY C 103 34.95 -17.47 -39.38
N TRP C 104 35.17 -16.79 -38.25
CA TRP C 104 34.91 -15.37 -38.14
C TRP C 104 35.94 -14.76 -37.21
N ILE C 105 36.17 -13.46 -37.40
CA ILE C 105 36.97 -12.67 -36.47
C ILE C 105 36.09 -11.53 -35.98
N PHE C 106 36.42 -11.02 -34.78
CA PHE C 106 35.61 -9.99 -34.14
C PHE C 106 36.53 -9.03 -33.44
N GLY C 107 35.96 -7.91 -32.98
CA GLY C 107 36.73 -6.95 -32.20
C GLY C 107 36.46 -5.54 -32.67
N THR C 108 37.12 -4.59 -31.99
CA THR C 108 36.99 -3.18 -32.35
C THR C 108 38.14 -2.69 -33.22
N THR C 109 39.08 -3.55 -33.57
CA THR C 109 40.18 -3.15 -34.44
C THR C 109 40.74 -4.40 -35.11
N LEU C 110 41.17 -4.22 -36.36
CA LEU C 110 41.85 -5.30 -37.06
C LEU C 110 43.25 -5.49 -36.54
N ASP C 111 43.83 -4.45 -35.93
CA ASP C 111 45.15 -4.55 -35.34
C ASP C 111 45.09 -5.21 -33.97
N SER C 112 46.20 -5.13 -33.25
CA SER C 112 46.32 -5.74 -31.93
C SER C 112 45.94 -4.76 -30.83
N LYS C 113 45.13 -3.76 -31.15
CA LYS C 113 44.83 -2.70 -30.19
C LYS C 113 43.95 -3.19 -29.04
N THR C 114 42.85 -3.88 -29.33
CA THR C 114 41.90 -4.25 -28.31
C THR C 114 41.68 -5.75 -28.33
N GLN C 115 40.97 -6.24 -27.32
CA GLN C 115 40.81 -7.67 -27.08
C GLN C 115 39.90 -8.29 -28.13
N SER C 116 40.50 -8.69 -29.25
CA SER C 116 39.75 -9.23 -30.36
C SER C 116 39.40 -10.70 -30.13
N LEU C 117 38.86 -11.32 -31.17
CA LEU C 117 38.42 -12.70 -31.14
C LEU C 117 38.59 -13.30 -32.53
N LEU C 118 39.02 -14.56 -32.59
CA LEU C 118 39.01 -15.30 -33.85
C LEU C 118 38.49 -16.70 -33.62
N ILE C 119 37.66 -17.15 -34.56
CA ILE C 119 37.03 -18.46 -34.53
C ILE C 119 37.38 -19.17 -35.81
N VAL C 120 37.86 -20.40 -35.71
CA VAL C 120 38.06 -21.24 -36.88
C VAL C 120 37.15 -22.45 -36.75
N ASN C 121 36.85 -23.07 -37.88
CA ASN C 121 36.00 -24.25 -37.92
C ASN C 121 36.61 -25.31 -38.84
N ASN C 122 37.90 -25.58 -38.65
CA ASN C 122 38.59 -26.59 -39.44
C ASN C 122 38.04 -27.98 -39.14
N ALA C 123 38.41 -28.94 -39.98
CA ALA C 123 37.89 -30.29 -39.86
C ALA C 123 38.31 -30.99 -38.57
N THR C 124 39.42 -30.56 -37.97
CA THR C 124 39.85 -31.19 -36.72
C THR C 124 39.02 -30.68 -35.54
N ASN C 125 39.14 -29.39 -35.23
CA ASN C 125 38.49 -28.80 -34.07
C ASN C 125 38.28 -27.32 -34.31
N VAL C 126 37.31 -26.75 -33.60
CA VAL C 126 37.15 -25.30 -33.55
C VAL C 126 38.10 -24.74 -32.51
N VAL C 127 38.67 -23.59 -32.80
CA VAL C 127 39.56 -22.89 -31.88
C VAL C 127 39.05 -21.47 -31.71
N ILE C 128 38.76 -21.10 -30.47
CA ILE C 128 38.21 -19.80 -30.13
C ILE C 128 39.19 -19.09 -29.21
N LYS C 129 39.81 -18.02 -29.70
CA LYS C 129 40.85 -17.34 -28.95
C LYS C 129 40.52 -15.87 -28.78
N VAL C 130 40.62 -15.38 -27.55
CA VAL C 130 40.71 -13.96 -27.27
C VAL C 130 42.18 -13.66 -27.01
N CYS C 131 42.86 -13.11 -28.02
CA CYS C 131 44.30 -12.95 -27.92
C CYS C 131 44.76 -11.54 -28.25
N GLU C 132 43.89 -10.74 -28.87
CA GLU C 132 44.16 -9.36 -29.24
C GLU C 132 45.39 -9.23 -30.15
N PHE C 133 45.40 -9.97 -31.26
CA PHE C 133 46.53 -9.91 -32.17
C PHE C 133 46.24 -8.99 -33.34
N GLN C 134 47.28 -8.69 -34.11
CA GLN C 134 47.16 -7.81 -35.27
C GLN C 134 46.86 -8.66 -36.50
N PHE C 135 45.65 -8.55 -37.02
CA PHE C 135 45.20 -9.40 -38.10
C PHE C 135 45.67 -8.87 -39.46
N CYS C 136 45.62 -9.75 -40.44
CA CYS C 136 46.02 -9.37 -41.79
C CYS C 136 44.93 -8.53 -42.45
N ASN C 137 45.27 -7.96 -43.61
CA ASN C 137 44.27 -7.24 -44.39
C ASN C 137 43.26 -8.19 -45.01
N ASP C 138 43.60 -9.48 -45.11
CA ASP C 138 42.75 -10.48 -45.73
C ASP C 138 42.73 -11.69 -44.81
N PRO C 139 41.67 -12.50 -44.87
CA PRO C 139 41.64 -13.76 -44.11
C PRO C 139 42.67 -14.75 -44.63
N PHE C 140 42.84 -15.84 -43.87
CA PHE C 140 43.80 -16.87 -44.27
C PHE C 140 43.17 -17.77 -45.32
N LEU C 141 43.96 -18.73 -45.80
CA LEU C 141 43.50 -19.70 -46.79
C LEU C 141 43.63 -21.12 -46.25
N GLY C 142 44.79 -21.43 -45.67
CA GLY C 142 45.01 -22.74 -45.06
C GLY C 142 45.23 -23.84 -46.10
N VAL C 143 45.15 -25.07 -45.61
CA VAL C 143 45.25 -26.25 -46.45
C VAL C 143 43.92 -26.98 -46.47
N PHE C 157 50.12 -21.15 -43.70
CA PHE C 157 48.79 -21.50 -44.16
C PHE C 157 47.74 -21.20 -43.09
N ARG C 158 47.99 -21.68 -41.87
CA ARG C 158 47.06 -21.51 -40.77
C ARG C 158 47.26 -20.21 -40.01
N VAL C 159 48.16 -19.34 -40.48
CA VAL C 159 48.42 -18.08 -39.79
C VAL C 159 47.54 -16.99 -40.36
N TYR C 160 46.94 -16.19 -39.47
CA TYR C 160 46.14 -15.05 -39.86
C TYR C 160 46.43 -13.80 -39.06
N SER C 161 47.42 -13.83 -38.16
CA SER C 161 47.76 -12.69 -37.33
C SER C 161 49.15 -12.92 -36.73
N SER C 162 49.58 -11.95 -35.93
CA SER C 162 50.83 -12.09 -35.22
C SER C 162 50.60 -12.68 -33.83
N ALA C 163 51.66 -12.75 -33.03
CA ALA C 163 51.53 -13.21 -31.67
C ALA C 163 51.16 -12.05 -30.74
N ASN C 164 50.45 -12.38 -29.67
CA ASN C 164 49.99 -11.38 -28.71
C ASN C 164 49.59 -12.07 -27.42
N ASN C 165 48.99 -11.29 -26.51
CA ASN C 165 48.65 -11.75 -25.17
C ASN C 165 47.32 -12.50 -25.22
N CYS C 166 47.42 -13.83 -25.36
CA CYS C 166 46.23 -14.66 -25.29
C CYS C 166 45.68 -14.70 -23.86
N THR C 167 44.37 -14.61 -23.73
CA THR C 167 43.71 -14.68 -22.44
C THR C 167 42.78 -15.87 -22.30
N PHE C 168 41.91 -16.11 -23.27
CA PHE C 168 40.97 -17.22 -23.25
C PHE C 168 41.15 -18.04 -24.51
N GLU C 169 41.17 -19.36 -24.36
CA GLU C 169 41.20 -20.27 -25.49
C GLU C 169 40.22 -21.40 -25.26
N TYR C 170 39.72 -21.99 -26.34
CA TYR C 170 38.64 -22.94 -26.25
C TYR C 170 38.70 -23.88 -27.44
N VAL C 171 38.44 -25.16 -27.19
CA VAL C 171 38.39 -26.19 -28.22
C VAL C 171 37.15 -27.06 -27.97
N SER C 172 36.41 -27.34 -29.03
CA SER C 172 35.31 -28.31 -28.96
C SER C 172 35.15 -28.95 -30.34
N GLN C 173 34.01 -29.59 -30.55
CA GLN C 173 33.75 -30.26 -31.82
C GLN C 173 33.54 -29.22 -32.93
N PRO C 174 33.84 -29.56 -34.18
CA PRO C 174 33.68 -28.57 -35.26
C PRO C 174 32.22 -28.29 -35.58
N PHE C 175 32.03 -27.30 -36.47
CA PHE C 175 30.73 -26.73 -36.77
C PHE C 175 30.06 -27.34 -38.00
N LEU C 176 30.64 -28.37 -38.60
CA LEU C 176 30.06 -28.95 -39.81
C LEU C 176 28.87 -29.84 -39.49
N LYS C 187 23.59 -26.74 -51.62
CA LYS C 187 22.24 -26.90 -51.09
C LYS C 187 22.23 -26.87 -49.57
N ASN C 188 23.43 -26.75 -48.97
CA ASN C 188 23.53 -26.68 -47.53
C ASN C 188 23.46 -25.24 -47.06
N LEU C 189 22.51 -24.96 -46.17
CA LEU C 189 22.29 -23.62 -45.63
C LEU C 189 22.65 -23.63 -44.16
N ARG C 190 23.69 -22.88 -43.80
CA ARG C 190 24.08 -22.68 -42.41
C ARG C 190 23.54 -21.33 -41.95
N GLU C 191 23.04 -21.29 -40.73
CA GLU C 191 22.59 -20.05 -40.12
C GLU C 191 23.26 -19.91 -38.77
N PHE C 192 23.56 -18.66 -38.41
CA PHE C 192 24.19 -18.37 -37.14
C PHE C 192 23.65 -17.06 -36.61
N VAL C 193 23.60 -16.94 -35.28
CA VAL C 193 23.23 -15.71 -34.61
C VAL C 193 24.29 -15.43 -33.55
N PHE C 194 24.90 -14.26 -33.61
CA PHE C 194 25.95 -13.87 -32.68
C PHE C 194 25.41 -12.75 -31.81
N LYS C 195 25.47 -12.94 -30.49
CA LYS C 195 25.00 -11.94 -29.55
C LYS C 195 26.06 -11.69 -28.49
N ASN C 196 26.63 -10.48 -28.49
CA ASN C 196 27.51 -10.04 -27.43
C ASN C 196 26.72 -9.16 -26.46
N ILE C 197 25.83 -9.79 -25.70
CA ILE C 197 24.88 -9.03 -24.88
C ILE C 197 25.54 -8.44 -23.63
N ASP C 198 26.00 -9.28 -22.70
CA ASP C 198 26.66 -8.80 -21.50
C ASP C 198 27.57 -9.88 -20.91
N GLY C 199 28.87 -9.78 -21.18
CA GLY C 199 29.81 -10.76 -20.71
C GLY C 199 29.69 -12.12 -21.36
N TYR C 200 28.85 -12.26 -22.37
CA TYR C 200 28.63 -13.53 -23.05
C TYR C 200 28.76 -13.34 -24.55
N PHE C 201 29.15 -14.40 -25.23
CA PHE C 201 29.20 -14.43 -26.69
C PHE C 201 28.44 -15.68 -27.13
N LYS C 202 27.17 -15.51 -27.43
CA LYS C 202 26.27 -16.62 -27.68
C LYS C 202 26.15 -16.84 -29.18
N ILE C 203 26.60 -17.99 -29.64
CA ILE C 203 26.49 -18.38 -31.04
C ILE C 203 25.40 -19.42 -31.15
N TYR C 204 24.39 -19.12 -31.95
CA TYR C 204 23.33 -20.06 -32.24
C TYR C 204 23.61 -20.68 -33.61
N SER C 205 22.90 -21.75 -33.93
CA SER C 205 23.20 -22.44 -35.17
C SER C 205 22.00 -23.26 -35.64
N LYS C 206 22.02 -23.58 -36.93
CA LYS C 206 21.11 -24.52 -37.54
C LYS C 206 21.61 -24.85 -38.93
N HIS C 207 21.61 -26.13 -39.27
CA HIS C 207 21.87 -26.58 -40.63
C HIS C 207 20.56 -27.08 -41.23
N THR C 208 20.27 -26.60 -42.44
CA THR C 208 19.04 -26.99 -43.12
C THR C 208 19.38 -27.16 -44.59
N PRO C 209 19.07 -28.32 -45.17
CA PRO C 209 19.33 -28.50 -46.60
C PRO C 209 18.38 -27.68 -47.46
N ILE C 210 18.88 -26.60 -48.05
CA ILE C 210 18.04 -25.70 -48.83
C ILE C 210 17.82 -26.29 -50.22
N ASN C 211 16.76 -25.82 -50.89
CA ASN C 211 16.39 -26.34 -52.19
C ASN C 211 16.87 -25.42 -53.31
N LEU C 212 17.99 -24.72 -53.09
CA LEU C 212 18.65 -23.87 -54.07
C LEU C 212 17.74 -22.76 -54.58
N VAL C 213 17.31 -21.89 -53.66
CA VAL C 213 16.45 -20.77 -54.01
C VAL C 213 17.23 -19.49 -54.30
N ARG C 214 18.55 -19.52 -54.17
CA ARG C 214 19.47 -18.39 -54.35
C ARG C 214 19.21 -17.25 -53.37
N ASP C 215 18.46 -17.51 -52.31
CA ASP C 215 18.29 -16.58 -51.20
C ASP C 215 17.86 -17.39 -49.98
N LEU C 216 17.51 -16.69 -48.92
CA LEU C 216 17.00 -17.36 -47.74
C LEU C 216 15.61 -17.90 -48.03
N PRO C 217 15.37 -19.18 -47.84
CA PRO C 217 14.10 -19.78 -48.27
C PRO C 217 12.93 -19.35 -47.41
N GLN C 218 11.72 -19.67 -47.89
CA GLN C 218 10.48 -19.26 -47.26
C GLN C 218 10.23 -19.94 -45.91
N GLY C 219 10.96 -21.00 -45.60
CA GLY C 219 10.63 -21.82 -44.46
C GLY C 219 10.92 -21.21 -43.10
N PHE C 220 10.91 -22.05 -42.07
CA PHE C 220 11.09 -21.62 -40.70
C PHE C 220 12.01 -22.61 -40.01
N SER C 221 13.06 -22.10 -39.37
CA SER C 221 14.04 -22.97 -38.71
C SER C 221 14.54 -22.25 -37.47
N ALA C 222 14.04 -22.67 -36.31
CA ALA C 222 14.50 -22.09 -35.06
C ALA C 222 15.93 -22.52 -34.79
N LEU C 223 16.79 -21.56 -34.50
CA LEU C 223 18.20 -21.87 -34.28
C LEU C 223 18.42 -22.30 -32.84
N GLU C 224 19.23 -23.33 -32.66
CA GLU C 224 19.53 -23.87 -31.35
C GLU C 224 20.84 -23.29 -30.85
N PRO C 225 20.96 -23.02 -29.54
CA PRO C 225 22.21 -22.49 -29.00
C PRO C 225 23.31 -23.54 -29.09
N LEU C 226 24.52 -23.08 -29.42
CA LEU C 226 25.64 -23.97 -29.66
C LEU C 226 26.77 -23.77 -28.66
N VAL C 227 27.19 -22.53 -28.45
CA VAL C 227 28.12 -22.20 -27.37
C VAL C 227 27.54 -21.02 -26.60
N ASP C 228 28.01 -20.86 -25.37
CA ASP C 228 27.55 -19.82 -24.48
C ASP C 228 28.75 -19.18 -23.80
N LEU C 229 29.74 -18.80 -24.62
CA LEU C 229 31.07 -18.42 -24.16
C LEU C 229 31.04 -17.27 -23.15
N PRO C 230 31.86 -17.33 -22.11
CA PRO C 230 31.82 -16.33 -21.03
C PRO C 230 32.72 -15.12 -21.26
N ILE C 231 33.24 -14.91 -22.46
CA ILE C 231 34.12 -13.80 -22.73
C ILE C 231 33.36 -12.48 -22.72
N GLY C 232 33.76 -11.57 -21.85
CA GLY C 232 33.25 -10.23 -21.88
C GLY C 232 34.22 -9.29 -22.58
N ILE C 233 34.02 -9.07 -23.88
CA ILE C 233 34.88 -8.18 -24.64
C ILE C 233 34.02 -7.25 -25.48
N ASN C 234 34.53 -6.05 -25.71
CA ASN C 234 33.88 -5.06 -26.55
C ASN C 234 34.06 -5.45 -28.01
N ILE C 235 32.97 -5.65 -28.72
CA ILE C 235 33.01 -6.00 -30.14
C ILE C 235 32.07 -5.08 -30.89
N THR C 236 32.59 -4.43 -31.94
CA THR C 236 31.79 -3.60 -32.83
C THR C 236 32.00 -3.90 -34.30
N ARG C 237 33.04 -4.64 -34.69
CA ARG C 237 33.28 -4.98 -36.07
C ARG C 237 33.54 -6.47 -36.19
N PHE C 238 33.24 -7.03 -37.35
CA PHE C 238 33.53 -8.44 -37.57
C PHE C 238 33.80 -8.68 -39.05
N GLN C 239 34.42 -9.81 -39.34
CA GLN C 239 34.79 -10.17 -40.69
C GLN C 239 34.83 -11.68 -40.82
N THR C 240 34.29 -12.18 -41.92
CA THR C 240 34.29 -13.61 -42.16
C THR C 240 35.68 -14.08 -42.58
N LEU C 241 35.88 -15.39 -42.58
CA LEU C 241 37.18 -16.00 -42.86
C LEU C 241 37.01 -16.96 -44.03
N LEU C 242 37.46 -16.55 -45.21
CA LEU C 242 37.46 -17.44 -46.35
C LEU C 242 38.59 -18.45 -46.23
N ALA C 243 38.69 -19.33 -47.21
CA ALA C 243 39.73 -20.34 -47.24
C ALA C 243 40.01 -20.75 -48.68
N LEU C 244 41.21 -21.27 -48.90
CA LEU C 244 41.60 -21.84 -50.19
C LEU C 244 42.56 -22.99 -49.90
N HIS C 245 42.18 -24.19 -50.34
CA HIS C 245 42.90 -25.40 -49.93
C HIS C 245 44.27 -25.48 -50.58
N ARG C 246 45.23 -26.05 -49.83
CA ARG C 246 46.61 -26.27 -50.28
C ARG C 246 47.29 -24.97 -50.69
N SER C 247 47.25 -23.97 -49.82
CA SER C 247 47.81 -22.66 -50.13
C SER C 247 48.60 -22.14 -48.94
N TYR C 248 49.88 -21.86 -49.16
CA TYR C 248 50.66 -21.10 -48.20
C TYR C 248 50.40 -19.60 -48.39
N LEU C 249 50.81 -18.81 -47.39
CA LEU C 249 50.48 -17.39 -47.42
C LEU C 249 51.49 -16.62 -46.58
N THR C 250 51.46 -15.30 -46.76
CA THR C 250 52.21 -14.32 -45.99
C THR C 250 51.27 -13.44 -45.19
N PRO C 251 51.69 -12.97 -44.01
CA PRO C 251 50.84 -12.03 -43.25
C PRO C 251 50.53 -10.73 -43.98
N GLY C 252 51.46 -10.24 -44.79
CA GLY C 252 51.20 -9.10 -45.65
C GLY C 252 50.87 -9.58 -47.05
N ASP C 253 49.57 -9.61 -47.36
CA ASP C 253 49.11 -10.20 -48.61
C ASP C 253 48.05 -9.29 -49.23
N SER C 254 47.97 -9.35 -50.56
CA SER C 254 46.95 -8.62 -51.30
C SER C 254 45.66 -9.44 -51.37
N SER C 255 44.75 -9.02 -52.25
CA SER C 255 43.50 -9.72 -52.45
C SER C 255 43.62 -10.88 -53.43
N SER C 256 44.84 -11.21 -53.87
CA SER C 256 45.02 -12.29 -54.84
C SER C 256 44.63 -13.64 -54.24
N GLY C 257 45.17 -13.98 -53.08
CA GLY C 257 44.81 -15.22 -52.42
C GLY C 257 45.23 -16.45 -53.21
N TRP C 258 44.28 -17.36 -53.39
CA TRP C 258 44.51 -18.60 -54.11
C TRP C 258 43.21 -19.03 -54.75
N THR C 259 43.31 -19.85 -55.79
CA THR C 259 42.12 -20.31 -56.52
C THR C 259 41.26 -21.21 -55.64
N ALA C 260 39.96 -20.95 -55.67
CA ALA C 260 38.99 -21.69 -54.87
C ALA C 260 37.64 -21.63 -55.56
N GLY C 261 36.74 -22.51 -55.14
CA GLY C 261 35.40 -22.53 -55.68
C GLY C 261 34.59 -21.33 -55.20
N ALA C 262 33.43 -21.16 -55.83
CA ALA C 262 32.59 -20.01 -55.56
C ALA C 262 31.97 -20.10 -54.18
N ALA C 263 31.56 -18.94 -53.66
CA ALA C 263 31.01 -18.86 -52.32
C ALA C 263 29.97 -17.74 -52.27
N ALA C 264 29.12 -17.81 -51.26
CA ALA C 264 28.04 -16.84 -51.07
C ALA C 264 27.66 -16.84 -49.60
N TYR C 265 27.54 -15.67 -49.00
CA TYR C 265 27.20 -15.57 -47.59
C TYR C 265 26.45 -14.28 -47.32
N TYR C 266 25.71 -14.28 -46.22
CA TYR C 266 24.76 -13.23 -45.91
C TYR C 266 25.12 -12.61 -44.56
N VAL C 267 24.45 -11.51 -44.26
CA VAL C 267 24.57 -10.85 -42.96
C VAL C 267 23.37 -9.95 -42.77
N GLY C 268 22.87 -9.90 -41.54
CA GLY C 268 21.76 -9.02 -41.19
C GLY C 268 21.76 -8.73 -39.72
N TYR C 269 21.68 -7.46 -39.33
CA TYR C 269 21.91 -7.13 -37.93
C TYR C 269 20.60 -7.17 -37.16
N LEU C 270 20.71 -7.56 -35.89
CA LEU C 270 19.54 -7.76 -35.05
C LEU C 270 19.09 -6.42 -34.47
N GLN C 271 17.83 -6.40 -34.04
CA GLN C 271 17.21 -5.23 -33.43
C GLN C 271 16.37 -5.71 -32.25
N PRO C 272 16.19 -4.87 -31.24
CA PRO C 272 15.32 -5.27 -30.13
C PRO C 272 13.86 -5.33 -30.54
N ARG C 273 13.32 -6.54 -30.64
CA ARG C 273 11.99 -6.77 -31.16
C ARG C 273 11.24 -7.72 -30.26
N THR C 274 9.93 -7.54 -30.17
CA THR C 274 9.08 -8.47 -29.46
C THR C 274 8.56 -9.52 -30.43
N PHE C 275 8.66 -10.79 -30.04
CA PHE C 275 8.23 -11.90 -30.86
C PHE C 275 7.16 -12.68 -30.11
N LEU C 276 6.42 -13.52 -30.84
CA LEU C 276 5.43 -14.40 -30.24
C LEU C 276 5.76 -15.81 -30.70
N LEU C 277 6.65 -16.46 -29.95
CA LEU C 277 7.17 -17.77 -30.34
C LEU C 277 6.14 -18.85 -30.07
N LYS C 278 5.85 -19.65 -31.09
CA LYS C 278 4.91 -20.76 -30.97
C LYS C 278 5.70 -22.05 -30.78
N TYR C 279 5.66 -22.58 -29.56
CA TYR C 279 6.24 -23.89 -29.26
C TYR C 279 5.18 -24.94 -29.55
N ASN C 280 5.55 -25.97 -30.31
CA ASN C 280 4.61 -27.04 -30.63
C ASN C 280 4.58 -28.04 -29.49
N GLU C 281 3.98 -29.21 -29.75
CA GLU C 281 3.85 -30.24 -28.71
C GLU C 281 5.21 -30.75 -28.25
N ASN C 282 6.14 -30.95 -29.18
CA ASN C 282 7.45 -31.49 -28.85
C ASN C 282 8.38 -30.48 -28.19
N GLY C 283 7.99 -29.21 -28.12
CA GLY C 283 8.88 -28.21 -27.58
C GLY C 283 9.73 -27.49 -28.60
N THR C 284 9.40 -27.62 -29.88
CA THR C 284 10.17 -27.00 -30.94
C THR C 284 9.42 -25.78 -31.47
N ILE C 285 10.14 -24.66 -31.58
CA ILE C 285 9.55 -23.44 -32.12
C ILE C 285 9.27 -23.66 -33.60
N THR C 286 8.01 -23.51 -34.00
CA THR C 286 7.59 -23.77 -35.37
C THR C 286 7.10 -22.54 -36.12
N ASP C 287 6.70 -21.49 -35.41
CA ASP C 287 6.24 -20.27 -36.07
C ASP C 287 6.40 -19.11 -35.09
N ALA C 288 6.46 -17.90 -35.64
CA ALA C 288 6.69 -16.72 -34.81
C ALA C 288 6.07 -15.50 -35.47
N VAL C 289 5.62 -14.57 -34.62
CA VAL C 289 4.98 -13.33 -35.05
C VAL C 289 5.81 -12.16 -34.52
N ASP C 290 6.28 -11.30 -35.42
CA ASP C 290 7.03 -10.12 -35.04
C ASP C 290 6.05 -9.02 -34.68
N CYS C 291 6.16 -8.49 -33.48
CA CYS C 291 5.14 -7.58 -32.98
C CYS C 291 5.29 -6.16 -33.47
N ALA C 292 6.06 -5.85 -34.51
CA ALA C 292 6.11 -4.50 -35.04
C ALA C 292 6.14 -4.46 -36.55
N LEU C 293 6.04 -5.61 -37.22
CA LEU C 293 6.16 -5.65 -38.68
C LEU C 293 4.95 -5.02 -39.36
N ASP C 294 3.77 -5.27 -38.83
CA ASP C 294 2.53 -4.88 -39.49
C ASP C 294 1.43 -4.84 -38.44
N PRO C 295 0.34 -4.11 -38.69
CA PRO C 295 -0.76 -4.06 -37.70
C PRO C 295 -1.40 -5.40 -37.42
N LEU C 296 -1.49 -6.29 -38.41
CA LEU C 296 -2.05 -7.61 -38.17
C LEU C 296 -1.16 -8.42 -37.23
N SER C 297 0.15 -8.35 -37.41
CA SER C 297 1.06 -9.05 -36.52
C SER C 297 1.03 -8.46 -35.12
N GLU C 298 0.87 -7.14 -35.03
CA GLU C 298 0.73 -6.51 -33.72
C GLU C 298 -0.55 -6.94 -33.04
N THR C 299 -1.61 -7.15 -33.81
CA THR C 299 -2.87 -7.67 -33.28
C THR C 299 -2.69 -9.10 -32.79
N LYS C 300 -1.93 -9.89 -33.54
CA LYS C 300 -1.61 -11.26 -33.13
C LYS C 300 -0.87 -11.27 -31.80
N CYS C 301 0.07 -10.35 -31.64
CA CYS C 301 0.81 -10.26 -30.37
C CYS C 301 -0.10 -9.80 -29.24
N THR C 302 -1.01 -8.86 -29.52
CA THR C 302 -1.86 -8.33 -28.46
C THR C 302 -2.88 -9.35 -27.99
N LEU C 303 -3.42 -10.15 -28.90
CA LEU C 303 -4.41 -11.16 -28.54
C LEU C 303 -3.79 -12.46 -28.05
N LYS C 304 -2.46 -12.60 -28.16
CA LYS C 304 -1.73 -13.84 -27.87
C LYS C 304 -2.29 -15.01 -28.66
N SER C 305 -2.50 -14.78 -29.95
CA SER C 305 -3.05 -15.82 -30.82
C SER C 305 -2.55 -15.59 -32.23
N PHE C 306 -2.27 -16.69 -32.93
CA PHE C 306 -1.82 -16.59 -34.31
C PHE C 306 -2.98 -16.29 -35.25
N THR C 307 -4.15 -16.89 -35.01
CA THR C 307 -5.31 -16.62 -35.82
C THR C 307 -6.14 -15.51 -35.20
N VAL C 308 -6.36 -14.45 -35.96
CA VAL C 308 -7.13 -13.30 -35.50
C VAL C 308 -8.51 -13.36 -36.14
N GLU C 309 -9.54 -13.37 -35.30
CA GLU C 309 -10.91 -13.45 -35.78
C GLU C 309 -11.34 -12.12 -36.37
N LYS C 310 -12.41 -12.15 -37.15
CA LYS C 310 -12.96 -10.93 -37.74
C LYS C 310 -13.53 -10.04 -36.65
N GLY C 311 -13.02 -8.82 -36.56
CA GLY C 311 -13.49 -7.89 -35.58
C GLY C 311 -12.60 -6.66 -35.53
N ILE C 312 -12.83 -5.85 -34.50
CA ILE C 312 -12.04 -4.66 -34.24
C ILE C 312 -11.27 -4.88 -32.94
N TYR C 313 -9.99 -4.54 -32.94
CA TYR C 313 -9.12 -4.82 -31.81
C TYR C 313 -8.23 -3.63 -31.51
N GLN C 314 -8.21 -3.21 -30.25
CA GLN C 314 -7.25 -2.21 -29.82
C GLN C 314 -5.89 -2.86 -29.65
N THR C 315 -4.86 -2.22 -30.21
CA THR C 315 -3.52 -2.80 -30.19
C THR C 315 -2.55 -1.98 -29.35
N SER C 316 -2.59 -0.66 -29.48
CA SER C 316 -1.64 0.19 -28.78
C SER C 316 -2.30 1.51 -28.46
N ASN C 317 -1.49 2.50 -28.12
CA ASN C 317 -1.95 3.85 -27.82
C ASN C 317 -1.09 4.84 -28.58
N PHE C 318 -1.71 5.70 -29.36
CA PHE C 318 -0.99 6.75 -30.05
C PHE C 318 -0.80 7.95 -29.13
N ARG C 319 0.40 8.50 -29.14
CA ARG C 319 0.70 9.69 -28.35
C ARG C 319 1.83 10.42 -29.05
N VAL C 320 1.54 11.62 -29.58
CA VAL C 320 2.52 12.35 -30.36
C VAL C 320 3.64 12.84 -29.46
N GLN C 321 4.87 12.68 -29.90
CA GLN C 321 5.99 12.98 -29.03
C GLN C 321 6.38 14.45 -29.16
N PRO C 322 6.91 15.06 -28.10
CA PRO C 322 7.35 16.45 -28.17
C PRO C 322 8.50 16.67 -29.14
N THR C 323 8.28 17.55 -30.11
CA THR C 323 9.29 17.79 -31.15
C THR C 323 10.32 18.82 -30.74
N GLU C 324 10.11 19.53 -29.64
CA GLU C 324 11.01 20.60 -29.24
C GLU C 324 10.81 20.87 -27.76
N SER C 325 11.86 21.35 -27.11
CA SER C 325 11.81 21.74 -25.71
C SER C 325 12.19 23.20 -25.58
N ILE C 326 11.39 23.97 -24.85
CA ILE C 326 11.64 25.39 -24.63
C ILE C 326 11.79 25.65 -23.15
N VAL C 327 12.70 26.55 -22.80
CA VAL C 327 12.85 27.08 -21.46
C VAL C 327 12.59 28.57 -21.54
N ARG C 328 11.72 29.08 -20.68
CA ARG C 328 11.22 30.44 -20.81
C ARG C 328 11.22 31.09 -19.44
N PHE C 329 12.25 31.89 -19.16
CA PHE C 329 12.47 32.60 -17.91
C PHE C 329 12.48 34.10 -18.16
N PRO C 330 12.15 34.92 -17.15
CA PRO C 330 12.19 36.37 -17.35
C PRO C 330 13.61 36.91 -17.42
N ASN C 331 13.70 38.23 -17.64
CA ASN C 331 14.93 38.92 -17.96
C ASN C 331 15.82 39.20 -16.76
N ILE C 332 15.56 38.61 -15.59
CA ILE C 332 16.29 39.00 -14.39
C ILE C 332 17.61 38.26 -14.34
N THR C 333 18.63 38.81 -15.00
CA THR C 333 19.94 38.17 -15.06
C THR C 333 20.84 38.56 -13.91
N ASN C 334 20.36 39.40 -12.99
CA ASN C 334 21.10 39.68 -11.76
C ASN C 334 21.23 38.40 -10.95
N LEU C 335 22.45 38.12 -10.48
CA LEU C 335 22.70 36.84 -9.81
C LEU C 335 22.32 36.93 -8.34
N CYS C 336 21.91 35.79 -7.79
CA CYS C 336 21.54 35.75 -6.38
C CYS C 336 22.79 35.89 -5.51
N PRO C 337 22.80 36.80 -4.57
CA PRO C 337 24.00 37.10 -3.80
C PRO C 337 24.34 36.05 -2.73
N PHE C 338 24.77 34.87 -3.20
CA PHE C 338 25.28 33.87 -2.27
C PHE C 338 26.64 34.27 -1.73
N GLY C 339 27.34 35.18 -2.41
CA GLY C 339 28.63 35.62 -1.94
C GLY C 339 28.57 36.39 -0.64
N GLU C 340 27.55 37.24 -0.47
CA GLU C 340 27.48 38.06 0.73
C GLU C 340 26.93 37.30 1.93
N VAL C 341 26.44 36.08 1.75
CA VAL C 341 25.97 35.25 2.85
C VAL C 341 26.96 34.12 3.16
N PHE C 342 27.66 33.62 2.14
CA PHE C 342 28.67 32.61 2.37
C PHE C 342 30.03 33.23 2.68
N ASN C 343 30.53 34.10 1.81
CA ASN C 343 31.86 34.69 1.96
C ASN C 343 31.84 35.96 2.79
N ALA C 344 30.84 36.12 3.66
CA ALA C 344 30.80 37.26 4.56
C ALA C 344 31.88 37.10 5.63
N THR C 345 32.32 38.23 6.19
CA THR C 345 33.42 38.20 7.14
C THR C 345 32.98 37.65 8.49
N ARG C 346 32.02 38.32 9.13
CA ARG C 346 31.59 37.95 10.48
C ARG C 346 30.17 37.40 10.41
N PHE C 347 29.93 36.32 11.14
CA PHE C 347 28.63 35.68 11.18
C PHE C 347 27.91 36.00 12.49
N ALA C 348 26.61 35.73 12.50
CA ALA C 348 25.83 35.92 13.71
C ALA C 348 25.88 34.67 14.59
N SER C 349 25.59 34.87 15.87
CA SER C 349 25.52 33.74 16.80
C SER C 349 24.26 32.94 16.53
N VAL C 350 24.17 31.78 17.18
CA VAL C 350 23.06 30.87 16.89
C VAL C 350 21.74 31.41 17.42
N TYR C 351 21.76 32.21 18.49
CA TYR C 351 20.59 33.00 18.79
C TYR C 351 20.64 34.29 17.99
N ALA C 352 19.47 34.77 17.58
CA ALA C 352 19.32 35.86 16.60
C ALA C 352 20.11 35.57 15.33
N TRP C 353 19.92 34.38 14.78
CA TRP C 353 20.60 33.99 13.56
C TRP C 353 20.18 34.88 12.40
N ASN C 354 21.16 35.29 11.61
CA ASN C 354 20.92 36.20 10.51
C ASN C 354 20.15 35.50 9.40
N ARG C 355 19.12 36.17 8.89
CA ARG C 355 18.27 35.61 7.86
C ARG C 355 18.17 36.60 6.70
N LYS C 356 18.49 36.10 5.50
CA LYS C 356 18.39 36.89 4.27
C LYS C 356 17.27 36.32 3.43
N ARG C 357 16.45 37.20 2.86
CA ARG C 357 15.34 36.79 2.00
C ARG C 357 15.79 36.94 0.56
N ILE C 358 16.37 35.86 0.00
CA ILE C 358 16.85 35.89 -1.37
C ILE C 358 15.65 35.80 -2.31
N SER C 359 15.51 36.78 -3.18
CA SER C 359 14.37 36.84 -4.08
C SER C 359 14.73 37.65 -5.30
N ASN C 360 14.05 37.35 -6.41
CA ASN C 360 14.17 38.06 -7.69
C ASN C 360 15.61 38.08 -8.21
N CYS C 361 16.15 36.88 -8.42
CA CYS C 361 17.47 36.74 -9.01
C CYS C 361 17.62 35.32 -9.54
N VAL C 362 18.62 35.15 -10.41
CA VAL C 362 19.00 33.84 -10.91
C VAL C 362 20.11 33.30 -10.02
N ALA C 363 19.88 32.12 -9.45
CA ALA C 363 20.78 31.55 -8.45
C ALA C 363 21.63 30.47 -9.10
N ASP C 364 22.95 30.68 -9.09
CA ASP C 364 23.89 29.69 -9.61
C ASP C 364 24.33 28.82 -8.45
N TYR C 365 23.65 27.68 -8.28
CA TYR C 365 24.00 26.74 -7.24
C TYR C 365 25.22 25.90 -7.58
N SER C 366 25.63 25.88 -8.85
CA SER C 366 26.71 24.99 -9.28
C SER C 366 28.04 25.35 -8.63
N VAL C 367 28.21 26.60 -8.21
CA VAL C 367 29.43 26.99 -7.52
C VAL C 367 29.49 26.49 -6.09
N LEU C 368 28.38 25.95 -5.56
CA LEU C 368 28.35 25.48 -4.18
C LEU C 368 28.47 23.96 -4.07
N TYR C 369 27.57 23.21 -4.72
CA TYR C 369 27.54 21.76 -4.53
C TYR C 369 28.71 21.04 -5.17
N ASN C 370 29.47 21.71 -6.03
CA ASN C 370 30.71 21.15 -6.58
C ASN C 370 31.94 21.74 -5.89
N SER C 371 31.74 22.64 -4.94
CA SER C 371 32.84 23.21 -4.17
C SER C 371 33.20 22.28 -3.02
N ALA C 372 34.48 21.96 -2.90
CA ALA C 372 34.92 20.99 -1.91
C ALA C 372 35.14 21.62 -0.54
N SER C 373 34.91 22.92 -0.39
CA SER C 373 35.19 23.60 0.87
C SER C 373 34.21 23.23 1.99
N PHE C 374 33.08 22.61 1.67
CA PHE C 374 32.04 22.33 2.65
C PHE C 374 32.22 20.92 3.22
N SER C 375 31.94 20.78 4.51
CA SER C 375 32.01 19.47 5.13
C SER C 375 30.75 18.65 4.91
N THR C 376 29.60 19.13 5.36
CA THR C 376 28.34 18.44 5.19
C THR C 376 27.43 19.24 4.27
N PHE C 377 26.85 18.55 3.29
CA PHE C 377 25.96 19.16 2.33
C PHE C 377 24.70 18.30 2.26
N LYS C 378 24.14 17.98 3.42
CA LYS C 378 23.00 17.08 3.49
C LYS C 378 21.73 17.86 3.17
N CYS C 379 21.22 17.69 1.97
CA CYS C 379 19.96 18.29 1.56
C CYS C 379 18.80 17.43 2.02
N TYR C 380 17.61 18.04 2.04
CA TYR C 380 16.39 17.35 2.44
C TYR C 380 15.27 17.72 1.48
N GLY C 381 14.65 16.72 0.88
CA GLY C 381 13.55 16.96 -0.03
C GLY C 381 13.95 17.41 -1.41
N VAL C 382 15.25 17.49 -1.70
CA VAL C 382 15.75 17.87 -3.01
C VAL C 382 17.14 17.29 -3.18
N SER C 383 17.42 16.81 -4.38
CA SER C 383 18.75 16.29 -4.65
C SER C 383 19.77 17.44 -4.67
N PRO C 384 20.99 17.20 -4.16
CA PRO C 384 22.03 18.23 -4.23
C PRO C 384 22.42 18.61 -5.66
N THR C 385 22.39 17.66 -6.58
CA THR C 385 22.85 17.93 -7.94
C THR C 385 21.75 18.52 -8.82
N LYS C 386 20.51 18.54 -8.35
CA LYS C 386 19.40 19.07 -9.12
C LYS C 386 19.03 20.50 -8.74
N LEU C 387 19.81 21.13 -7.85
CA LEU C 387 19.47 22.46 -7.35
C LEU C 387 19.55 23.51 -8.44
N ASN C 388 20.49 23.39 -9.37
CA ASN C 388 20.67 24.38 -10.41
C ASN C 388 19.61 24.31 -11.50
N ASP C 389 18.75 23.30 -11.48
CA ASP C 389 17.75 23.09 -12.52
C ASP C 389 16.33 23.32 -12.04
N LEU C 390 16.15 24.03 -10.93
CA LEU C 390 14.83 24.21 -10.34
C LEU C 390 14.57 25.69 -10.11
N CYS C 391 13.29 26.03 -9.99
CA CYS C 391 12.87 27.37 -9.66
C CYS C 391 12.10 27.35 -8.35
N PHE C 392 12.42 28.31 -7.48
CA PHE C 392 11.95 28.30 -6.10
C PHE C 392 11.13 29.55 -5.82
N THR C 393 10.07 29.40 -5.02
CA THR C 393 9.17 30.52 -4.75
C THR C 393 9.83 31.59 -3.90
N ASN C 394 10.46 31.21 -2.80
CA ASN C 394 11.16 32.16 -1.94
C ASN C 394 12.26 31.41 -1.21
N VAL C 395 13.44 32.00 -1.18
CA VAL C 395 14.63 31.37 -0.63
C VAL C 395 15.07 32.16 0.59
N TYR C 396 15.04 31.52 1.76
CA TYR C 396 15.54 32.11 2.99
C TYR C 396 16.91 31.50 3.29
N ALA C 397 17.91 32.36 3.43
CA ALA C 397 19.26 31.92 3.74
C ALA C 397 19.59 32.30 5.17
N ASP C 398 19.83 31.30 6.01
CA ASP C 398 20.18 31.50 7.40
C ASP C 398 21.68 31.34 7.56
N SER C 399 22.22 31.87 8.66
CA SER C 399 23.65 31.83 8.88
C SER C 399 23.95 31.90 10.37
N PHE C 400 24.77 30.97 10.86
CA PHE C 400 25.18 30.96 12.25
C PHE C 400 26.45 30.13 12.38
N VAL C 401 27.11 30.29 13.53
CA VAL C 401 28.30 29.53 13.89
C VAL C 401 28.01 28.72 15.13
N ILE C 402 28.23 27.40 15.05
CA ILE C 402 27.92 26.49 16.14
C ILE C 402 29.12 25.59 16.42
N ARG C 403 29.04 24.88 17.53
CA ARG C 403 30.09 23.96 17.93
C ARG C 403 30.11 22.75 17.00
N GLY C 404 31.30 22.15 16.85
CA GLY C 404 31.51 21.15 15.81
C GLY C 404 30.70 19.88 16.02
N ASP C 405 30.61 19.41 17.26
CA ASP C 405 29.80 18.22 17.54
C ASP C 405 28.31 18.50 17.46
N GLU C 406 27.90 19.76 17.36
CA GLU C 406 26.48 20.11 17.33
C GLU C 406 25.93 20.25 15.92
N VAL C 407 26.74 19.98 14.88
CA VAL C 407 26.25 20.17 13.52
C VAL C 407 25.26 19.08 13.13
N ARG C 408 25.28 17.96 13.83
CA ARG C 408 24.29 16.92 13.56
C ARG C 408 22.91 17.29 14.07
N GLN C 409 22.82 18.26 14.98
CA GLN C 409 21.54 18.66 15.54
C GLN C 409 20.71 19.50 14.58
N ILE C 410 21.33 20.17 13.63
CA ILE C 410 20.57 20.96 12.68
C ILE C 410 20.09 20.03 11.58
N ALA C 411 18.94 19.40 11.81
CA ALA C 411 18.31 18.44 10.95
C ALA C 411 16.91 18.28 11.53
N PRO C 412 15.92 17.94 10.71
CA PRO C 412 14.57 17.72 11.24
C PRO C 412 14.53 16.56 12.23
N GLY C 413 13.76 16.75 13.30
CA GLY C 413 13.53 15.69 14.26
C GLY C 413 14.61 15.47 15.29
N GLN C 414 15.69 16.25 15.25
CA GLN C 414 16.75 16.07 16.23
C GLN C 414 16.38 16.73 17.56
N THR C 415 17.21 16.48 18.57
CA THR C 415 17.02 17.05 19.88
C THR C 415 18.36 17.50 20.43
N GLY C 416 18.32 18.47 21.35
CA GLY C 416 19.54 19.00 21.93
C GLY C 416 19.41 20.47 22.27
N LYS C 417 20.50 21.08 22.76
CA LYS C 417 20.46 22.48 23.14
C LYS C 417 20.25 23.39 21.93
N ILE C 418 21.03 23.18 20.87
CA ILE C 418 20.90 24.00 19.67
C ILE C 418 19.58 23.69 18.97
N ALA C 419 19.18 22.41 18.98
CA ALA C 419 17.97 22.00 18.29
C ALA C 419 16.69 22.46 18.97
N ASP C 420 16.70 22.69 20.27
CA ASP C 420 15.49 23.06 20.99
C ASP C 420 15.46 24.49 21.49
N TYR C 421 16.60 25.08 21.81
CA TYR C 421 16.65 26.40 22.41
C TYR C 421 17.21 27.47 21.49
N ASN C 422 17.83 27.09 20.37
CA ASN C 422 18.46 28.09 19.52
C ASN C 422 17.87 28.15 18.13
N TYR C 423 17.80 27.00 17.44
CA TYR C 423 17.37 26.99 16.05
C TYR C 423 16.78 25.61 15.74
N LYS C 424 15.48 25.58 15.46
CA LYS C 424 14.77 24.34 15.17
C LYS C 424 14.33 24.32 13.70
N LEU C 425 14.78 23.30 12.98
CA LEU C 425 14.19 23.04 11.67
C LEU C 425 12.86 22.33 11.84
N PRO C 426 11.89 22.60 10.97
CA PRO C 426 10.59 21.93 11.09
C PRO C 426 10.69 20.47 10.68
N ASP C 427 9.66 19.70 11.03
CA ASP C 427 9.63 18.27 10.76
C ASP C 427 9.49 17.98 9.28
N ASP C 428 8.95 18.94 8.52
CA ASP C 428 8.80 18.78 7.08
C ASP C 428 9.70 19.77 6.34
N PHE C 429 10.93 19.94 6.80
CA PHE C 429 11.85 20.90 6.20
C PHE C 429 12.27 20.47 4.81
N THR C 430 12.27 21.42 3.89
CA THR C 430 12.80 21.21 2.56
C THR C 430 13.86 22.26 2.27
N GLY C 431 14.94 21.83 1.65
CA GLY C 431 16.07 22.69 1.42
C GLY C 431 17.36 21.92 1.60
N CYS C 432 18.42 22.63 1.97
CA CYS C 432 19.71 21.99 2.16
C CYS C 432 20.46 22.69 3.28
N VAL C 433 21.21 21.90 4.05
CA VAL C 433 22.01 22.39 5.16
C VAL C 433 23.48 22.29 4.74
N ILE C 434 24.19 23.41 4.85
CA ILE C 434 25.58 23.50 4.43
C ILE C 434 26.42 23.89 5.64
N ALA C 435 27.48 23.13 5.88
CA ALA C 435 28.37 23.41 7.00
C ALA C 435 29.81 23.18 6.57
N TRP C 436 30.72 23.96 7.16
CA TRP C 436 32.14 23.73 6.95
C TRP C 436 32.92 24.22 8.15
N ASN C 437 34.09 23.61 8.36
CA ASN C 437 34.96 23.98 9.48
C ASN C 437 35.50 25.39 9.28
N SER C 438 35.50 26.16 10.35
CA SER C 438 36.03 27.53 10.33
C SER C 438 36.86 27.83 11.57
N ASN C 439 37.74 26.89 11.94
CA ASN C 439 38.58 27.08 13.13
C ASN C 439 39.59 28.21 12.95
N ASN C 440 39.96 28.52 11.71
CA ASN C 440 40.96 29.55 11.43
C ASN C 440 40.34 30.88 11.07
N LEU C 441 39.01 31.00 11.15
CA LEU C 441 38.35 32.25 10.82
C LEU C 441 37.45 32.70 11.96
N ASP C 442 36.81 31.75 12.63
CA ASP C 442 35.89 32.08 13.71
C ASP C 442 36.53 31.97 15.10
N SER C 443 37.68 31.32 15.21
CA SER C 443 38.38 31.18 16.48
C SER C 443 39.66 32.00 16.45
N LYS C 444 39.99 32.59 17.60
CA LYS C 444 41.16 33.44 17.72
C LYS C 444 42.05 32.89 18.83
N VAL C 445 43.29 33.35 18.84
CA VAL C 445 44.28 32.85 19.79
C VAL C 445 43.89 33.33 21.19
N GLY C 446 43.93 32.41 22.15
CA GLY C 446 43.44 32.67 23.48
C GLY C 446 41.94 32.59 23.64
N GLY C 447 41.20 32.49 22.55
CA GLY C 447 39.76 32.37 22.61
C GLY C 447 39.03 33.30 21.67
N ASN C 448 37.72 33.07 21.50
CA ASN C 448 36.84 33.96 20.77
C ASN C 448 35.50 33.95 21.46
N TYR C 449 34.91 35.14 21.61
CA TYR C 449 33.72 35.27 22.44
C TYR C 449 32.57 36.03 21.79
N ASN C 450 32.64 36.33 20.49
CA ASN C 450 31.51 36.95 19.83
C ASN C 450 30.37 35.98 19.57
N TYR C 451 30.60 34.68 19.72
CA TYR C 451 29.61 33.66 19.40
C TYR C 451 29.05 33.10 20.71
N LEU C 452 27.73 33.16 20.87
CA LEU C 452 27.10 32.73 22.10
C LEU C 452 25.87 31.89 21.75
N TYR C 453 25.51 31.01 22.68
CA TYR C 453 24.36 30.13 22.47
C TYR C 453 23.47 30.14 23.69
N ARG C 454 22.17 30.01 23.44
CA ARG C 454 21.19 29.99 24.51
C ARG C 454 21.21 28.63 25.20
N LEU C 455 21.32 28.63 26.51
CA LEU C 455 21.48 27.40 27.28
C LEU C 455 20.22 26.99 28.03
N PHE C 456 19.52 27.93 28.66
CA PHE C 456 18.30 27.64 29.38
C PHE C 456 17.15 28.43 28.78
N ARG C 457 16.03 27.75 28.52
CA ARG C 457 14.81 28.41 28.08
C ARG C 457 13.63 27.75 28.76
N LYS C 458 12.57 28.53 29.01
CA LYS C 458 11.40 28.01 29.69
C LYS C 458 10.67 26.97 28.88
N SER C 459 10.71 27.05 27.54
CA SER C 459 10.02 26.08 26.70
C SER C 459 10.79 25.93 25.39
N ASN C 460 10.57 24.80 24.73
CA ASN C 460 11.26 24.52 23.47
C ASN C 460 10.72 25.39 22.36
N LEU C 461 11.61 25.75 21.43
CA LEU C 461 11.28 26.70 20.38
C LEU C 461 10.34 26.08 19.35
N LYS C 462 9.51 26.94 18.77
CA LYS C 462 8.79 26.58 17.55
C LYS C 462 9.78 26.52 16.38
N PRO C 463 9.43 25.83 15.31
CA PRO C 463 10.32 25.82 14.14
C PRO C 463 10.51 27.22 13.56
N PHE C 464 11.76 27.48 13.15
CA PHE C 464 12.20 28.76 12.59
C PHE C 464 11.98 29.93 13.54
N GLU C 465 11.90 29.68 14.84
CA GLU C 465 11.73 30.78 15.78
C GLU C 465 13.06 31.46 16.06
N ARG C 466 12.98 32.70 16.53
CA ARG C 466 14.15 33.49 16.85
C ARG C 466 13.93 34.18 18.18
N ASP C 467 14.83 33.94 19.13
CA ASP C 467 14.65 34.40 20.50
C ASP C 467 15.82 35.28 20.89
N ILE C 468 15.66 36.59 20.75
CA ILE C 468 16.68 37.54 21.18
C ILE C 468 16.53 37.88 22.66
N SER C 469 15.45 37.43 23.29
CA SER C 469 15.16 37.82 24.67
C SER C 469 16.21 37.31 25.63
N THR C 470 16.91 38.23 26.27
CA THR C 470 17.93 37.93 27.26
C THR C 470 17.39 37.95 28.68
N GLU C 471 16.08 37.90 28.84
CA GLU C 471 15.46 37.84 30.15
C GLU C 471 15.90 36.58 30.88
N ILE C 472 16.11 36.70 32.19
CA ILE C 472 16.68 35.60 32.95
C ILE C 472 15.71 34.45 33.06
N TYR C 473 16.25 33.27 33.39
CA TYR C 473 15.52 32.02 33.35
C TYR C 473 14.47 31.96 34.46
N GLN C 474 13.50 31.05 34.29
CA GLN C 474 12.46 30.85 35.29
C GLN C 474 13.08 30.35 36.58
N ALA C 475 12.54 30.82 37.71
CA ALA C 475 13.12 30.52 39.00
C ALA C 475 12.90 29.06 39.40
N GLY C 476 11.67 28.57 39.25
CA GLY C 476 11.28 27.39 40.00
C GLY C 476 10.96 27.71 41.44
N SER C 477 10.82 28.99 41.76
CA SER C 477 10.66 29.52 43.10
C SER C 477 10.01 30.89 42.95
N THR C 478 10.17 31.73 43.98
CA THR C 478 9.71 33.11 43.91
C THR C 478 10.39 33.83 42.74
N PRO C 479 9.68 34.69 42.01
CA PRO C 479 10.23 35.23 40.77
C PRO C 479 11.36 36.20 41.00
N CYS C 480 12.25 36.28 40.00
CA CYS C 480 13.39 37.18 40.03
C CYS C 480 13.10 38.52 39.40
N ASN C 481 13.10 39.59 40.21
CA ASN C 481 12.85 40.96 39.80
C ASN C 481 13.67 41.36 38.59
N GLY C 482 14.99 41.48 38.76
CA GLY C 482 15.91 41.73 37.68
C GLY C 482 17.29 41.14 37.86
N VAL C 483 17.52 40.33 38.88
CA VAL C 483 18.85 39.98 39.33
C VAL C 483 19.10 38.51 39.07
N GLU C 484 20.20 38.21 38.39
CA GLU C 484 20.64 36.84 38.22
C GLU C 484 21.15 36.28 39.54
N GLY C 485 20.78 35.03 39.82
CA GLY C 485 21.34 34.33 40.97
C GLY C 485 20.41 33.35 41.65
N PHE C 486 20.89 32.10 41.77
CA PHE C 486 20.39 31.02 42.61
C PHE C 486 19.06 30.43 42.16
N ASN C 487 18.31 31.17 41.34
CA ASN C 487 17.09 30.63 40.78
C ASN C 487 16.99 30.94 39.29
N CYS C 488 17.47 32.12 38.91
CA CYS C 488 17.30 32.65 37.57
C CYS C 488 18.67 32.86 36.96
N TYR C 489 18.97 32.09 35.92
CA TYR C 489 20.29 32.07 35.34
C TYR C 489 20.30 32.93 34.09
N PHE C 490 21.49 33.27 33.65
CA PHE C 490 21.60 33.97 32.38
C PHE C 490 21.40 32.98 31.23
N PRO C 491 20.42 33.20 30.37
CA PRO C 491 20.07 32.19 29.37
C PRO C 491 21.10 32.03 28.27
N LEU C 492 21.97 33.01 28.05
CA LEU C 492 22.96 32.94 27.00
C LEU C 492 24.31 32.50 27.56
N GLN C 493 25.13 31.93 26.68
CA GLN C 493 26.42 31.37 27.06
C GLN C 493 27.31 31.30 25.84
N SER C 494 28.57 31.69 26.01
CA SER C 494 29.54 31.69 24.92
C SER C 494 30.25 30.35 24.87
N TYR C 495 30.51 29.85 23.66
CA TYR C 495 31.30 28.64 23.52
C TYR C 495 32.73 28.83 23.99
N GLY C 496 33.34 29.95 23.64
CA GLY C 496 34.75 30.13 23.88
C GLY C 496 35.58 29.26 22.95
N PHE C 497 35.53 29.56 21.66
CA PHE C 497 36.26 28.77 20.68
C PHE C 497 37.76 29.01 20.77
N GLN C 498 38.53 27.93 20.82
CA GLN C 498 39.98 28.02 20.90
C GLN C 498 40.60 27.18 19.80
N PRO C 499 41.76 27.61 19.27
CA PRO C 499 42.42 26.83 18.22
C PRO C 499 42.90 25.47 18.65
N THR C 500 43.13 25.25 19.94
CA THR C 500 43.63 23.96 20.41
C THR C 500 42.52 22.95 20.65
N ASN C 501 41.26 23.33 20.46
CA ASN C 501 40.16 22.41 20.68
C ASN C 501 40.13 21.33 19.61
N GLY C 502 39.43 20.25 19.91
CA GLY C 502 39.26 19.19 18.93
C GLY C 502 38.31 19.58 17.82
N VAL C 503 38.22 18.70 16.83
CA VAL C 503 37.36 18.97 15.66
C VAL C 503 35.89 18.99 16.06
N GLY C 504 35.52 18.24 17.10
CA GLY C 504 34.16 18.30 17.61
C GLY C 504 33.85 19.55 18.39
N TYR C 505 34.87 20.33 18.79
CA TYR C 505 34.66 21.57 19.50
C TYR C 505 35.02 22.79 18.67
N GLN C 506 35.55 22.61 17.47
CA GLN C 506 35.93 23.71 16.61
C GLN C 506 34.69 24.44 16.10
N PRO C 507 34.79 25.75 15.88
CA PRO C 507 33.63 26.52 15.39
C PRO C 507 33.32 26.15 13.95
N TYR C 508 32.13 25.63 13.72
CA TYR C 508 31.68 25.25 12.39
C TYR C 508 30.69 26.29 11.89
N ARG C 509 31.02 26.90 10.76
CA ARG C 509 30.20 27.95 10.17
C ARG C 509 29.15 27.31 9.27
N VAL C 510 27.88 27.49 9.61
CA VAL C 510 26.79 26.73 9.03
C VAL C 510 25.83 27.68 8.31
N VAL C 511 25.43 27.32 7.09
CA VAL C 511 24.44 28.04 6.32
C VAL C 511 23.31 27.08 5.97
N VAL C 512 22.08 27.48 6.24
CA VAL C 512 20.90 26.66 5.96
C VAL C 512 20.01 27.42 5.00
N LEU C 513 19.71 26.81 3.86
CA LEU C 513 18.85 27.41 2.84
C LEU C 513 17.48 26.76 2.94
N SER C 514 16.49 27.53 3.37
CA SER C 514 15.12 27.06 3.44
C SER C 514 14.31 27.69 2.34
N PHE C 515 13.64 26.87 1.54
CA PHE C 515 12.94 27.36 0.37
C PHE C 515 11.87 26.36 -0.06
N GLU C 516 10.69 26.90 -0.37
CA GLU C 516 9.53 26.10 -0.77
C GLU C 516 9.47 26.05 -2.29
N LEU C 517 9.05 24.92 -2.85
CA LEU C 517 9.19 24.70 -4.28
C LEU C 517 7.86 24.60 -5.00
N LEU C 518 6.93 25.52 -4.74
CA LEU C 518 5.71 25.56 -5.52
C LEU C 518 5.99 26.10 -6.93
N HIS C 519 4.93 26.23 -7.72
CA HIS C 519 5.06 26.66 -9.10
C HIS C 519 5.14 28.18 -9.19
N ALA C 520 4.92 28.70 -10.40
CA ALA C 520 5.06 30.12 -10.70
C ALA C 520 4.04 30.93 -9.89
N PRO C 521 4.37 32.19 -9.54
CA PRO C 521 5.59 32.97 -9.85
C PRO C 521 6.79 32.63 -8.98
N ALA C 522 7.79 32.01 -9.61
CA ALA C 522 9.02 31.70 -8.92
C ALA C 522 9.96 32.89 -8.98
N THR C 523 10.24 33.48 -7.82
CA THR C 523 11.16 34.61 -7.78
C THR C 523 12.59 34.19 -8.08
N VAL C 524 12.99 33.00 -7.64
CA VAL C 524 14.35 32.53 -7.78
C VAL C 524 14.35 31.26 -8.61
N CYS C 525 15.18 31.24 -9.66
CA CYS C 525 15.37 30.02 -10.43
C CYS C 525 16.83 29.90 -10.83
N GLY C 526 17.20 28.70 -11.25
CA GLY C 526 18.57 28.42 -11.63
C GLY C 526 18.92 28.98 -12.99
N PRO C 527 20.19 28.86 -13.38
CA PRO C 527 20.62 29.44 -14.67
C PRO C 527 20.23 28.53 -15.82
N LYS C 528 19.55 29.11 -16.80
CA LYS C 528 19.19 28.39 -18.01
C LYS C 528 18.99 29.39 -19.14
N LYS C 529 19.48 29.03 -20.31
CA LYS C 529 19.37 29.91 -21.48
C LYS C 529 17.93 29.88 -21.96
N SER C 530 17.23 30.99 -21.76
CA SER C 530 15.86 31.11 -22.26
C SER C 530 15.87 31.16 -23.78
N THR C 531 14.92 30.44 -24.39
CA THR C 531 14.91 30.26 -25.83
C THR C 531 13.59 30.77 -26.40
N ASN C 532 13.48 30.71 -27.72
CA ASN C 532 12.36 31.31 -28.42
C ASN C 532 11.09 30.50 -28.20
N LEU C 533 9.96 31.09 -28.58
CA LEU C 533 8.65 30.50 -28.35
C LEU C 533 8.18 29.74 -29.59
N VAL C 534 7.65 28.54 -29.36
CA VAL C 534 7.27 27.63 -30.44
C VAL C 534 5.78 27.35 -30.28
N LYS C 535 4.96 28.09 -31.02
CA LYS C 535 3.52 27.89 -30.95
C LYS C 535 3.10 26.74 -31.86
N ASN C 536 1.90 26.20 -31.57
CA ASN C 536 1.19 25.23 -32.39
C ASN C 536 1.92 23.89 -32.55
N LYS C 537 2.90 23.62 -31.70
CA LYS C 537 3.58 22.33 -31.77
C LYS C 537 3.65 21.70 -30.39
N CYS C 538 3.73 20.37 -30.37
CA CYS C 538 3.85 19.64 -29.12
C CYS C 538 5.23 19.90 -28.54
N VAL C 539 5.30 20.77 -27.53
CA VAL C 539 6.57 21.33 -27.08
C VAL C 539 6.66 21.20 -25.56
N ASN C 540 7.76 20.64 -25.08
CA ASN C 540 8.07 20.70 -23.66
C ASN C 540 8.39 22.13 -23.25
N PHE C 541 7.77 22.59 -22.17
CA PHE C 541 7.97 23.97 -21.76
C PHE C 541 8.35 24.02 -20.29
N ASN C 542 9.12 25.04 -19.94
CA ASN C 542 9.46 25.37 -18.55
C ASN C 542 9.19 26.86 -18.39
N PHE C 543 7.93 27.20 -18.12
CA PHE C 543 7.52 28.59 -17.98
C PHE C 543 7.72 29.03 -16.54
N ASN C 544 8.89 29.60 -16.25
CA ASN C 544 9.20 30.23 -14.95
C ASN C 544 9.09 29.24 -13.79
N GLY C 545 9.33 27.96 -14.08
CA GLY C 545 9.15 26.89 -13.13
C GLY C 545 7.94 26.00 -13.39
N LEU C 546 6.93 26.53 -14.08
CA LEU C 546 5.76 25.73 -14.46
C LEU C 546 6.17 24.84 -15.61
N THR C 547 6.17 23.52 -15.36
CA THR C 547 6.69 22.54 -16.31
C THR C 547 5.56 21.64 -16.79
N GLY C 548 5.55 21.38 -18.09
CA GLY C 548 4.55 20.49 -18.65
C GLY C 548 4.80 20.27 -20.12
N THR C 549 4.01 19.35 -20.69
CA THR C 549 4.11 19.00 -22.10
C THR C 549 2.77 19.30 -22.76
N GLY C 550 2.81 20.06 -23.84
CA GLY C 550 1.57 20.41 -24.53
C GLY C 550 1.88 21.30 -25.71
N VAL C 551 0.83 21.70 -26.41
CA VAL C 551 0.94 22.66 -27.50
C VAL C 551 0.58 24.03 -26.94
N LEU C 552 1.09 25.08 -27.57
CA LEU C 552 0.88 26.44 -27.12
C LEU C 552 0.16 27.22 -28.21
N THR C 553 -0.95 27.84 -27.83
CA THR C 553 -1.79 28.60 -28.75
C THR C 553 -1.94 30.01 -28.19
N GLU C 554 -2.03 30.99 -29.10
CA GLU C 554 -2.28 32.36 -28.69
C GLU C 554 -3.67 32.44 -28.06
N SER C 555 -3.73 32.86 -26.81
CA SER C 555 -4.95 32.74 -26.03
C SER C 555 -5.93 33.86 -26.36
N ASN C 556 -7.23 33.53 -26.30
CA ASN C 556 -8.28 34.51 -26.48
C ASN C 556 -8.86 35.01 -25.17
N LYS C 557 -8.38 34.52 -24.03
CA LYS C 557 -8.90 34.93 -22.73
C LYS C 557 -8.02 36.04 -22.17
N LYS C 558 -8.63 36.90 -21.37
CA LYS C 558 -7.99 38.10 -20.84
C LYS C 558 -7.66 37.88 -19.37
N PHE C 559 -6.37 37.78 -19.07
CA PHE C 559 -5.93 37.72 -17.68
C PHE C 559 -6.11 39.08 -17.01
N LEU C 560 -6.36 39.03 -15.71
CA LEU C 560 -6.15 40.21 -14.89
C LEU C 560 -4.64 40.43 -14.74
N PRO C 561 -4.20 41.69 -14.63
CA PRO C 561 -2.76 41.98 -14.75
C PRO C 561 -1.87 41.42 -13.64
N PHE C 562 -2.42 40.72 -12.66
CA PHE C 562 -1.57 40.10 -11.64
C PHE C 562 -1.41 38.60 -11.85
N GLN C 563 -2.31 37.96 -12.59
CA GLN C 563 -2.31 36.50 -12.66
C GLN C 563 -1.16 36.00 -13.51
N GLN C 564 -0.29 35.21 -12.89
CA GLN C 564 0.86 34.65 -13.59
C GLN C 564 0.51 33.48 -14.48
N PHE C 565 -0.57 32.76 -14.17
CA PHE C 565 -1.06 31.68 -15.03
C PHE C 565 -2.51 31.42 -14.65
N GLY C 566 -3.10 30.42 -15.31
CA GLY C 566 -4.49 30.09 -15.08
C GLY C 566 -4.71 28.59 -15.07
N ARG C 567 -5.87 28.21 -14.54
CA ARG C 567 -6.26 26.81 -14.48
C ARG C 567 -7.72 26.67 -14.86
N ASP C 568 -8.03 25.53 -15.46
CA ASP C 568 -9.40 25.21 -15.84
C ASP C 568 -10.08 24.45 -14.71
N ILE C 569 -11.23 23.85 -15.03
CA ILE C 569 -11.91 22.99 -14.08
C ILE C 569 -11.05 21.76 -13.82
N ALA C 570 -11.15 21.21 -12.60
CA ALA C 570 -10.40 20.06 -12.12
C ALA C 570 -8.90 20.30 -12.11
N ASP C 571 -8.48 21.55 -11.88
CA ASP C 571 -7.12 21.96 -11.59
C ASP C 571 -6.11 21.63 -12.69
N THR C 572 -6.54 21.64 -13.95
CA THR C 572 -5.60 21.50 -15.04
C THR C 572 -5.09 22.87 -15.48
N THR C 573 -3.77 23.00 -15.60
CA THR C 573 -3.17 24.28 -15.97
C THR C 573 -3.43 24.58 -17.43
N ASP C 574 -4.52 25.29 -17.70
CA ASP C 574 -4.96 25.52 -19.08
C ASP C 574 -4.24 26.68 -19.74
N ALA C 575 -3.71 27.63 -18.97
CA ALA C 575 -3.10 28.81 -19.57
C ALA C 575 -1.93 29.28 -18.72
N VAL C 576 -1.03 30.01 -19.37
CA VAL C 576 0.11 30.63 -18.71
C VAL C 576 0.45 31.89 -19.50
N ARG C 577 1.00 32.88 -18.80
CA ARG C 577 1.46 34.09 -19.45
C ARG C 577 2.97 34.03 -19.62
N ASP C 578 3.44 34.57 -20.72
CA ASP C 578 4.85 34.50 -21.08
C ASP C 578 5.66 35.42 -20.18
N PRO C 579 6.70 34.93 -19.48
CA PRO C 579 7.55 35.83 -18.71
C PRO C 579 8.38 36.78 -19.57
N GLN C 580 8.53 36.52 -20.87
CA GLN C 580 9.37 37.36 -21.69
C GLN C 580 8.58 38.50 -22.34
N THR C 581 7.45 38.19 -22.99
CA THR C 581 6.68 39.19 -23.72
C THR C 581 5.29 39.41 -23.19
N LEU C 582 4.91 38.81 -22.05
CA LEU C 582 3.63 38.99 -21.37
C LEU C 582 2.44 38.61 -22.24
N GLU C 583 2.61 37.65 -23.16
CA GLU C 583 1.49 37.11 -23.91
C GLU C 583 0.86 35.96 -23.15
N ILE C 584 -0.46 35.86 -23.24
CA ILE C 584 -1.21 34.76 -22.65
C ILE C 584 -1.26 33.63 -23.65
N LEU C 585 -0.90 32.43 -23.21
CA LEU C 585 -0.84 31.25 -24.07
C LEU C 585 -1.69 30.14 -23.49
N ASP C 586 -2.56 29.57 -24.32
CA ASP C 586 -3.33 28.40 -23.91
C ASP C 586 -2.48 27.15 -24.06
N ILE C 587 -2.56 26.27 -23.07
CA ILE C 587 -1.90 24.98 -23.11
C ILE C 587 -2.97 23.90 -23.19
N THR C 588 -3.06 23.24 -24.33
CA THR C 588 -3.91 22.07 -24.49
C THR C 588 -3.02 20.87 -24.74
N PRO C 589 -3.39 19.70 -24.24
CA PRO C 589 -2.47 18.56 -24.27
C PRO C 589 -2.19 18.07 -25.68
N CYS C 590 -1.02 17.48 -25.86
CA CYS C 590 -0.64 16.91 -27.15
C CYS C 590 -1.61 15.79 -27.50
N SER C 591 -1.96 15.71 -28.79
CA SER C 591 -3.03 14.83 -29.23
C SER C 591 -2.67 13.38 -29.01
N PHE C 592 -3.62 12.62 -28.46
CA PHE C 592 -3.40 11.22 -28.16
C PHE C 592 -4.72 10.48 -28.31
N GLY C 593 -4.62 9.18 -28.49
CA GLY C 593 -5.80 8.34 -28.59
C GLY C 593 -5.40 6.93 -28.89
N GLY C 594 -6.35 6.02 -28.66
CA GLY C 594 -6.10 4.63 -28.95
C GLY C 594 -6.02 4.37 -30.44
N VAL C 595 -5.19 3.41 -30.82
CA VAL C 595 -5.08 2.95 -32.19
C VAL C 595 -5.61 1.53 -32.24
N SER C 596 -6.47 1.27 -33.22
CA SER C 596 -7.17 0.00 -33.30
C SER C 596 -7.20 -0.47 -34.75
N VAL C 597 -7.22 -1.79 -34.92
CA VAL C 597 -7.15 -2.38 -36.24
C VAL C 597 -8.54 -2.77 -36.70
N ILE C 598 -8.68 -2.94 -38.02
CA ILE C 598 -9.87 -3.52 -38.63
C ILE C 598 -9.41 -4.75 -39.39
N THR C 599 -9.64 -5.93 -38.81
CA THR C 599 -9.18 -7.17 -39.41
C THR C 599 -10.40 -7.96 -39.88
N PRO C 600 -10.44 -8.35 -41.14
CA PRO C 600 -11.55 -9.19 -41.62
C PRO C 600 -11.35 -10.66 -41.32
N GLY C 601 -10.40 -10.97 -40.44
CA GLY C 601 -10.10 -12.34 -40.11
C GLY C 601 -8.89 -12.86 -40.85
N THR C 602 -7.97 -13.52 -40.14
CA THR C 602 -6.80 -14.12 -40.77
C THR C 602 -7.21 -15.26 -41.70
N ASN C 603 -8.33 -15.91 -41.39
CA ASN C 603 -8.86 -16.99 -42.21
C ASN C 603 -9.24 -16.50 -43.61
N THR C 604 -9.64 -15.23 -43.75
CA THR C 604 -10.02 -14.67 -45.03
C THR C 604 -8.89 -13.96 -45.74
N SER C 605 -8.22 -13.02 -45.08
CA SER C 605 -7.16 -12.26 -45.74
C SER C 605 -6.19 -11.73 -44.68
N ASN C 606 -4.97 -11.44 -45.13
CA ASN C 606 -3.96 -10.83 -44.28
C ASN C 606 -4.08 -9.31 -44.21
N GLN C 607 -5.01 -8.72 -44.95
CA GLN C 607 -5.10 -7.28 -45.02
C GLN C 607 -5.66 -6.71 -43.71
N VAL C 608 -5.35 -5.44 -43.45
CA VAL C 608 -5.72 -4.79 -42.21
C VAL C 608 -5.95 -3.31 -42.49
N ALA C 609 -6.84 -2.70 -41.72
CA ALA C 609 -7.06 -1.27 -41.76
C ALA C 609 -6.95 -0.72 -40.34
N VAL C 610 -6.39 0.48 -40.22
CA VAL C 610 -5.95 1.02 -38.94
C VAL C 610 -6.81 2.23 -38.60
N LEU C 611 -7.37 2.22 -37.39
CA LEU C 611 -8.19 3.32 -36.90
C LEU C 611 -7.49 3.98 -35.73
N TYR C 612 -7.24 5.28 -35.85
CA TYR C 612 -6.79 6.10 -34.74
C TYR C 612 -8.01 6.80 -34.17
N GLN C 613 -8.28 6.58 -32.88
CA GLN C 613 -9.60 6.88 -32.34
C GLN C 613 -9.89 8.37 -32.20
N ASP C 614 -8.88 9.22 -31.99
CA ASP C 614 -9.12 10.66 -32.08
C ASP C 614 -7.81 11.32 -32.54
N VAL C 615 -7.65 11.44 -33.86
CA VAL C 615 -6.48 12.03 -34.48
C VAL C 615 -6.97 12.83 -35.69
N ASN C 616 -6.44 14.04 -35.84
CA ASN C 616 -6.84 14.90 -36.96
C ASN C 616 -6.32 14.37 -38.30
N CYS C 617 -5.20 13.66 -38.20
CA CYS C 617 -4.44 13.07 -39.29
C CYS C 617 -3.61 14.05 -40.07
N THR C 618 -3.50 15.26 -39.51
CA THR C 618 -2.60 16.27 -40.04
C THR C 618 -1.19 15.72 -39.76
N GLU C 619 -1.03 15.21 -38.53
CA GLU C 619 0.18 14.54 -38.08
C GLU C 619 -0.28 13.10 -37.99
N VAL C 620 0.42 12.24 -38.74
CA VAL C 620 0.17 10.80 -38.89
C VAL C 620 -0.33 10.13 -37.63
N ASN C 641 -4.15 6.78 -48.62
CA ASN C 641 -5.58 6.51 -48.45
C ASN C 641 -6.02 6.82 -47.02
N VAL C 642 -5.95 8.08 -46.64
CA VAL C 642 -6.34 8.53 -45.30
C VAL C 642 -7.76 9.07 -45.39
N PHE C 643 -8.68 8.42 -44.68
CA PHE C 643 -10.09 8.76 -44.72
C PHE C 643 -10.54 9.17 -43.32
N GLN C 644 -11.24 10.29 -43.25
CA GLN C 644 -11.64 10.86 -41.97
C GLN C 644 -13.06 10.41 -41.60
N THR C 645 -13.23 10.03 -40.35
CA THR C 645 -14.53 9.69 -39.80
C THR C 645 -14.87 10.65 -38.68
N ARG C 646 -16.12 10.60 -38.23
CA ARG C 646 -16.49 11.33 -37.02
C ARG C 646 -16.07 10.59 -35.76
N ALA C 647 -15.62 9.35 -35.90
CA ALA C 647 -15.18 8.53 -34.77
C ALA C 647 -13.66 8.44 -34.69
N GLY C 648 -12.94 9.28 -35.42
CA GLY C 648 -11.49 9.18 -35.48
C GLY C 648 -10.98 9.26 -36.89
N CYS C 649 -9.78 8.74 -37.12
CA CYS C 649 -9.15 8.77 -38.43
C CYS C 649 -8.82 7.34 -38.86
N LEU C 650 -9.31 6.94 -40.02
CA LEU C 650 -9.22 5.57 -40.49
C LEU C 650 -8.32 5.53 -41.72
N ILE C 651 -7.21 4.81 -41.62
CA ILE C 651 -6.22 4.74 -42.68
C ILE C 651 -6.11 3.31 -43.16
N GLY C 652 -6.15 3.12 -44.47
CA GLY C 652 -6.10 1.80 -45.06
C GLY C 652 -7.44 1.25 -45.52
N ALA C 653 -8.51 2.02 -45.40
CA ALA C 653 -9.84 1.57 -45.80
C ALA C 653 -10.40 2.49 -46.87
N GLU C 654 -11.08 1.89 -47.85
CA GLU C 654 -11.63 2.62 -48.98
C GLU C 654 -13.03 3.10 -48.63
N HIS C 655 -13.31 4.38 -48.87
CA HIS C 655 -14.63 4.92 -48.60
C HIS C 655 -15.57 4.66 -49.76
N VAL C 656 -16.78 4.19 -49.45
CA VAL C 656 -17.79 3.89 -50.46
C VAL C 656 -19.06 4.64 -50.08
N ASN C 657 -19.90 4.91 -51.08
CA ASN C 657 -21.09 5.73 -50.86
C ASN C 657 -22.30 4.88 -50.53
N ASN C 658 -22.46 3.75 -51.20
CA ASN C 658 -23.58 2.85 -50.91
C ASN C 658 -23.44 2.23 -49.52
N SER C 659 -24.55 1.70 -49.02
CA SER C 659 -24.62 1.27 -47.63
C SER C 659 -24.98 -0.20 -47.56
N TYR C 660 -24.51 -0.85 -46.49
CA TYR C 660 -24.80 -2.25 -46.25
C TYR C 660 -24.98 -2.45 -44.76
N GLU C 661 -25.06 -3.72 -44.35
CA GLU C 661 -25.18 -4.04 -42.93
C GLU C 661 -23.84 -3.85 -42.23
N CYS C 662 -23.88 -3.83 -40.91
CA CYS C 662 -22.68 -3.56 -40.12
C CYS C 662 -21.96 -4.87 -39.81
N ASP C 663 -20.79 -5.05 -40.41
CA ASP C 663 -19.98 -6.22 -40.09
C ASP C 663 -19.01 -5.93 -38.95
N ILE C 664 -18.13 -4.95 -39.14
CA ILE C 664 -17.18 -4.57 -38.11
C ILE C 664 -17.47 -3.14 -37.67
N PRO C 665 -17.93 -2.92 -36.44
CA PRO C 665 -18.27 -1.57 -36.00
C PRO C 665 -17.05 -0.71 -35.81
N ILE C 666 -17.20 0.58 -36.10
CA ILE C 666 -16.16 1.56 -35.87
C ILE C 666 -16.62 2.66 -34.91
N GLY C 667 -17.75 3.28 -35.17
CA GLY C 667 -18.25 4.37 -34.36
C GLY C 667 -18.84 5.49 -35.20
N ALA C 668 -19.79 6.19 -34.59
CA ALA C 668 -20.51 7.30 -35.21
C ALA C 668 -21.18 6.89 -36.52
N GLY C 669 -21.72 5.68 -36.54
CA GLY C 669 -22.50 5.21 -37.66
C GLY C 669 -21.71 4.70 -38.84
N ILE C 670 -20.46 4.32 -38.66
CA ILE C 670 -19.62 3.80 -39.73
C ILE C 670 -19.20 2.39 -39.38
N CYS C 671 -19.40 1.47 -40.33
CA CYS C 671 -18.99 0.08 -40.14
C CYS C 671 -18.18 -0.34 -41.37
N ALA C 672 -17.35 -1.37 -41.18
CA ALA C 672 -16.35 -1.76 -42.17
C ALA C 672 -16.57 -3.22 -42.57
N SER C 673 -16.36 -3.52 -43.84
CA SER C 673 -16.50 -4.88 -44.34
C SER C 673 -15.36 -5.22 -45.31
N TYR C 674 -15.45 -6.41 -45.90
CA TYR C 674 -14.46 -6.91 -46.85
C TYR C 674 -15.22 -7.22 -48.14
N GLN C 675 -15.10 -6.33 -49.13
CA GLN C 675 -16.01 -6.36 -50.27
C GLN C 675 -15.73 -7.54 -51.21
N THR C 676 -14.46 -7.76 -51.54
CA THR C 676 -14.01 -8.77 -52.51
C THR C 676 -14.72 -8.66 -53.86
N GLN C 690 -10.75 -8.23 -51.80
CA GLN C 690 -10.01 -7.37 -52.71
C GLN C 690 -9.63 -6.05 -52.03
N SER C 691 -10.53 -5.53 -51.19
CA SER C 691 -10.26 -4.28 -50.50
C SER C 691 -11.11 -4.21 -49.23
N ILE C 692 -10.67 -3.37 -48.30
CA ILE C 692 -11.40 -3.10 -47.07
C ILE C 692 -12.21 -1.83 -47.27
N ILE C 693 -13.51 -1.91 -47.01
CA ILE C 693 -14.42 -0.80 -47.27
C ILE C 693 -14.89 -0.20 -45.96
N ALA C 694 -15.34 1.05 -46.04
CA ALA C 694 -15.91 1.75 -44.90
C ALA C 694 -17.13 2.51 -45.39
N TYR C 695 -18.25 2.34 -44.70
CA TYR C 695 -19.52 2.89 -45.18
C TYR C 695 -20.38 3.30 -43.99
N THR C 696 -21.36 4.15 -44.26
CA THR C 696 -22.39 4.44 -43.28
C THR C 696 -23.33 3.24 -43.19
N MET C 697 -23.82 2.98 -41.99
CA MET C 697 -24.66 1.81 -41.75
C MET C 697 -25.99 1.94 -42.47
N SER C 698 -26.55 0.79 -42.86
CA SER C 698 -27.91 0.71 -43.37
C SER C 698 -28.79 0.09 -42.31
N LEU C 699 -30.04 0.50 -42.28
CA LEU C 699 -30.96 0.06 -41.23
C LEU C 699 -31.98 -0.93 -41.76
N GLY C 700 -31.60 -1.71 -42.76
CA GLY C 700 -32.54 -2.58 -43.44
C GLY C 700 -33.17 -1.87 -44.62
N ALA C 701 -34.03 -2.60 -45.32
CA ALA C 701 -34.73 -2.02 -46.46
C ALA C 701 -35.80 -1.04 -45.98
N GLU C 702 -36.29 -0.25 -46.92
CA GLU C 702 -37.34 0.72 -46.64
C GLU C 702 -38.64 0.24 -47.26
N ASN C 703 -39.61 -0.08 -46.41
CA ASN C 703 -40.93 -0.52 -46.85
C ASN C 703 -41.96 0.48 -46.37
N SER C 704 -42.30 1.44 -47.22
CA SER C 704 -43.46 2.28 -46.96
C SER C 704 -44.70 1.45 -47.18
N VAL C 705 -45.31 0.98 -46.08
CA VAL C 705 -46.42 0.05 -46.14
C VAL C 705 -47.62 0.73 -46.76
N ALA C 706 -48.28 0.04 -47.70
CA ALA C 706 -49.37 0.64 -48.47
C ALA C 706 -50.61 0.83 -47.59
N TYR C 707 -50.50 1.78 -46.67
CA TYR C 707 -51.60 2.11 -45.79
C TYR C 707 -52.70 2.81 -46.56
N SER C 708 -53.94 2.56 -46.16
CA SER C 708 -55.06 3.22 -46.78
C SER C 708 -56.18 3.30 -45.76
N ASN C 709 -57.22 4.05 -46.11
CA ASN C 709 -58.37 4.22 -45.25
C ASN C 709 -59.15 2.93 -45.07
N ASN C 710 -59.14 2.04 -46.08
CA ASN C 710 -59.93 0.82 -45.99
C ASN C 710 -59.25 -0.43 -46.52
N SER C 711 -57.93 -0.54 -46.42
CA SER C 711 -57.21 -1.68 -46.99
C SER C 711 -56.53 -2.48 -45.89
N ILE C 712 -56.62 -3.81 -45.98
CA ILE C 712 -55.97 -4.70 -45.02
C ILE C 712 -55.17 -5.72 -45.81
N ALA C 713 -54.21 -6.34 -45.15
CA ALA C 713 -53.52 -7.51 -45.66
C ALA C 713 -53.67 -8.63 -44.65
N ILE C 714 -54.29 -9.73 -45.07
CA ILE C 714 -54.55 -10.87 -44.21
C ILE C 714 -53.78 -12.06 -44.77
N PRO C 715 -52.94 -12.73 -43.99
CA PRO C 715 -52.10 -13.80 -44.52
C PRO C 715 -52.93 -15.02 -44.91
N THR C 716 -52.73 -15.50 -46.12
CA THR C 716 -53.43 -16.68 -46.60
C THR C 716 -52.65 -17.96 -46.35
N ASN C 717 -51.56 -17.88 -45.59
CA ASN C 717 -50.70 -19.03 -45.37
C ASN C 717 -49.80 -18.72 -44.17
N PHE C 718 -48.91 -19.67 -43.85
CA PHE C 718 -48.01 -19.49 -42.72
C PHE C 718 -46.77 -20.33 -42.93
N THR C 719 -45.74 -20.02 -42.14
CA THR C 719 -44.54 -20.83 -42.03
C THR C 719 -44.20 -20.94 -40.56
N ILE C 720 -44.25 -22.14 -40.01
CA ILE C 720 -43.80 -22.34 -38.64
C ILE C 720 -42.29 -22.47 -38.64
N SER C 721 -41.65 -21.78 -37.71
CA SER C 721 -40.19 -21.68 -37.68
C SER C 721 -39.71 -21.84 -36.25
N VAL C 722 -38.66 -22.63 -36.08
CA VAL C 722 -38.08 -22.87 -34.77
C VAL C 722 -36.76 -22.12 -34.70
N THR C 723 -36.64 -21.22 -33.74
CA THR C 723 -35.46 -20.38 -33.59
C THR C 723 -34.79 -20.69 -32.26
N THR C 724 -33.47 -20.78 -32.26
CA THR C 724 -32.75 -21.12 -31.04
C THR C 724 -32.44 -19.86 -30.24
N GLU C 725 -32.38 -20.02 -28.92
CA GLU C 725 -31.99 -18.95 -28.01
C GLU C 725 -31.10 -19.54 -26.94
N ILE C 726 -29.88 -19.02 -26.85
CA ILE C 726 -28.84 -19.59 -25.99
C ILE C 726 -28.62 -18.66 -24.82
N LEU C 727 -28.72 -19.20 -23.61
CA LEU C 727 -28.56 -18.41 -22.40
C LEU C 727 -27.56 -19.10 -21.47
N PRO C 728 -26.76 -18.33 -20.76
CA PRO C 728 -25.91 -18.93 -19.72
C PRO C 728 -26.67 -19.11 -18.43
N VAL C 729 -26.41 -20.23 -17.76
CA VAL C 729 -26.99 -20.48 -16.45
C VAL C 729 -25.95 -20.57 -15.34
N SER C 730 -24.75 -21.08 -15.59
CA SER C 730 -23.78 -21.29 -14.54
C SER C 730 -22.39 -20.93 -15.03
N MET C 731 -21.52 -20.60 -14.09
CA MET C 731 -20.08 -20.53 -14.32
C MET C 731 -19.42 -21.61 -13.48
N THR C 732 -18.11 -21.77 -13.69
CA THR C 732 -17.38 -22.80 -12.97
C THR C 732 -17.28 -22.45 -11.49
N LYS C 733 -17.60 -23.42 -10.63
CA LYS C 733 -17.56 -23.21 -9.18
C LYS C 733 -16.11 -23.22 -8.71
N THR C 734 -15.49 -22.05 -8.86
CA THR C 734 -14.09 -21.92 -8.48
C THR C 734 -13.95 -21.62 -7.00
N SER C 735 -12.76 -21.86 -6.47
CA SER C 735 -12.44 -21.55 -5.09
C SER C 735 -10.92 -21.44 -4.99
N VAL C 736 -10.47 -20.50 -4.17
CA VAL C 736 -9.04 -20.27 -3.98
C VAL C 736 -8.71 -20.49 -2.51
N ASP C 737 -7.54 -21.07 -2.26
CA ASP C 737 -7.01 -21.15 -0.90
C ASP C 737 -6.24 -19.86 -0.69
N CYS C 738 -6.81 -18.98 0.11
CA CYS C 738 -6.28 -17.63 0.29
C CYS C 738 -4.87 -17.60 0.87
N THR C 739 -4.66 -18.33 1.97
CA THR C 739 -3.33 -18.37 2.57
C THR C 739 -2.31 -19.02 1.66
N MET C 740 -2.71 -20.08 0.95
CA MET C 740 -1.78 -20.78 0.07
C MET C 740 -1.53 -19.98 -1.20
N TYR C 741 -2.45 -19.10 -1.58
CA TYR C 741 -2.19 -18.23 -2.73
C TYR C 741 -1.27 -17.09 -2.36
N ILE C 742 -1.61 -16.37 -1.29
CA ILE C 742 -0.85 -15.17 -0.92
C ILE C 742 0.52 -15.54 -0.39
N CYS C 743 0.58 -16.54 0.49
CA CYS C 743 1.82 -16.82 1.20
C CYS C 743 2.50 -18.09 0.68
N GLY C 744 1.79 -18.97 -0.01
CA GLY C 744 2.45 -20.09 -0.64
C GLY C 744 3.03 -21.12 0.31
N ASP C 745 2.32 -21.45 1.38
CA ASP C 745 2.71 -22.48 2.35
C ASP C 745 4.04 -22.15 3.02
N SER C 746 4.11 -20.98 3.64
CA SER C 746 5.23 -20.57 4.47
C SER C 746 4.68 -20.04 5.78
N THR C 747 5.52 -19.96 6.81
CA THR C 747 5.04 -19.50 8.10
C THR C 747 5.37 -18.03 8.34
N GLU C 748 6.55 -17.58 7.88
CA GLU C 748 7.00 -16.22 8.10
C GLU C 748 6.11 -15.19 7.40
N CYS C 749 5.43 -15.59 6.32
CA CYS C 749 4.47 -14.75 5.65
C CYS C 749 3.02 -15.02 6.03
N SER C 750 2.70 -16.22 6.50
CA SER C 750 1.35 -16.45 7.03
C SER C 750 1.15 -15.66 8.32
N ASN C 751 2.18 -15.61 9.16
CA ASN C 751 2.10 -14.79 10.37
C ASN C 751 1.99 -13.30 10.05
N LEU C 752 2.53 -12.86 8.92
CA LEU C 752 2.35 -11.47 8.50
C LEU C 752 0.96 -11.27 7.91
N LEU C 753 0.42 -12.28 7.23
CA LEU C 753 -0.92 -12.17 6.66
C LEU C 753 -1.98 -12.14 7.75
N LEU C 754 -1.68 -12.73 8.91
CA LEU C 754 -2.61 -12.65 10.04
C LEU C 754 -2.81 -11.23 10.52
N GLN C 755 -1.84 -10.34 10.27
CA GLN C 755 -1.98 -8.94 10.69
C GLN C 755 -3.01 -8.19 9.86
N TYR C 756 -3.42 -8.71 8.72
CA TYR C 756 -4.35 -8.03 7.83
C TYR C 756 -5.80 -8.35 8.13
N GLY C 757 -6.07 -9.03 9.25
CA GLY C 757 -7.45 -9.24 9.65
C GLY C 757 -8.12 -10.34 8.84
N SER C 758 -9.44 -10.22 8.71
CA SER C 758 -10.25 -11.26 8.09
C SER C 758 -10.48 -11.04 6.59
N PHE C 759 -9.58 -10.32 5.90
CA PHE C 759 -9.63 -10.26 4.44
C PHE C 759 -9.58 -11.64 3.84
N CYS C 760 -8.72 -12.48 4.39
CA CYS C 760 -8.35 -13.74 3.80
C CYS C 760 -9.40 -14.81 4.07
N THR C 761 -10.39 -14.50 4.92
CA THR C 761 -11.58 -15.31 5.08
C THR C 761 -12.79 -14.71 4.39
N GLN C 762 -12.85 -13.38 4.26
CA GLN C 762 -13.90 -12.75 3.47
C GLN C 762 -13.85 -13.20 2.02
N LEU C 763 -12.64 -13.33 1.47
CA LEU C 763 -12.53 -13.74 0.08
C LEU C 763 -13.02 -15.18 -0.12
N ASN C 764 -12.66 -16.08 0.80
CA ASN C 764 -13.16 -17.45 0.71
C ASN C 764 -14.67 -17.52 0.90
N ARG C 765 -15.21 -16.68 1.79
CA ARG C 765 -16.65 -16.66 1.99
C ARG C 765 -17.38 -16.18 0.75
N ALA C 766 -16.85 -15.15 0.08
CA ALA C 766 -17.49 -14.65 -1.13
C ALA C 766 -17.42 -15.67 -2.27
N LEU C 767 -16.28 -16.35 -2.40
CA LEU C 767 -16.17 -17.36 -3.46
C LEU C 767 -17.07 -18.55 -3.18
N THR C 768 -17.21 -18.96 -1.91
CA THR C 768 -18.15 -20.02 -1.58
C THR C 768 -19.58 -19.58 -1.82
N GLY C 769 -19.87 -18.29 -1.59
CA GLY C 769 -21.19 -17.76 -1.85
C GLY C 769 -21.57 -17.81 -3.31
N ILE C 770 -20.62 -17.50 -4.20
CA ILE C 770 -20.96 -17.63 -5.62
C ILE C 770 -20.93 -19.09 -6.07
N ALA C 771 -20.13 -19.93 -5.41
CA ALA C 771 -20.08 -21.34 -5.78
C ALA C 771 -21.40 -22.05 -5.47
N VAL C 772 -22.00 -21.73 -4.33
CA VAL C 772 -23.31 -22.31 -4.04
C VAL C 772 -24.38 -21.66 -4.90
N GLU C 773 -24.16 -20.43 -5.34
CA GLU C 773 -25.17 -19.74 -6.15
C GLU C 773 -25.24 -20.32 -7.56
N GLN C 774 -24.14 -20.85 -8.08
CA GLN C 774 -24.20 -21.51 -9.39
C GLN C 774 -25.10 -22.74 -9.37
N ASP C 775 -24.96 -23.60 -8.35
CA ASP C 775 -25.86 -24.74 -8.22
C ASP C 775 -27.27 -24.33 -7.81
N LYS C 776 -27.42 -23.16 -7.19
CA LYS C 776 -28.76 -22.62 -7.02
C LYS C 776 -29.37 -22.26 -8.37
N ASN C 777 -28.57 -21.68 -9.27
CA ASN C 777 -29.06 -21.26 -10.58
C ASN C 777 -29.48 -22.45 -11.43
N THR C 778 -28.64 -23.49 -11.48
CA THR C 778 -28.97 -24.64 -12.31
C THR C 778 -30.20 -25.37 -11.79
N GLN C 779 -30.37 -25.42 -10.47
CA GLN C 779 -31.55 -26.06 -9.89
C GLN C 779 -32.79 -25.19 -10.08
N GLU C 780 -32.63 -23.87 -10.09
CA GLU C 780 -33.75 -22.99 -10.37
C GLU C 780 -34.20 -23.12 -11.81
N VAL C 781 -33.27 -23.35 -12.73
CA VAL C 781 -33.65 -23.44 -14.14
C VAL C 781 -34.21 -24.82 -14.46
N PHE C 782 -33.42 -25.87 -14.26
CA PHE C 782 -33.78 -27.17 -14.82
C PHE C 782 -34.67 -28.02 -13.94
N ALA C 783 -34.76 -27.74 -12.63
CA ALA C 783 -35.48 -28.64 -11.74
C ALA C 783 -36.88 -28.12 -11.44
N GLN C 784 -37.53 -27.50 -12.42
CA GLN C 784 -38.88 -26.99 -12.22
C GLN C 784 -39.96 -28.06 -12.39
N VAL C 785 -39.59 -29.26 -12.84
CA VAL C 785 -40.54 -30.35 -12.97
C VAL C 785 -40.32 -31.32 -11.82
N LYS C 786 -41.42 -31.75 -11.19
CA LYS C 786 -41.33 -32.56 -9.98
C LYS C 786 -41.05 -34.03 -10.26
N GLN C 787 -41.36 -34.52 -11.45
CA GLN C 787 -41.22 -35.94 -11.74
C GLN C 787 -40.48 -36.12 -13.04
N ILE C 788 -39.90 -37.30 -13.24
CA ILE C 788 -39.19 -37.62 -14.46
C ILE C 788 -40.16 -38.31 -15.40
N TYR C 789 -40.60 -37.58 -16.42
CA TYR C 789 -41.57 -38.12 -17.37
C TYR C 789 -40.85 -38.83 -18.50
N LYS C 790 -41.33 -40.02 -18.85
CA LYS C 790 -40.74 -40.82 -19.90
C LYS C 790 -41.64 -40.79 -21.14
N THR C 791 -41.05 -40.54 -22.29
CA THR C 791 -41.79 -40.60 -23.54
C THR C 791 -42.16 -42.06 -23.83
N PRO C 792 -43.31 -42.31 -24.46
CA PRO C 792 -43.69 -43.68 -24.79
C PRO C 792 -42.75 -44.28 -25.82
N PRO C 793 -42.61 -45.62 -25.83
CA PRO C 793 -41.77 -46.25 -26.86
C PRO C 793 -42.27 -46.04 -28.27
N ILE C 794 -43.58 -45.95 -28.46
CA ILE C 794 -44.16 -45.61 -29.75
C ILE C 794 -44.26 -44.10 -29.85
N LYS C 795 -43.78 -43.54 -30.96
CA LYS C 795 -43.62 -42.10 -31.05
C LYS C 795 -44.46 -41.51 -32.18
N ASP C 796 -45.72 -41.93 -32.28
CA ASP C 796 -46.65 -41.41 -33.29
C ASP C 796 -47.24 -40.09 -32.80
N PHE C 797 -46.43 -39.03 -32.89
CA PHE C 797 -46.87 -37.73 -32.43
C PHE C 797 -47.48 -36.91 -33.56
N GLY C 798 -48.45 -37.49 -34.25
CA GLY C 798 -49.17 -36.77 -35.29
C GLY C 798 -48.34 -36.43 -36.51
N GLY C 799 -47.25 -37.16 -36.72
CA GLY C 799 -46.35 -36.90 -37.82
C GLY C 799 -45.20 -35.99 -37.50
N PHE C 800 -45.16 -35.41 -36.29
CA PHE C 800 -44.05 -34.58 -35.87
C PHE C 800 -42.89 -35.50 -35.50
N ASN C 801 -41.71 -35.27 -36.08
CA ASN C 801 -40.56 -36.12 -35.83
C ASN C 801 -39.70 -35.47 -34.76
N PHE C 802 -39.76 -36.06 -33.55
CA PHE C 802 -39.05 -35.53 -32.39
C PHE C 802 -37.75 -36.27 -32.11
N SER C 803 -37.23 -37.07 -33.04
CA SER C 803 -36.08 -37.90 -32.75
C SER C 803 -34.79 -37.11 -32.60
N GLN C 804 -34.74 -35.89 -33.12
CA GLN C 804 -33.51 -35.11 -33.04
C GLN C 804 -33.29 -34.49 -31.66
N ILE C 805 -34.34 -34.34 -30.86
CA ILE C 805 -34.20 -33.70 -29.55
C ILE C 805 -34.56 -34.61 -28.40
N LEU C 806 -35.30 -35.69 -28.61
CA LEU C 806 -35.53 -36.67 -27.56
C LEU C 806 -34.22 -37.40 -27.25
N PRO C 807 -34.06 -37.92 -26.04
CA PRO C 807 -32.80 -38.58 -25.68
C PRO C 807 -32.52 -39.81 -26.53
N ASP C 808 -31.25 -39.98 -26.87
CA ASP C 808 -30.85 -41.07 -27.74
C ASP C 808 -30.76 -42.36 -26.95
N PRO C 809 -31.42 -43.44 -27.40
CA PRO C 809 -31.28 -44.73 -26.70
C PRO C 809 -29.92 -45.40 -26.90
N SER C 810 -29.07 -44.85 -27.77
CA SER C 810 -27.70 -45.35 -28.03
C SER C 810 -26.72 -44.99 -26.91
N LYS C 811 -27.20 -44.27 -25.91
CA LYS C 811 -26.47 -43.85 -24.71
C LYS C 811 -25.21 -43.05 -25.00
N PRO C 812 -25.32 -41.79 -25.47
CA PRO C 812 -24.18 -40.85 -25.32
C PRO C 812 -24.28 -40.09 -24.02
N SER C 813 -24.23 -40.83 -22.90
CA SER C 813 -24.61 -40.35 -21.56
C SER C 813 -26.02 -39.78 -21.57
N LYS C 814 -26.92 -40.47 -22.29
CA LYS C 814 -28.35 -40.18 -22.38
C LYS C 814 -28.65 -38.79 -22.91
N ARG C 815 -27.73 -38.20 -23.67
CA ARG C 815 -27.99 -36.89 -24.27
C ARG C 815 -28.82 -37.05 -25.53
N SER C 816 -29.32 -35.92 -26.03
CA SER C 816 -30.03 -35.93 -27.30
C SER C 816 -29.03 -35.91 -28.45
N PHE C 817 -29.58 -35.83 -29.66
CA PHE C 817 -28.72 -35.62 -30.83
C PHE C 817 -28.21 -34.19 -30.87
N ILE C 818 -29.10 -33.22 -30.66
CA ILE C 818 -28.71 -31.82 -30.71
C ILE C 818 -27.86 -31.45 -29.51
N GLU C 819 -28.20 -31.98 -28.32
CA GLU C 819 -27.43 -31.68 -27.11
C GLU C 819 -26.01 -32.21 -27.22
N ASP C 820 -25.85 -33.39 -27.82
CA ASP C 820 -24.54 -33.94 -28.10
C ASP C 820 -23.73 -33.08 -29.07
N LEU C 821 -24.41 -32.38 -29.99
CA LEU C 821 -23.73 -31.44 -30.87
C LEU C 821 -23.36 -30.16 -30.11
N LEU C 822 -24.21 -29.73 -29.18
CA LEU C 822 -23.91 -28.56 -28.38
C LEU C 822 -22.71 -28.80 -27.47
N PHE C 823 -22.60 -30.00 -26.90
CA PHE C 823 -21.47 -30.31 -26.04
C PHE C 823 -20.16 -30.46 -26.80
N ASN C 824 -20.21 -30.61 -28.12
CA ASN C 824 -19.01 -30.63 -28.93
C ASN C 824 -18.69 -29.28 -29.56
N LYS C 825 -19.69 -28.41 -29.70
CA LYS C 825 -19.47 -27.12 -30.34
C LYS C 825 -18.73 -26.11 -29.45
N VAL C 826 -18.64 -26.35 -28.15
CA VAL C 826 -17.87 -25.48 -27.26
C VAL C 826 -16.82 -26.33 -26.55
N THR C 827 -15.62 -25.76 -26.40
CA THR C 827 -14.50 -26.46 -25.81
C THR C 827 -13.84 -25.55 -24.78
N LEU C 828 -13.26 -26.18 -23.75
CA LEU C 828 -12.56 -25.43 -22.70
C LEU C 828 -11.24 -24.87 -23.21
N PHE C 855 -1.98 -25.23 -10.77
CA PHE C 855 -2.80 -25.24 -9.57
C PHE C 855 -1.98 -24.94 -8.32
N ASN C 856 -2.25 -23.79 -7.71
CA ASN C 856 -1.64 -23.44 -6.42
C ASN C 856 -2.61 -22.59 -5.61
N GLY C 857 -3.39 -23.26 -4.77
CA GLY C 857 -4.44 -22.61 -4.01
C GLY C 857 -5.77 -22.69 -4.70
N LEU C 858 -5.75 -22.66 -6.03
CA LEU C 858 -6.99 -22.72 -6.80
C LEU C 858 -7.54 -24.14 -6.84
N THR C 859 -8.87 -24.23 -6.81
CA THR C 859 -9.56 -25.49 -7.05
C THR C 859 -10.85 -25.19 -7.77
N VAL C 860 -11.34 -26.19 -8.49
CA VAL C 860 -12.57 -26.07 -9.26
C VAL C 860 -13.53 -27.12 -8.72
N LEU C 861 -14.48 -26.68 -7.90
CA LEU C 861 -15.47 -27.60 -7.35
C LEU C 861 -16.39 -28.11 -8.46
N PRO C 862 -16.70 -29.41 -8.45
CA PRO C 862 -17.63 -29.93 -9.45
C PRO C 862 -19.03 -29.46 -9.18
N PRO C 863 -19.86 -29.30 -10.21
CA PRO C 863 -21.24 -28.91 -9.99
C PRO C 863 -22.03 -30.04 -9.34
N LEU C 864 -23.07 -29.65 -8.61
CA LEU C 864 -23.90 -30.63 -7.92
C LEU C 864 -24.65 -31.51 -8.91
N LEU C 865 -25.20 -30.91 -9.96
CA LEU C 865 -25.82 -31.66 -11.04
C LEU C 865 -24.81 -31.87 -12.15
N THR C 866 -24.53 -33.12 -12.49
CA THR C 866 -23.65 -33.39 -13.60
C THR C 866 -24.40 -33.19 -14.93
N ASP C 867 -23.69 -33.46 -16.02
CA ASP C 867 -24.30 -33.29 -17.34
C ASP C 867 -25.41 -34.31 -17.58
N GLU C 868 -25.27 -35.51 -17.02
CA GLU C 868 -26.29 -36.54 -17.21
C GLU C 868 -27.61 -36.17 -16.53
N MET C 869 -27.56 -35.63 -15.31
CA MET C 869 -28.79 -35.27 -14.61
C MET C 869 -29.45 -34.05 -15.22
N ILE C 870 -28.65 -33.09 -15.71
CA ILE C 870 -29.21 -31.96 -16.44
C ILE C 870 -29.88 -32.44 -17.72
N ALA C 871 -29.24 -33.38 -18.42
CA ALA C 871 -29.83 -33.99 -19.60
C ALA C 871 -31.12 -34.72 -19.27
N GLN C 872 -31.20 -35.35 -18.12
CA GLN C 872 -32.40 -36.05 -17.71
C GLN C 872 -33.54 -35.10 -17.32
N TYR C 873 -33.23 -33.97 -16.69
CA TYR C 873 -34.23 -32.91 -16.54
C TYR C 873 -34.72 -32.38 -17.89
N THR C 874 -33.83 -32.17 -18.85
CA THR C 874 -34.28 -31.70 -20.15
C THR C 874 -35.15 -32.74 -20.84
N SER C 875 -34.80 -34.02 -20.68
CA SER C 875 -35.63 -35.09 -21.21
C SER C 875 -36.99 -35.14 -20.53
N ALA C 876 -37.04 -34.93 -19.21
CA ALA C 876 -38.32 -34.95 -18.50
C ALA C 876 -39.20 -33.78 -18.93
N LEU C 877 -38.63 -32.59 -19.05
CA LEU C 877 -39.40 -31.43 -19.49
C LEU C 877 -39.85 -31.59 -20.93
N LEU C 878 -38.99 -32.15 -21.78
CA LEU C 878 -39.36 -32.39 -23.17
C LEU C 878 -40.49 -33.41 -23.28
N ALA C 879 -40.43 -34.49 -22.49
CA ALA C 879 -41.50 -35.47 -22.50
C ALA C 879 -42.80 -34.89 -21.96
N GLY C 880 -42.71 -34.02 -20.95
CA GLY C 880 -43.88 -33.34 -20.43
C GLY C 880 -44.53 -32.43 -21.46
N THR C 881 -43.73 -31.67 -22.20
CA THR C 881 -44.29 -30.78 -23.21
C THR C 881 -44.87 -31.58 -24.38
N ILE C 882 -44.22 -32.68 -24.76
CA ILE C 882 -44.69 -33.46 -25.89
C ILE C 882 -45.98 -34.18 -25.54
N THR C 883 -46.08 -34.75 -24.34
CA THR C 883 -47.26 -35.52 -23.95
C THR C 883 -48.41 -34.67 -23.43
N SER C 884 -48.15 -33.72 -22.54
CA SER C 884 -49.24 -33.09 -21.80
C SER C 884 -49.38 -31.59 -21.98
N GLY C 885 -48.36 -30.88 -22.46
CA GLY C 885 -48.53 -29.46 -22.69
C GLY C 885 -48.50 -28.65 -21.40
N TRP C 886 -49.62 -27.98 -21.11
CA TRP C 886 -49.72 -27.16 -19.91
C TRP C 886 -49.62 -27.99 -18.64
N THR C 887 -50.31 -29.13 -18.61
CA THR C 887 -50.77 -29.69 -17.35
C THR C 887 -49.63 -30.24 -16.50
N PHE C 888 -48.46 -30.49 -17.08
CA PHE C 888 -47.37 -30.99 -16.25
C PHE C 888 -46.61 -29.87 -15.56
N GLY C 889 -47.00 -28.62 -15.78
CA GLY C 889 -46.46 -27.51 -15.02
C GLY C 889 -47.44 -26.99 -14.00
N ALA C 890 -48.72 -26.98 -14.35
CA ALA C 890 -49.75 -26.45 -13.47
C ALA C 890 -50.30 -27.50 -12.52
N GLY C 891 -49.96 -28.77 -12.70
CA GLY C 891 -50.45 -29.82 -11.83
C GLY C 891 -49.96 -31.18 -12.24
N ALA C 892 -50.81 -32.20 -12.06
CA ALA C 892 -50.48 -33.54 -12.52
C ALA C 892 -50.45 -33.57 -14.05
N ALA C 893 -49.56 -34.37 -14.61
CA ALA C 893 -49.44 -34.46 -16.06
C ALA C 893 -50.63 -35.22 -16.62
N LEU C 894 -51.36 -34.58 -17.53
CA LEU C 894 -52.56 -35.16 -18.13
C LEU C 894 -52.31 -35.30 -19.63
N GLN C 895 -52.27 -36.54 -20.10
CA GLN C 895 -51.91 -36.79 -21.48
C GLN C 895 -52.98 -36.26 -22.43
N ILE C 896 -52.55 -35.93 -23.65
CA ILE C 896 -53.40 -35.36 -24.67
C ILE C 896 -52.73 -35.71 -26.00
N PRO C 897 -53.47 -36.01 -27.06
CA PRO C 897 -52.81 -36.24 -28.35
C PRO C 897 -52.12 -34.97 -28.81
N PHE C 898 -50.97 -35.15 -29.47
CA PHE C 898 -50.15 -34.00 -29.81
C PHE C 898 -50.80 -33.15 -30.88
N ALA C 899 -51.60 -33.76 -31.75
CA ALA C 899 -52.38 -32.96 -32.69
C ALA C 899 -53.37 -32.07 -31.93
N MET C 900 -53.99 -32.59 -30.89
CA MET C 900 -54.91 -31.77 -30.12
C MET C 900 -54.19 -30.71 -29.31
N GLN C 901 -52.97 -31.00 -28.86
CA GLN C 901 -52.18 -29.97 -28.17
C GLN C 901 -51.80 -28.86 -29.13
N MET C 902 -51.44 -29.21 -30.37
CA MET C 902 -51.18 -28.19 -31.37
C MET C 902 -52.44 -27.40 -31.71
N ALA C 903 -53.60 -28.05 -31.65
CA ALA C 903 -54.86 -27.34 -31.86
C ALA C 903 -55.13 -26.35 -30.73
N TYR C 904 -54.87 -26.76 -29.49
CA TYR C 904 -54.93 -25.86 -28.35
C TYR C 904 -54.02 -24.66 -28.56
N ARG C 905 -52.79 -24.90 -29.01
CA ARG C 905 -51.80 -23.83 -29.09
C ARG C 905 -52.08 -22.89 -30.25
N PHE C 906 -52.66 -23.40 -31.35
CA PHE C 906 -53.17 -22.49 -32.37
C PHE C 906 -54.35 -21.69 -31.85
N ASN C 907 -55.24 -22.34 -31.10
CA ASN C 907 -56.42 -21.65 -30.58
C ASN C 907 -56.04 -20.59 -29.55
N GLY C 908 -54.86 -20.70 -28.95
CA GLY C 908 -54.36 -19.67 -28.08
C GLY C 908 -54.02 -18.38 -28.79
N ILE C 909 -53.50 -18.47 -30.01
CA ILE C 909 -52.97 -17.30 -30.70
C ILE C 909 -53.96 -16.78 -31.73
N GLY C 910 -55.24 -17.11 -31.56
CA GLY C 910 -56.27 -16.50 -32.38
C GLY C 910 -56.46 -17.12 -33.74
N VAL C 911 -55.95 -18.32 -33.95
CA VAL C 911 -56.15 -19.07 -35.18
C VAL C 911 -56.93 -20.32 -34.84
N THR C 912 -58.07 -20.51 -35.49
CA THR C 912 -58.95 -21.62 -35.16
C THR C 912 -58.29 -22.96 -35.50
N GLN C 913 -58.68 -24.00 -34.76
CA GLN C 913 -57.97 -25.27 -34.84
C GLN C 913 -58.18 -26.01 -36.16
N ASN C 914 -59.18 -25.61 -36.95
CA ASN C 914 -59.37 -26.26 -38.24
C ASN C 914 -58.25 -25.91 -39.19
N VAL C 915 -57.61 -24.75 -39.00
CA VAL C 915 -56.41 -24.40 -39.74
C VAL C 915 -55.29 -25.38 -39.47
N LEU C 916 -55.18 -25.88 -38.23
CA LEU C 916 -54.28 -27.00 -37.97
C LEU C 916 -54.75 -28.25 -38.69
N TYR C 917 -55.95 -28.73 -38.35
CA TYR C 917 -56.35 -30.08 -38.73
C TYR C 917 -56.48 -30.26 -40.24
N GLU C 918 -56.69 -29.17 -40.99
CA GLU C 918 -56.70 -29.29 -42.44
C GLU C 918 -55.31 -29.20 -43.04
N ASN C 919 -54.30 -28.80 -42.26
CA ASN C 919 -52.95 -28.63 -42.76
C ASN C 919 -51.92 -29.37 -41.92
N GLN C 920 -52.34 -30.41 -41.19
CA GLN C 920 -51.48 -31.11 -40.25
C GLN C 920 -50.25 -31.71 -40.94
N LYS C 921 -50.43 -32.27 -42.14
CA LYS C 921 -49.29 -32.87 -42.84
C LYS C 921 -48.26 -31.81 -43.23
N LEU C 922 -48.72 -30.68 -43.74
CA LEU C 922 -47.82 -29.59 -44.13
C LEU C 922 -47.13 -29.01 -42.90
N ILE C 923 -47.85 -28.90 -41.78
CA ILE C 923 -47.27 -28.34 -40.56
C ILE C 923 -46.23 -29.30 -39.99
N ALA C 924 -46.49 -30.60 -40.04
CA ALA C 924 -45.51 -31.58 -39.60
C ALA C 924 -44.26 -31.54 -40.46
N ASN C 925 -44.43 -31.43 -41.79
CA ASN C 925 -43.28 -31.35 -42.67
C ASN C 925 -42.47 -30.07 -42.44
N GLN C 926 -43.15 -28.94 -42.21
CA GLN C 926 -42.44 -27.70 -41.93
C GLN C 926 -41.68 -27.77 -40.60
N PHE C 927 -42.28 -28.40 -39.59
CA PHE C 927 -41.60 -28.53 -38.30
C PHE C 927 -40.38 -29.41 -38.42
N ASN C 928 -40.49 -30.53 -39.15
CA ASN C 928 -39.34 -31.41 -39.34
C ASN C 928 -38.24 -30.73 -40.13
N SER C 929 -38.61 -29.95 -41.16
CA SER C 929 -37.59 -29.23 -41.91
C SER C 929 -36.94 -28.13 -41.08
N ALA C 930 -37.69 -27.51 -40.18
CA ALA C 930 -37.10 -26.50 -39.29
C ALA C 930 -36.12 -27.13 -38.32
N ILE C 931 -36.47 -28.31 -37.77
CA ILE C 931 -35.54 -29.00 -36.87
C ILE C 931 -34.29 -29.44 -37.62
N GLY C 932 -34.46 -29.92 -38.86
CA GLY C 932 -33.30 -30.27 -39.67
C GLY C 932 -32.42 -29.08 -39.98
N LYS C 933 -33.04 -27.93 -40.25
CA LYS C 933 -32.28 -26.70 -40.50
C LYS C 933 -31.51 -26.28 -39.26
N ILE C 934 -32.10 -26.43 -38.07
CA ILE C 934 -31.40 -26.08 -36.83
C ILE C 934 -30.20 -27.00 -36.63
N GLN C 935 -30.39 -28.31 -36.81
CA GLN C 935 -29.28 -29.23 -36.54
C GLN C 935 -28.22 -29.14 -37.62
N ASP C 936 -28.56 -28.63 -38.80
CA ASP C 936 -27.54 -28.32 -39.80
C ASP C 936 -26.81 -27.03 -39.47
N SER C 937 -27.53 -26.04 -38.91
CA SER C 937 -26.93 -24.75 -38.62
C SER C 937 -25.96 -24.84 -37.45
N LEU C 938 -26.30 -25.64 -36.43
CA LEU C 938 -25.45 -25.72 -35.25
C LEU C 938 -24.18 -26.49 -35.53
N SER C 939 -24.16 -27.31 -36.58
CA SER C 939 -23.00 -28.13 -36.89
C SER C 939 -22.02 -27.44 -37.84
N SER C 940 -22.32 -26.22 -38.29
CA SER C 940 -21.43 -25.53 -39.21
C SER C 940 -21.02 -24.15 -38.72
N THR C 941 -21.96 -23.42 -38.12
CA THR C 941 -21.69 -22.06 -37.70
C THR C 941 -20.89 -22.05 -36.41
N ALA C 942 -19.83 -21.24 -36.37
CA ALA C 942 -18.96 -21.22 -35.20
C ALA C 942 -19.47 -20.26 -34.14
N SER C 943 -20.02 -19.12 -34.53
CA SER C 943 -20.47 -18.10 -33.59
C SER C 943 -21.89 -18.33 -33.10
N ALA C 944 -22.43 -19.54 -33.22
CA ALA C 944 -23.78 -19.80 -32.74
C ALA C 944 -23.85 -19.79 -31.21
N LEU C 945 -22.87 -20.41 -30.56
CA LEU C 945 -22.86 -20.56 -29.11
C LEU C 945 -21.92 -19.60 -28.41
N GLY C 946 -21.87 -18.35 -28.87
CA GLY C 946 -20.93 -17.39 -28.31
C GLY C 946 -21.25 -17.01 -26.88
N LYS C 947 -22.53 -17.09 -26.50
CA LYS C 947 -22.93 -16.61 -25.18
C LYS C 947 -22.58 -17.59 -24.08
N LEU C 948 -22.12 -18.79 -24.41
CA LEU C 948 -21.54 -19.73 -23.45
C LEU C 948 -20.03 -19.78 -23.55
N GLN C 949 -19.51 -19.63 -24.77
CA GLN C 949 -18.07 -19.58 -24.97
C GLN C 949 -17.48 -18.37 -24.28
N ASP C 950 -18.20 -17.25 -24.25
CA ASP C 950 -17.73 -16.08 -23.53
C ASP C 950 -17.73 -16.30 -22.02
N VAL C 951 -18.72 -17.02 -21.50
CA VAL C 951 -18.74 -17.36 -20.09
C VAL C 951 -17.56 -18.25 -19.71
N VAL C 952 -17.23 -19.24 -20.53
CA VAL C 952 -16.04 -20.05 -20.28
C VAL C 952 -14.76 -19.22 -20.38
N ASN C 953 -14.67 -18.39 -21.43
CA ASN C 953 -13.44 -17.68 -21.73
C ASN C 953 -13.13 -16.60 -20.70
N GLN C 954 -14.16 -15.91 -20.21
CA GLN C 954 -13.93 -14.85 -19.23
C GLN C 954 -13.45 -15.43 -17.90
N ASN C 955 -14.02 -16.56 -17.48
CA ASN C 955 -13.53 -17.22 -16.27
C ASN C 955 -12.12 -17.74 -16.44
N ALA C 956 -11.82 -18.33 -17.61
CA ALA C 956 -10.47 -18.81 -17.86
C ALA C 956 -9.47 -17.65 -17.91
N GLN C 957 -9.88 -16.51 -18.46
CA GLN C 957 -9.01 -15.34 -18.51
C GLN C 957 -8.76 -14.78 -17.12
N ALA C 958 -9.78 -14.75 -16.27
CA ALA C 958 -9.60 -14.26 -14.91
C ALA C 958 -8.69 -15.18 -14.12
N LEU C 959 -8.84 -16.49 -14.29
CA LEU C 959 -7.96 -17.44 -13.62
C LEU C 959 -6.53 -17.31 -14.10
N ASN C 960 -6.34 -17.17 -15.41
CA ASN C 960 -5.00 -17.04 -15.96
C ASN C 960 -4.33 -15.74 -15.51
N THR C 961 -5.09 -14.65 -15.44
CA THR C 961 -4.53 -13.39 -14.95
C THR C 961 -4.17 -13.49 -13.47
N LEU C 962 -5.01 -14.15 -12.67
CA LEU C 962 -4.71 -14.32 -11.26
C LEU C 962 -3.47 -15.18 -11.06
N VAL C 963 -3.24 -16.17 -11.92
CA VAL C 963 -2.01 -16.95 -11.81
C VAL C 963 -0.80 -16.16 -12.29
N LYS C 964 -0.97 -15.37 -13.36
CA LYS C 964 0.13 -14.54 -13.87
C LYS C 964 0.55 -13.48 -12.86
N GLN C 965 -0.38 -13.02 -12.02
CA GLN C 965 -0.01 -11.99 -11.05
C GLN C 965 0.89 -12.52 -9.93
N LEU C 966 1.07 -13.84 -9.83
CA LEU C 966 2.07 -14.35 -8.90
C LEU C 966 3.49 -14.08 -9.39
N SER C 967 3.67 -13.92 -10.71
CA SER C 967 4.99 -13.68 -11.26
C SER C 967 5.41 -12.22 -11.17
N SER C 968 4.54 -11.34 -10.67
CA SER C 968 4.89 -9.93 -10.57
C SER C 968 5.71 -9.67 -9.32
N ASN C 969 6.68 -8.76 -9.43
CA ASN C 969 7.54 -8.45 -8.29
C ASN C 969 6.84 -7.61 -7.24
N PHE C 970 5.97 -6.70 -7.66
CA PHE C 970 5.32 -5.70 -6.79
C PHE C 970 6.33 -4.87 -6.02
N GLY C 971 7.48 -4.58 -6.62
CA GLY C 971 8.51 -3.81 -5.97
C GLY C 971 9.48 -4.61 -5.13
N ALA C 972 9.23 -5.90 -4.93
CA ALA C 972 10.12 -6.72 -4.13
C ALA C 972 11.35 -7.11 -4.95
N ILE C 973 12.28 -7.79 -4.27
CA ILE C 973 13.51 -8.19 -4.93
C ILE C 973 13.24 -9.30 -5.94
N SER C 974 12.37 -10.25 -5.60
CA SER C 974 12.02 -11.32 -6.53
C SER C 974 10.58 -11.73 -6.29
N SER C 975 9.91 -12.14 -7.35
CA SER C 975 8.51 -12.54 -7.25
C SER C 975 8.34 -13.88 -6.56
N VAL C 976 9.32 -14.77 -6.68
CA VAL C 976 9.28 -16.07 -6.02
C VAL C 976 9.55 -15.84 -4.54
N LEU C 977 8.83 -16.55 -3.69
CA LEU C 977 8.81 -16.20 -2.27
C LEU C 977 9.86 -16.98 -1.48
N ASN C 978 10.17 -18.21 -1.89
CA ASN C 978 11.13 -19.02 -1.16
C ASN C 978 12.57 -18.65 -1.46
N ASP C 979 12.81 -17.77 -2.44
CA ASP C 979 14.14 -17.21 -2.62
C ASP C 979 14.30 -15.93 -1.84
N ILE C 980 13.28 -15.06 -1.89
CA ILE C 980 13.33 -13.80 -1.16
C ILE C 980 13.24 -14.04 0.34
N LEU C 981 12.71 -15.18 0.76
CA LEU C 981 12.76 -15.55 2.16
C LEU C 981 14.12 -16.14 2.52
N SER C 982 14.74 -16.83 1.57
CA SER C 982 16.00 -17.52 1.87
C SER C 982 17.16 -16.54 1.95
N ARG C 983 17.32 -15.69 0.96
CA ARG C 983 18.56 -14.92 0.84
C ARG C 983 18.53 -13.59 1.56
N LEU C 984 17.54 -13.35 2.42
CA LEU C 984 17.51 -12.13 3.21
C LEU C 984 17.28 -12.45 4.68
N ASP C 985 17.83 -11.60 5.53
CA ASP C 985 17.53 -11.67 6.95
C ASP C 985 16.07 -11.27 7.19
N PRO C 986 15.45 -11.78 8.25
CA PRO C 986 14.03 -11.46 8.52
C PRO C 986 13.73 -9.99 8.69
N PRO C 987 14.63 -9.13 9.21
CA PRO C 987 14.31 -7.68 9.18
C PRO C 987 14.09 -7.09 7.80
N GLU C 988 14.77 -7.56 6.76
CA GLU C 988 14.51 -7.10 5.42
C GLU C 988 13.57 -8.01 4.63
N ALA C 989 13.61 -9.31 4.94
CA ALA C 989 12.65 -10.23 4.34
C ALA C 989 11.23 -9.87 4.72
N GLU C 990 11.02 -9.31 5.92
CA GLU C 990 9.70 -8.86 6.32
C GLU C 990 9.19 -7.75 5.42
N VAL C 991 10.04 -6.76 5.12
CA VAL C 991 9.54 -5.61 4.37
C VAL C 991 9.42 -5.94 2.88
N GLN C 992 10.18 -6.92 2.38
CA GLN C 992 9.94 -7.34 1.00
C GLN C 992 8.71 -8.25 0.89
N ILE C 993 8.55 -9.17 1.85
CA ILE C 993 7.42 -10.07 1.89
C ILE C 993 6.12 -9.28 2.05
N ASP C 994 6.17 -8.18 2.79
CA ASP C 994 5.01 -7.32 2.94
C ASP C 994 4.56 -6.70 1.63
N ARG C 995 5.50 -6.28 0.78
CA ARG C 995 5.11 -5.76 -0.54
C ARG C 995 4.54 -6.86 -1.42
N LEU C 996 5.12 -8.06 -1.38
CA LEU C 996 4.54 -9.17 -2.14
C LEU C 996 3.13 -9.50 -1.65
N ILE C 997 2.92 -9.49 -0.33
CA ILE C 997 1.62 -9.78 0.24
C ILE C 997 0.60 -8.72 -0.16
N THR C 998 0.98 -7.45 -0.06
CA THR C 998 0.04 -6.38 -0.38
C THR C 998 -0.19 -6.25 -1.88
N GLY C 999 0.64 -6.87 -2.70
CA GLY C 999 0.32 -6.95 -4.11
C GLY C 999 -0.64 -8.10 -4.41
N ARG C 1000 -0.33 -9.27 -3.85
CA ARG C 1000 -1.13 -10.46 -4.16
C ARG C 1000 -2.52 -10.36 -3.56
N LEU C 1001 -2.65 -9.76 -2.37
CA LEU C 1001 -3.96 -9.60 -1.76
C LEU C 1001 -4.83 -8.65 -2.58
N GLN C 1002 -4.22 -7.59 -3.10
CA GLN C 1002 -4.95 -6.65 -3.95
C GLN C 1002 -5.40 -7.31 -5.24
N SER C 1003 -4.53 -8.13 -5.83
CA SER C 1003 -4.91 -8.88 -7.03
C SER C 1003 -6.03 -9.87 -6.75
N LEU C 1004 -5.98 -10.53 -5.60
CA LEU C 1004 -7.01 -11.50 -5.26
C LEU C 1004 -8.34 -10.83 -5.00
N GLN C 1005 -8.32 -9.66 -4.34
CA GLN C 1005 -9.57 -8.91 -4.14
C GLN C 1005 -10.14 -8.42 -5.46
N THR C 1006 -9.28 -7.99 -6.39
CA THR C 1006 -9.76 -7.62 -7.71
C THR C 1006 -10.43 -8.80 -8.41
N TYR C 1007 -9.82 -9.98 -8.31
CA TYR C 1007 -10.40 -11.17 -8.94
C TYR C 1007 -11.74 -11.54 -8.31
N VAL C 1008 -11.82 -11.43 -6.97
CA VAL C 1008 -13.07 -11.78 -6.28
C VAL C 1008 -14.17 -10.80 -6.63
N THR C 1009 -13.83 -9.51 -6.75
CA THR C 1009 -14.82 -8.52 -7.15
C THR C 1009 -15.31 -8.77 -8.58
N GLN C 1010 -14.41 -9.12 -9.49
CA GLN C 1010 -14.82 -9.43 -10.86
C GLN C 1010 -15.71 -10.67 -10.89
N GLN C 1011 -15.40 -11.69 -10.08
CA GLN C 1011 -16.23 -12.88 -10.05
C GLN C 1011 -17.59 -12.58 -9.44
N LEU C 1012 -17.65 -11.69 -8.45
CA LEU C 1012 -18.93 -11.30 -7.87
C LEU C 1012 -19.80 -10.59 -8.90
N ILE C 1013 -19.21 -9.67 -9.67
CA ILE C 1013 -19.98 -8.94 -10.68
C ILE C 1013 -20.44 -9.88 -11.79
N ARG C 1014 -19.56 -10.78 -12.24
CA ARG C 1014 -19.92 -11.70 -13.31
C ARG C 1014 -20.96 -12.71 -12.83
N ALA C 1015 -20.89 -13.12 -11.56
CA ALA C 1015 -21.90 -14.01 -11.01
C ALA C 1015 -23.23 -13.30 -10.86
N ALA C 1016 -23.20 -12.01 -10.54
CA ALA C 1016 -24.44 -11.24 -10.51
C ALA C 1016 -25.06 -11.09 -11.89
N GLU C 1017 -24.26 -11.00 -12.94
CA GLU C 1017 -24.78 -11.00 -14.31
C GLU C 1017 -25.36 -12.36 -14.70
N ILE C 1018 -24.61 -13.43 -14.43
CA ILE C 1018 -25.05 -14.76 -14.80
C ILE C 1018 -26.27 -15.20 -14.00
N ARG C 1019 -26.41 -14.71 -12.77
CA ARG C 1019 -27.61 -15.00 -12.00
C ARG C 1019 -28.84 -14.33 -12.61
N ALA C 1020 -28.67 -13.10 -13.12
CA ALA C 1020 -29.77 -12.45 -13.83
C ALA C 1020 -30.14 -13.20 -15.09
N SER C 1021 -29.13 -13.68 -15.82
CA SER C 1021 -29.39 -14.48 -17.01
C SER C 1021 -30.05 -15.81 -16.66
N ALA C 1022 -29.70 -16.37 -15.51
CA ALA C 1022 -30.29 -17.64 -15.09
C ALA C 1022 -31.72 -17.45 -14.62
N ASN C 1023 -32.02 -16.31 -13.98
CA ASN C 1023 -33.41 -15.99 -13.67
C ASN C 1023 -34.22 -15.79 -14.93
N LEU C 1024 -33.64 -15.13 -15.95
CA LEU C 1024 -34.33 -14.99 -17.22
C LEU C 1024 -34.54 -16.35 -17.89
N ALA C 1025 -33.57 -17.25 -17.76
CA ALA C 1025 -33.71 -18.59 -18.33
C ALA C 1025 -34.77 -19.40 -17.60
N ALA C 1026 -34.85 -19.26 -16.28
CA ALA C 1026 -35.89 -19.94 -15.52
C ALA C 1026 -37.27 -19.40 -15.87
N THR C 1027 -37.40 -18.08 -16.03
CA THR C 1027 -38.66 -17.49 -16.46
C THR C 1027 -39.03 -17.95 -17.87
N LYS C 1028 -38.06 -18.01 -18.77
CA LYS C 1028 -38.31 -18.49 -20.12
C LYS C 1028 -38.73 -19.95 -20.12
N MET C 1029 -38.11 -20.78 -19.27
CA MET C 1029 -38.52 -22.16 -19.15
C MET C 1029 -39.95 -22.26 -18.67
N SER C 1030 -40.29 -21.54 -17.61
CA SER C 1030 -41.61 -21.64 -17.01
C SER C 1030 -42.69 -21.12 -17.93
N GLU C 1031 -42.39 -20.09 -18.72
CA GLU C 1031 -43.40 -19.46 -19.55
C GLU C 1031 -43.52 -20.08 -20.94
N CYS C 1032 -42.41 -20.49 -21.56
CA CYS C 1032 -42.46 -20.99 -22.92
C CYS C 1032 -42.31 -22.49 -23.04
N VAL C 1033 -41.63 -23.15 -22.09
CA VAL C 1033 -41.53 -24.60 -22.11
C VAL C 1033 -42.74 -25.15 -21.38
N LEU C 1034 -42.89 -24.81 -20.10
CA LEU C 1034 -43.96 -25.35 -19.27
C LEU C 1034 -45.32 -24.77 -19.60
N GLY C 1035 -45.48 -23.99 -20.65
CA GLY C 1035 -46.77 -23.47 -21.03
C GLY C 1035 -46.74 -22.75 -22.36
N GLN C 1036 -47.53 -21.69 -22.49
CA GLN C 1036 -47.53 -20.86 -23.67
C GLN C 1036 -47.63 -19.41 -23.25
N SER C 1037 -46.78 -18.57 -23.84
CA SER C 1037 -46.68 -17.18 -23.43
C SER C 1037 -47.12 -16.28 -24.57
N LYS C 1038 -48.08 -15.41 -24.28
CA LYS C 1038 -48.54 -14.43 -25.25
C LYS C 1038 -47.74 -13.14 -25.22
N ARG C 1039 -46.62 -13.12 -24.51
CA ARG C 1039 -45.76 -11.95 -24.46
C ARG C 1039 -45.05 -11.80 -25.81
N VAL C 1040 -45.26 -10.67 -26.47
CA VAL C 1040 -44.79 -10.50 -27.84
C VAL C 1040 -43.27 -10.41 -27.86
N ASP C 1041 -42.65 -11.26 -28.67
CA ASP C 1041 -41.21 -11.34 -28.90
C ASP C 1041 -40.41 -11.67 -27.65
N PHE C 1042 -41.07 -12.16 -26.60
CA PHE C 1042 -40.34 -12.61 -25.42
C PHE C 1042 -39.55 -13.87 -25.69
N CYS C 1043 -40.18 -14.86 -26.33
CA CYS C 1043 -39.48 -16.09 -26.69
C CYS C 1043 -39.87 -16.46 -28.11
N GLY C 1044 -38.93 -16.30 -29.03
CA GLY C 1044 -39.17 -16.59 -30.43
C GLY C 1044 -39.82 -15.44 -31.15
N LYS C 1045 -39.25 -15.04 -32.29
CA LYS C 1045 -39.86 -13.99 -33.08
C LYS C 1045 -41.09 -14.52 -33.81
N GLY C 1046 -42.22 -13.90 -33.56
CA GLY C 1046 -43.49 -14.33 -34.09
C GLY C 1046 -44.41 -14.83 -33.00
N TYR C 1047 -45.58 -15.30 -33.40
CA TYR C 1047 -46.54 -15.84 -32.45
C TYR C 1047 -46.02 -17.15 -31.87
N HIS C 1048 -46.06 -17.27 -30.56
CA HIS C 1048 -45.40 -18.38 -29.89
C HIS C 1048 -46.34 -19.56 -29.73
N LEU C 1049 -45.88 -20.73 -30.16
CA LEU C 1049 -46.62 -21.97 -29.94
C LEU C 1049 -46.10 -22.71 -28.71
N MET C 1050 -44.83 -23.08 -28.74
CA MET C 1050 -44.24 -23.95 -27.74
C MET C 1050 -42.73 -23.87 -27.84
N SER C 1051 -42.06 -24.31 -26.77
CA SER C 1051 -40.61 -24.26 -26.70
C SER C 1051 -40.10 -25.57 -26.13
N PHE C 1052 -38.88 -25.93 -26.53
CA PHE C 1052 -38.24 -27.13 -26.03
C PHE C 1052 -36.91 -26.78 -25.36
N PRO C 1053 -36.63 -27.33 -24.19
CA PRO C 1053 -35.32 -27.13 -23.59
C PRO C 1053 -34.30 -28.10 -24.14
N GLN C 1054 -33.05 -27.65 -24.21
CA GLN C 1054 -31.93 -28.51 -24.53
C GLN C 1054 -30.78 -28.21 -23.59
N SER C 1055 -30.11 -29.26 -23.12
CA SER C 1055 -28.99 -29.08 -22.22
C SER C 1055 -27.80 -28.47 -22.95
N ALA C 1056 -27.07 -27.63 -22.25
CA ALA C 1056 -25.87 -26.99 -22.75
C ALA C 1056 -24.81 -27.11 -21.67
N PRO C 1057 -23.52 -27.05 -22.05
CA PRO C 1057 -22.45 -27.22 -21.04
C PRO C 1057 -22.46 -26.21 -19.90
N HIS C 1058 -22.85 -24.97 -20.15
CA HIS C 1058 -23.00 -24.00 -19.07
C HIS C 1058 -24.23 -23.15 -19.26
N GLY C 1059 -25.33 -23.77 -19.68
CA GLY C 1059 -26.55 -23.01 -19.88
C GLY C 1059 -27.65 -23.88 -20.43
N VAL C 1060 -28.57 -23.24 -21.13
CA VAL C 1060 -29.71 -23.91 -21.74
C VAL C 1060 -29.94 -23.29 -23.11
N VAL C 1061 -30.25 -24.14 -24.09
CA VAL C 1061 -30.58 -23.69 -25.45
C VAL C 1061 -32.04 -24.02 -25.70
N PHE C 1062 -32.83 -22.99 -25.95
CA PHE C 1062 -34.26 -23.14 -26.16
C PHE C 1062 -34.54 -23.32 -27.64
N LEU C 1063 -35.58 -24.08 -27.97
CA LEU C 1063 -36.03 -24.22 -29.34
C LEU C 1063 -37.44 -23.67 -29.42
N HIS C 1064 -37.56 -22.36 -29.64
CA HIS C 1064 -38.86 -21.73 -29.68
C HIS C 1064 -39.56 -21.99 -31.00
N VAL C 1065 -40.59 -22.82 -30.97
CA VAL C 1065 -41.41 -23.08 -32.15
C VAL C 1065 -42.42 -21.96 -32.24
N THR C 1066 -42.40 -21.22 -33.35
CA THR C 1066 -43.21 -20.04 -33.52
C THR C 1066 -44.04 -20.14 -34.78
N TYR C 1067 -45.15 -19.39 -34.79
CA TYR C 1067 -46.05 -19.35 -35.93
C TYR C 1067 -45.87 -18.01 -36.63
N VAL C 1068 -45.25 -18.03 -37.80
CA VAL C 1068 -44.94 -16.82 -38.55
C VAL C 1068 -45.83 -16.78 -39.79
N PRO C 1069 -46.78 -15.85 -39.87
CA PRO C 1069 -47.65 -15.79 -41.05
C PRO C 1069 -46.91 -15.29 -42.28
N ALA C 1070 -47.40 -15.69 -43.45
CA ALA C 1070 -46.79 -15.34 -44.71
C ALA C 1070 -47.84 -15.37 -45.81
N GLN C 1071 -47.44 -14.89 -46.99
CA GLN C 1071 -48.29 -14.77 -48.18
C GLN C 1071 -49.55 -13.97 -47.91
N GLU C 1072 -49.35 -12.72 -47.55
CA GLU C 1072 -50.49 -11.83 -47.30
C GLU C 1072 -51.08 -11.35 -48.62
N LYS C 1073 -52.34 -10.91 -48.56
CA LYS C 1073 -53.07 -10.47 -49.74
C LYS C 1073 -53.93 -9.26 -49.39
N ASN C 1074 -53.96 -8.28 -50.31
CA ASN C 1074 -54.76 -7.09 -50.13
C ASN C 1074 -56.24 -7.40 -50.05
N PHE C 1075 -56.95 -6.67 -49.21
CA PHE C 1075 -58.40 -6.76 -49.11
C PHE C 1075 -58.98 -5.41 -48.74
N THR C 1076 -60.26 -5.23 -49.06
CA THR C 1076 -60.97 -4.02 -48.69
C THR C 1076 -61.92 -4.30 -47.52
N THR C 1077 -61.80 -3.50 -46.48
CA THR C 1077 -62.52 -3.77 -45.24
C THR C 1077 -63.59 -2.73 -44.99
N ALA C 1078 -64.20 -2.88 -43.82
CA ALA C 1078 -65.19 -1.99 -43.26
C ALA C 1078 -65.29 -2.30 -41.78
N PRO C 1079 -65.42 -1.27 -40.94
CA PRO C 1079 -65.61 -1.51 -39.50
C PRO C 1079 -66.89 -2.26 -39.18
N ALA C 1080 -67.92 -2.11 -39.98
CA ALA C 1080 -69.18 -2.79 -39.72
C ALA C 1080 -69.92 -2.94 -41.04
N ILE C 1081 -71.08 -3.61 -40.96
CA ILE C 1081 -71.94 -3.83 -42.12
C ILE C 1081 -73.33 -3.33 -41.76
N CYS C 1082 -73.87 -2.46 -42.60
CA CYS C 1082 -75.22 -1.97 -42.36
C CYS C 1082 -76.23 -2.85 -43.09
N HIS C 1083 -77.15 -3.43 -42.33
CA HIS C 1083 -78.24 -4.22 -42.88
C HIS C 1083 -79.51 -3.95 -42.11
N ASP C 1084 -80.57 -3.62 -42.86
CA ASP C 1084 -81.92 -3.39 -42.30
C ASP C 1084 -81.91 -2.31 -41.22
N GLY C 1085 -81.05 -1.30 -41.40
CA GLY C 1085 -80.96 -0.22 -40.44
C GLY C 1085 -80.11 -0.51 -39.22
N LYS C 1086 -79.53 -1.70 -39.10
CA LYS C 1086 -78.70 -2.04 -37.97
C LYS C 1086 -77.25 -2.18 -38.38
N ALA C 1087 -76.35 -1.98 -37.43
CA ALA C 1087 -74.92 -2.13 -37.66
C ALA C 1087 -74.44 -3.46 -37.12
N HIS C 1088 -73.88 -4.29 -38.00
CA HIS C 1088 -73.41 -5.62 -37.63
C HIS C 1088 -71.90 -5.62 -37.54
N PHE C 1089 -71.38 -5.85 -36.34
CA PHE C 1089 -69.96 -5.92 -36.04
C PHE C 1089 -69.55 -7.38 -35.91
N PRO C 1090 -68.33 -7.75 -36.28
CA PRO C 1090 -67.96 -9.16 -36.26
C PRO C 1090 -67.55 -9.62 -34.87
N ARG C 1091 -67.95 -10.85 -34.52
CA ARG C 1091 -67.56 -11.42 -33.24
C ARG C 1091 -66.08 -11.74 -33.21
N GLU C 1092 -65.61 -12.45 -34.22
CA GLU C 1092 -64.21 -12.83 -34.34
C GLU C 1092 -63.71 -12.42 -35.72
N GLY C 1093 -62.56 -11.76 -35.76
CA GLY C 1093 -62.01 -11.40 -37.04
C GLY C 1093 -62.62 -10.13 -37.60
N VAL C 1094 -62.41 -9.90 -38.89
CA VAL C 1094 -62.75 -8.64 -39.54
C VAL C 1094 -63.45 -8.91 -40.86
N PHE C 1095 -64.15 -7.89 -41.34
CA PHE C 1095 -64.80 -7.95 -42.64
C PHE C 1095 -63.77 -7.73 -43.73
N VAL C 1096 -63.87 -8.51 -44.81
CA VAL C 1096 -63.03 -8.34 -45.98
C VAL C 1096 -63.91 -8.40 -47.21
N SER C 1097 -63.36 -7.91 -48.32
CA SER C 1097 -64.04 -7.96 -49.60
C SER C 1097 -63.04 -8.31 -50.67
N ASN C 1098 -63.40 -9.29 -51.50
CA ASN C 1098 -62.55 -9.64 -52.62
C ASN C 1098 -62.84 -8.81 -53.86
N GLY C 1099 -63.61 -7.74 -53.73
CA GLY C 1099 -63.94 -6.86 -54.82
C GLY C 1099 -65.42 -6.72 -55.10
N THR C 1100 -66.19 -7.81 -54.97
CA THR C 1100 -67.62 -7.75 -55.26
C THR C 1100 -68.44 -8.18 -54.06
N HIS C 1101 -67.99 -9.23 -53.38
CA HIS C 1101 -68.72 -9.77 -52.23
C HIS C 1101 -68.02 -9.38 -50.95
N TRP C 1102 -68.65 -9.71 -49.83
CA TRP C 1102 -68.13 -9.40 -48.51
C TRP C 1102 -68.12 -10.65 -47.64
N PHE C 1103 -67.06 -10.81 -46.87
CA PHE C 1103 -66.87 -12.00 -46.07
C PHE C 1103 -66.37 -11.63 -44.68
N VAL C 1104 -66.59 -12.53 -43.74
CA VAL C 1104 -65.96 -12.47 -42.43
C VAL C 1104 -64.85 -13.51 -42.39
N THR C 1105 -63.67 -13.11 -41.96
CA THR C 1105 -62.57 -14.04 -41.82
C THR C 1105 -61.82 -13.73 -40.54
N GLN C 1106 -61.14 -14.75 -40.01
CA GLN C 1106 -60.40 -14.57 -38.77
C GLN C 1106 -59.16 -13.73 -39.04
N ARG C 1107 -58.55 -13.26 -37.94
CA ARG C 1107 -57.54 -12.21 -38.02
C ARG C 1107 -56.29 -12.67 -38.75
N ASN C 1108 -55.80 -13.87 -38.44
CA ASN C 1108 -54.47 -14.28 -38.84
C ASN C 1108 -54.44 -15.34 -39.93
N PHE C 1109 -55.59 -15.67 -40.52
CA PHE C 1109 -55.62 -16.65 -41.59
C PHE C 1109 -56.83 -16.39 -42.46
N TYR C 1110 -56.64 -16.37 -43.77
CA TYR C 1110 -57.75 -16.05 -44.67
C TYR C 1110 -58.61 -17.29 -44.87
N GLU C 1111 -59.64 -17.42 -44.04
CA GLU C 1111 -60.66 -18.47 -44.20
C GLU C 1111 -62.00 -17.77 -44.31
N PRO C 1112 -62.41 -17.41 -45.51
CA PRO C 1112 -63.60 -16.57 -45.68
C PRO C 1112 -64.87 -17.34 -45.40
N GLN C 1113 -65.85 -16.62 -44.86
CA GLN C 1113 -67.17 -17.18 -44.55
C GLN C 1113 -68.22 -16.17 -45.00
N ILE C 1114 -69.42 -16.66 -45.28
CA ILE C 1114 -70.52 -15.75 -45.58
C ILE C 1114 -70.91 -15.02 -44.30
N ILE C 1115 -71.39 -13.79 -44.44
CA ILE C 1115 -71.70 -12.96 -43.29
C ILE C 1115 -73.09 -13.32 -42.79
N THR C 1116 -73.16 -13.96 -41.63
CA THR C 1116 -74.44 -14.35 -41.06
C THR C 1116 -74.59 -13.71 -39.70
N THR C 1117 -75.78 -13.85 -39.12
CA THR C 1117 -75.99 -13.37 -37.76
C THR C 1117 -75.68 -14.48 -36.76
N ASP C 1118 -74.52 -15.11 -36.92
CA ASP C 1118 -74.05 -16.12 -35.98
C ASP C 1118 -72.59 -15.85 -35.64
N ASN C 1119 -71.90 -15.16 -36.53
CA ASN C 1119 -70.55 -14.68 -36.28
C ASN C 1119 -70.47 -13.16 -36.24
N THR C 1120 -71.59 -12.47 -36.39
CA THR C 1120 -71.65 -11.02 -36.24
C THR C 1120 -72.68 -10.66 -35.18
N PHE C 1121 -72.42 -9.57 -34.48
CA PHE C 1121 -73.31 -9.12 -33.41
C PHE C 1121 -73.72 -7.69 -33.68
N VAL C 1122 -74.93 -7.36 -33.23
CA VAL C 1122 -75.64 -6.16 -33.65
C VAL C 1122 -75.65 -5.14 -32.51
N SER C 1123 -75.41 -3.88 -32.87
CA SER C 1123 -75.59 -2.75 -31.94
C SER C 1123 -75.71 -1.47 -32.74
N GLY C 1124 -76.50 -0.55 -32.22
CA GLY C 1124 -76.59 0.79 -32.78
C GLY C 1124 -77.32 0.82 -34.11
N ASN C 1125 -77.01 1.85 -34.90
CA ASN C 1125 -77.62 2.04 -36.21
C ASN C 1125 -76.57 2.61 -37.17
N CYS C 1126 -76.95 2.70 -38.44
CA CYS C 1126 -75.98 2.92 -39.50
C CYS C 1126 -75.61 4.39 -39.72
N ASP C 1127 -75.29 5.12 -38.66
CA ASP C 1127 -74.69 6.44 -38.87
C ASP C 1127 -73.52 6.76 -37.93
N VAL C 1128 -73.47 6.17 -36.73
CA VAL C 1128 -72.44 6.55 -35.78
C VAL C 1128 -71.09 5.96 -36.16
N VAL C 1129 -71.09 4.88 -36.93
CA VAL C 1129 -69.85 4.24 -37.35
C VAL C 1129 -69.37 4.92 -38.62
N ILE C 1130 -68.13 5.40 -38.61
CA ILE C 1130 -67.56 5.96 -39.82
C ILE C 1130 -66.92 4.85 -40.64
N GLY C 1131 -67.28 4.77 -41.91
CA GLY C 1131 -66.76 3.73 -42.78
C GLY C 1131 -67.63 2.51 -42.95
N ILE C 1132 -68.83 2.50 -42.37
CA ILE C 1132 -69.70 1.33 -42.49
C ILE C 1132 -70.24 1.25 -43.90
N VAL C 1133 -70.17 0.06 -44.50
CA VAL C 1133 -70.62 -0.11 -45.88
C VAL C 1133 -71.93 -0.89 -45.89
N ASN C 1134 -72.53 -1.02 -47.06
CA ASN C 1134 -73.81 -1.69 -47.23
C ASN C 1134 -73.55 -3.10 -47.74
N ASN C 1135 -74.15 -4.08 -47.06
CA ASN C 1135 -74.12 -5.47 -47.49
C ASN C 1135 -75.19 -6.22 -46.72
N THR C 1136 -75.70 -7.29 -47.31
CA THR C 1136 -76.68 -8.11 -46.61
C THR C 1136 -75.98 -9.03 -45.61
N VAL C 1137 -76.67 -9.31 -44.52
CA VAL C 1137 -76.20 -10.23 -43.49
C VAL C 1137 -77.28 -11.29 -43.32
N TYR C 1138 -76.99 -12.50 -43.76
CA TYR C 1138 -78.00 -13.56 -43.84
C TYR C 1138 -78.35 -14.06 -42.44
N ASP C 1139 -79.50 -14.71 -42.35
CA ASP C 1139 -79.96 -15.29 -41.10
C ASP C 1139 -80.24 -16.76 -41.32
N PRO C 1140 -79.47 -17.68 -40.74
CA PRO C 1140 -79.67 -19.11 -41.02
C PRO C 1140 -80.95 -19.69 -40.47
N LEU C 1141 -81.61 -19.01 -39.53
CA LEU C 1141 -82.88 -19.47 -38.99
C LEU C 1141 -84.03 -19.27 -39.96
N GLN C 1142 -83.86 -18.42 -40.97
CA GLN C 1142 -84.91 -18.11 -41.93
C GLN C 1142 -85.14 -19.19 -43.00
N PRO C 1143 -84.13 -19.70 -43.73
CA PRO C 1143 -84.45 -20.61 -44.83
C PRO C 1143 -84.68 -22.06 -44.42
N GLU C 1144 -84.90 -22.35 -43.14
CA GLU C 1144 -85.10 -23.71 -42.71
C GLU C 1144 -86.58 -24.10 -42.76
N LEU C 1145 -87.17 -24.00 -43.96
CA LEU C 1145 -88.59 -24.31 -44.21
C LEU C 1145 -89.52 -23.51 -43.33
N ASP C 1146 -89.15 -22.26 -43.04
CA ASP C 1146 -89.96 -21.40 -42.18
C ASP C 1146 -89.68 -19.93 -42.45
N GLN D 1 56.92 20.79 7.31
CA GLN D 1 58.15 20.95 6.55
C GLN D 1 57.96 20.52 5.11
N VAL D 2 58.00 21.49 4.19
CA VAL D 2 57.92 21.22 2.76
C VAL D 2 59.18 21.69 2.04
N GLN D 3 60.33 21.66 2.71
CA GLN D 3 61.56 22.16 2.13
C GLN D 3 62.09 21.22 1.06
N LEU D 4 62.60 21.80 -0.02
CA LEU D 4 63.19 21.05 -1.12
C LEU D 4 64.71 21.03 -0.93
N VAL D 5 65.26 19.87 -0.63
CA VAL D 5 66.69 19.73 -0.43
C VAL D 5 67.34 19.52 -1.79
N GLN D 6 68.13 20.48 -2.23
CA GLN D 6 68.72 20.48 -3.56
C GLN D 6 70.22 20.25 -3.45
N SER D 7 70.78 19.67 -4.52
CA SER D 7 72.17 19.24 -4.50
C SER D 7 73.13 20.43 -4.44
N GLY D 8 74.40 20.12 -4.18
CA GLY D 8 75.39 21.16 -4.04
C GLY D 8 75.85 21.70 -5.38
N ALA D 9 76.78 22.65 -5.30
CA ALA D 9 77.30 23.30 -6.50
C ALA D 9 78.15 22.33 -7.30
N GLU D 10 78.23 22.58 -8.61
CA GLU D 10 79.02 21.76 -9.51
C GLU D 10 79.81 22.65 -10.43
N VAL D 11 81.00 22.20 -10.81
CA VAL D 11 81.86 22.90 -11.75
C VAL D 11 82.05 22.01 -12.97
N LYS D 12 81.75 22.55 -14.15
CA LYS D 12 81.82 21.78 -15.37
C LYS D 12 82.63 22.55 -16.41
N LYS D 13 83.31 21.79 -17.27
CA LYS D 13 84.02 22.37 -18.39
C LYS D 13 83.03 22.91 -19.42
N PRO D 14 83.43 23.88 -20.24
CA PRO D 14 82.53 24.38 -21.28
C PRO D 14 82.17 23.31 -22.29
N GLY D 15 80.91 23.33 -22.73
CA GLY D 15 80.41 22.37 -23.69
C GLY D 15 79.95 21.05 -23.11
N ALA D 16 80.26 20.77 -21.84
CA ALA D 16 79.98 19.46 -21.26
C ALA D 16 78.63 19.46 -20.55
N SER D 17 78.28 18.31 -19.98
CA SER D 17 76.96 18.14 -19.40
C SER D 17 76.99 18.28 -17.89
N VAL D 18 75.79 18.44 -17.32
CA VAL D 18 75.61 18.57 -15.88
C VAL D 18 74.16 18.20 -15.57
N LYS D 19 73.97 17.56 -14.42
CA LYS D 19 72.65 17.16 -13.96
C LYS D 19 72.47 17.59 -12.52
N VAL D 20 71.31 18.17 -12.23
CA VAL D 20 71.01 18.74 -10.92
C VAL D 20 69.76 18.06 -10.36
N SER D 21 69.80 17.77 -9.07
CA SER D 21 68.75 16.98 -8.41
C SER D 21 68.08 17.80 -7.32
N CYS D 22 66.77 17.61 -7.18
CA CYS D 22 66.00 18.20 -6.08
C CYS D 22 65.27 17.09 -5.36
N LYS D 23 65.58 16.90 -4.08
CA LYS D 23 64.95 15.87 -3.27
C LYS D 23 63.75 16.48 -2.55
N ALA D 24 62.56 16.03 -2.93
CA ALA D 24 61.35 16.51 -2.29
C ALA D 24 61.13 15.81 -0.96
N SER D 25 60.46 16.51 -0.05
CA SER D 25 60.22 15.99 1.28
C SER D 25 58.95 16.61 1.85
N GLY D 26 58.34 15.89 2.78
CA GLY D 26 57.17 16.40 3.47
C GLY D 26 55.88 16.27 2.68
N TYR D 27 55.75 17.06 1.63
CA TYR D 27 54.51 17.07 0.86
C TYR D 27 54.39 15.82 -0.01
N THR D 28 53.21 15.64 -0.59
CA THR D 28 52.99 14.55 -1.52
C THR D 28 53.70 14.85 -2.84
N PHE D 29 54.75 14.10 -3.13
CA PHE D 29 55.58 14.38 -4.30
C PHE D 29 54.86 14.06 -5.60
N THR D 30 53.91 13.13 -5.56
CA THR D 30 53.30 12.63 -6.80
C THR D 30 52.45 13.69 -7.49
N GLY D 31 51.72 14.49 -6.74
CA GLY D 31 50.76 15.40 -7.34
C GLY D 31 51.31 16.71 -7.86
N TYR D 32 52.05 17.42 -7.00
CA TYR D 32 52.43 18.79 -7.30
C TYR D 32 53.53 18.82 -8.36
N TYR D 33 53.37 19.73 -9.33
CA TYR D 33 54.34 19.86 -10.41
C TYR D 33 55.64 20.45 -9.90
N MET D 34 56.71 20.24 -10.67
CA MET D 34 58.02 20.80 -10.35
C MET D 34 58.55 21.54 -11.57
N HIS D 35 58.58 22.87 -11.50
CA HIS D 35 59.12 23.69 -12.56
C HIS D 35 60.62 23.86 -12.37
N TRP D 36 61.31 24.23 -13.43
CA TRP D 36 62.72 24.58 -13.38
C TRP D 36 62.93 25.99 -13.87
N VAL D 37 63.63 26.79 -13.07
CA VAL D 37 63.80 28.21 -13.30
C VAL D 37 65.24 28.60 -12.96
N ARG D 38 65.84 29.41 -13.82
CA ARG D 38 67.25 29.76 -13.71
C ARG D 38 67.40 31.24 -13.43
N GLN D 39 68.44 31.58 -12.67
CA GLN D 39 68.77 32.97 -12.37
C GLN D 39 70.26 33.16 -12.61
N ALA D 40 70.60 33.88 -13.67
CA ALA D 40 71.98 34.29 -13.86
C ALA D 40 72.38 35.25 -12.74
N PRO D 41 73.62 35.18 -12.26
CA PRO D 41 74.03 36.05 -11.15
C PRO D 41 74.07 37.52 -11.53
N GLY D 42 74.15 37.83 -12.82
CA GLY D 42 74.20 39.22 -13.25
C GLY D 42 72.85 39.87 -13.44
N GLN D 43 71.81 39.06 -13.70
CA GLN D 43 70.53 39.65 -14.10
C GLN D 43 69.39 38.66 -13.90
N GLY D 44 68.22 39.23 -13.61
CA GLY D 44 66.91 38.65 -13.85
C GLY D 44 66.60 37.23 -13.42
N LEU D 45 65.70 36.59 -14.16
CA LEU D 45 65.15 35.29 -13.83
C LEU D 45 64.45 34.73 -15.05
N GLU D 46 64.73 33.47 -15.39
CA GLU D 46 64.18 32.86 -16.59
C GLU D 46 63.75 31.44 -16.31
N TRP D 47 62.63 31.04 -16.90
CA TRP D 47 62.00 29.74 -16.67
C TRP D 47 62.36 28.79 -17.79
N MET D 48 62.58 27.52 -17.47
CA MET D 48 62.87 26.53 -18.49
C MET D 48 61.72 25.57 -18.77
N GLY D 49 61.25 24.85 -17.77
CA GLY D 49 60.32 23.77 -18.01
C GLY D 49 59.95 23.04 -16.74
N TRP D 50 59.10 22.03 -16.91
CA TRP D 50 58.57 21.27 -15.77
C TRP D 50 58.41 19.81 -16.16
N ILE D 51 58.45 18.95 -15.15
CA ILE D 51 58.14 17.53 -15.27
C ILE D 51 57.32 17.12 -14.05
N ASN D 52 56.18 16.51 -14.31
CA ASN D 52 55.28 16.11 -13.23
C ASN D 52 55.50 14.65 -12.87
N PRO D 53 55.64 14.34 -11.59
CA PRO D 53 55.76 12.93 -11.18
C PRO D 53 54.52 12.10 -11.44
N ASN D 54 53.36 12.74 -11.60
CA ASN D 54 52.13 11.98 -11.80
C ASN D 54 52.10 11.32 -13.18
N SER D 55 52.68 11.97 -14.18
CA SER D 55 52.64 11.47 -15.55
C SER D 55 54.00 11.33 -16.21
N GLY D 56 54.94 12.23 -15.93
CA GLY D 56 56.19 12.23 -16.66
C GLY D 56 56.18 13.10 -17.90
N GLY D 57 55.06 13.74 -18.21
CA GLY D 57 55.03 14.70 -19.29
C GLY D 57 55.92 15.89 -19.02
N THR D 58 56.75 16.21 -20.01
CA THR D 58 57.70 17.31 -19.90
C THR D 58 57.40 18.35 -20.96
N ASN D 59 57.51 19.62 -20.59
CA ASN D 59 57.44 20.69 -21.55
C ASN D 59 58.58 21.67 -21.28
N TYR D 60 58.94 22.42 -22.30
CA TYR D 60 60.09 23.31 -22.24
C TYR D 60 59.77 24.62 -22.94
N THR D 61 60.62 25.61 -22.73
CA THR D 61 60.61 26.77 -23.60
C THR D 61 61.21 26.39 -24.95
N GLN D 62 60.99 27.26 -25.94
CA GLN D 62 61.62 27.07 -27.24
C GLN D 62 63.13 27.21 -27.13
N MET D 63 63.61 28.11 -26.27
CA MET D 63 65.04 28.36 -26.15
C MET D 63 65.81 27.13 -25.68
N PHE D 64 65.28 26.41 -24.69
CA PHE D 64 65.93 25.22 -24.18
C PHE D 64 65.39 23.92 -24.79
N GLN D 65 64.49 23.99 -25.76
CA GLN D 65 63.92 22.79 -26.35
C GLN D 65 64.98 22.00 -27.11
N GLY D 66 65.13 20.73 -26.75
CA GLY D 66 66.13 19.89 -27.39
C GLY D 66 67.50 19.95 -26.72
N ARG D 67 67.88 21.14 -26.24
CA ARG D 67 69.18 21.28 -25.61
C ARG D 67 69.22 20.68 -24.23
N VAL D 68 68.08 20.63 -23.53
CA VAL D 68 68.02 20.16 -22.16
C VAL D 68 66.91 19.13 -22.03
N THR D 69 67.16 18.09 -21.23
CA THR D 69 66.20 17.03 -20.99
C THR D 69 65.94 16.90 -19.50
N MET D 70 64.69 16.64 -19.14
CA MET D 70 64.28 16.52 -17.75
C MET D 70 63.75 15.12 -17.49
N THR D 71 63.86 14.69 -16.23
CA THR D 71 63.34 13.38 -15.84
C THR D 71 63.04 13.37 -14.36
N ARG D 72 62.27 12.36 -13.95
CA ARG D 72 61.87 12.17 -12.56
C ARG D 72 62.55 10.94 -11.98
N ASP D 73 62.43 10.77 -10.66
CA ASP D 73 62.82 9.54 -9.98
C ASP D 73 61.95 9.44 -8.71
N THR D 74 60.86 8.69 -8.82
CA THR D 74 59.93 8.58 -7.70
C THR D 74 60.43 7.63 -6.61
N SER D 75 61.51 6.89 -6.89
CA SER D 75 62.04 5.98 -5.88
C SER D 75 62.66 6.75 -4.71
N ILE D 76 63.40 7.81 -5.01
CA ILE D 76 64.04 8.62 -3.98
C ILE D 76 63.32 9.96 -3.87
N SER D 77 62.14 10.04 -4.53
CA SER D 77 61.29 11.23 -4.55
C SER D 77 62.05 12.46 -5.02
N THR D 78 62.75 12.34 -6.15
CA THR D 78 63.58 13.41 -6.65
C THR D 78 63.38 13.59 -8.15
N ALA D 79 63.70 14.79 -8.64
CA ALA D 79 63.62 15.12 -10.05
C ALA D 79 64.99 15.57 -10.54
N TYR D 80 65.30 15.21 -11.78
CA TYR D 80 66.60 15.50 -12.36
C TYR D 80 66.42 16.39 -13.59
N MET D 81 67.28 17.39 -13.73
CA MET D 81 67.31 18.24 -14.91
C MET D 81 68.70 18.15 -15.50
N GLU D 82 68.79 17.77 -16.77
CA GLU D 82 70.06 17.59 -17.45
C GLU D 82 70.24 18.70 -18.48
N VAL D 83 71.40 19.33 -18.45
CA VAL D 83 71.80 20.31 -19.46
C VAL D 83 72.96 19.72 -20.25
N SER D 84 72.80 19.64 -21.57
CA SER D 84 73.75 18.91 -22.39
C SER D 84 75.07 19.67 -22.57
N ARG D 85 75.00 20.98 -22.81
CA ARG D 85 76.20 21.75 -23.11
C ARG D 85 76.25 22.94 -22.16
N LEU D 86 77.10 22.87 -21.15
CA LEU D 86 77.20 23.94 -20.16
C LEU D 86 77.94 25.12 -20.78
N ARG D 87 77.19 25.89 -21.56
CA ARG D 87 77.74 27.08 -22.19
C ARG D 87 77.98 28.16 -21.14
N SER D 88 78.93 29.06 -21.42
CA SER D 88 79.28 30.11 -20.47
C SER D 88 78.14 31.09 -20.25
N ASP D 89 77.16 31.13 -21.16
CA ASP D 89 75.95 31.90 -20.92
C ASP D 89 75.04 31.25 -19.89
N ASP D 90 75.28 29.99 -19.56
CA ASP D 90 74.43 29.24 -18.64
C ASP D 90 75.01 29.16 -17.24
N THR D 91 76.06 29.92 -16.93
CA THR D 91 76.57 29.99 -15.57
C THR D 91 75.54 30.69 -14.70
N ALA D 92 74.85 29.93 -13.86
CA ALA D 92 73.73 30.47 -13.11
C ALA D 92 73.46 29.57 -11.91
N VAL D 93 72.72 30.09 -10.96
CA VAL D 93 72.14 29.28 -9.90
C VAL D 93 70.80 28.77 -10.40
N TYR D 94 70.53 27.49 -10.17
CA TYR D 94 69.35 26.84 -10.74
C TYR D 94 68.39 26.47 -9.62
N TYR D 95 67.21 27.06 -9.66
CA TYR D 95 66.19 26.85 -8.65
C TYR D 95 65.15 25.88 -9.17
N CYS D 96 64.85 24.84 -8.41
CA CYS D 96 63.67 24.04 -8.67
C CYS D 96 62.52 24.55 -7.80
N ALA D 97 61.34 24.56 -8.37
CA ALA D 97 60.22 25.25 -7.74
C ALA D 97 58.96 24.43 -7.89
N ARG D 98 58.25 24.28 -6.77
CA ARG D 98 57.00 23.53 -6.74
C ARG D 98 55.83 24.46 -7.08
N ASP D 99 54.99 24.02 -8.01
CA ASP D 99 53.78 24.77 -8.33
C ASP D 99 52.83 24.78 -7.14
N ARG D 100 52.06 25.86 -7.03
CA ARG D 100 51.20 26.10 -5.88
C ARG D 100 49.88 25.35 -5.94
N SER D 101 49.68 24.52 -6.96
CA SER D 101 48.38 23.92 -7.18
C SER D 101 48.53 22.41 -7.27
N TRP D 102 47.39 21.72 -7.27
CA TRP D 102 47.40 20.29 -6.97
C TRP D 102 47.78 19.46 -8.19
N ALA D 103 46.97 19.50 -9.26
CA ALA D 103 47.27 18.66 -10.42
C ALA D 103 47.26 19.42 -11.74
N VAL D 104 47.28 20.75 -11.69
CA VAL D 104 47.25 21.59 -12.89
C VAL D 104 48.63 22.22 -13.05
N VAL D 105 48.98 22.54 -14.30
CA VAL D 105 50.28 23.10 -14.61
C VAL D 105 50.42 24.56 -14.23
N TYR D 106 49.37 25.17 -13.63
CA TYR D 106 49.24 26.63 -13.53
C TYR D 106 50.48 27.30 -12.98
N TYR D 107 50.93 28.33 -13.67
CA TYR D 107 52.32 28.77 -13.65
C TYR D 107 52.55 29.82 -12.57
N TYR D 108 52.63 29.33 -11.33
CA TYR D 108 53.09 30.11 -10.20
C TYR D 108 53.55 29.15 -9.11
N MET D 109 54.66 29.47 -8.47
CA MET D 109 55.37 28.52 -7.63
C MET D 109 55.52 29.05 -6.21
N ASP D 110 55.24 28.18 -5.22
CA ASP D 110 55.32 28.60 -3.82
C ASP D 110 56.75 28.46 -3.28
N VAL D 111 57.24 27.22 -3.20
CA VAL D 111 58.45 26.91 -2.43
C VAL D 111 59.58 26.59 -3.39
N TRP D 112 60.76 27.13 -3.09
CA TRP D 112 61.90 27.11 -4.00
C TRP D 112 63.08 26.48 -3.28
N GLY D 113 63.99 25.89 -4.03
CA GLY D 113 65.13 25.24 -3.44
C GLY D 113 66.12 26.22 -2.85
N LYS D 114 67.05 25.69 -2.06
CA LYS D 114 68.01 26.52 -1.34
C LYS D 114 69.09 27.11 -2.25
N GLY D 115 69.19 26.64 -3.49
CA GLY D 115 70.15 27.21 -4.43
C GLY D 115 71.28 26.27 -4.80
N THR D 116 71.27 25.77 -6.02
CA THR D 116 72.38 24.98 -6.54
C THR D 116 73.14 25.81 -7.57
N THR D 117 74.33 26.25 -7.20
CA THR D 117 75.14 27.05 -8.09
C THR D 117 75.73 26.18 -9.20
N VAL D 118 76.04 26.80 -10.32
CA VAL D 118 76.70 26.13 -11.44
C VAL D 118 77.64 27.13 -12.09
N THR D 119 78.82 26.65 -12.50
CA THR D 119 79.86 27.51 -13.01
C THR D 119 80.45 26.89 -14.28
N VAL D 120 80.82 27.74 -15.24
CA VAL D 120 81.51 27.32 -16.45
C VAL D 120 82.94 27.82 -16.38
N SER D 121 83.89 26.91 -16.58
CA SER D 121 85.28 27.19 -16.27
C SER D 121 86.01 27.78 -17.46
N SER D 122 87.29 28.07 -17.25
CA SER D 122 88.15 28.66 -18.27
C SER D 122 89.62 28.31 -18.02
N ALA E 3 60.20 39.57 -23.90
CA ALA E 3 59.79 39.34 -22.53
C ALA E 3 59.01 40.53 -21.99
N LEU E 4 58.58 40.43 -20.73
CA LEU E 4 57.86 41.50 -20.06
C LEU E 4 58.80 42.66 -19.81
N THR E 5 58.60 43.77 -20.53
CA THR E 5 59.35 45.00 -20.25
C THR E 5 58.93 45.52 -18.88
N GLN E 6 59.87 46.16 -18.18
CA GLN E 6 59.58 46.49 -16.79
C GLN E 6 60.44 47.65 -16.30
N PRO E 7 59.86 48.58 -15.56
CA PRO E 7 60.65 49.67 -14.96
C PRO E 7 61.64 49.14 -13.94
N PRO E 8 62.80 49.81 -13.78
CA PRO E 8 63.91 49.19 -13.05
C PRO E 8 63.92 49.36 -11.53
N SER E 9 63.24 50.37 -10.98
CA SER E 9 63.42 50.65 -9.56
C SER E 9 62.25 51.42 -8.99
N ALA E 10 62.25 51.56 -7.66
CA ALA E 10 61.24 52.31 -6.92
C ALA E 10 61.83 52.77 -5.60
N SER E 11 61.47 53.98 -5.19
CA SER E 11 62.02 54.59 -3.98
C SER E 11 61.05 54.46 -2.82
N GLY E 12 61.44 54.96 -1.66
CA GLY E 12 60.59 54.93 -0.50
C GLY E 12 61.36 55.20 0.78
N SER E 13 60.67 54.97 1.90
CA SER E 13 61.20 55.12 3.24
C SER E 13 60.32 54.32 4.17
N PRO E 14 60.81 53.92 5.35
CA PRO E 14 59.99 53.08 6.25
C PRO E 14 58.75 53.81 6.74
N GLY E 15 57.59 53.23 6.41
CA GLY E 15 56.30 53.83 6.73
C GLY E 15 55.61 54.52 5.58
N GLN E 16 56.10 54.38 4.35
CA GLN E 16 55.53 55.10 3.22
C GLN E 16 54.82 54.17 2.25
N SER E 17 54.40 54.75 1.12
CA SER E 17 53.79 54.03 0.03
C SER E 17 54.70 54.04 -1.20
N VAL E 18 54.71 52.92 -1.92
CA VAL E 18 55.51 52.77 -3.13
C VAL E 18 54.84 51.76 -4.04
N THR E 19 55.23 51.76 -5.32
CA THR E 19 54.65 50.82 -6.26
C THR E 19 55.72 50.30 -7.21
N ILE E 20 55.46 49.13 -7.79
CA ILE E 20 56.32 48.51 -8.79
C ILE E 20 55.42 47.97 -9.89
N SER E 21 55.76 48.29 -11.15
CA SER E 21 54.86 48.02 -12.26
C SER E 21 55.55 47.12 -13.27
N CYS E 22 54.72 46.39 -14.02
CA CYS E 22 55.17 45.53 -15.11
C CYS E 22 54.24 45.74 -16.29
N THR E 23 54.81 45.90 -17.48
CA THR E 23 54.04 46.35 -18.63
C THR E 23 54.16 45.37 -19.78
N GLY E 24 53.17 45.42 -20.68
CA GLY E 24 53.07 44.53 -21.81
C GLY E 24 51.62 44.12 -22.05
N THR E 25 51.21 43.93 -23.30
CA THR E 25 49.81 43.64 -23.59
C THR E 25 49.59 42.48 -24.56
N SER E 26 50.50 42.19 -25.49
CA SER E 26 50.24 41.21 -26.53
C SER E 26 50.43 39.81 -25.95
N SER E 27 49.33 39.23 -25.43
CA SER E 27 49.29 37.94 -24.74
C SER E 27 50.13 38.04 -23.47
N ASP E 28 50.49 39.23 -23.01
CA ASP E 28 51.33 39.46 -21.85
C ASP E 28 50.50 39.49 -20.58
N VAL E 29 51.06 40.09 -19.52
CA VAL E 29 50.35 40.35 -18.27
C VAL E 29 48.94 40.95 -18.45
N GLY E 30 48.72 41.75 -19.50
CA GLY E 30 47.38 42.20 -19.79
C GLY E 30 46.53 41.18 -20.49
N GLY E 31 47.15 40.15 -21.08
CA GLY E 31 46.41 39.15 -21.82
C GLY E 31 45.61 38.18 -20.97
N TYR E 32 46.24 37.55 -19.98
CA TYR E 32 45.58 36.53 -19.18
C TYR E 32 45.56 36.96 -17.72
N ASN E 33 45.03 36.09 -16.87
CA ASN E 33 44.83 36.41 -15.46
C ASN E 33 45.88 35.78 -14.55
N TYR E 34 46.80 35.00 -15.07
CA TYR E 34 47.78 34.29 -14.24
C TYR E 34 49.10 35.06 -14.28
N VAL E 35 49.13 36.13 -13.48
CA VAL E 35 50.09 37.22 -13.62
C VAL E 35 50.90 37.40 -12.35
N SER E 36 51.20 36.29 -11.67
CA SER E 36 51.77 36.26 -10.33
C SER E 36 53.06 37.08 -10.20
N TRP E 37 53.32 37.52 -8.98
CA TRP E 37 54.53 38.25 -8.63
C TRP E 37 55.36 37.46 -7.63
N TYR E 38 56.62 37.84 -7.48
CA TYR E 38 57.55 37.17 -6.58
C TYR E 38 58.43 38.22 -5.90
N GLN E 39 58.98 37.86 -4.75
CA GLN E 39 59.89 38.72 -4.00
C GLN E 39 61.17 37.97 -3.71
N GLN E 40 62.30 38.49 -4.19
CA GLN E 40 63.58 37.79 -4.13
C GLN E 40 64.61 38.63 -3.39
N HIS E 41 65.00 38.19 -2.21
CA HIS E 41 66.16 38.77 -1.59
C HIS E 41 67.43 38.24 -2.25
N PRO E 42 68.50 39.02 -2.25
CA PRO E 42 69.79 38.48 -2.73
C PRO E 42 70.31 37.39 -1.81
N GLY E 43 70.87 36.36 -2.40
CA GLY E 43 71.45 35.26 -1.65
C GLY E 43 70.49 34.23 -1.14
N LYS E 44 69.20 34.34 -1.45
CA LYS E 44 68.22 33.37 -0.97
C LYS E 44 67.13 33.21 -2.01
N ALA E 45 66.38 32.13 -1.88
CA ALA E 45 65.32 31.83 -2.82
C ALA E 45 64.17 32.82 -2.67
N PRO E 46 63.44 33.10 -3.75
CA PRO E 46 62.27 33.96 -3.66
C PRO E 46 61.04 33.17 -3.24
N LYS E 47 59.97 33.92 -2.94
CA LYS E 47 58.70 33.38 -2.53
C LYS E 47 57.59 34.27 -3.06
N LEU E 48 56.51 33.66 -3.52
CA LEU E 48 55.48 34.39 -4.24
C LEU E 48 54.55 35.09 -3.26
N MET E 49 54.43 36.41 -3.39
CA MET E 49 53.58 37.24 -2.53
C MET E 49 52.28 37.67 -3.15
N ILE E 50 52.19 37.71 -4.47
CA ILE E 50 50.92 37.90 -5.15
C ILE E 50 50.86 36.87 -6.28
N TYR E 51 49.91 35.95 -6.20
CA TYR E 51 49.78 34.94 -7.24
C TYR E 51 48.83 35.38 -8.35
N GLU E 52 47.73 34.66 -8.58
CA GLU E 52 46.86 35.06 -9.66
C GLU E 52 46.27 36.42 -9.36
N VAL E 53 46.27 37.26 -10.38
CA VAL E 53 45.73 38.61 -10.32
C VAL E 53 45.76 39.43 -9.01
N SER E 54 44.95 39.10 -8.00
CA SER E 54 44.91 39.95 -6.83
C SER E 54 45.13 39.24 -5.50
N LYS E 55 44.91 37.93 -5.45
CA LYS E 55 44.90 37.23 -4.17
C LYS E 55 46.32 37.03 -3.64
N ARG E 56 46.42 36.81 -2.33
CA ARG E 56 47.66 36.63 -1.59
C ARG E 56 47.73 35.21 -1.03
N PRO E 57 48.91 34.61 -0.92
CA PRO E 57 49.00 33.30 -0.28
C PRO E 57 48.90 33.40 1.23
N SER E 58 48.72 32.25 1.87
CA SER E 58 48.75 32.17 3.32
C SER E 58 50.15 32.48 3.83
N GLY E 59 50.23 33.37 4.82
CA GLY E 59 51.49 33.83 5.36
C GLY E 59 51.94 35.16 4.81
N VAL E 60 51.40 35.57 3.67
CA VAL E 60 51.74 36.88 3.11
C VAL E 60 51.05 37.96 3.94
N PRO E 61 51.75 39.01 4.35
CA PRO E 61 51.08 40.15 4.98
C PRO E 61 50.11 40.82 4.02
N ASP E 62 49.04 41.37 4.58
CA ASP E 62 48.02 42.01 3.76
C ASP E 62 48.43 43.38 3.24
N ARG E 63 49.57 43.91 3.70
CA ARG E 63 50.01 45.24 3.27
C ARG E 63 50.39 45.28 1.79
N PHE E 64 50.58 44.13 1.17
CA PHE E 64 50.80 44.06 -0.27
C PHE E 64 49.47 43.98 -1.00
N SER E 65 49.43 44.53 -2.21
CA SER E 65 48.23 44.53 -3.02
C SER E 65 48.62 44.38 -4.47
N GLY E 66 47.67 43.97 -5.30
CA GLY E 66 47.95 43.78 -6.70
C GLY E 66 46.69 43.72 -7.52
N SER E 67 46.77 44.30 -8.71
CA SER E 67 45.69 44.25 -9.69
C SER E 67 46.31 44.46 -11.06
N LYS E 68 45.59 44.03 -12.09
CA LYS E 68 46.07 44.22 -13.45
C LYS E 68 46.08 45.70 -13.83
N SER E 69 45.02 46.42 -13.46
CA SER E 69 44.83 47.85 -13.78
C SER E 69 44.90 48.10 -15.28
N GLY E 70 44.39 47.17 -16.08
CA GLY E 70 44.43 47.29 -17.53
C GLY E 70 45.42 46.32 -18.15
N ASN E 71 46.20 46.79 -19.12
CA ASN E 71 47.22 45.98 -19.77
C ASN E 71 48.58 46.15 -19.12
N THR E 72 48.64 45.98 -17.80
CA THR E 72 49.87 46.20 -17.04
C THR E 72 49.76 45.41 -15.74
N ALA E 73 50.61 45.74 -14.77
CA ALA E 73 50.53 45.16 -13.43
C ALA E 73 51.07 46.17 -12.44
N SER E 74 50.74 45.95 -11.16
CA SER E 74 51.19 46.85 -10.11
C SER E 74 51.11 46.13 -8.78
N LEU E 75 52.27 45.96 -8.14
CA LEU E 75 52.37 45.47 -6.77
C LEU E 75 52.88 46.59 -5.88
N THR E 76 52.09 46.96 -4.88
CA THR E 76 52.40 48.11 -4.04
C THR E 76 52.80 47.66 -2.64
N VAL E 77 53.38 48.58 -1.89
CA VAL E 77 53.79 48.34 -0.52
C VAL E 77 53.39 49.55 0.33
N SER E 78 52.70 49.30 1.43
CA SER E 78 52.26 50.35 2.33
C SER E 78 52.81 50.06 3.72
N GLY E 79 53.41 51.08 4.33
CA GLY E 79 54.06 50.89 5.62
C GLY E 79 55.26 49.97 5.57
N LEU E 80 56.18 50.23 4.63
CA LEU E 80 57.32 49.34 4.43
C LEU E 80 58.28 49.39 5.61
N GLN E 81 59.12 48.36 5.70
CA GLN E 81 60.12 48.24 6.75
C GLN E 81 61.41 47.74 6.12
N ALA E 82 62.33 47.31 7.00
CA ALA E 82 63.59 46.75 6.50
C ALA E 82 63.39 45.37 5.89
N GLU E 83 62.27 44.72 6.21
CA GLU E 83 61.99 43.40 5.67
C GLU E 83 61.48 43.42 4.24
N ASP E 84 61.09 44.59 3.71
CA ASP E 84 60.42 44.64 2.43
C ASP E 84 61.34 45.05 1.29
N GLU E 85 62.65 45.19 1.52
CA GLU E 85 63.52 45.58 0.42
C GLU E 85 64.10 44.34 -0.27
N ALA E 86 63.78 44.20 -1.56
CA ALA E 86 64.19 43.07 -2.37
C ALA E 86 63.86 43.38 -3.83
N ASP E 87 64.26 42.48 -4.71
CA ASP E 87 63.79 42.53 -6.08
C ASP E 87 62.35 42.03 -6.14
N TYR E 88 61.61 42.49 -7.16
CA TYR E 88 60.21 42.13 -7.33
C TYR E 88 59.98 41.81 -8.81
N TYR E 89 59.78 40.52 -9.11
CA TYR E 89 59.65 40.06 -10.48
C TYR E 89 58.20 39.80 -10.83
N CYS E 90 57.72 40.41 -11.90
CA CYS E 90 56.42 40.08 -12.46
C CYS E 90 56.52 38.79 -13.27
N SER E 91 55.37 38.28 -13.68
CA SER E 91 55.30 37.05 -14.45
C SER E 91 53.96 36.99 -15.18
N SER E 92 53.83 36.01 -16.07
CA SER E 92 52.60 35.78 -16.82
C SER E 92 52.65 34.41 -17.45
N TYR E 93 51.53 34.01 -18.06
CA TYR E 93 51.54 32.83 -18.91
C TYR E 93 52.31 33.08 -20.20
N ALA E 94 51.91 34.12 -20.94
CA ALA E 94 52.40 34.45 -22.30
C ALA E 94 52.11 33.34 -23.31
N GLY E 95 51.19 32.44 -22.99
CA GLY E 95 50.61 31.54 -23.98
C GLY E 95 51.49 30.35 -24.32
N SER E 96 50.81 29.23 -24.59
CA SER E 96 51.40 28.03 -25.21
C SER E 96 52.55 27.45 -24.39
N ASN E 97 52.33 27.30 -23.09
CA ASN E 97 53.23 26.67 -22.13
C ASN E 97 54.61 27.33 -22.11
N ASN E 98 54.68 28.65 -22.30
CA ASN E 98 55.95 29.36 -22.30
C ASN E 98 55.87 30.57 -21.40
N LEU E 99 56.12 30.36 -20.11
CA LEU E 99 56.20 31.46 -19.15
C LEU E 99 57.40 32.33 -19.46
N VAL E 100 57.23 33.63 -19.27
CA VAL E 100 58.32 34.59 -19.27
C VAL E 100 58.19 35.51 -18.07
N PHE E 101 59.32 35.85 -17.47
CA PHE E 101 59.39 36.76 -16.33
C PHE E 101 59.74 38.16 -16.79
N GLY E 102 59.67 39.10 -15.86
CA GLY E 102 60.17 40.44 -16.10
C GLY E 102 61.59 40.61 -15.61
N GLY E 103 62.13 41.80 -15.87
CA GLY E 103 63.49 42.11 -15.44
C GLY E 103 63.69 42.19 -13.93
N GLY E 104 62.80 42.85 -13.22
CA GLY E 104 62.92 42.93 -11.77
C GLY E 104 63.27 44.31 -11.23
N THR E 105 62.35 44.89 -10.47
CA THR E 105 62.59 46.18 -9.85
C THR E 105 62.99 46.00 -8.41
N LYS E 106 64.03 46.73 -7.98
CA LYS E 106 64.53 46.63 -6.62
C LYS E 106 63.83 47.68 -5.75
N LEU E 107 63.04 47.21 -4.79
CA LEU E 107 62.39 48.12 -3.86
C LEU E 107 63.41 48.65 -2.88
N THR E 108 63.74 49.94 -3.00
CA THR E 108 64.73 50.59 -2.16
C THR E 108 64.07 51.65 -1.30
N VAL E 109 64.42 51.67 -0.01
CA VAL E 109 63.86 52.61 0.93
C VAL E 109 64.97 53.53 1.42
N LEU E 110 64.70 54.84 1.41
CA LEU E 110 65.71 55.81 1.80
C LEU E 110 65.79 55.93 3.32
N GLN F 1 55.54 -3.24 24.43
CA GLN F 1 56.23 -4.20 25.28
C GLN F 1 55.46 -5.50 25.43
N VAL F 2 56.13 -6.62 25.15
CA VAL F 2 55.57 -7.94 25.39
C VAL F 2 56.57 -8.70 26.26
N GLN F 3 57.51 -7.98 26.86
CA GLN F 3 58.58 -8.59 27.61
C GLN F 3 58.07 -9.19 28.92
N LEU F 4 58.41 -10.45 29.16
CA LEU F 4 58.06 -11.10 30.41
C LEU F 4 59.10 -10.81 31.46
N VAL F 5 58.67 -10.35 32.61
CA VAL F 5 59.57 -10.13 33.74
C VAL F 5 59.61 -11.40 34.57
N GLN F 6 60.80 -11.96 34.71
CA GLN F 6 60.99 -13.24 35.37
C GLN F 6 61.81 -13.04 36.63
N SER F 7 61.49 -13.84 37.65
CA SER F 7 62.10 -13.72 38.97
C SER F 7 63.60 -14.02 38.95
N GLY F 8 64.29 -13.64 40.01
CA GLY F 8 65.73 -13.86 40.07
C GLY F 8 66.07 -15.32 40.30
N ALA F 9 67.36 -15.61 40.13
CA ALA F 9 67.86 -16.96 40.31
C ALA F 9 67.79 -17.36 41.78
N GLU F 10 67.45 -18.63 42.01
CA GLU F 10 67.28 -19.13 43.37
C GLU F 10 68.07 -20.42 43.52
N VAL F 11 68.72 -20.56 44.66
CA VAL F 11 69.41 -21.79 45.04
C VAL F 11 68.59 -22.46 46.14
N LYS F 12 68.45 -23.78 46.06
CA LYS F 12 67.60 -24.52 46.98
C LYS F 12 68.32 -25.75 47.49
N LYS F 13 67.99 -26.14 48.73
CA LYS F 13 68.47 -27.39 49.28
C LYS F 13 67.81 -28.55 48.55
N PRO F 14 68.49 -29.70 48.44
CA PRO F 14 67.91 -30.82 47.70
C PRO F 14 66.73 -31.44 48.43
N GLY F 15 65.74 -31.86 47.65
CA GLY F 15 64.53 -32.45 48.19
C GLY F 15 63.46 -31.45 48.60
N ALA F 16 63.81 -30.18 48.75
CA ALA F 16 62.86 -29.18 49.22
C ALA F 16 62.13 -28.55 48.04
N SER F 17 61.39 -27.48 48.34
CA SER F 17 60.54 -26.86 47.35
C SER F 17 61.10 -25.51 46.88
N VAL F 18 60.57 -25.03 45.76
CA VAL F 18 60.92 -23.73 45.20
C VAL F 18 59.79 -23.30 44.29
N LYS F 19 59.60 -21.99 44.19
CA LYS F 19 58.55 -21.41 43.37
C LYS F 19 59.14 -20.33 42.47
N VAL F 20 58.73 -20.32 41.21
CA VAL F 20 59.22 -19.37 40.22
C VAL F 20 58.06 -18.51 39.75
N SER F 21 58.30 -17.21 39.64
CA SER F 21 57.27 -16.26 39.28
C SER F 21 57.67 -15.50 38.02
N CYS F 22 56.70 -15.36 37.11
CA CYS F 22 56.87 -14.56 35.89
C CYS F 22 55.80 -13.49 35.85
N LYS F 23 56.22 -12.25 35.71
CA LYS F 23 55.32 -11.10 35.70
C LYS F 23 55.10 -10.66 34.25
N ALA F 24 53.84 -10.72 33.81
CA ALA F 24 53.51 -10.24 32.47
C ALA F 24 53.49 -8.72 32.44
N SER F 25 53.67 -8.17 31.26
CA SER F 25 53.70 -6.73 31.09
C SER F 25 53.29 -6.37 29.67
N GLY F 26 52.61 -5.24 29.54
CA GLY F 26 52.25 -4.73 28.24
C GLY F 26 51.05 -5.40 27.60
N TYR F 27 51.17 -6.69 27.29
CA TYR F 27 50.08 -7.37 26.59
C TYR F 27 48.95 -7.69 27.55
N THR F 28 47.83 -8.14 26.98
CA THR F 28 46.67 -8.51 27.77
C THR F 28 46.95 -9.85 28.46
N PHE F 29 46.98 -9.83 29.79
CA PHE F 29 47.37 -11.00 30.57
C PHE F 29 46.31 -12.10 30.54
N THR F 30 45.06 -11.77 30.21
CA THR F 30 43.95 -12.66 30.53
C THR F 30 43.95 -13.90 29.63
N GLY F 31 43.76 -13.70 28.34
CA GLY F 31 43.52 -14.82 27.44
C GLY F 31 44.75 -15.62 27.07
N TYR F 32 45.89 -14.95 27.00
CA TYR F 32 47.10 -15.57 26.46
C TYR F 32 47.62 -16.62 27.43
N TYR F 33 47.58 -17.89 27.00
CA TYR F 33 48.00 -19.00 27.84
C TYR F 33 49.50 -18.91 28.11
N MET F 34 49.90 -19.40 29.28
CA MET F 34 51.29 -19.32 29.71
C MET F 34 51.80 -20.70 30.05
N HIS F 35 52.73 -21.20 29.23
CA HIS F 35 53.34 -22.50 29.41
C HIS F 35 54.59 -22.38 30.28
N TRP F 36 55.10 -23.53 30.72
CA TRP F 36 56.34 -23.60 31.49
C TRP F 36 57.22 -24.72 30.95
N VAL F 37 58.44 -24.36 30.57
CA VAL F 37 59.40 -25.28 29.98
C VAL F 37 60.73 -25.17 30.71
N ARG F 38 61.40 -26.30 30.88
CA ARG F 38 62.68 -26.36 31.58
C ARG F 38 63.78 -26.72 30.60
N GLN F 39 64.95 -26.10 30.79
CA GLN F 39 66.12 -26.37 29.97
C GLN F 39 67.28 -26.67 30.92
N ALA F 40 67.64 -27.94 31.02
CA ALA F 40 68.81 -28.32 31.79
C ALA F 40 70.08 -27.81 31.10
N PRO F 41 71.12 -27.48 31.86
CA PRO F 41 72.35 -26.99 31.23
C PRO F 41 73.12 -28.07 30.49
N GLY F 42 72.78 -29.34 30.67
CA GLY F 42 73.39 -30.39 29.91
C GLY F 42 73.02 -30.30 28.45
N GLN F 43 71.76 -30.59 28.12
CA GLN F 43 71.28 -30.53 26.75
C GLN F 43 69.76 -30.58 26.75
N GLY F 44 69.18 -30.20 25.61
CA GLY F 44 67.78 -30.41 25.37
C GLY F 44 66.89 -29.39 26.08
N LEU F 45 65.58 -29.64 25.95
CA LEU F 45 64.57 -28.81 26.59
C LEU F 45 63.30 -29.62 26.68
N GLU F 46 62.55 -29.45 27.78
CA GLU F 46 61.36 -30.24 28.03
C GLU F 46 60.24 -29.32 28.49
N TRP F 47 59.01 -29.79 28.31
CA TRP F 47 57.80 -29.02 28.59
C TRP F 47 57.06 -29.63 29.77
N MET F 48 56.70 -28.80 30.75
CA MET F 48 55.96 -29.29 31.90
C MET F 48 54.44 -29.13 31.75
N GLY F 49 53.98 -27.89 31.60
CA GLY F 49 52.55 -27.64 31.66
C GLY F 49 52.24 -26.18 31.42
N TRP F 50 50.94 -25.87 31.45
CA TRP F 50 50.49 -24.50 31.27
C TRP F 50 49.44 -24.14 32.32
N ILE F 51 49.40 -22.84 32.62
CA ILE F 51 48.34 -22.20 33.36
C ILE F 51 47.73 -21.12 32.48
N ASN F 52 46.41 -20.99 32.53
CA ASN F 52 45.76 -19.91 31.83
C ASN F 52 45.17 -18.93 32.83
N PRO F 53 45.43 -17.64 32.66
CA PRO F 53 44.88 -16.65 33.60
C PRO F 53 43.38 -16.44 33.43
N ASN F 54 42.78 -16.95 32.35
CA ASN F 54 41.35 -16.78 32.16
C ASN F 54 40.55 -17.66 33.10
N SER F 55 40.74 -18.98 33.02
CA SER F 55 39.96 -19.92 33.81
C SER F 55 40.72 -20.48 35.00
N GLY F 56 42.06 -20.53 34.93
CA GLY F 56 42.82 -21.13 36.00
C GLY F 56 42.99 -22.63 35.89
N GLY F 57 42.56 -23.24 34.78
CA GLY F 57 42.78 -24.66 34.60
C GLY F 57 44.23 -24.99 34.37
N THR F 58 44.63 -26.18 34.78
CA THR F 58 45.99 -26.65 34.64
C THR F 58 46.04 -27.88 33.75
N ASN F 59 47.23 -28.15 33.22
CA ASN F 59 47.56 -29.47 32.72
C ASN F 59 49.05 -29.69 32.87
N TYR F 60 49.44 -30.96 32.92
CA TYR F 60 50.83 -31.31 33.14
C TYR F 60 51.16 -32.56 32.33
N THR F 61 52.44 -32.85 32.20
CA THR F 61 52.86 -34.16 31.74
C THR F 61 52.70 -35.19 32.84
N GLN F 62 52.90 -36.45 32.48
CA GLN F 62 52.93 -37.51 33.48
C GLN F 62 54.13 -37.37 34.41
N MET F 63 55.25 -36.86 33.91
CA MET F 63 56.48 -36.72 34.69
C MET F 63 56.37 -35.71 35.82
N PHE F 64 55.39 -34.80 35.76
CA PHE F 64 55.25 -33.76 36.77
C PHE F 64 53.88 -33.69 37.41
N GLN F 65 52.88 -34.42 36.91
CA GLN F 65 51.58 -34.47 37.56
C GLN F 65 51.70 -35.17 38.90
N GLY F 66 51.23 -34.51 39.96
CA GLY F 66 51.41 -35.01 41.29
C GLY F 66 52.76 -34.72 41.91
N ARG F 67 53.63 -33.99 41.21
CA ARG F 67 54.91 -33.59 41.77
C ARG F 67 55.19 -32.10 41.65
N VAL F 68 54.41 -31.36 40.87
CA VAL F 68 54.60 -29.92 40.71
C VAL F 68 53.26 -29.30 40.37
N THR F 69 52.97 -28.15 40.99
CA THR F 69 51.71 -27.46 40.80
C THR F 69 51.98 -26.04 40.31
N MET F 70 50.99 -25.47 39.63
CA MET F 70 51.09 -24.10 39.13
C MET F 70 49.86 -23.31 39.57
N THR F 71 50.03 -21.99 39.63
CA THR F 71 48.93 -21.12 40.01
C THR F 71 49.14 -19.74 39.40
N ARG F 72 48.07 -18.97 39.36
CA ARG F 72 48.08 -17.61 38.82
C ARG F 72 47.89 -16.59 39.93
N ASP F 73 48.12 -15.33 39.59
CA ASP F 73 47.82 -14.20 40.47
C ASP F 73 47.49 -13.02 39.57
N THR F 74 46.19 -12.79 39.35
CA THR F 74 45.79 -11.75 38.40
C THR F 74 45.93 -10.36 39.00
N SER F 75 46.16 -10.27 40.32
CA SER F 75 46.35 -8.96 40.94
C SER F 75 47.63 -8.29 40.48
N ILE F 76 48.72 -9.03 40.39
CA ILE F 76 50.00 -8.50 39.94
C ILE F 76 50.31 -8.92 38.51
N SER F 77 49.33 -9.53 37.83
CA SER F 77 49.47 -10.03 36.45
C SER F 77 50.64 -11.00 36.33
N THR F 78 50.66 -11.98 37.23
CA THR F 78 51.76 -12.93 37.32
C THR F 78 51.24 -14.33 37.57
N ALA F 79 52.02 -15.33 37.15
CA ALA F 79 51.70 -16.72 37.37
C ALA F 79 52.88 -17.40 38.04
N TYR F 80 52.59 -18.34 38.94
CA TYR F 80 53.59 -19.01 39.73
C TYR F 80 53.68 -20.48 39.34
N MET F 81 54.89 -21.01 39.32
CA MET F 81 55.15 -22.42 39.09
C MET F 81 55.88 -22.94 40.32
N GLU F 82 55.28 -23.94 40.96
CA GLU F 82 55.82 -24.50 42.20
C GLU F 82 56.35 -25.90 41.94
N VAL F 83 57.55 -26.17 42.44
CA VAL F 83 58.16 -27.50 42.37
C VAL F 83 58.27 -28.04 43.79
N SER F 84 57.79 -29.26 44.00
CA SER F 84 57.71 -29.78 45.37
C SER F 84 59.05 -30.31 45.86
N ARG F 85 59.73 -31.15 45.07
CA ARG F 85 60.96 -31.78 45.52
C ARG F 85 62.06 -31.42 44.52
N LEU F 86 62.89 -30.45 44.88
CA LEU F 86 63.97 -29.99 44.01
C LEU F 86 65.07 -31.03 44.00
N ARG F 87 64.92 -32.02 43.12
CA ARG F 87 65.90 -33.07 42.99
C ARG F 87 67.16 -32.53 42.32
N SER F 88 68.28 -33.26 42.52
CA SER F 88 69.53 -32.88 41.86
C SER F 88 69.45 -33.06 40.35
N ASP F 89 68.51 -33.88 39.89
CA ASP F 89 68.25 -34.04 38.46
C ASP F 89 67.52 -32.84 37.86
N ASP F 90 67.04 -31.91 38.67
CA ASP F 90 66.24 -30.80 38.17
C ASP F 90 66.97 -29.46 38.23
N THR F 91 68.30 -29.45 38.28
CA THR F 91 69.04 -28.21 38.09
C THR F 91 68.83 -27.74 36.67
N ALA F 92 68.10 -26.64 36.48
CA ALA F 92 67.78 -26.21 35.14
C ALA F 92 67.42 -24.73 35.15
N VAL F 93 67.49 -24.13 33.98
CA VAL F 93 66.94 -22.79 33.77
C VAL F 93 65.50 -22.93 33.32
N TYR F 94 64.58 -22.39 34.09
CA TYR F 94 63.15 -22.57 33.86
C TYR F 94 62.61 -21.37 33.09
N TYR F 95 61.97 -21.63 31.96
CA TYR F 95 61.50 -20.61 31.05
C TYR F 95 59.98 -20.56 31.06
N CYS F 96 59.42 -19.36 31.18
CA CYS F 96 57.99 -19.18 31.02
C CYS F 96 57.69 -18.57 29.66
N ALA F 97 56.67 -19.11 28.98
CA ALA F 97 56.45 -18.81 27.57
C ALA F 97 54.99 -18.51 27.30
N ARG F 98 54.75 -17.65 26.32
CA ARG F 98 53.42 -17.26 25.88
C ARG F 98 53.12 -17.89 24.53
N ASP F 99 51.86 -18.23 24.28
CA ASP F 99 51.47 -18.73 22.96
C ASP F 99 50.99 -17.59 22.07
N ARG F 100 51.15 -17.75 20.75
CA ARG F 100 50.48 -16.88 19.79
C ARG F 100 48.96 -16.94 19.91
N SER F 101 48.42 -18.09 20.30
CA SER F 101 46.99 -18.32 20.31
C SER F 101 46.31 -17.39 21.32
N TRP F 102 45.19 -16.78 20.91
CA TRP F 102 44.60 -15.71 21.70
C TRP F 102 43.96 -16.22 22.98
N ALA F 103 42.91 -17.01 22.86
CA ALA F 103 42.26 -17.61 24.01
C ALA F 103 42.18 -19.12 23.88
N VAL F 104 42.76 -19.67 22.82
CA VAL F 104 42.80 -21.11 22.60
C VAL F 104 44.19 -21.56 23.00
N VAL F 105 44.35 -22.87 23.16
CA VAL F 105 45.54 -23.38 23.84
C VAL F 105 46.48 -24.11 22.89
N TYR F 106 46.54 -23.67 21.64
CA TYR F 106 47.61 -24.11 20.75
C TYR F 106 48.98 -23.76 21.34
N TYR F 107 49.96 -24.57 20.98
CA TYR F 107 51.27 -24.57 21.63
C TYR F 107 52.31 -23.76 20.86
N TYR F 108 51.88 -22.65 20.27
CA TYR F 108 52.71 -21.77 19.46
C TYR F 108 53.49 -20.78 20.31
N MET F 109 54.56 -21.24 20.94
CA MET F 109 55.19 -20.54 22.07
C MET F 109 56.15 -19.47 21.57
N ASP F 110 55.80 -18.19 21.75
CA ASP F 110 56.53 -17.11 21.12
C ASP F 110 57.59 -16.43 22.00
N VAL F 111 57.16 -15.74 23.07
CA VAL F 111 58.05 -14.85 23.81
C VAL F 111 58.35 -15.50 25.15
N TRP F 112 59.62 -15.45 25.53
CA TRP F 112 60.13 -16.24 26.64
C TRP F 112 60.82 -15.31 27.64
N GLY F 113 60.85 -15.75 28.90
CA GLY F 113 61.49 -14.95 29.93
C GLY F 113 63.00 -14.98 29.83
N LYS F 114 63.64 -14.09 30.59
CA LYS F 114 65.09 -13.96 30.55
C LYS F 114 65.81 -15.13 31.20
N GLY F 115 65.12 -15.98 31.94
CA GLY F 115 65.74 -17.16 32.51
C GLY F 115 65.97 -17.10 34.00
N THR F 116 65.15 -17.83 34.77
CA THR F 116 65.35 -17.96 36.20
C THR F 116 66.17 -19.21 36.44
N THR F 117 67.45 -19.03 36.78
CA THR F 117 68.34 -20.17 36.99
C THR F 117 68.02 -20.83 38.33
N VAL F 118 67.71 -22.12 38.28
CA VAL F 118 67.41 -22.90 39.48
C VAL F 118 68.56 -23.87 39.68
N THR F 119 69.18 -23.82 40.85
CA THR F 119 70.32 -24.65 41.17
C THR F 119 70.00 -25.53 42.37
N VAL F 120 70.27 -26.82 42.25
CA VAL F 120 70.15 -27.76 43.36
C VAL F 120 71.54 -28.26 43.72
N SER F 121 71.93 -28.08 44.97
CA SER F 121 73.28 -28.40 45.40
C SER F 121 73.25 -29.51 46.45
N SER F 122 74.43 -29.80 47.01
CA SER F 122 74.57 -30.77 48.08
C SER F 122 75.88 -30.55 48.84
N GLN G 1 45.95 22.07 34.48
CA GLN G 1 46.19 23.40 35.02
C GLN G 1 44.96 24.28 34.90
N VAL G 2 44.32 24.56 36.02
CA VAL G 2 43.14 25.43 36.06
C VAL G 2 43.38 26.52 37.08
N GLN G 3 44.63 26.72 37.47
CA GLN G 3 44.96 27.71 38.48
C GLN G 3 44.79 29.12 37.97
N LEU G 4 44.20 29.97 38.79
CA LEU G 4 44.01 31.38 38.47
C LEU G 4 45.19 32.17 39.02
N VAL G 5 45.77 33.03 38.17
CA VAL G 5 46.94 33.80 38.54
C VAL G 5 46.46 35.16 39.06
N GLN G 6 46.56 35.37 40.36
CA GLN G 6 46.19 36.65 40.95
C GLN G 6 47.32 37.66 40.77
N SER G 7 46.97 38.93 40.81
CA SER G 7 47.97 39.98 40.64
C SER G 7 48.87 40.09 41.87
N GLY G 8 49.89 40.93 41.77
CA GLY G 8 50.80 41.11 42.88
C GLY G 8 50.19 41.94 44.00
N ALA G 9 50.91 41.98 45.11
CA ALA G 9 50.44 42.74 46.27
C ALA G 9 50.60 44.24 46.02
N GLU G 10 49.90 45.02 46.84
CA GLU G 10 49.95 46.47 46.70
C GLU G 10 49.86 47.10 48.08
N VAL G 11 50.35 48.33 48.18
CA VAL G 11 50.23 49.14 49.38
C VAL G 11 49.64 50.48 48.98
N LYS G 12 48.61 50.90 49.71
CA LYS G 12 47.87 52.09 49.34
C LYS G 12 47.66 52.97 50.56
N LYS G 13 47.54 54.28 50.30
CA LYS G 13 47.23 55.23 51.34
C LYS G 13 45.79 55.04 51.82
N PRO G 14 45.49 55.41 53.06
CA PRO G 14 44.11 55.26 53.55
C PRO G 14 43.14 56.17 52.80
N GLY G 15 41.94 55.65 52.55
CA GLY G 15 40.92 56.36 51.83
C GLY G 15 41.05 56.33 50.32
N ALA G 16 42.16 55.84 49.78
CA ALA G 16 42.40 55.85 48.34
C ALA G 16 41.88 54.56 47.71
N SER G 17 42.08 54.47 46.39
CA SER G 17 41.54 53.35 45.64
C SER G 17 42.58 52.27 45.41
N VAL G 18 42.10 51.09 45.03
CA VAL G 18 42.95 49.95 44.70
C VAL G 18 42.15 48.99 43.84
N LYS G 19 42.83 48.33 42.92
CA LYS G 19 42.21 47.38 42.02
C LYS G 19 43.02 46.10 41.98
N VAL G 20 42.34 44.96 42.01
CA VAL G 20 42.98 43.65 42.01
C VAL G 20 42.50 42.89 40.78
N SER G 21 43.40 42.08 40.22
CA SER G 21 43.10 41.37 38.98
C SER G 21 43.51 39.91 39.11
N CYS G 22 42.62 39.03 38.68
CA CYS G 22 42.88 37.60 38.63
C CYS G 22 42.72 37.11 37.21
N LYS G 23 43.76 36.44 36.69
CA LYS G 23 43.81 36.01 35.31
C LYS G 23 43.47 34.52 35.22
N ALA G 24 42.48 34.20 34.40
CA ALA G 24 42.07 32.81 34.24
C ALA G 24 43.07 32.07 33.34
N SER G 25 43.08 30.74 33.48
CA SER G 25 43.95 29.90 32.68
C SER G 25 43.39 28.49 32.66
N GLY G 26 43.54 27.82 31.53
CA GLY G 26 43.09 26.45 31.41
C GLY G 26 41.61 26.32 31.13
N TYR G 27 40.78 26.63 32.12
CA TYR G 27 39.34 26.51 31.95
C TYR G 27 38.80 27.62 31.05
N THR G 28 37.58 27.42 30.59
CA THR G 28 36.90 28.43 29.78
C THR G 28 36.51 29.60 30.66
N PHE G 29 37.01 30.79 30.33
CA PHE G 29 36.80 31.96 31.17
C PHE G 29 35.33 32.34 31.23
N THR G 30 34.67 32.43 30.06
CA THR G 30 33.23 32.65 30.02
C THR G 30 32.52 31.38 30.50
N GLY G 31 31.48 31.54 31.31
CA GLY G 31 30.90 30.36 31.92
C GLY G 31 30.95 30.43 33.43
N TYR G 32 31.89 29.65 33.98
CA TYR G 32 32.25 29.65 35.39
C TYR G 32 32.31 31.06 35.97
N TYR G 33 31.53 31.30 37.01
CA TYR G 33 31.49 32.60 37.64
C TYR G 33 32.76 32.84 38.45
N MET G 34 33.01 34.10 38.78
CA MET G 34 34.15 34.48 39.60
C MET G 34 33.67 35.25 40.82
N HIS G 35 33.78 34.63 41.99
CA HIS G 35 33.42 35.25 43.25
C HIS G 35 34.63 35.92 43.86
N TRP G 36 34.39 36.98 44.62
CA TRP G 36 35.44 37.67 45.35
C TRP G 36 35.19 37.58 46.85
N VAL G 37 36.15 37.00 47.57
CA VAL G 37 36.06 36.83 49.01
C VAL G 37 37.33 37.36 49.64
N ARG G 38 37.17 37.97 50.82
CA ARG G 38 38.28 38.60 51.52
C ARG G 38 38.56 37.86 52.83
N GLN G 39 39.83 37.84 53.21
CA GLN G 39 40.25 37.24 54.47
C GLN G 39 41.10 38.26 55.22
N ALA G 40 40.59 38.72 56.35
CA ALA G 40 41.38 39.58 57.22
C ALA G 40 42.58 38.79 57.76
N PRO G 41 43.73 39.45 57.96
CA PRO G 41 44.91 38.71 58.43
C PRO G 41 44.75 38.13 59.81
N GLY G 42 43.85 38.65 60.62
CA GLY G 42 43.59 38.08 61.92
C GLY G 42 42.67 36.88 61.90
N GLN G 43 41.53 36.99 61.23
CA GLN G 43 40.50 35.98 61.40
C GLN G 43 39.60 35.92 60.18
N GLY G 44 38.88 34.81 60.06
CA GLY G 44 37.66 34.74 59.27
C GLY G 44 37.83 34.85 57.77
N LEU G 45 36.68 34.88 57.11
CA LEU G 45 36.60 35.06 55.67
C LEU G 45 35.23 35.63 55.36
N GLU G 46 35.17 36.66 54.51
CA GLU G 46 33.93 37.32 54.17
C GLU G 46 33.79 37.38 52.66
N TRP G 47 32.54 37.41 52.20
CA TRP G 47 32.22 37.37 50.78
C TRP G 47 31.75 38.75 50.32
N MET G 48 32.28 39.23 49.20
CA MET G 48 31.85 40.52 48.66
C MET G 48 30.86 40.38 47.51
N GLY G 49 31.24 39.71 46.43
CA GLY G 49 30.41 39.71 45.25
C GLY G 49 31.01 38.87 44.15
N TRP G 50 30.23 38.74 43.08
CA TRP G 50 30.65 38.00 41.90
C TRP G 50 30.32 38.77 40.63
N ILE G 51 31.12 38.54 39.61
CA ILE G 51 30.83 38.92 38.23
C ILE G 51 30.95 37.68 37.36
N ASN G 52 29.99 37.52 36.45
CA ASN G 52 30.07 36.44 35.49
C ASN G 52 30.76 36.89 34.21
N PRO G 53 31.82 36.22 33.77
CA PRO G 53 32.40 36.55 32.47
C PRO G 53 31.48 36.27 31.30
N ASN G 54 30.46 35.45 31.51
CA ASN G 54 29.48 35.17 30.46
C ASN G 54 28.70 36.43 30.10
N SER G 55 28.26 37.20 31.11
CA SER G 55 27.35 38.30 30.85
C SER G 55 27.72 39.60 31.53
N GLY G 56 28.63 39.58 32.51
CA GLY G 56 28.95 40.81 33.20
C GLY G 56 27.94 41.26 34.23
N GLY G 57 26.95 40.44 34.53
CA GLY G 57 26.05 40.76 35.63
C GLY G 57 26.77 40.67 36.96
N THR G 58 26.54 41.67 37.81
CA THR G 58 27.21 41.76 39.09
C THR G 58 26.19 41.76 40.22
N ASN G 59 26.56 41.11 41.32
CA ASN G 59 25.86 41.28 42.57
C ASN G 59 26.90 41.48 43.67
N TYR G 60 26.50 42.19 44.72
CA TYR G 60 27.38 42.52 45.82
C TYR G 60 26.67 42.27 47.13
N THR G 61 27.45 42.07 48.19
CA THR G 61 26.89 42.08 49.53
C THR G 61 26.54 43.50 49.93
N GLN G 62 25.74 43.63 50.99
CA GLN G 62 25.30 44.95 51.43
C GLN G 62 26.45 45.78 51.99
N MET G 63 27.42 45.15 52.66
CA MET G 63 28.53 45.87 53.28
C MET G 63 29.46 46.52 52.26
N PHE G 64 29.44 46.07 51.01
CA PHE G 64 30.32 46.61 49.98
C PHE G 64 29.58 47.23 48.80
N GLN G 65 28.26 47.11 48.72
CA GLN G 65 27.49 47.72 47.65
C GLN G 65 27.56 49.23 47.75
N GLY G 66 27.80 49.89 46.62
CA GLY G 66 27.88 51.33 46.59
C GLY G 66 29.24 51.90 46.97
N ARG G 67 30.20 51.06 47.32
CA ARG G 67 31.56 51.52 47.57
C ARG G 67 32.64 50.66 46.92
N VAL G 68 32.30 49.48 46.42
CA VAL G 68 33.24 48.63 45.69
C VAL G 68 32.53 48.15 44.43
N THR G 69 33.23 48.21 43.30
CA THR G 69 32.69 47.78 42.02
C THR G 69 33.61 46.74 41.40
N MET G 70 33.04 45.96 40.49
CA MET G 70 33.79 44.91 39.79
C MET G 70 33.58 45.04 38.29
N THR G 71 34.53 44.50 37.54
CA THR G 71 34.44 44.48 36.08
C THR G 71 35.24 43.32 35.54
N ARG G 72 34.98 42.98 34.27
CA ARG G 72 35.63 41.86 33.60
C ARG G 72 36.40 42.37 32.39
N ASP G 73 37.33 41.53 31.91
CA ASP G 73 38.11 41.81 30.69
C ASP G 73 38.29 40.49 29.96
N THR G 74 37.40 40.23 28.99
CA THR G 74 37.45 38.97 28.26
C THR G 74 38.62 38.93 27.28
N SER G 75 39.18 40.10 26.95
CA SER G 75 40.34 40.14 26.05
C SER G 75 41.55 39.48 26.67
N ILE G 76 41.81 39.73 27.97
CA ILE G 76 42.93 39.12 28.67
C ILE G 76 42.48 37.97 29.56
N SER G 77 41.21 37.56 29.47
CA SER G 77 40.64 36.46 30.26
C SER G 77 40.78 36.71 31.76
N THR G 78 40.49 37.94 32.20
CA THR G 78 40.67 38.33 33.58
C THR G 78 39.50 39.16 34.07
N ALA G 79 39.30 39.15 35.38
CA ALA G 79 38.24 39.93 36.03
C ALA G 79 38.86 40.82 37.10
N TYR G 80 38.35 42.04 37.21
CA TYR G 80 38.90 43.04 38.11
C TYR G 80 37.93 43.29 39.25
N MET G 81 38.49 43.54 40.44
CA MET G 81 37.74 43.98 41.60
C MET G 81 38.32 45.32 42.04
N GLU G 82 37.46 46.31 42.20
CA GLU G 82 37.89 47.66 42.54
C GLU G 82 37.33 48.05 43.90
N VAL G 83 38.18 48.68 44.71
CA VAL G 83 37.80 49.23 46.01
C VAL G 83 38.07 50.72 45.96
N SER G 84 37.06 51.52 46.35
CA SER G 84 37.19 52.96 46.20
C SER G 84 37.94 53.59 47.36
N ARG G 85 37.64 53.20 48.59
CA ARG G 85 38.25 53.81 49.77
C ARG G 85 38.87 52.70 50.62
N LEU G 86 40.20 52.65 50.65
CA LEU G 86 40.91 51.62 51.38
C LEU G 86 40.95 51.99 52.86
N ARG G 87 39.85 51.69 53.53
CA ARG G 87 39.77 51.90 54.97
C ARG G 87 40.67 50.90 55.69
N SER G 88 41.13 51.29 56.89
CA SER G 88 42.08 50.46 57.64
C SER G 88 41.47 49.14 58.08
N ASP G 89 40.15 49.02 58.06
CA ASP G 89 39.51 47.74 58.30
C ASP G 89 39.65 46.79 57.11
N ASP G 90 40.06 47.31 55.95
CA ASP G 90 40.11 46.50 54.73
C ASP G 90 41.52 46.05 54.36
N THR G 91 42.52 46.27 55.22
CA THR G 91 43.86 45.80 54.96
C THR G 91 43.86 44.28 55.12
N ALA G 92 43.76 43.57 54.01
CA ALA G 92 43.51 42.13 54.06
C ALA G 92 43.96 41.50 52.75
N VAL G 93 44.03 40.17 52.76
CA VAL G 93 44.38 39.39 51.58
C VAL G 93 43.09 39.03 50.87
N TYR G 94 42.98 39.43 49.60
CA TYR G 94 41.76 39.26 48.83
C TYR G 94 41.93 38.08 47.87
N TYR G 95 40.95 37.18 47.88
CA TYR G 95 41.03 35.91 47.16
C TYR G 95 39.96 35.90 46.07
N CYS G 96 40.33 35.45 44.88
CA CYS G 96 39.37 35.19 43.83
C CYS G 96 39.10 33.70 43.71
N ALA G 97 37.86 33.35 43.37
CA ALA G 97 37.46 31.96 43.38
C ALA G 97 36.55 31.66 42.20
N ARG G 98 36.69 30.45 41.66
CA ARG G 98 35.78 29.92 40.66
C ARG G 98 34.57 29.30 41.37
N ASP G 99 33.63 28.77 40.60
CA ASP G 99 32.52 28.01 41.13
C ASP G 99 32.47 26.66 40.43
N ARG G 100 32.00 25.64 41.15
CA ARG G 100 31.94 24.30 40.60
C ARG G 100 30.94 24.20 39.47
N SER G 101 29.82 24.92 39.57
CA SER G 101 28.73 24.82 38.62
C SER G 101 29.13 25.41 37.27
N TRP G 102 28.48 24.94 36.21
CA TRP G 102 28.85 25.31 34.86
C TRP G 102 28.53 26.77 34.56
N ALA G 103 27.26 27.14 34.57
CA ALA G 103 26.91 28.50 34.22
C ALA G 103 25.82 29.08 35.11
N VAL G 104 25.43 28.39 36.18
CA VAL G 104 24.38 28.88 37.07
C VAL G 104 25.06 29.55 38.25
N VAL G 105 24.39 30.53 38.85
CA VAL G 105 24.98 31.25 39.96
C VAL G 105 24.66 30.54 41.25
N TYR G 106 25.39 29.47 41.53
CA TYR G 106 25.37 28.83 42.85
C TYR G 106 26.63 29.27 43.59
N TYR G 107 26.90 28.66 44.74
CA TYR G 107 28.06 29.01 45.53
C TYR G 107 28.80 27.73 45.93
N TYR G 108 29.68 27.26 45.05
CA TYR G 108 30.47 26.05 45.28
C TYR G 108 31.92 26.36 44.86
N MET G 109 32.70 26.93 45.78
CA MET G 109 33.98 27.55 45.41
C MET G 109 35.07 26.48 45.43
N ASP G 110 35.60 26.13 44.26
CA ASP G 110 36.61 25.06 44.22
C ASP G 110 38.04 25.59 44.26
N VAL G 111 38.46 26.33 43.24
CA VAL G 111 39.86 26.68 43.04
C VAL G 111 40.05 28.17 43.31
N TRP G 112 41.07 28.48 44.09
CA TRP G 112 41.25 29.81 44.64
C TRP G 112 42.65 30.30 44.28
N GLY G 113 42.77 31.58 43.99
CA GLY G 113 44.05 32.14 43.66
C GLY G 113 44.96 32.24 44.86
N LYS G 114 46.25 32.51 44.61
CA LYS G 114 47.22 32.67 45.67
C LYS G 114 46.94 33.89 46.55
N GLY G 115 46.24 34.88 46.04
CA GLY G 115 45.79 35.99 46.85
C GLY G 115 46.71 37.20 46.83
N THR G 116 46.18 38.34 46.44
CA THR G 116 46.93 39.59 46.45
C THR G 116 46.75 40.27 47.80
N THR G 117 47.84 40.42 48.55
CA THR G 117 47.78 41.07 49.84
C THR G 117 47.59 42.58 49.66
N VAL G 118 46.77 43.18 50.50
CA VAL G 118 46.53 44.61 50.49
C VAL G 118 46.81 45.15 51.87
N THR G 119 47.41 46.34 51.93
CA THR G 119 47.83 46.94 53.20
C THR G 119 47.40 48.40 53.23
N VAL G 120 46.93 48.85 54.40
CA VAL G 120 46.58 50.24 54.62
C VAL G 120 47.69 50.88 55.44
N SER G 121 48.22 51.99 54.96
CA SER G 121 49.43 52.57 55.54
C SER G 121 49.11 53.55 56.65
N SER G 122 50.17 54.13 57.21
CA SER G 122 50.05 55.11 58.29
C SER G 122 51.28 56.03 58.32
N ALA H 3 25.81 36.88 60.92
CA ALA H 3 26.89 35.91 60.78
C ALA H 3 26.46 34.53 61.25
N LEU H 4 27.36 33.57 61.17
CA LEU H 4 27.11 32.21 61.65
C LEU H 4 27.83 31.98 62.96
N THR H 5 27.10 31.53 63.96
CA THR H 5 27.73 31.07 65.20
C THR H 5 28.50 29.79 64.93
N GLN H 6 29.63 29.64 65.58
CA GLN H 6 30.49 28.50 65.31
C GLN H 6 31.39 28.22 66.51
N PRO H 7 31.52 26.97 66.92
CA PRO H 7 32.51 26.62 67.95
C PRO H 7 33.92 26.90 67.48
N PRO H 8 34.81 27.30 68.39
CA PRO H 8 36.12 27.79 67.95
C PRO H 8 37.14 26.72 67.62
N SER H 9 37.07 25.54 68.22
CA SER H 9 38.17 24.59 68.06
C SER H 9 37.69 23.16 68.30
N ALA H 10 38.54 22.23 67.89
CA ALA H 10 38.37 20.80 68.16
C ALA H 10 39.75 20.18 68.34
N SER H 11 39.80 19.07 69.07
CA SER H 11 41.07 18.48 69.46
C SER H 11 41.09 17.00 69.10
N GLY H 12 42.29 16.42 69.10
CA GLY H 12 42.42 15.01 68.77
C GLY H 12 43.87 14.56 68.73
N SER H 13 44.08 13.43 68.08
CA SER H 13 45.39 12.82 67.90
C SER H 13 45.36 12.06 66.58
N PRO H 14 46.52 11.85 65.93
CA PRO H 14 46.49 11.23 64.61
C PRO H 14 46.09 9.75 64.67
N GLY H 15 45.04 9.44 63.90
CA GLY H 15 44.39 8.14 63.96
C GLY H 15 43.08 8.13 64.71
N GLN H 16 42.59 9.27 65.19
CA GLN H 16 41.35 9.34 65.95
C GLN H 16 40.21 9.87 65.09
N SER H 17 39.09 10.14 65.74
CA SER H 17 37.89 10.68 65.11
C SER H 17 37.36 11.85 65.92
N VAL H 18 37.20 13.00 65.25
CA VAL H 18 36.70 14.22 65.88
C VAL H 18 35.76 14.90 64.90
N THR H 19 35.05 15.92 65.39
CA THR H 19 34.09 16.62 64.56
C THR H 19 34.13 18.11 64.84
N ILE H 20 33.57 18.87 63.90
CA ILE H 20 33.45 20.32 64.01
C ILE H 20 32.08 20.71 63.50
N SER H 21 31.43 21.64 64.19
CA SER H 21 30.02 21.93 63.93
C SER H 21 29.83 23.39 63.57
N CYS H 22 28.66 23.67 62.99
CA CYS H 22 28.30 24.99 62.46
C CYS H 22 26.90 25.35 62.94
N THR H 23 26.82 26.34 63.83
CA THR H 23 25.56 26.67 64.49
C THR H 23 24.75 27.70 63.72
N GLY H 24 24.32 27.35 62.50
CA GLY H 24 23.51 28.27 61.74
C GLY H 24 22.08 28.32 62.26
N THR H 25 21.32 29.28 61.75
CA THR H 25 19.93 29.42 62.13
C THR H 25 19.02 28.71 61.13
N SER H 26 18.11 27.88 61.65
CA SER H 26 17.17 27.17 60.78
C SER H 26 16.20 28.10 60.07
N SER H 27 16.02 29.32 60.59
CA SER H 27 15.12 30.28 59.96
C SER H 27 15.65 30.77 58.61
N ASP H 28 16.96 31.00 58.48
CA ASP H 28 17.47 31.64 57.28
C ASP H 28 18.59 30.80 56.67
N VAL H 29 19.43 30.21 57.52
CA VAL H 29 20.65 29.57 57.02
C VAL H 29 20.34 28.15 56.55
N GLY H 30 19.67 27.36 57.38
CA GLY H 30 19.43 25.97 57.03
C GLY H 30 18.30 25.75 56.04
N GLY H 31 17.45 26.75 55.83
CA GLY H 31 16.32 26.58 54.92
C GLY H 31 16.73 26.46 53.47
N TYR H 32 17.73 27.22 53.06
CA TYR H 32 18.22 27.15 51.69
C TYR H 32 19.49 26.32 51.62
N ASN H 33 19.74 25.57 52.69
CA ASN H 33 20.92 24.71 52.86
C ASN H 33 22.21 25.05 52.11
N TYR H 34 22.42 24.35 51.00
CA TYR H 34 23.62 24.48 50.14
C TYR H 34 24.92 24.61 50.94
N VAL H 35 25.05 23.93 52.07
CA VAL H 35 26.12 24.21 53.02
C VAL H 35 27.43 23.68 52.48
N SER H 36 28.41 24.56 52.35
CA SER H 36 29.72 24.20 51.83
C SER H 36 30.78 24.44 52.90
N TRP H 37 31.64 23.46 53.09
CA TRP H 37 32.75 23.52 54.02
C TRP H 37 34.06 23.69 53.26
N TYR H 38 34.96 24.50 53.81
CA TYR H 38 36.26 24.75 53.18
C TYR H 38 37.37 24.51 54.19
N GLN H 39 38.44 23.87 53.73
CA GLN H 39 39.60 23.59 54.56
C GLN H 39 40.73 24.53 54.18
N GLN H 40 41.21 25.30 55.15
CA GLN H 40 42.17 26.37 54.90
C GLN H 40 43.39 26.20 55.79
N HIS H 41 44.52 25.84 55.19
CA HIS H 41 45.79 25.98 55.86
C HIS H 41 46.17 27.46 55.96
N PRO H 42 46.93 27.85 56.98
CA PRO H 42 47.45 29.21 57.01
C PRO H 42 48.48 29.43 55.92
N GLY H 43 48.43 30.59 55.29
CA GLY H 43 49.40 30.97 54.28
C GLY H 43 49.10 30.52 52.87
N LYS H 44 48.07 29.71 52.66
CA LYS H 44 47.73 29.22 51.33
C LYS H 44 46.23 29.29 51.13
N ALA H 45 45.81 29.16 49.87
CA ALA H 45 44.40 29.21 49.53
C ALA H 45 43.68 27.96 50.03
N PRO H 46 42.41 28.08 50.39
CA PRO H 46 41.62 26.91 50.78
C PRO H 46 41.01 26.22 49.57
N LYS H 47 40.39 25.07 49.83
CA LYS H 47 39.68 24.31 48.82
C LYS H 47 38.36 23.83 49.40
N LEU H 48 37.38 23.58 48.53
CA LEU H 48 36.12 23.03 49.00
C LEU H 48 36.33 21.59 49.47
N MET H 49 35.62 21.23 50.52
CA MET H 49 35.81 19.88 51.03
C MET H 49 34.51 19.10 51.12
N ILE H 50 33.39 19.79 51.27
CA ILE H 50 32.07 19.23 51.04
C ILE H 50 31.23 20.32 50.41
N TYR H 51 30.96 20.20 49.10
CA TYR H 51 30.39 21.30 48.34
C TYR H 51 28.90 21.34 48.65
N GLU H 52 28.15 20.26 48.44
CA GLU H 52 26.78 20.21 48.90
C GLU H 52 26.76 19.88 50.39
N VAL H 53 25.56 19.59 50.90
CA VAL H 53 25.40 19.32 52.32
C VAL H 53 26.10 18.03 52.71
N SER H 54 26.29 17.11 51.76
CA SER H 54 26.92 15.84 52.05
C SER H 54 27.86 15.31 50.97
N LYS H 55 28.10 16.05 49.90
CA LYS H 55 28.82 15.53 48.74
C LYS H 55 30.25 16.06 48.71
N ARG H 56 31.21 15.15 48.55
CA ARG H 56 32.61 15.51 48.44
C ARG H 56 32.96 15.89 46.99
N PRO H 57 33.88 16.82 46.79
CA PRO H 57 34.37 17.06 45.43
C PRO H 57 35.36 16.00 45.00
N SER H 58 35.73 16.06 43.72
CA SER H 58 36.71 15.12 43.19
C SER H 58 38.08 15.36 43.82
N GLY H 59 38.74 14.26 44.18
CA GLY H 59 40.02 14.35 44.87
C GLY H 59 39.93 14.43 46.36
N VAL H 60 38.74 14.63 46.92
CA VAL H 60 38.60 14.66 48.38
C VAL H 60 38.70 13.25 48.92
N PRO H 61 39.49 13.00 49.98
CA PRO H 61 39.49 11.69 50.60
C PRO H 61 38.14 11.36 51.22
N ASP H 62 37.81 10.07 51.24
CA ASP H 62 36.53 9.64 51.78
C ASP H 62 36.45 9.73 53.30
N ARG H 63 37.59 9.89 53.99
CA ARG H 63 37.59 9.95 55.44
C ARG H 63 36.91 11.20 55.98
N PHE H 64 36.65 12.19 55.13
CA PHE H 64 35.89 13.38 55.50
C PHE H 64 34.42 13.16 55.16
N SER H 65 33.55 13.43 56.13
CA SER H 65 32.12 13.25 55.96
C SER H 65 31.40 14.46 56.54
N GLY H 66 30.18 14.68 56.07
CA GLY H 66 29.38 15.76 56.60
C GLY H 66 27.95 15.63 56.15
N SER H 67 27.07 16.21 56.96
CA SER H 67 25.64 16.27 56.68
C SER H 67 25.03 17.26 57.65
N LYS H 68 24.02 17.99 57.18
CA LYS H 68 23.29 18.88 58.06
C LYS H 68 22.47 18.05 59.04
N SER H 69 22.16 18.62 60.19
CA SER H 69 21.32 17.92 61.15
C SER H 69 20.41 18.91 61.86
N GLY H 70 19.20 19.07 61.36
CA GLY H 70 18.35 20.14 61.84
C GLY H 70 18.91 21.48 61.41
N ASN H 71 19.08 22.39 62.37
CA ASN H 71 19.66 23.69 62.07
C ASN H 71 21.17 23.59 61.86
N THR H 72 21.85 22.83 62.71
CA THR H 72 23.31 22.79 62.67
C THR H 72 23.81 21.88 61.56
N ALA H 73 25.04 22.13 61.12
CA ALA H 73 25.74 21.28 60.17
C ALA H 73 27.10 20.93 60.78
N SER H 74 27.62 19.76 60.39
CA SER H 74 28.85 19.29 61.01
C SER H 74 29.66 18.49 60.00
N LEU H 75 30.98 18.67 60.07
CA LEU H 75 31.94 17.90 59.29
C LEU H 75 32.85 17.14 60.23
N THR H 76 33.00 15.84 59.98
CA THR H 76 33.75 14.96 60.86
C THR H 76 34.96 14.39 60.12
N VAL H 77 36.04 14.19 60.87
CA VAL H 77 37.29 13.69 60.33
C VAL H 77 37.64 12.41 61.08
N SER H 78 37.88 11.33 60.34
CA SER H 78 38.18 10.03 60.92
C SER H 78 39.55 9.57 60.45
N GLY H 79 40.38 9.12 61.40
CA GLY H 79 41.72 8.69 61.07
C GLY H 79 42.61 9.79 60.56
N LEU H 80 42.61 10.95 61.22
CA LEU H 80 43.34 12.10 60.74
C LEU H 80 44.85 11.92 60.93
N GLN H 81 45.60 12.87 60.41
CA GLN H 81 47.05 12.86 60.48
C GLN H 81 47.55 14.29 60.51
N ALA H 82 48.83 14.47 60.21
CA ALA H 82 49.40 15.81 60.14
C ALA H 82 48.91 16.59 58.93
N GLU H 83 48.24 15.93 57.98
CA GLU H 83 47.72 16.62 56.80
C GLU H 83 46.47 17.43 57.11
N ASP H 84 45.81 17.18 58.25
CA ASP H 84 44.53 17.81 58.53
C ASP H 84 44.61 18.92 59.57
N GLU H 85 45.81 19.44 59.87
CA GLU H 85 45.92 20.57 60.79
C GLU H 85 45.59 21.87 60.07
N ALA H 86 44.31 22.24 60.05
CA ALA H 86 43.89 23.39 59.27
C ALA H 86 42.67 24.03 59.92
N ASP H 87 42.38 25.25 59.50
CA ASP H 87 41.12 25.89 59.84
C ASP H 87 40.02 25.34 58.94
N TYR H 88 38.78 25.36 59.43
CA TYR H 88 37.64 24.87 58.68
C TYR H 88 36.50 25.88 58.81
N TYR H 89 35.90 26.22 57.68
CA TYR H 89 34.93 27.31 57.61
C TYR H 89 33.60 26.81 57.08
N CYS H 90 32.53 27.21 57.75
CA CYS H 90 31.16 26.92 57.34
C CYS H 90 30.63 28.06 56.46
N SER H 91 29.72 27.71 55.56
CA SER H 91 29.11 28.69 54.68
C SER H 91 27.77 28.18 54.19
N SER H 92 26.93 29.11 53.73
CA SER H 92 25.60 28.78 53.23
C SER H 92 25.06 29.93 52.38
N TYR H 93 23.87 29.71 51.82
CA TYR H 93 23.25 30.71 50.95
C TYR H 93 22.82 31.97 51.71
N ALA H 94 22.25 31.80 52.91
CA ALA H 94 21.63 32.87 53.70
C ALA H 94 20.51 33.58 52.94
N GLY H 95 19.65 32.80 52.29
CA GLY H 95 18.35 33.26 51.86
C GLY H 95 18.31 34.12 50.61
N SER H 96 19.32 34.95 50.37
CA SER H 96 19.40 35.75 49.16
C SER H 96 20.86 35.77 48.73
N ASN H 97 21.16 36.63 47.75
CA ASN H 97 22.49 36.65 47.15
C ASN H 97 23.59 37.05 48.12
N ASN H 98 23.24 37.63 49.27
CA ASN H 98 24.21 37.96 50.31
C ASN H 98 24.60 36.67 51.03
N LEU H 99 25.69 36.07 50.58
CA LEU H 99 26.25 34.90 51.24
C LEU H 99 26.91 35.30 52.56
N VAL H 100 26.97 34.33 53.48
CA VAL H 100 27.64 34.52 54.77
C VAL H 100 28.58 33.33 54.99
N PHE H 101 29.64 33.54 55.75
CA PHE H 101 30.52 32.49 56.22
C PHE H 101 30.40 32.34 57.73
N GLY H 102 30.97 31.25 58.24
CA GLY H 102 31.14 31.09 59.67
C GLY H 102 32.40 31.76 60.15
N GLY H 103 32.56 31.75 61.48
CA GLY H 103 33.77 32.30 62.08
C GLY H 103 35.03 31.53 61.75
N GLY H 104 34.96 30.20 61.75
CA GLY H 104 36.10 29.40 61.39
C GLY H 104 36.71 28.64 62.56
N THR H 105 36.40 27.35 62.65
CA THR H 105 36.99 26.52 63.70
C THR H 105 38.40 26.10 63.31
N LYS H 106 39.18 25.67 64.31
CA LYS H 106 40.56 25.27 64.07
C LYS H 106 40.75 23.83 64.52
N LEU H 107 41.15 22.95 63.60
CA LEU H 107 41.46 21.57 63.94
C LEU H 107 42.82 21.49 64.62
N THR H 108 42.90 20.72 65.69
CA THR H 108 44.14 20.54 66.43
C THR H 108 44.33 19.07 66.76
N VAL H 109 45.56 18.61 66.68
CA VAL H 109 45.91 17.22 67.00
C VAL H 109 46.98 17.23 68.08
N LEU H 110 46.80 16.42 69.11
CA LEU H 110 47.75 16.36 70.22
C LEU H 110 48.91 15.43 69.88
N ALA I 3 60.65 -39.69 23.16
CA ALA I 3 60.75 -38.36 22.59
C ALA I 3 60.97 -38.43 21.08
N LEU I 4 61.08 -37.26 20.45
CA LEU I 4 61.32 -37.19 19.02
C LEU I 4 62.82 -37.33 18.76
N THR I 5 63.19 -38.34 17.97
CA THR I 5 64.58 -38.51 17.58
C THR I 5 65.00 -37.40 16.62
N GLN I 6 66.29 -37.09 16.63
CA GLN I 6 66.77 -35.96 15.85
C GLN I 6 68.25 -36.11 15.53
N PRO I 7 68.67 -35.83 14.30
CA PRO I 7 70.10 -35.77 13.98
C PRO I 7 70.78 -34.67 14.77
N PRO I 8 72.05 -34.86 15.14
CA PRO I 8 72.66 -33.94 16.11
C PRO I 8 73.24 -32.66 15.53
N SER I 9 73.67 -32.62 14.27
CA SER I 9 74.44 -31.48 13.81
C SER I 9 74.26 -31.24 12.32
N ALA I 10 74.62 -30.03 11.90
CA ALA I 10 74.64 -29.64 10.50
C ALA I 10 75.69 -28.56 10.32
N SER I 11 76.27 -28.49 9.12
CA SER I 11 77.41 -27.62 8.88
C SER I 11 77.18 -26.77 7.64
N GLY I 12 78.02 -25.75 7.49
CA GLY I 12 77.91 -24.87 6.35
C GLY I 12 78.91 -23.74 6.41
N SER I 13 78.72 -22.77 5.53
CA SER I 13 79.53 -21.56 5.45
C SER I 13 78.59 -20.40 5.15
N PRO I 14 78.99 -19.17 5.49
CA PRO I 14 78.11 -18.02 5.23
C PRO I 14 77.88 -17.79 3.74
N GLY I 15 76.59 -17.73 3.38
CA GLY I 15 76.19 -17.64 1.99
C GLY I 15 75.72 -18.95 1.38
N GLN I 16 75.83 -20.06 2.09
CA GLN I 16 75.44 -21.35 1.57
C GLN I 16 73.99 -21.68 1.92
N SER I 17 73.62 -22.94 1.69
CA SER I 17 72.32 -23.47 2.03
C SER I 17 72.49 -24.83 2.71
N VAL I 18 71.86 -24.98 3.87
CA VAL I 18 71.93 -26.24 4.62
C VAL I 18 70.53 -26.53 5.13
N THR I 19 70.36 -27.72 5.71
CA THR I 19 69.06 -28.13 6.21
C THR I 19 69.22 -28.84 7.55
N ILE I 20 68.12 -28.86 8.30
CA ILE I 20 68.04 -29.57 9.58
C ILE I 20 66.73 -30.34 9.59
N SER I 21 66.67 -31.39 10.40
CA SER I 21 65.48 -32.23 10.48
C SER I 21 65.44 -32.91 11.82
N CYS I 22 64.25 -33.42 12.17
CA CYS I 22 64.09 -34.30 13.33
C CYS I 22 63.12 -35.41 12.97
N THR I 23 63.59 -36.65 13.11
CA THR I 23 62.87 -37.82 12.60
C THR I 23 61.83 -38.32 13.59
N GLY I 24 60.75 -37.56 13.76
CA GLY I 24 59.64 -38.05 14.54
C GLY I 24 58.89 -39.15 13.81
N THR I 25 58.06 -39.87 14.55
CA THR I 25 57.28 -40.95 13.96
C THR I 25 56.17 -40.39 13.09
N SER I 26 55.55 -41.27 12.30
CA SER I 26 54.35 -40.89 11.56
C SER I 26 53.24 -40.48 12.52
N SER I 27 52.99 -41.30 13.53
CA SER I 27 52.21 -40.89 14.67
C SER I 27 52.90 -39.73 15.38
N ASP I 28 52.09 -38.82 15.93
CA ASP I 28 52.50 -37.73 16.80
C ASP I 28 53.31 -36.62 16.11
N VAL I 29 53.64 -36.79 14.82
CA VAL I 29 54.23 -35.71 14.05
C VAL I 29 53.46 -35.51 12.75
N GLY I 30 53.28 -36.59 11.97
CA GLY I 30 52.77 -36.43 10.63
C GLY I 30 51.30 -36.05 10.59
N GLY I 31 50.42 -36.92 11.10
CA GLY I 31 49.00 -36.62 11.07
C GLY I 31 48.57 -35.74 12.23
N TYR I 32 49.37 -35.71 13.29
CA TYR I 32 49.12 -34.79 14.39
C TYR I 32 49.85 -33.47 14.22
N ASN I 33 49.26 -32.53 13.48
CA ASN I 33 49.88 -31.26 13.08
C ASN I 33 50.11 -30.31 14.23
N TYR I 34 50.48 -29.07 13.89
CA TYR I 34 50.95 -27.97 14.74
C TYR I 34 52.40 -28.15 15.16
N VAL I 35 53.18 -28.88 14.36
CA VAL I 35 54.62 -29.01 14.55
C VAL I 35 55.28 -27.64 14.39
N SER I 36 56.14 -27.28 15.32
CA SER I 36 56.83 -26.00 15.31
C SER I 36 58.31 -26.17 15.62
N TRP I 37 59.13 -25.22 15.16
CA TRP I 37 60.55 -25.18 15.48
C TRP I 37 60.90 -23.88 16.19
N TYR I 38 62.03 -23.89 16.89
CA TYR I 38 62.49 -22.74 17.68
C TYR I 38 63.98 -22.56 17.49
N GLN I 39 64.43 -21.30 17.50
CA GLN I 39 65.84 -20.95 17.37
C GLN I 39 66.36 -20.44 18.70
N GLN I 40 67.43 -21.06 19.21
CA GLN I 40 67.89 -20.81 20.57
C GLN I 40 69.39 -20.53 20.57
N HIS I 41 69.78 -19.27 20.73
CA HIS I 41 71.17 -18.99 21.06
C HIS I 41 71.45 -19.40 22.51
N PRO I 42 72.67 -19.85 22.80
CA PRO I 42 73.03 -20.13 24.20
C PRO I 42 73.10 -18.85 25.01
N GLY I 43 72.70 -18.95 26.28
CA GLY I 43 72.73 -17.81 27.16
C GLY I 43 71.59 -16.83 26.99
N LYS I 44 70.61 -17.15 26.16
CA LYS I 44 69.48 -16.25 25.92
C LYS I 44 68.25 -17.08 25.63
N ALA I 45 67.09 -16.43 25.75
CA ALA I 45 65.83 -17.11 25.49
C ALA I 45 65.65 -17.33 24.00
N PRO I 46 65.02 -18.43 23.61
CA PRO I 46 64.73 -18.67 22.19
C PRO I 46 63.46 -17.95 21.75
N LYS I 47 63.20 -18.05 20.44
CA LYS I 47 62.01 -17.50 19.83
C LYS I 47 61.47 -18.49 18.82
N LEU I 48 60.16 -18.43 18.59
CA LEU I 48 59.55 -19.32 17.61
C LEU I 48 59.96 -18.91 16.21
N MET I 49 60.35 -19.87 15.42
CA MET I 49 60.86 -19.52 14.10
C MET I 49 59.96 -20.03 12.98
N ILE I 50 59.34 -21.19 13.17
CA ILE I 50 58.27 -21.68 12.32
C ILE I 50 57.13 -22.10 13.24
N TYR I 51 55.95 -21.49 13.07
CA TYR I 51 54.94 -21.75 14.09
C TYR I 51 54.00 -22.86 13.64
N GLU I 52 53.46 -22.75 12.43
CA GLU I 52 52.73 -23.86 11.84
C GLU I 52 53.71 -24.87 11.26
N VAL I 53 53.18 -25.80 10.47
CA VAL I 53 54.04 -26.78 9.81
C VAL I 53 54.89 -26.08 8.75
N SER I 54 54.39 -24.99 8.18
CA SER I 54 55.12 -24.31 7.11
C SER I 54 55.06 -22.78 7.16
N LYS I 55 54.80 -22.18 8.31
CA LYS I 55 54.49 -20.75 8.39
C LYS I 55 55.46 -20.02 9.32
N ARG I 56 55.85 -18.77 8.94
CA ARG I 56 56.81 -17.88 9.59
C ARG I 56 56.08 -16.80 10.40
N PRO I 57 56.47 -16.57 11.66
CA PRO I 57 55.86 -15.48 12.41
C PRO I 57 56.35 -14.13 11.91
N SER I 58 55.76 -13.08 12.45
CA SER I 58 56.15 -11.73 12.07
C SER I 58 57.58 -11.45 12.51
N GLY I 59 58.35 -10.81 11.65
CA GLY I 59 59.75 -10.56 11.91
C GLY I 59 60.69 -11.68 11.50
N VAL I 60 60.16 -12.81 11.05
CA VAL I 60 61.02 -13.90 10.57
C VAL I 60 61.64 -13.50 9.24
N PRO I 61 62.95 -13.65 9.06
CA PRO I 61 63.56 -13.40 7.75
C PRO I 61 63.09 -14.40 6.71
N ASP I 62 63.16 -13.98 5.45
CA ASP I 62 62.68 -14.80 4.34
C ASP I 62 63.57 -15.99 4.04
N ARG I 63 64.78 -16.02 4.59
CA ARG I 63 65.70 -17.11 4.29
C ARG I 63 65.26 -18.43 4.89
N PHE I 64 64.37 -18.41 5.87
CA PHE I 64 63.96 -19.63 6.56
C PHE I 64 62.67 -20.17 5.97
N SER I 65 62.64 -21.49 5.76
CA SER I 65 61.47 -22.17 5.26
C SER I 65 61.51 -23.62 5.72
N GLY I 66 60.33 -24.16 5.96
CA GLY I 66 60.24 -25.55 6.38
C GLY I 66 58.88 -26.12 6.06
N SER I 67 58.83 -27.45 5.98
CA SER I 67 57.59 -28.17 5.75
C SER I 67 57.79 -29.62 6.17
N LYS I 68 56.73 -30.19 6.74
CA LYS I 68 56.77 -31.60 7.05
C LYS I 68 56.79 -32.42 5.77
N SER I 69 57.36 -33.62 5.87
CA SER I 69 57.43 -34.51 4.72
C SER I 69 57.19 -35.95 5.16
N GLY I 70 55.93 -36.39 5.11
CA GLY I 70 55.60 -37.69 5.65
C GLY I 70 55.76 -37.69 7.15
N ASN I 71 56.52 -38.65 7.66
CA ASN I 71 56.75 -38.72 9.11
C ASN I 71 57.69 -37.62 9.59
N THR I 72 58.79 -37.39 8.87
CA THR I 72 59.78 -36.44 9.33
C THR I 72 59.35 -35.01 9.03
N ALA I 73 60.00 -34.07 9.71
CA ALA I 73 59.86 -32.65 9.45
C ALA I 73 61.23 -32.03 9.30
N SER I 74 61.31 -30.97 8.51
CA SER I 74 62.60 -30.37 8.21
C SER I 74 62.43 -28.91 7.83
N LEU I 75 63.36 -28.09 8.32
CA LEU I 75 63.45 -26.68 7.95
C LEU I 75 64.85 -26.42 7.43
N THR I 76 64.95 -25.73 6.29
CA THR I 76 66.23 -25.45 5.66
C THR I 76 66.47 -23.95 5.62
N VAL I 77 67.74 -23.56 5.67
CA VAL I 77 68.14 -22.17 5.66
C VAL I 77 69.16 -21.96 4.56
N SER I 78 68.94 -20.92 3.74
CA SER I 78 69.82 -20.59 2.64
C SER I 78 70.29 -19.15 2.79
N GLY I 79 71.54 -18.90 2.40
CA GLY I 79 72.15 -17.60 2.60
C GLY I 79 72.41 -17.25 4.05
N LEU I 80 72.92 -18.20 4.83
CA LEU I 80 73.13 -17.98 6.25
C LEU I 80 74.31 -17.04 6.50
N GLN I 81 74.45 -16.64 7.75
CA GLN I 81 75.51 -15.73 8.18
C GLN I 81 75.89 -16.07 9.61
N ALA I 82 76.58 -15.14 10.26
CA ALA I 82 76.94 -15.34 11.66
C ALA I 82 75.74 -15.19 12.59
N GLU I 83 74.62 -14.67 12.07
CA GLU I 83 73.42 -14.50 12.86
C GLU I 83 72.73 -15.82 13.19
N ASP I 84 73.08 -16.91 12.52
CA ASP I 84 72.40 -18.18 12.70
C ASP I 84 73.26 -19.24 13.39
N GLU I 85 74.20 -18.83 14.25
CA GLU I 85 75.01 -19.78 15.01
C GLU I 85 74.27 -20.11 16.31
N ALA I 86 73.26 -20.94 16.19
CA ALA I 86 72.44 -21.35 17.32
C ALA I 86 71.92 -22.76 17.07
N ASP I 87 71.50 -23.43 18.13
CA ASP I 87 70.90 -24.75 17.95
C ASP I 87 69.39 -24.63 17.75
N TYR I 88 68.80 -25.64 17.13
CA TYR I 88 67.42 -25.58 16.66
C TYR I 88 66.65 -26.76 17.22
N TYR I 89 65.51 -26.46 17.85
CA TYR I 89 64.70 -27.46 18.52
C TYR I 89 63.36 -27.57 17.80
N CYS I 90 62.89 -28.80 17.59
CA CYS I 90 61.57 -28.99 17.00
C CYS I 90 60.60 -29.47 18.07
N SER I 91 59.31 -29.31 17.78
CA SER I 91 58.27 -29.56 18.76
C SER I 91 57.02 -30.04 18.05
N SER I 92 56.29 -30.94 18.72
CA SER I 92 55.02 -31.44 18.20
C SER I 92 54.06 -31.68 19.35
N TYR I 93 52.78 -31.78 19.02
CA TYR I 93 51.75 -31.98 20.03
C TYR I 93 51.82 -33.36 20.67
N ALA I 94 51.89 -34.41 19.87
CA ALA I 94 52.11 -35.79 20.33
C ALA I 94 51.00 -36.30 21.25
N GLY I 95 49.78 -35.78 21.11
CA GLY I 95 48.63 -36.41 21.73
C GLY I 95 48.32 -36.06 23.17
N SER I 96 47.07 -35.65 23.43
CA SER I 96 46.48 -35.56 24.77
C SER I 96 47.24 -34.62 25.69
N ASN I 97 47.54 -33.41 25.21
CA ASN I 97 48.23 -32.34 25.93
C ASN I 97 49.62 -32.74 26.39
N ASN I 98 50.18 -33.82 25.83
CA ASN I 98 51.51 -34.29 26.20
C ASN I 98 52.51 -33.89 25.11
N LEU I 99 52.86 -32.61 25.11
CA LEU I 99 53.85 -32.11 24.17
C LEU I 99 55.24 -32.63 24.51
N VAL I 100 56.04 -32.83 23.45
CA VAL I 100 57.44 -33.24 23.56
C VAL I 100 58.26 -32.37 22.61
N PHE I 101 59.47 -32.03 23.01
CA PHE I 101 60.45 -31.38 22.15
C PHE I 101 61.40 -32.43 21.57
N GLY I 102 62.08 -32.07 20.50
CA GLY I 102 63.19 -32.87 20.02
C GLY I 102 64.45 -32.63 20.82
N GLY I 103 65.46 -33.44 20.54
CA GLY I 103 66.74 -33.29 21.22
C GLY I 103 67.51 -32.05 20.84
N GLY I 104 67.29 -31.52 19.63
CA GLY I 104 67.96 -30.31 19.21
C GLY I 104 69.21 -30.54 18.40
N THR I 105 69.29 -29.89 17.23
CA THR I 105 70.47 -29.94 16.38
C THR I 105 71.12 -28.57 16.35
N LYS I 106 72.45 -28.56 16.24
CA LYS I 106 73.20 -27.31 16.30
C LYS I 106 73.63 -26.92 14.89
N LEU I 107 73.22 -25.73 14.46
CA LEU I 107 73.62 -25.21 13.15
C LEU I 107 75.02 -24.62 13.26
N THR I 108 75.95 -25.15 12.47
CA THR I 108 77.33 -24.72 12.48
C THR I 108 77.69 -24.09 11.15
N VAL I 109 78.47 -23.01 11.20
CA VAL I 109 78.89 -22.29 10.02
C VAL I 109 80.39 -22.11 10.08
N LEU I 110 81.06 -22.37 8.95
CA LEU I 110 82.51 -22.20 8.87
C LEU I 110 82.90 -20.74 8.67
C1 NAG J . 36.15 -38.54 31.75
C2 NAG J . 35.30 -38.86 32.98
C3 NAG J . 35.96 -39.97 33.81
C4 NAG J . 36.26 -41.18 32.94
C5 NAG J . 37.11 -40.75 31.75
C6 NAG J . 37.40 -41.88 30.78
C7 NAG J . 34.03 -36.88 33.69
C8 NAG J . 33.99 -35.70 34.61
N2 NAG J . 35.10 -37.67 33.80
O3 NAG J . 35.09 -40.33 34.87
O4 NAG J . 36.94 -42.17 33.71
O5 NAG J . 36.42 -39.75 31.01
O6 NAG J . 36.24 -42.67 30.54
O7 NAG J . 33.15 -37.10 32.86
C1 NAG J . 36.09 -43.33 33.85
C2 NAG J . 36.88 -44.44 34.54
C3 NAG J . 35.99 -45.68 34.72
C4 NAG J . 34.69 -45.31 35.44
C5 NAG J . 34.00 -44.15 34.73
C6 NAG J . 32.79 -43.65 35.48
C7 NAG J . 39.25 -44.18 33.98
C8 NAG J . 40.38 -44.65 33.11
N2 NAG J . 38.07 -44.78 33.79
O3 NAG J . 36.69 -46.67 35.47
O4 NAG J . 33.82 -46.43 35.46
O5 NAG J . 34.89 -43.03 34.62
O6 NAG J . 33.11 -42.51 36.29
O7 NAG J . 39.41 -43.30 34.82
C1 NAG K . 22.25 8.26 40.57
C2 NAG K . 20.89 8.96 40.65
C3 NAG K . 20.95 10.36 40.03
C4 NAG K . 22.15 11.17 40.54
C5 NAG K . 23.43 10.33 40.51
C6 NAG K . 24.60 10.99 41.21
C7 NAG K . 19.74 7.80 38.75
C8 NAG K . 18.54 6.99 38.39
N2 NAG K . 19.82 8.16 40.05
O3 NAG K . 19.74 11.05 40.33
O4 NAG K . 22.30 12.26 39.64
O5 NAG K . 23.23 9.07 41.17
O6 NAG K . 24.17 11.80 42.29
O7 NAG K . 20.60 8.10 37.92
C1 NAG K . 22.38 13.61 40.19
C2 NAG K . 22.42 14.56 38.99
C3 NAG K . 22.49 16.03 39.42
C4 NAG K . 21.42 16.34 40.46
C5 NAG K . 21.43 15.30 41.59
C6 NAG K . 20.31 15.50 42.59
C7 NAG K . 24.74 14.15 37.91
C8 NAG K . 25.52 14.46 39.17
N2 NAG K . 23.38 14.23 37.93
O3 NAG K . 22.32 16.88 38.29
O4 NAG K . 21.66 17.64 41.00
O5 NAG K . 21.30 13.98 41.07
O6 NAG K . 19.06 15.70 41.93
O7 NAG K . 25.32 13.84 36.87
C1 BMA K . 20.61 18.58 40.62
C2 BMA K . 20.85 19.90 41.40
C3 BMA K . 19.81 20.94 40.98
C4 BMA K . 19.75 21.10 39.46
C5 BMA K . 19.54 19.72 38.78
C6 BMA K . 19.55 19.80 37.27
O2 BMA K . 22.12 20.44 41.09
O3 BMA K . 20.06 22.20 41.59
O4 BMA K . 18.69 21.96 39.10
O5 BMA K . 20.60 18.83 39.21
O6 BMA K . 18.87 18.68 36.75
C1 NAG L . -67.61 10.63 -21.36
C2 NAG L . -68.92 11.30 -21.76
C3 NAG L . -68.66 12.40 -22.79
C4 NAG L . -67.59 13.36 -22.32
C5 NAG L . -66.35 12.58 -21.87
C6 NAG L . -65.28 13.45 -21.25
C7 NAG L . -71.09 10.15 -21.83
C8 NAG L . -71.91 9.08 -22.49
N2 NAG L . -69.84 10.31 -22.30
O3 NAG L . -69.87 13.10 -23.03
O4 NAG L . -67.25 14.23 -23.38
O5 NAG L . -66.71 11.61 -20.88
O6 NAG L . -65.85 14.37 -20.32
O7 NAG L . -71.54 10.83 -20.91
C1 NAG L . -67.53 15.61 -23.02
C2 NAG L . -66.70 16.50 -23.95
C3 NAG L . -66.94 17.96 -23.64
C4 NAG L . -68.43 18.28 -23.65
C5 NAG L . -69.20 17.30 -22.76
C6 NAG L . -70.70 17.47 -22.85
C7 NAG L . -64.55 15.82 -24.92
C8 NAG L . -63.10 15.53 -24.65
N2 NAG L . -65.29 16.18 -23.87
O3 NAG L . -66.27 18.78 -24.58
O4 NAG L . -68.66 19.60 -23.19
O5 NAG L . -68.92 15.95 -23.15
O6 NAG L . -71.19 17.02 -24.11
O7 NAG L . -65.03 15.73 -26.05
C1 NAG M . 48.58 18.45 -33.16
C2 NAG M . 48.94 17.13 -33.87
C3 NAG M . 49.89 17.40 -35.04
C4 NAG M . 49.29 18.42 -35.99
C5 NAG M . 49.04 19.71 -35.21
C6 NAG M . 48.42 20.80 -36.04
C7 NAG M . 48.82 15.25 -32.30
C8 NAG M . 49.60 14.35 -31.38
N2 NAG M . 49.53 16.19 -32.95
O3 NAG M . 50.15 16.17 -35.71
O4 NAG M . 50.12 18.66 -37.11
O5 NAG M . 48.13 19.44 -34.13
O6 NAG M . 47.44 20.29 -36.93
O7 NAG M . 47.61 15.14 -32.45
C1 BMA M . 49.53 18.03 -38.27
C2 BMA M . 49.54 19.00 -39.48
C3 BMA M . 49.11 18.26 -40.75
C4 BMA M . 49.86 16.94 -40.94
C5 BMA M . 49.70 16.08 -39.67
C6 BMA M . 50.46 14.78 -39.74
O2 BMA M . 50.84 19.50 -39.71
O3 BMA M . 49.28 19.07 -41.92
O4 BMA M . 49.34 16.25 -42.06
O5 BMA M . 50.24 16.83 -38.56
O6 BMA M . 50.87 14.44 -38.42
C1 NAG N . -63.61 -33.02 -5.01
C2 NAG N . -64.83 -33.86 -4.67
C3 NAG N . -65.36 -33.52 -3.28
C4 NAG N . -64.24 -33.52 -2.23
C5 NAG N . -63.05 -32.71 -2.71
C6 NAG N . -61.84 -32.81 -1.82
C7 NAG N . -66.36 -34.63 -6.43
C8 NAG N . -67.43 -34.24 -7.40
N2 NAG N . -65.87 -33.66 -5.66
O3 NAG N . -66.37 -34.45 -2.91
O4 NAG N . -64.75 -32.92 -1.04
O5 NAG N . -62.64 -33.19 -4.01
O6 NAG N . -61.52 -34.16 -1.54
O7 NAG N . -65.95 -35.79 -6.35
C1 NAG N . -64.70 -33.81 0.09
C2 NAG N . -64.82 -32.95 1.34
C3 NAG N . -64.77 -33.83 2.59
C4 NAG N . -65.83 -34.93 2.51
C5 NAG N . -65.69 -35.70 1.19
C6 NAG N . -66.79 -36.71 0.99
C7 NAG N . -63.98 -30.69 1.78
C8 NAG N . -62.79 -29.79 1.77
N2 NAG N . -63.77 -31.95 1.39
O3 NAG N . -65.00 -33.03 3.74
O4 NAG N . -65.68 -35.83 3.60
O5 NAG N . -65.75 -34.80 0.08
O6 NAG N . -68.03 -36.07 0.71
O7 NAG N . -65.08 -30.30 2.14
C1 NAG O . 44.31 -16.23 2.47
C2 NAG O . 43.41 -17.45 2.60
C3 NAG O . 42.92 -17.63 4.04
C4 NAG O . 44.07 -17.57 5.04
C5 NAG O . 44.97 -16.36 4.77
C6 NAG O . 46.24 -16.37 5.58
C7 NAG O . 41.30 -16.51 1.63
C8 NAG O . 40.27 -16.70 0.57
N2 NAG O . 42.29 -17.42 1.66
O3 NAG O . 42.25 -18.89 4.15
O4 NAG O . 43.50 -17.43 6.34
O5 NAG O . 45.39 -16.33 3.39
O6 NAG O . 46.74 -17.68 5.78
O7 NAG O . 41.25 -15.55 2.42
C1 NAG O . 43.90 -18.40 7.34
C2 NAG O . 43.35 -17.89 8.67
C3 NAG O . 43.74 -18.83 9.80
C4 NAG O . 43.35 -20.28 9.48
C5 NAG O . 43.84 -20.68 8.09
C6 NAG O . 43.33 -22.03 7.63
C7 NAG O . 43.07 -15.44 8.86
C8 NAG O . 41.64 -15.65 8.48
N2 NAG O . 43.84 -16.54 8.94
O3 NAG O . 43.12 -18.42 11.00
O4 NAG O . 43.94 -21.12 10.46
O5 NAG O . 43.40 -19.73 7.10
O6 NAG O . 41.95 -22.18 7.92
O7 NAG O . 43.53 -14.32 9.09
C1 BMA O . 42.94 -21.83 11.23
C2 BMA O . 43.69 -22.79 12.20
C3 BMA O . 42.68 -23.54 13.06
C4 BMA O . 41.71 -22.59 13.75
C5 BMA O . 41.04 -21.67 12.70
C6 BMA O . 40.09 -20.65 13.30
O2 BMA O . 44.51 -22.05 13.09
O3 BMA O . 43.34 -24.35 14.03
O4 BMA O . 40.71 -23.34 14.42
O5 BMA O . 42.09 -20.97 11.98
O6 BMA O . 39.15 -20.28 12.31
C1 NAG P . 34.12 32.64 -1.94
C2 NAG P . 33.45 32.26 -3.25
C3 NAG P . 34.18 31.11 -3.93
C4 NAG P . 35.67 31.40 -4.05
C5 NAG P . 36.25 31.81 -2.70
C6 NAG P . 37.69 32.28 -2.76
C7 NAG P . 31.03 32.70 -3.39
C8 NAG P . 29.66 32.19 -3.10
N2 NAG P . 32.05 31.91 -3.03
O3 NAG P . 33.62 30.90 -5.22
O4 NAG P . 36.31 30.22 -4.51
O5 NAG P . 35.50 32.92 -2.16
O6 NAG P . 37.93 33.06 -3.92
O7 NAG P . 31.22 33.79 -3.94
C1 NAG P . 37.10 30.40 -5.72
C2 NAG P . 37.75 29.07 -6.06
C3 NAG P . 38.66 29.23 -7.28
C4 NAG P . 37.89 29.86 -8.44
C5 NAG P . 37.12 31.12 -8.01
C6 NAG P . 36.19 31.63 -9.07
C7 NAG P . 38.02 27.59 -4.12
C8 NAG P . 38.92 27.16 -3.00
N2 NAG P . 38.50 28.54 -4.94
O3 NAG P . 39.16 27.95 -7.65
O4 NAG P . 38.82 30.27 -9.45
O5 NAG P . 36.32 30.85 -6.85
O6 NAG P . 35.69 30.58 -9.89
O7 NAG P . 36.90 27.11 -4.28
C1 BMA P . 38.92 29.33 -10.54
C2 BMA P . 39.12 30.13 -11.86
C3 BMA P . 39.58 29.21 -13.00
C4 BMA P . 40.74 28.30 -12.55
C5 BMA P . 40.28 27.49 -11.35
C6 BMA P . 41.34 26.54 -10.85
O2 BMA P . 40.13 31.11 -11.70
O3 BMA P . 39.96 29.96 -14.14
O4 BMA P . 41.10 27.44 -13.60
O5 BMA P . 39.99 28.42 -10.29
O6 BMA P . 41.17 26.38 -9.45
C1 NAG Q . 11.54 45.24 41.58
C2 NAG Q . 10.73 45.77 40.41
C3 NAG Q . 10.32 47.23 40.65
C4 NAG Q . 9.62 47.38 42.00
C5 NAG Q . 10.45 46.72 43.12
C6 NAG Q . 9.72 46.65 44.44
C7 NAG Q . 11.09 44.95 38.11
C8 NAG Q . 12.00 44.95 36.93
N2 NAG Q . 11.49 45.67 39.16
O3 NAG Q . 9.45 47.65 39.60
O4 NAG Q . 9.50 48.76 42.32
O5 NAG Q . 10.76 45.37 42.77
O6 NAG Q . 9.24 45.33 44.69
O7 NAG Q . 10.04 44.31 38.12
C1 BMA Q . 8.17 49.27 42.14
C2 BMA Q . 7.49 49.38 43.53
C3 BMA Q . 6.20 50.21 43.47
C4 BMA Q . 6.42 51.52 42.71
C5 BMA Q . 6.97 51.20 41.33
C6 BMA Q . 7.21 52.45 40.49
O2 BMA Q . 8.34 50.03 44.45
O3 BMA Q . 5.71 50.50 44.77
O4 BMA Q . 5.20 52.21 42.60
O5 BMA Q . 8.22 50.52 41.47
O6 BMA Q . 8.47 52.31 39.85
C1 NAG R . -48.29 -22.45 -47.95
C2 NAG R . -48.98 -23.10 -49.14
C3 NAG R . -48.43 -24.50 -49.37
C4 NAG R . -46.90 -24.49 -49.45
C5 NAG R . -46.31 -23.76 -48.24
C6 NAG R . -44.82 -23.55 -48.32
C7 NAG R . -51.31 -23.03 -49.90
C8 NAG R . -52.74 -23.11 -49.50
N2 NAG R . -50.41 -23.16 -48.92
O3 NAG R . -48.96 -25.03 -50.58
O4 NAG R . -46.44 -25.84 -49.44
O5 NAG R . -46.90 -22.44 -48.16
O6 NAG R . -44.42 -23.15 -49.62
O7 NAG R . -50.97 -22.85 -51.06
C1 NAG R . -45.67 -26.15 -50.62
C2 NAG R . -44.92 -27.45 -50.34
C3 NAG R . -44.08 -27.85 -51.55
C4 NAG R . -44.95 -27.91 -52.80
C5 NAG R . -45.72 -26.60 -52.98
C6 NAG R . -46.69 -26.65 -54.13
C7 NAG R . -44.10 -28.20 -48.15
C8 NAG R . -43.18 -27.91 -47.01
N2 NAG R . -44.08 -27.32 -49.16
O3 NAG R . -43.48 -29.12 -51.31
O4 NAG R . -44.13 -28.13 -53.95
O5 NAG R . -46.48 -26.32 -51.80
O6 NAG R . -47.59 -27.75 -54.00
O7 NAG R . -44.82 -29.19 -48.16
C1 NAG S . 54.73 22.24 -24.89
C2 NAG S . 55.16 21.35 -26.03
C3 NAG S . 55.16 22.14 -27.32
C4 NAG S . 53.79 22.74 -27.57
C5 NAG S . 53.32 23.53 -26.35
C6 NAG S . 51.90 24.02 -26.46
C7 NAG S . 56.66 19.51 -25.40
C8 NAG S . 58.09 19.09 -25.17
N2 NAG S . 56.49 20.79 -25.77
O3 NAG S . 55.52 21.26 -28.39
O4 NAG S . 53.84 23.62 -28.69
O5 NAG S . 53.40 22.73 -25.16
O6 NAG S . 51.11 23.18 -27.30
O7 NAG S . 55.72 18.74 -25.26
C1 NAG S . 53.25 23.06 -29.88
C2 NAG S . 53.52 24.05 -31.00
C3 NAG S . 53.00 23.50 -32.33
C4 NAG S . 53.57 22.12 -32.59
C5 NAG S . 53.29 21.19 -31.41
C6 NAG S . 53.94 19.84 -31.55
C7 NAG S . 53.64 26.47 -30.66
C8 NAG S . 52.87 27.72 -30.34
N2 NAG S . 52.94 25.34 -30.71
O3 NAG S . 53.37 24.39 -33.38
O4 NAG S . 52.98 21.56 -33.77
O5 NAG S . 53.81 21.78 -30.21
O6 NAG S . 53.64 19.25 -32.81
O7 NAG S . 54.85 26.49 -30.85
C1 NAG T . 45.55 -33.06 30.89
C2 NAG T . 44.94 -33.71 32.11
C3 NAG T . 44.96 -35.22 31.94
C4 NAG T . 44.28 -35.63 30.64
C5 NAG T . 44.84 -34.83 29.46
C6 NAG T . 44.07 -35.05 28.18
C7 NAG T . 45.16 -32.43 34.19
C8 NAG T . 46.01 -32.13 35.38
N2 NAG T . 45.65 -33.32 33.32
O3 NAG T . 44.30 -35.82 33.05
O4 NAG T . 44.53 -37.01 30.40
O5 NAG T . 44.79 -33.42 29.74
O6 NAG T . 42.73 -35.46 28.42
O7 NAG T . 44.07 -31.89 34.01
C1 NAG T . 43.39 -37.86 30.65
C2 NAG T . 43.91 -39.29 30.67
C3 NAG T . 42.77 -40.25 30.99
C4 NAG T . 42.08 -39.86 32.27
C5 NAG T . 41.63 -38.40 32.21
C6 NAG T . 41.05 -37.90 33.51
C7 NAG T . 45.86 -39.57 29.20
C8 NAG T . 46.33 -39.96 27.83
N2 NAG T . 44.54 -39.63 29.41
O3 NAG T . 43.30 -41.57 31.11
O4 NAG T . 40.95 -40.69 32.50
O5 NAG T . 42.75 -37.56 31.90
O6 NAG T . 42.03 -37.88 34.53
O7 NAG T . 46.63 -39.21 30.08
C1 NAG U . 21.73 41.37 44.41
C2 NAG U . 21.22 42.71 43.95
C3 NAG U . 20.25 43.27 44.98
C4 NAG U . 19.12 42.27 45.25
C5 NAG U . 19.70 40.89 45.59
C6 NAG U . 18.65 39.81 45.69
C7 NAG U . 22.76 43.94 42.51
C8 NAG U . 23.90 44.92 42.45
N2 NAG U . 22.31 43.64 43.73
O3 NAG U . 19.71 44.49 44.49
O4 NAG U . 18.35 42.70 46.36
O5 NAG U . 20.63 40.47 44.58
O6 NAG U . 17.49 40.12 44.92
O7 NAG U . 22.28 43.44 41.49
C1 NAG U . 17.09 43.29 45.99
C2 NAG U . 16.37 43.66 47.27
C3 NAG U . 15.06 44.35 46.96
C4 NAG U . 15.28 45.54 46.04
C5 NAG U . 16.04 45.10 44.80
C6 NAG U . 16.42 46.26 43.90
C7 NAG U . 16.86 42.18 49.17
C8 NAG U . 16.49 40.93 49.89
N2 NAG U . 16.14 42.47 48.08
O3 NAG U . 14.46 44.80 48.18
O4 NAG U . 14.05 46.12 45.66
O5 NAG U . 17.27 44.46 45.18
O6 NAG U . 15.67 47.42 44.21
O7 NAG U . 17.78 42.91 49.56
C1 NAG V . -73.44 3.27 -4.03
C2 NAG V . -72.49 4.47 -4.14
C3 NAG V . -71.78 4.70 -2.80
C4 NAG V . -72.80 4.83 -1.67
C5 NAG V . -73.73 3.63 -1.65
C6 NAG V . -74.85 3.76 -0.64
C7 NAG V . -71.31 5.18 -6.16
C8 NAG V . -70.28 4.81 -7.18
N2 NAG V . -71.53 4.27 -5.20
O3 NAG V . -71.00 5.88 -2.89
O4 NAG V . -72.12 4.94 -0.43
O5 NAG V . -74.35 3.47 -2.93
O6 NAG V . -76.08 4.06 -1.28
O7 NAG V . -71.94 6.23 -6.22
C1 NAG W . 5.04 40.03 18.56
C2 NAG W . 5.18 38.61 19.13
C3 NAG W . 4.40 38.49 20.44
C4 NAG W . 4.83 39.57 21.42
C5 NAG W . 4.70 40.95 20.78
C6 NAG W . 5.22 42.06 21.65
C7 NAG W . 5.54 36.82 17.50
C8 NAG W . 4.89 35.86 16.54
N2 NAG W . 4.71 37.63 18.16
O3 NAG W . 4.62 37.20 21.00
O4 NAG W . 4.02 39.51 22.59
O5 NAG W . 5.46 40.99 19.56
O6 NAG W . 6.65 42.11 21.61
O7 NAG W . 6.75 36.87 17.65
C1 NAG X . -16.39 40.40 -20.17
C2 NAG X . -17.90 40.63 -20.15
C3 NAG X . -18.36 41.23 -21.48
C4 NAG X . -17.55 42.50 -21.79
C5 NAG X . -16.06 42.19 -21.73
C6 NAG X . -15.21 43.43 -21.91
C7 NAG X . -19.37 39.20 -18.81
C8 NAG X . -20.03 37.86 -18.70
N2 NAG X . -18.61 39.38 -19.89
O3 NAG X . -19.74 41.55 -21.40
O4 NAG X . -17.89 42.97 -23.09
O5 NAG X . -15.71 41.63 -20.46
O6 NAG X . -14.96 44.07 -20.66
O7 NAG X . -19.52 40.07 -17.96
C1 NAG Y . -88.28 -17.71 -7.66
C2 NAG Y . -89.32 -18.79 -7.92
C3 NAG Y . -89.69 -19.46 -6.59
C4 NAG Y . -88.43 -19.98 -5.89
C5 NAG Y . -87.40 -18.85 -5.76
C6 NAG Y . -86.08 -19.33 -5.21
C7 NAG Y . -91.34 -18.95 -9.31
C8 NAG Y . -92.53 -18.22 -9.84
N2 NAG Y . -90.53 -18.24 -8.53
O3 NAG Y . -90.59 -20.55 -6.82
O4 NAG Y . -88.80 -20.41 -4.58
O5 NAG Y . -87.12 -18.28 -7.05
O6 NAG Y . -85.47 -20.28 -6.06
O7 NAG Y . -91.13 -20.13 -9.57
C1 NAG Z . -84.72 0.55 -15.88
C2 NAG Z . -85.62 1.74 -15.58
C3 NAG Z . -86.97 1.58 -16.29
C4 NAG Z . -86.76 1.32 -17.78
C5 NAG Z . -85.82 0.13 -17.97
C6 NAG Z . -85.49 -0.12 -19.42
C7 NAG Z . -85.19 2.82 -13.42
C8 NAG Z . -85.52 2.84 -11.96
N2 NAG Z . -85.83 1.90 -14.14
O3 NAG Z . -87.74 2.76 -16.10
O4 NAG Z . -88.00 1.04 -18.40
O5 NAG Z . -84.58 0.39 -17.29
O6 NAG Z . -86.67 -0.21 -20.21
O7 NAG Z . -84.38 3.59 -13.92
C1 NAG AA . -52.24 17.97 -35.32
C2 NAG AA . -53.05 18.65 -36.43
C3 NAG AA . -52.28 19.82 -37.02
C4 NAG AA . -51.86 20.79 -35.92
C5 NAG AA . -51.09 20.05 -34.83
C6 NAG AA . -50.76 20.92 -33.64
C7 NAG AA . -54.62 17.18 -37.60
C8 NAG AA . -54.81 16.21 -38.73
N2 NAG AA . -53.39 17.69 -37.47
O3 NAG AA . -53.08 20.48 -37.98
O4 NAG AA . -51.06 21.83 -36.45
O5 NAG AA . -51.88 18.95 -34.34
O6 NAG AA . -51.94 21.47 -33.08
O7 NAG AA . -55.54 17.48 -36.85
C1 NAG BA . -76.34 -10.34 1.82
C2 NAG BA . -77.31 -11.49 1.60
C3 NAG BA . -78.60 -11.24 2.36
C4 NAG BA . -78.32 -10.99 3.83
C5 NAG BA . -77.31 -9.86 3.98
C6 NAG BA . -76.87 -9.63 5.41
C7 NAG BA . -77.32 -12.79 -0.48
C8 NAG BA . -77.66 -12.81 -1.93
N2 NAG BA . -77.58 -11.66 0.18
O3 NAG BA . -79.46 -12.37 2.22
O4 NAG BA . -79.52 -10.64 4.51
O5 NAG BA . -76.11 -10.16 3.23
O6 NAG BA . -76.34 -10.81 5.97
O7 NAG BA . -76.82 -13.76 0.08
C1 NAG CA . -51.43 18.39 18.44
C2 NAG CA . -52.21 19.55 19.07
C3 NAG CA . -51.71 19.81 20.49
C4 NAG CA . -51.76 18.52 21.31
C5 NAG CA . -51.01 17.41 20.60
C6 NAG CA . -51.12 16.07 21.29
C7 NAG CA . -52.96 21.10 17.31
C8 NAG CA . -52.68 22.37 16.58
N2 NAG CA . -52.09 20.76 18.27
O3 NAG CA . -52.51 20.80 21.10
O4 NAG CA . -51.19 18.73 22.59
O5 NAG CA . -51.54 17.23 19.27
O6 NAG CA . -52.47 15.63 21.36
O7 NAG CA . -53.93 20.39 17.05
C1 NAG DA . -33.07 12.74 26.07
C2 NAG DA . -34.22 11.75 26.19
C3 NAG DA . -35.16 12.17 27.31
C4 NAG DA . -34.39 12.34 28.62
C5 NAG DA . -33.23 13.31 28.42
C6 NAG DA . -32.34 13.43 29.63
C7 NAG DA . -34.70 10.68 24.03
C8 NAG DA . -35.54 10.73 22.78
N2 NAG DA . -34.95 11.64 24.93
O3 NAG DA . -36.17 11.17 27.47
O4 NAG DA . -35.26 12.86 29.63
O5 NAG DA . -32.39 12.85 27.34
O6 NAG DA . -31.83 12.16 30.03
O7 NAG DA . -33.84 9.83 24.21
C1 NAG EA . -37.81 28.34 -8.85
C2 NAG EA . -38.40 29.00 -10.10
C3 NAG EA . -39.42 28.07 -10.76
C4 NAG EA . -38.80 26.70 -11.03
C5 NAG EA . -38.22 26.13 -9.73
C6 NAG EA . -37.49 24.83 -9.94
C7 NAG EA . -38.38 31.45 -9.92
C8 NAG EA . -39.16 32.67 -9.54
N2 NAG EA . -39.02 30.28 -9.79
O3 NAG EA . -39.85 28.65 -11.99
O4 NAG EA . -39.79 25.81 -11.52
O5 NAG EA . -37.27 27.05 -9.19
O6 NAG EA . -36.72 24.85 -11.14
O7 NAG EA . -37.22 31.52 -10.32
C1 NAG FA . -6.82 5.11 47.83
C2 NAG FA . -7.97 4.14 48.09
C3 NAG FA . -9.24 4.93 48.40
C4 NAG FA . -9.01 5.88 49.56
C5 NAG FA . -7.79 6.77 49.29
C6 NAG FA . -7.42 7.62 50.48
C7 NAG FA . -7.99 1.94 47.03
C8 NAG FA . -8.22 1.17 45.76
N2 NAG FA . -8.16 3.26 46.96
O3 NAG FA . -10.29 4.01 48.72
O4 NAG FA . -10.16 6.69 49.76
O5 NAG FA . -6.64 5.96 48.99
O6 NAG FA . -6.22 7.17 51.09
O7 NAG FA . -7.65 1.38 48.07
C1 NAG GA . 18.95 51.61 15.06
C2 NAG GA . 19.39 50.20 14.68
C3 NAG GA . 19.58 49.33 15.92
C4 NAG GA . 20.52 50.01 16.91
C5 NAG GA . 19.99 51.41 17.25
C6 NAG GA . 20.91 52.19 18.15
C7 NAG GA . 18.66 49.31 12.49
C8 NAG GA . 20.01 49.68 11.97
N2 NAG GA . 18.42 49.58 13.79
O3 NAG GA . 20.11 48.06 15.55
O4 NAG GA . 20.62 49.25 18.10
O5 NAG GA . 19.86 52.16 16.03
O6 NAG GA . 20.52 53.55 18.22
O7 NAG GA . 17.81 48.79 11.77
C1 NAG HA . -34.59 -30.50 17.53
C2 NAG HA . -35.68 -29.69 16.85
C3 NAG HA . -37.03 -29.94 17.52
C4 NAG HA . -37.34 -31.43 17.58
C5 NAG HA . -36.19 -32.18 18.23
C6 NAG HA . -36.37 -33.68 18.20
C7 NAG HA . -35.60 -27.47 15.81
C8 NAG HA . -35.20 -26.04 15.98
N2 NAG HA . -35.36 -28.27 16.85
O3 NAG HA . -38.06 -29.25 16.82
O4 NAG HA . -38.53 -31.65 18.31
O5 NAG HA . -34.95 -31.90 17.55
O6 NAG HA . -35.83 -34.24 17.02
O7 NAG HA . -36.10 -27.89 14.76
C1 NAG IA . -26.52 -14.12 37.50
C2 NAG IA . -27.66 -15.13 37.42
C3 NAG IA . -28.82 -14.67 38.30
C4 NAG IA . -28.34 -14.39 39.73
C5 NAG IA . -27.16 -13.43 39.72
C6 NAG IA . -26.55 -13.23 41.08
C7 NAG IA . -27.72 -16.35 35.30
C8 NAG IA . -28.27 -16.37 33.91
N2 NAG IA . -28.11 -15.31 36.06
O3 NAG IA . -29.84 -15.67 38.31
O4 NAG IA . -29.40 -13.84 40.49
O5 NAG IA . -26.12 -13.94 38.87
O6 NAG IA . -25.88 -14.41 41.52
O7 NAG IA . -26.98 -17.22 35.72
C1 NAG JA . -24.39 -52.30 -4.56
C2 NAG JA . -24.35 -53.73 -4.00
C3 NAG JA . -22.98 -54.35 -4.24
C4 NAG JA . -22.59 -54.26 -5.71
C5 NAG JA . -22.72 -52.81 -6.20
C6 NAG JA . -22.49 -52.68 -7.69
C7 NAG JA . -25.91 -53.91 -2.12
C8 NAG JA . -26.06 -53.90 -0.62
N2 NAG JA . -24.67 -53.74 -2.58
O3 NAG JA . -22.99 -55.71 -3.82
O4 NAG JA . -21.26 -54.71 -5.90
O5 NAG JA . -24.05 -52.32 -5.95
O6 NAG JA . -23.65 -53.02 -8.43
O7 NAG JA . -26.87 -54.07 -2.86
C1 NAG KA . 28.92 -37.08 -12.50
C2 NAG KA . 28.97 -38.61 -12.67
C3 NAG KA . 28.87 -38.97 -14.15
C4 NAG KA . 27.64 -38.31 -14.78
C5 NAG KA . 27.67 -36.81 -14.53
C6 NAG KA . 26.44 -36.10 -15.04
C7 NAG KA . 30.20 -39.95 -11.02
C8 NAG KA . 31.55 -40.42 -10.56
N2 NAG KA . 30.18 -39.15 -12.09
O3 NAG KA . 28.78 -40.39 -14.28
O4 NAG KA . 27.65 -38.55 -16.18
O5 NAG KA . 27.74 -36.56 -13.12
O6 NAG KA . 25.41 -37.01 -15.37
O7 NAG KA . 29.17 -40.28 -10.45
C1 NAG LA . -68.20 -42.70 -41.22
C2 NAG LA . -67.14 -43.70 -41.67
C3 NAG LA . -67.02 -43.68 -43.20
C4 NAG LA . -68.37 -43.92 -43.84
C5 NAG LA . -69.38 -42.91 -43.32
C6 NAG LA . -70.79 -43.15 -43.83
C7 NAG LA . -65.32 -44.17 -40.10
C8 NAG LA . -64.00 -43.72 -39.56
N2 NAG LA . -65.86 -43.41 -41.05
O3 NAG LA . -66.11 -44.71 -43.60
O4 NAG LA . -68.26 -43.79 -45.26
O5 NAG LA . -69.44 -42.98 -41.89
O6 NAG LA . -71.74 -43.08 -42.78
O7 NAG LA . -65.88 -45.19 -39.69
C1 NAG MA . 15.75 -25.67 32.23
C2 NAG MA . 16.20 -25.25 30.84
C3 NAG MA . 16.49 -26.47 29.97
C4 NAG MA . 17.46 -27.41 30.68
C5 NAG MA . 16.95 -27.75 32.08
C6 NAG MA . 17.93 -28.58 32.87
C7 NAG MA . 15.53 -23.36 29.43
C8 NAG MA . 14.37 -22.59 28.85
N2 NAG MA . 15.21 -24.40 30.21
O3 NAG MA . 17.01 -26.06 28.73
O4 NAG MA . 17.62 -28.60 29.92
O5 NAG MA . 16.72 -26.55 32.82
O6 NAG MA . 17.82 -28.31 34.27
O7 NAG MA . 16.69 -23.06 29.18
C1 NAG NA . -53.97 -43.45 -34.77
C2 NAG NA . -54.02 -44.90 -35.26
C3 NAG NA . -54.35 -44.95 -36.75
C4 NAG NA . -55.62 -44.15 -37.04
C5 NAG NA . -55.48 -42.73 -36.49
C6 NAG NA . -56.75 -41.93 -36.65
C7 NAG NA . -52.59 -46.37 -33.92
C8 NAG NA . -51.23 -47.01 -33.80
N2 NAG NA . -52.77 -45.59 -34.99
O3 NAG NA . -54.53 -46.30 -37.14
O4 NAG NA . -55.83 -44.09 -38.44
O5 NAG NA . -55.19 -42.78 -35.09
O6 NAG NA . -57.87 -42.63 -36.14
O7 NAG NA . -53.47 -46.55 -33.08
C1 NAG OA . 23.43 -19.93 47.33
C2 NAG OA . 24.83 -19.33 47.15
C3 NAG OA . 25.56 -20.03 46.01
C4 NAG OA . 25.56 -21.53 46.21
C5 NAG OA . 24.14 -22.04 46.41
C6 NAG OA . 24.07 -23.52 46.71
C7 NAG OA . 24.86 -16.99 47.90
C8 NAG OA . 24.75 -15.57 47.48
N2 NAG OA . 24.75 -17.90 46.91
O3 NAG OA . 26.89 -19.54 45.94
O4 NAG OA . 26.14 -22.18 45.07
O5 NAG OA . 23.53 -21.36 47.51
O6 NAG OA . 23.56 -23.75 48.03
O7 NAG OA . 25.02 -17.31 49.07
C1 NAG PA . -70.98 -42.67 -20.20
C2 NAG PA . -72.35 -41.99 -20.48
C3 NAG PA . -73.53 -42.79 -19.90
C4 NAG PA . -73.43 -44.26 -20.29
C5 NAG PA . -72.06 -44.80 -19.88
C6 NAG PA . -71.86 -46.24 -20.25
C7 NAG PA . -72.32 -39.87 -18.98
C8 NAG PA . -72.07 -40.63 -17.69
N2 NAG PA . -72.43 -40.56 -20.15
O3 NAG PA . -74.74 -42.25 -20.43
O4 NAG PA . -74.44 -45.00 -19.63
O5 NAG PA . -71.05 -44.05 -20.57
O6 NAG PA . -70.74 -46.41 -21.10
O7 NAG PA . -72.41 -38.65 -18.97
C1 NAG QA . -62.21 -17.41 10.62
C2 NAG QA . -63.55 -17.37 11.35
C3 NAG QA . -63.33 -17.04 12.82
C4 NAG QA . -62.35 -18.02 13.45
C5 NAG QA . -61.05 -18.03 12.65
C6 NAG QA . -60.07 -19.06 13.13
C7 NAG QA . -65.43 -16.76 9.90
C8 NAG QA . -66.27 -15.64 9.36
N2 NAG QA . -64.46 -16.40 10.74
O3 NAG QA . -64.58 -17.09 13.51
O4 NAG QA . -62.09 -17.66 14.80
O5 NAG QA . -61.33 -18.34 11.27
O6 NAG QA . -60.46 -20.37 12.74
O7 NAG QA . -65.62 -17.93 9.59
C1 NAG RA . -55.46 -44.82 -18.41
C2 NAG RA . -54.52 -44.89 -17.22
C3 NAG RA . -53.25 -45.67 -17.57
C4 NAG RA . -53.60 -47.03 -18.16
C5 NAG RA . -54.59 -46.87 -19.33
C6 NAG RA . -55.07 -48.18 -19.88
C7 NAG RA . -54.83 -42.97 -15.72
C8 NAG RA . -54.35 -41.60 -15.35
N2 NAG RA . -54.18 -43.57 -16.72
O3 NAG RA . -52.45 -45.83 -16.42
O4 NAG RA . -52.43 -47.68 -18.64
O5 NAG RA . -55.74 -46.14 -18.90
O6 NAG RA . -56.12 -48.72 -19.09
O7 NAG RA . -55.78 -43.50 -15.15
C1 NAG SA . -5.74 -43.11 -6.10
C2 NAG SA . -6.39 -43.35 -7.46
C3 NAG SA . -6.34 -44.84 -7.80
C4 NAG SA . -4.91 -45.37 -7.70
C5 NAG SA . -4.32 -45.04 -6.34
C6 NAG SA . -2.85 -45.40 -6.24
C7 NAG SA . -8.10 -41.70 -8.05
C8 NAG SA . -9.55 -41.35 -7.99
N2 NAG SA . -7.75 -42.87 -7.48
O3 NAG SA . -6.86 -45.05 -9.11
O4 NAG SA . -4.91 -46.78 -7.89
O5 NAG SA . -4.40 -43.62 -6.10
O6 NAG SA . -2.05 -44.60 -7.09
O7 NAG SA . -7.28 -40.97 -8.59
C1 NAG TA . -19.79 9.76 -53.34
C2 NAG TA . -19.26 9.94 -54.76
C3 NAG TA . -18.45 11.24 -54.86
C4 NAG TA . -19.27 12.42 -54.35
C5 NAG TA . -19.79 12.13 -52.95
C6 NAG TA . -20.71 13.22 -52.43
C7 NAG TA . -18.96 7.75 -55.81
C8 NAG TA . -17.99 6.66 -56.16
N2 NAG TA . -18.45 8.81 -55.17
O3 NAG TA . -18.06 11.45 -56.21
O4 NAG TA . -18.45 13.59 -54.31
O5 NAG TA . -20.55 10.91 -52.96
O6 NAG TA . -22.03 13.07 -52.95
O7 NAG TA . -20.15 7.67 -56.10
C1 NAG UA . 13.63 40.62 -22.29
C2 NAG UA . 12.45 41.60 -22.42
C3 NAG UA . 11.89 41.57 -23.84
C4 NAG UA . 12.99 41.83 -24.86
C5 NAG UA . 14.11 40.83 -24.66
C6 NAG UA . 15.29 41.07 -25.59
C7 NAG UA . 10.92 42.18 -20.60
C8 NAG UA . 9.85 41.68 -19.67
N2 NAG UA . 11.40 41.29 -21.45
O3 NAG UA . 10.87 42.56 -23.96
O4 NAG UA . 12.46 41.71 -26.17
O5 NAG UA . 14.61 40.91 -23.32
O6 NAG UA . 16.38 41.65 -24.89
O7 NAG UA . 11.32 43.34 -20.56
C1 NAG VA . 34.19 -0.33 -27.97
C2 NAG VA . 33.62 0.76 -27.07
C3 NAG VA . 33.29 2.01 -27.88
C4 NAG VA . 34.51 2.46 -28.68
C5 NAG VA . 35.04 1.30 -29.53
C6 NAG VA . 36.31 1.65 -30.25
C7 NAG VA . 32.34 0.26 -25.03
C8 NAG VA . 31.05 -0.27 -24.48
N2 NAG VA . 32.44 0.28 -26.36
O3 NAG VA . 32.87 3.05 -27.00
O4 NAG VA . 34.15 3.54 -29.54
O5 NAG VA . 35.33 0.18 -28.68
O6 NAG VA . 37.39 0.80 -29.83
O7 NAG VA . 33.25 0.64 -24.30
C1 NAG WA . -11.31 -20.66 -43.33
C2 NAG WA . -10.48 -21.88 -43.72
C3 NAG WA . -11.34 -22.87 -44.51
C4 NAG WA . -12.61 -23.22 -43.73
C5 NAG WA . -13.35 -21.95 -43.35
C6 NAG WA . -14.55 -22.22 -42.47
C7 NAG WA . -8.10 -21.36 -43.96
C8 NAG WA . -7.01 -20.95 -44.91
N2 NAG WA . -9.32 -21.51 -44.50
O3 NAG WA . -10.59 -24.05 -44.78
O4 NAG WA . -13.45 -24.05 -44.51
O5 NAG WA . -12.48 -21.08 -42.61
O6 NAG WA . -14.18 -22.25 -41.09
O7 NAG WA . -7.89 -21.54 -42.77
C1 NAG XA . -51.80 -3.67 -52.16
C2 NAG XA . -50.43 -4.34 -52.30
C3 NAG XA . -49.32 -3.29 -52.40
C4 NAG XA . -49.63 -2.31 -53.54
C5 NAG XA . -51.02 -1.70 -53.34
C6 NAG XA . -51.44 -0.82 -54.49
C7 NAG XA . -49.86 -6.54 -51.36
C8 NAG XA . -49.62 -7.32 -50.10
N2 NAG XA . -50.17 -5.24 -51.19
O3 NAG XA . -48.08 -3.93 -52.64
O4 NAG XA . -48.66 -1.27 -53.56
O5 NAG XA . -52.00 -2.75 -53.24
O6 NAG XA . -52.43 -1.46 -55.30
O7 NAG XA . -49.79 -7.05 -52.47
C1 NAG YA . -77.27 1.78 -47.73
C2 NAG YA . -76.73 3.16 -48.10
C3 NAG YA . -77.68 4.24 -47.56
C4 NAG YA . -79.10 4.00 -48.05
C5 NAG YA . -79.54 2.58 -47.70
C6 NAG YA . -80.89 2.22 -48.27
C7 NAG YA . -74.36 3.70 -48.36
C8 NAG YA . -73.04 3.85 -47.66
N2 NAG YA . -75.39 3.36 -47.58
O3 NAG YA . -77.22 5.51 -48.01
O4 NAG YA . -79.98 4.93 -47.45
O5 NAG YA . -78.60 1.63 -48.22
O6 NAG YA . -80.79 1.12 -49.17
O7 NAG YA . -74.48 3.87 -49.56
C1 NAG ZA . -65.33 -13.13 -54.72
C2 NAG ZA . -65.13 -13.38 -56.21
C3 NAG ZA . -66.42 -13.90 -56.84
C4 NAG ZA . -66.92 -15.13 -56.09
C5 NAG ZA . -67.06 -14.80 -54.60
C6 NAG ZA . -67.45 -16.00 -53.78
C7 NAG ZA . -63.54 -12.08 -57.55
C8 NAG ZA . -63.26 -10.75 -58.19
N2 NAG ZA . -64.70 -12.16 -56.88
O3 NAG ZA . -66.17 -14.25 -58.20
O4 NAG ZA . -68.18 -15.54 -56.60
O5 NAG ZA . -65.80 -14.33 -54.09
O6 NAG ZA . -68.32 -16.86 -54.50
O7 NAG ZA . -62.78 -13.03 -57.65
C1 NAG AB . 50.83 -7.58 -23.84
C2 NAG AB . 50.57 -6.28 -24.60
C3 NAG AB . 51.74 -5.31 -24.43
C4 NAG AB . 52.06 -5.10 -22.95
C5 NAG AB . 52.27 -6.45 -22.26
C6 NAG AB . 52.46 -6.33 -20.77
C7 NAG AB . 49.11 -6.46 -26.57
C8 NAG AB . 49.04 -6.75 -28.03
N2 NAG AB . 50.33 -6.54 -26.01
O3 NAG AB . 51.41 -4.06 -25.03
O4 NAG AB . 53.22 -4.31 -22.81
O5 NAG AB . 51.12 -7.28 -22.46
O6 NAG AB . 51.24 -6.59 -20.08
O7 NAG AB . 48.12 -6.16 -25.92
C1 NAG BB . -8.03 18.94 -38.79
C2 NAG BB . -9.43 19.55 -38.66
C3 NAG BB . -9.75 20.43 -39.88
C4 NAG BB . -8.63 21.46 -40.10
C5 NAG BB . -7.26 20.77 -40.13
C6 NAG BB . -6.12 21.76 -40.22
C7 NAG BB . -10.77 17.54 -39.29
C8 NAG BB . -11.88 16.63 -38.82
N2 NAG BB . -10.45 18.55 -38.45
O3 NAG BB . -10.98 21.09 -39.68
O4 NAG BB . -8.85 22.13 -41.33
O5 NAG BB . -7.07 20.00 -38.95
O6 NAG BB . -6.14 22.68 -39.13
O7 NAG BB . -10.21 17.35 -40.37
C1 NAG CB . -61.22 7.24 -46.58
C2 NAG CB . -62.62 7.78 -46.90
C3 NAG CB . -62.66 8.39 -48.30
C4 NAG CB . -61.54 9.42 -48.48
C5 NAG CB . -60.20 8.80 -48.13
C6 NAG CB . -59.06 9.79 -48.18
C7 NAG CB . -64.23 6.44 -45.63
C8 NAG CB . -65.24 5.33 -45.69
N2 NAG CB . -63.62 6.74 -46.78
O3 NAG CB . -63.92 9.00 -48.53
O4 NAG CB . -61.52 9.89 -49.81
O5 NAG CB . -60.24 8.28 -46.80
O6 NAG CB . -59.52 11.11 -47.90
O7 NAG CB . -63.98 7.03 -44.58
C1 NAG DB . -36.94 -38.66 -37.99
C2 NAG DB . -37.44 -39.99 -38.55
C3 NAG DB . -36.31 -41.02 -38.56
C4 NAG DB . -35.11 -40.47 -39.31
C5 NAG DB . -34.69 -39.13 -38.72
C6 NAG DB . -33.57 -38.47 -39.51
C7 NAG DB . -39.84 -40.39 -38.21
C8 NAG DB . -40.88 -40.96 -37.29
N2 NAG DB . -38.57 -40.49 -37.78
O3 NAG DB . -36.77 -42.22 -39.16
O4 NAG DB . -34.02 -41.39 -39.24
O5 NAG DB . -35.79 -38.23 -38.75
O6 NAG DB . -33.87 -38.46 -40.90
O7 NAG DB . -40.12 -39.87 -39.28
C1 NAG EB . 7.46 -35.22 -31.99
C2 NAG EB . 6.64 -35.30 -33.27
C3 NAG EB . 6.30 -36.76 -33.58
C4 NAG EB . 7.56 -37.61 -33.62
C5 NAG EB . 8.35 -37.43 -32.32
C6 NAG EB . 9.68 -38.15 -32.34
C7 NAG EB . 5.27 -33.33 -33.79
C8 NAG EB . 3.96 -32.64 -33.57
N2 NAG EB . 5.43 -34.50 -33.16
O3 NAG EB . 5.63 -36.82 -34.84
O4 NAG EB . 7.21 -38.98 -33.78
O5 NAG EB . 8.63 -36.05 -32.11
O6 NAG EB . 10.61 -37.50 -33.19
O7 NAG EB . 6.15 -32.86 -34.51
#